data_7YZM
#
_entry.id   7YZM
#
_cell.length_a   78.120
_cell.length_b   81.673
_cell.length_c   121.377
_cell.angle_alpha   100.610
_cell.angle_beta   97.130
_cell.angle_gamma   90.000
#
_symmetry.space_group_name_H-M   'P 1'
#
loop_
_entity.id
_entity.type
_entity.pdbx_description
1 polymer 'Dehydratase family protein'
2 polymer 'Putative CoA-substrate-specific enzyme activase'
3 non-polymer 'Double cubane cluster'
4 non-polymer 'SULFATE ION'
5 non-polymer 'AMMONIUM ION'
6 non-polymer DI(HYDROXYETHYL)ETHER
7 non-polymer (R,R)-2,3-BUTANEDIOL
8 non-polymer TRIS(HYDROXYETHYL)AMINOMETHANE
9 non-polymer 'MAGNESIUM ION'
10 non-polymer 'PHOSPHOAMINOPHOSPHONIC ACID-ADENYLATE ESTER'
11 non-polymer 'IRON/SULFUR CLUSTER'
12 water water
#
loop_
_entity_poly.entity_id
_entity_poly.type
_entity_poly.pdbx_seq_one_letter_code
_entity_poly.pdbx_strand_id
1 'polypeptide(L)'
;GMDNRELWKVLNVDLEKHDEFLAPVPAVYRELFLNRPNRPRAMAYFDAVVGDIHGIRVHELYNLKQEGKKVFATFCVYVP
EEIINATGSACIGLCGGAQYTVPAGETVLPRNLCPLIKSAMGFKIERICPYFQVADYVVGETTCDGKKKAWEILNEYIPV
YVMELPQKKEERDRKFWEEEIKDFAQFVEEKTGVKLNAENLRAGIEKINKKRKALKRLSDLRKHNPAPIHGLDVLLINQL
AFFDDPERFATKVNELCDELEERVAKGEGVVSKDAPRILITGTPQPIPHWKIHALIEGAGGVVVGEETCIGERYFKDLVE
PAADVEGMLKNIAARSLKVNCACFTPNTGRLEDILSMVQKLQVDGVIHYSLQFCQPYGVESYLVGRELERRNIPFLKLES
DFSEEDQGQLKTRIEAFLEMIK
;
A,B,C,D
2 'polypeptide(L)'
;MFAGLDLGSTNSKLVIIKEDGSYTFKVVPTRYEPVKAGELLLKNTGEIRNLVVTGYGRVAFNRGKVVTEITCQARGCHEL
FPEVDYILDLGGQDAKIIKKDGQGRVVNFLMNDKCAAGTGRFLEIILTAIGDDYRDEDLINEENAVPINSMCTVFAESEV
ISLLARGTSKRAVIAGLFKTTAKRLAKFAESLGKPRKLIFTGGGAKYPALRLFLQKEMGVEVVVPPEPSVTAALGAALIA
RET
;
G,H,E,F
#
loop_
_chem_comp.id
_chem_comp.type
_chem_comp.name
_chem_comp.formula
ANP non-polymer 'PHOSPHOAMINOPHOSPHONIC ACID-ADENYLATE ESTER' 'C10 H17 N6 O12 P3'
BJ8 non-polymer 'Double cubane cluster' 'Fe8 S9'
BU3 non-polymer (R,R)-2,3-BUTANEDIOL 'C4 H10 O2'
MG non-polymer 'MAGNESIUM ION' 'Mg 2'
NH4 non-polymer 'AMMONIUM ION' 'H4 N 1'
PEG non-polymer DI(HYDROXYETHYL)ETHER 'C4 H10 O3'
SF4 non-polymer 'IRON/SULFUR CLUSTER' 'Fe4 S4'
SO4 non-polymer 'SULFATE ION' 'O4 S -2'
TAM non-polymer TRIS(HYDROXYETHYL)AMINOMETHANE 'C7 H17 N O3'
#
# COMPACT_ATOMS: atom_id res chain seq x y z
N GLY A 1 -29.17 12.96 -3.21
CA GLY A 1 -30.15 11.94 -2.76
C GLY A 1 -31.48 12.01 -3.47
N MET A 2 -32.53 12.38 -2.72
CA MET A 2 -33.89 12.35 -3.25
C MET A 2 -34.07 13.38 -4.38
N ASP A 3 -33.57 14.60 -4.17
CA ASP A 3 -33.78 15.65 -5.17
C ASP A 3 -33.06 15.31 -6.47
N ASN A 4 -31.84 14.75 -6.39
CA ASN A 4 -31.17 14.28 -7.59
C ASN A 4 -31.98 13.18 -8.26
N ARG A 5 -32.50 12.24 -7.46
CA ARG A 5 -33.21 11.09 -8.03
C ARG A 5 -34.46 11.52 -8.78
N GLU A 6 -35.15 12.57 -8.33
CA GLU A 6 -36.31 13.02 -9.07
C GLU A 6 -35.91 13.65 -10.39
N LEU A 7 -34.82 14.42 -10.39
CA LEU A 7 -34.30 14.96 -11.64
C LEU A 7 -33.95 13.85 -12.62
N TRP A 8 -33.25 12.80 -12.15
CA TRP A 8 -32.89 11.71 -13.05
C TRP A 8 -34.13 11.00 -13.58
N LYS A 9 -35.17 10.93 -12.75
CA LYS A 9 -36.46 10.37 -13.19
C LYS A 9 -37.05 11.19 -14.34
N VAL A 10 -37.13 12.51 -14.17
CA VAL A 10 -37.69 13.36 -15.20
C VAL A 10 -36.89 13.26 -16.49
N LEU A 11 -35.59 13.02 -16.38
CA LEU A 11 -34.74 12.88 -17.56
C LEU A 11 -34.78 11.47 -18.14
N ASN A 12 -35.57 10.56 -17.58
CA ASN A 12 -35.69 9.20 -18.07
C ASN A 12 -34.36 8.44 -18.00
N VAL A 13 -33.56 8.72 -16.97
CA VAL A 13 -32.41 7.90 -16.64
C VAL A 13 -32.88 6.51 -16.21
N ASP A 14 -32.16 5.49 -16.63
CA ASP A 14 -32.34 4.14 -16.11
C ASP A 14 -31.72 4.11 -14.72
N LEU A 15 -32.55 4.22 -13.68
CA LEU A 15 -32.03 4.49 -12.34
C LEU A 15 -31.18 3.34 -11.82
N GLU A 16 -31.59 2.10 -12.08
CA GLU A 16 -30.83 0.98 -11.54
C GLU A 16 -29.46 0.88 -12.19
N LYS A 17 -29.39 0.94 -13.53
CA LYS A 17 -28.10 0.87 -14.19
C LYS A 17 -27.23 2.07 -13.81
N HIS A 18 -27.85 3.23 -13.64
CA HIS A 18 -27.11 4.43 -13.24
C HIS A 18 -26.46 4.25 -11.88
N ASP A 19 -27.19 3.70 -10.91
CA ASP A 19 -26.60 3.43 -9.60
C ASP A 19 -25.44 2.46 -9.72
N GLU A 20 -25.62 1.39 -10.50
CA GLU A 20 -24.55 0.41 -10.70
C GLU A 20 -23.33 1.08 -11.32
N PHE A 21 -23.54 2.01 -12.25
CA PHE A 21 -22.42 2.71 -12.86
C PHE A 21 -21.68 3.56 -11.84
N LEU A 22 -22.41 4.31 -11.02
CA LEU A 22 -21.77 5.23 -10.08
C LEU A 22 -21.23 4.53 -8.85
N ALA A 23 -21.69 3.32 -8.56
CA ALA A 23 -21.39 2.69 -7.28
C ALA A 23 -19.91 2.64 -6.94
N PRO A 24 -19.00 2.29 -7.83
CA PRO A 24 -17.58 2.20 -7.45
C PRO A 24 -16.78 3.50 -7.54
N VAL A 25 -17.39 4.62 -7.89
CA VAL A 25 -16.63 5.84 -8.14
C VAL A 25 -16.07 6.41 -6.83
N PRO A 26 -16.86 6.52 -5.75
CA PRO A 26 -16.31 7.15 -4.54
C PRO A 26 -15.06 6.45 -4.01
N ALA A 27 -15.01 5.11 -4.10
CA ALA A 27 -13.82 4.41 -3.61
C ALA A 27 -12.60 4.72 -4.48
N VAL A 28 -12.78 4.78 -5.80
CA VAL A 28 -11.66 5.09 -6.67
C VAL A 28 -11.16 6.51 -6.38
N TYR A 29 -12.09 7.45 -6.26
CA TYR A 29 -11.72 8.84 -6.01
C TYR A 29 -11.03 8.99 -4.66
N ARG A 30 -11.48 8.23 -3.66
CA ARG A 30 -10.82 8.24 -2.36
C ARG A 30 -9.38 7.74 -2.48
N GLU A 31 -9.17 6.66 -3.22
CA GLU A 31 -7.82 6.09 -3.34
C GLU A 31 -6.91 6.99 -4.17
N LEU A 32 -7.42 7.52 -5.29
CA LEU A 32 -6.58 8.24 -6.22
C LEU A 32 -6.46 9.73 -5.92
N PHE A 33 -7.40 10.30 -5.16
CA PHE A 33 -7.37 11.73 -4.92
C PHE A 33 -7.42 12.09 -3.43
N LEU A 34 -8.50 11.72 -2.75
CA LEU A 34 -8.71 12.25 -1.40
C LEU A 34 -7.64 11.77 -0.44
N ASN A 35 -7.18 10.52 -0.57
CA ASN A 35 -6.17 10.00 0.32
C ASN A 35 -4.74 10.39 -0.06
N ARG A 36 -4.57 11.10 -1.16
CA ARG A 36 -3.24 11.51 -1.62
C ARG A 36 -2.86 12.80 -0.90
N PRO A 37 -1.73 12.85 -0.19
CA PRO A 37 -1.40 14.05 0.59
C PRO A 37 -0.90 15.21 -0.26
N ASN A 38 -0.92 16.38 0.37
CA ASN A 38 -0.31 17.60 -0.15
CA ASN A 38 -0.31 17.61 -0.14
C ASN A 38 -1.07 18.21 -1.32
N ARG A 39 -2.34 17.89 -1.47
CA ARG A 39 -3.11 18.54 -2.53
C ARG A 39 -3.50 19.95 -2.12
N PRO A 40 -3.51 20.89 -3.06
CA PRO A 40 -3.89 22.27 -2.72
C PRO A 40 -5.28 22.33 -2.11
N ARG A 41 -5.45 23.27 -1.18
CA ARG A 41 -6.75 23.47 -0.55
C ARG A 41 -7.82 23.77 -1.59
N ALA A 42 -7.46 24.50 -2.64
CA ALA A 42 -8.38 24.89 -3.69
C ALA A 42 -8.85 23.72 -4.54
N MET A 43 -8.36 22.50 -4.29
CA MET A 43 -8.96 21.36 -4.95
C MET A 43 -10.32 21.01 -4.37
N ALA A 44 -10.71 21.61 -3.24
CA ALA A 44 -11.96 21.26 -2.60
C ALA A 44 -13.14 21.48 -3.54
N TYR A 45 -13.11 22.56 -4.33
CA TYR A 45 -14.22 22.83 -5.23
C TYR A 45 -14.40 21.69 -6.22
N PHE A 46 -13.29 21.25 -6.82
CA PHE A 46 -13.36 20.21 -7.84
C PHE A 46 -13.73 18.86 -7.23
N ASP A 47 -13.21 18.57 -6.03
CA ASP A 47 -13.62 17.36 -5.33
C ASP A 47 -15.13 17.34 -5.11
N ALA A 48 -15.70 18.50 -4.78
CA ALA A 48 -17.14 18.58 -4.52
C ALA A 48 -17.94 18.45 -5.81
N VAL A 49 -17.37 18.91 -6.93
CA VAL A 49 -18.01 18.67 -8.22
C VAL A 49 -18.09 17.16 -8.49
N VAL A 50 -16.96 16.46 -8.33
CA VAL A 50 -16.99 15.01 -8.56
C VAL A 50 -17.99 14.33 -7.63
N GLY A 51 -18.05 14.79 -6.38
CA GLY A 51 -18.96 14.19 -5.41
C GLY A 51 -20.44 14.35 -5.74
N ASP A 52 -20.79 15.34 -6.55
CA ASP A 52 -22.16 15.57 -7.01
C ASP A 52 -22.19 15.71 -8.52
N ILE A 53 -21.45 14.83 -9.21
CA ILE A 53 -21.16 15.02 -10.63
C ILE A 53 -22.42 14.96 -11.46
N HIS A 54 -23.43 14.24 -11.00
CA HIS A 54 -24.71 14.16 -11.71
C HIS A 54 -25.80 14.96 -11.01
N GLY A 55 -25.42 15.91 -10.17
CA GLY A 55 -26.38 16.69 -9.42
C GLY A 55 -26.52 18.13 -9.86
N ILE A 56 -25.82 19.02 -9.15
CA ILE A 56 -26.08 20.45 -9.27
C ILE A 56 -25.96 20.93 -10.71
N ARG A 57 -24.90 20.51 -11.41
CA ARG A 57 -24.73 21.00 -12.78
C ARG A 57 -25.84 20.51 -13.69
N VAL A 58 -26.30 19.28 -13.51
CA VAL A 58 -27.40 18.77 -14.30
C VAL A 58 -28.68 19.55 -13.99
N HIS A 59 -28.89 19.87 -12.71
CA HIS A 59 -30.01 20.75 -12.33
C HIS A 59 -29.94 22.09 -13.06
N GLU A 60 -28.73 22.69 -13.09
CA GLU A 60 -28.55 23.97 -13.75
C GLU A 60 -28.92 23.88 -15.23
N LEU A 61 -28.47 22.81 -15.90
CA LEU A 61 -28.78 22.63 -17.31
C LEU A 61 -30.28 22.40 -17.52
N TYR A 62 -30.89 21.57 -16.69
CA TYR A 62 -32.33 21.39 -16.78
C TYR A 62 -33.06 22.71 -16.62
N ASN A 63 -32.61 23.56 -15.70
CA ASN A 63 -33.29 24.83 -15.47
C ASN A 63 -33.12 25.78 -16.64
N LEU A 64 -31.94 25.77 -17.26
CA LEU A 64 -31.73 26.57 -18.47
C LEU A 64 -32.72 26.18 -19.57
N LYS A 65 -32.96 24.88 -19.72
CA LYS A 65 -33.91 24.44 -20.74
C LYS A 65 -35.32 24.91 -20.42
N GLN A 66 -35.71 24.90 -19.14
CA GLN A 66 -37.02 25.40 -18.76
C GLN A 66 -37.16 26.90 -19.05
N GLU A 67 -36.05 27.63 -19.14
CA GLU A 67 -36.06 29.03 -19.54
C GLU A 67 -36.11 29.22 -21.05
N GLY A 68 -36.09 28.14 -21.83
CA GLY A 68 -36.06 28.23 -23.28
C GLY A 68 -34.70 28.16 -23.92
N LYS A 69 -33.63 27.99 -23.13
CA LYS A 69 -32.29 27.80 -23.65
C LYS A 69 -32.09 26.35 -24.05
N LYS A 70 -30.97 26.07 -24.72
CA LYS A 70 -30.70 24.74 -25.24
C LYS A 70 -29.39 24.21 -24.67
N VAL A 71 -29.23 22.90 -24.73
CA VAL A 71 -28.03 22.20 -24.28
C VAL A 71 -27.46 21.46 -25.47
N PHE A 72 -26.26 21.84 -25.90
CA PHE A 72 -25.56 21.19 -26.99
C PHE A 72 -24.46 20.31 -26.41
N ALA A 73 -24.43 19.05 -26.84
CA ALA A 73 -23.38 18.12 -26.45
C ALA A 73 -22.36 18.03 -27.57
N THR A 74 -21.07 18.04 -27.20
CA THR A 74 -19.99 17.97 -28.17
C THR A 74 -19.01 16.88 -27.78
N PHE A 75 -18.18 16.49 -28.75
CA PHE A 75 -17.21 15.42 -28.56
C PHE A 75 -15.83 15.81 -29.11
N CYS A 76 -15.63 17.06 -29.48
CA CYS A 76 -14.40 17.49 -30.12
C CYS A 76 -14.17 18.95 -29.79
N VAL A 77 -12.91 19.32 -29.57
CA VAL A 77 -12.61 20.71 -29.25
C VAL A 77 -12.82 21.63 -30.44
N TYR A 78 -13.01 21.08 -31.64
CA TYR A 78 -13.20 21.90 -32.83
C TYR A 78 -14.58 22.55 -32.87
N VAL A 79 -15.55 22.02 -32.15
CA VAL A 79 -16.88 22.64 -32.19
C VAL A 79 -16.81 23.98 -31.49
N PRO A 80 -17.31 25.08 -32.09
CA PRO A 80 -17.09 26.40 -31.50
C PRO A 80 -17.97 26.69 -30.29
N GLU A 81 -17.43 26.44 -29.10
CA GLU A 81 -18.15 26.76 -27.86
C GLU A 81 -18.60 28.21 -27.83
N GLU A 82 -17.82 29.10 -28.44
CA GLU A 82 -18.09 30.53 -28.40
C GLU A 82 -19.45 30.86 -29.02
N ILE A 83 -19.79 30.18 -30.10
CA ILE A 83 -21.04 30.45 -30.79
C ILE A 83 -22.22 29.99 -29.95
N ILE A 84 -22.13 28.79 -29.38
CA ILE A 84 -23.20 28.30 -28.52
C ILE A 84 -23.38 29.23 -27.32
N ASN A 85 -22.28 29.58 -26.67
CA ASN A 85 -22.41 30.35 -25.44
CA ASN A 85 -22.34 30.39 -25.45
C ASN A 85 -22.90 31.77 -25.72
N ALA A 86 -22.64 32.31 -26.91
CA ALA A 86 -23.16 33.63 -27.27
C ALA A 86 -24.67 33.70 -27.13
N THR A 87 -25.37 32.60 -27.37
CA THR A 87 -26.82 32.61 -27.31
C THR A 87 -27.37 32.45 -25.91
N GLY A 88 -26.52 32.21 -24.91
CA GLY A 88 -26.96 31.86 -23.59
C GLY A 88 -27.23 30.38 -23.41
N SER A 89 -27.09 29.59 -24.47
CA SER A 89 -27.22 28.15 -24.35
C SER A 89 -25.93 27.56 -23.78
N ALA A 90 -25.99 26.28 -23.45
CA ALA A 90 -24.88 25.58 -22.82
C ALA A 90 -24.24 24.59 -23.79
N CYS A 91 -22.93 24.44 -23.62
CA CYS A 91 -22.12 23.48 -24.36
C CYS A 91 -21.47 22.54 -23.35
N ILE A 92 -21.70 21.24 -23.50
CA ILE A 92 -21.09 20.23 -22.64
C ILE A 92 -20.37 19.20 -23.50
N GLY A 93 -19.14 18.86 -23.14
CA GLY A 93 -18.40 17.84 -23.86
C GLY A 93 -18.57 16.49 -23.19
N LEU A 94 -19.07 15.49 -23.94
CA LEU A 94 -19.46 14.21 -23.37
C LEU A 94 -18.60 13.04 -23.84
N CYS A 95 -17.33 13.26 -24.16
CA CYS A 95 -16.46 12.15 -24.51
C CYS A 95 -16.48 11.09 -23.42
N GLY A 96 -16.67 9.82 -23.82
CA GLY A 96 -16.84 8.74 -22.85
C GLY A 96 -15.52 8.31 -22.23
N GLY A 97 -15.58 7.95 -20.95
CA GLY A 97 -14.41 7.48 -20.24
C GLY A 97 -14.63 6.22 -19.44
N ALA A 98 -15.76 5.54 -19.63
CA ALA A 98 -16.18 4.49 -18.72
C ALA A 98 -16.32 3.15 -19.42
N GLN A 99 -15.71 2.12 -18.83
CA GLN A 99 -15.86 0.76 -19.34
C GLN A 99 -17.28 0.25 -19.18
N TYR A 100 -18.02 0.75 -18.18
CA TYR A 100 -19.32 0.16 -17.85
C TYR A 100 -20.22 0.10 -19.08
N THR A 101 -20.19 1.14 -19.91
CA THR A 101 -21.11 1.31 -21.01
C THR A 101 -20.59 0.76 -22.34
N VAL A 102 -19.37 0.21 -22.35
CA VAL A 102 -18.80 -0.25 -23.61
C VAL A 102 -19.61 -1.40 -24.20
N PRO A 103 -20.00 -2.43 -23.44
CA PRO A 103 -20.78 -3.52 -24.06
C PRO A 103 -22.08 -3.03 -24.67
N ALA A 104 -22.73 -2.03 -24.08
CA ALA A 104 -23.95 -1.48 -24.68
C ALA A 104 -23.63 -0.77 -25.99
N GLY A 105 -22.55 0.00 -26.03
CA GLY A 105 -22.15 0.64 -27.26
C GLY A 105 -21.88 -0.37 -28.35
N GLU A 106 -21.37 -1.53 -27.98
CA GLU A 106 -21.06 -2.59 -28.95
C GLU A 106 -22.31 -3.27 -29.50
N THR A 107 -23.51 -2.94 -29.03
CA THR A 107 -24.69 -3.48 -29.69
C THR A 107 -24.90 -2.87 -31.07
N VAL A 108 -24.30 -1.70 -31.34
CA VAL A 108 -24.48 -1.03 -32.62
C VAL A 108 -23.15 -0.62 -33.25
N LEU A 109 -22.05 -0.83 -32.53
CA LEU A 109 -20.74 -0.47 -33.01
C LEU A 109 -19.81 -1.68 -33.00
N PRO A 110 -18.78 -1.69 -33.86
CA PRO A 110 -17.79 -2.79 -33.81
C PRO A 110 -17.04 -2.81 -32.49
N ARG A 111 -16.69 -4.01 -32.04
CA ARG A 111 -15.94 -4.12 -30.79
C ARG A 111 -14.50 -3.64 -30.95
N ASN A 112 -13.94 -3.70 -32.16
CA ASN A 112 -12.59 -3.17 -32.43
C ASN A 112 -12.66 -1.69 -32.82
N LEU A 113 -13.25 -0.90 -31.94
CA LEU A 113 -13.38 0.53 -32.15
C LEU A 113 -12.89 1.22 -30.88
N CYS A 114 -12.56 2.49 -31.02
CA CYS A 114 -12.07 3.27 -29.90
C CYS A 114 -13.05 3.21 -28.73
N PRO A 115 -12.56 2.97 -27.51
CA PRO A 115 -13.49 2.92 -26.37
C PRO A 115 -14.16 4.24 -26.07
N LEU A 116 -13.55 5.38 -26.42
CA LEU A 116 -14.22 6.65 -26.20
C LEU A 116 -15.56 6.66 -26.91
N ILE A 117 -15.57 6.20 -28.17
CA ILE A 117 -16.78 6.19 -28.97
C ILE A 117 -17.77 5.16 -28.43
N LYS A 118 -17.28 3.97 -28.13
CA LYS A 118 -18.16 2.90 -27.69
C LYS A 118 -18.83 3.27 -26.36
N SER A 119 -18.07 3.89 -25.46
CA SER A 119 -18.57 4.25 -24.15
C SER A 119 -19.62 5.34 -24.24
N ALA A 120 -19.38 6.36 -25.07
CA ALA A 120 -20.37 7.43 -25.21
C ALA A 120 -21.66 6.89 -25.84
N MET A 121 -21.53 6.05 -26.86
CA MET A 121 -22.73 5.46 -27.46
C MET A 121 -23.50 4.64 -26.44
N GLY A 122 -22.79 3.89 -25.59
CA GLY A 122 -23.46 3.08 -24.59
C GLY A 122 -24.18 3.92 -23.55
N PHE A 123 -23.59 5.05 -23.14
CA PHE A 123 -24.27 5.96 -22.23
C PHE A 123 -25.62 6.38 -22.78
N LYS A 124 -25.65 6.76 -24.07
CA LYS A 124 -26.92 7.21 -24.66
C LYS A 124 -27.93 6.07 -24.75
N ILE A 125 -27.48 4.91 -25.27
CA ILE A 125 -28.37 3.78 -25.46
C ILE A 125 -28.98 3.33 -24.13
N GLU A 126 -28.15 3.23 -23.11
CA GLU A 126 -28.63 2.71 -21.82
C GLU A 126 -29.33 3.77 -20.98
N ARG A 127 -29.32 5.04 -21.41
CA ARG A 127 -29.95 6.12 -20.65
C ARG A 127 -29.33 6.26 -19.26
N ILE A 128 -27.99 6.15 -19.23
CA ILE A 128 -27.23 6.10 -18.00
C ILE A 128 -26.65 7.46 -17.61
N CYS A 129 -26.53 8.38 -18.55
CA CYS A 129 -25.83 9.63 -18.28
C CYS A 129 -26.84 10.77 -18.20
N PRO A 130 -27.02 11.40 -17.04
CA PRO A 130 -27.96 12.53 -16.97
C PRO A 130 -27.60 13.68 -17.91
N TYR A 131 -26.32 13.90 -18.22
CA TYR A 131 -25.95 14.97 -19.14
C TYR A 131 -26.40 14.65 -20.57
N PHE A 132 -26.16 13.43 -21.02
CA PHE A 132 -26.64 13.01 -22.34
C PHE A 132 -28.16 13.03 -22.39
N GLN A 133 -28.83 12.74 -21.27
CA GLN A 133 -30.28 12.79 -21.25
C GLN A 133 -30.83 14.21 -21.29
N VAL A 134 -30.12 15.20 -20.73
CA VAL A 134 -30.61 16.58 -20.76
C VAL A 134 -30.23 17.29 -22.04
N ALA A 135 -29.30 16.75 -22.82
CA ALA A 135 -28.87 17.42 -24.04
C ALA A 135 -29.99 17.48 -25.06
N ASP A 136 -30.10 18.63 -25.73
CA ASP A 136 -31.05 18.79 -26.83
C ASP A 136 -30.49 18.26 -28.14
N TYR A 137 -29.22 18.55 -28.41
CA TYR A 137 -28.59 18.23 -29.68
C TYR A 137 -27.17 17.75 -29.44
N VAL A 138 -26.66 16.95 -30.38
CA VAL A 138 -25.25 16.62 -30.46
C VAL A 138 -24.67 17.32 -31.69
N VAL A 139 -23.52 17.95 -31.51
CA VAL A 139 -22.73 18.49 -32.62
C VAL A 139 -21.58 17.51 -32.84
N GLY A 140 -21.61 16.82 -33.97
CA GLY A 140 -20.56 15.92 -34.36
C GLY A 140 -19.61 16.58 -35.36
N GLU A 141 -18.53 15.87 -35.66
CA GLU A 141 -17.48 16.39 -36.51
C GLU A 141 -16.91 15.24 -37.33
N THR A 142 -16.43 15.56 -38.53
CA THR A 142 -15.83 14.54 -39.40
C THR A 142 -14.33 14.46 -39.12
N THR A 143 -14.01 13.89 -37.95
CA THR A 143 -12.62 13.66 -37.58
C THR A 143 -12.21 12.21 -37.87
N CYS A 144 -12.19 11.35 -36.86
CA CYS A 144 -11.77 9.98 -37.09
C CYS A 144 -12.90 9.17 -37.73
N ASP A 145 -12.53 8.02 -38.29
CA ASP A 145 -13.49 7.17 -38.97
C ASP A 145 -14.61 6.73 -38.04
N GLY A 146 -14.24 6.33 -36.81
CA GLY A 146 -15.21 5.79 -35.89
C GLY A 146 -16.28 6.80 -35.50
N LYS A 147 -15.86 8.02 -35.15
CA LYS A 147 -16.83 9.04 -34.80
CA LYS A 147 -16.82 9.07 -34.81
C LYS A 147 -17.69 9.43 -36.01
N LYS A 148 -17.04 9.63 -37.16
CA LYS A 148 -17.77 10.05 -38.36
C LYS A 148 -18.91 9.08 -38.66
N LYS A 149 -18.61 7.78 -38.66
CA LYS A 149 -19.64 6.81 -39.00
C LYS A 149 -20.58 6.57 -37.83
N ALA A 150 -20.12 6.77 -36.59
CA ALA A 150 -21.00 6.58 -35.44
C ALA A 150 -22.09 7.64 -35.37
N TRP A 151 -21.83 8.86 -35.88
CA TRP A 151 -22.85 9.90 -35.85
C TRP A 151 -24.11 9.47 -36.58
N GLU A 152 -23.96 8.75 -37.70
CA GLU A 152 -25.10 8.27 -38.46
C GLU A 152 -26.00 7.36 -37.61
N ILE A 153 -25.40 6.60 -36.70
CA ILE A 153 -26.17 5.75 -35.80
C ILE A 153 -26.76 6.55 -34.66
N LEU A 154 -25.93 7.41 -34.04
CA LEU A 154 -26.38 8.17 -32.88
C LEU A 154 -27.58 9.04 -33.21
N ASN A 155 -27.69 9.52 -34.45
CA ASN A 155 -28.79 10.39 -34.87
C ASN A 155 -30.15 9.74 -34.67
N GLU A 156 -30.22 8.42 -34.60
CA GLU A 156 -31.50 7.76 -34.33
C GLU A 156 -31.96 7.97 -32.89
N TYR A 157 -31.04 8.36 -32.00
CA TYR A 157 -31.36 8.53 -30.58
C TYR A 157 -31.44 9.98 -30.13
N ILE A 158 -30.81 10.90 -30.85
CA ILE A 158 -30.69 12.30 -30.47
C ILE A 158 -30.26 13.01 -31.75
N PRO A 159 -30.83 14.16 -32.09
CA PRO A 159 -30.44 14.82 -33.36
C PRO A 159 -28.95 15.17 -33.32
N VAL A 160 -28.25 14.80 -34.39
CA VAL A 160 -26.83 15.09 -34.55
C VAL A 160 -26.65 16.01 -35.74
N TYR A 161 -26.01 17.16 -35.51
CA TYR A 161 -25.54 18.04 -36.57
C TYR A 161 -24.06 17.76 -36.78
N VAL A 162 -23.68 17.43 -38.00
CA VAL A 162 -22.30 17.06 -38.31
C VAL A 162 -21.62 18.21 -39.03
N MET A 163 -20.56 18.73 -38.41
CA MET A 163 -19.68 19.72 -39.02
C MET A 163 -18.60 19.00 -39.82
N GLU A 164 -18.37 19.44 -41.05
CA GLU A 164 -17.33 18.81 -41.87
C GLU A 164 -16.01 19.53 -41.65
N LEU A 165 -15.13 18.91 -40.86
CA LEU A 165 -13.76 19.38 -40.72
C LEU A 165 -12.93 18.92 -41.93
N PRO A 166 -12.11 19.79 -42.52
CA PRO A 166 -11.20 19.32 -43.58
C PRO A 166 -10.10 18.45 -43.01
N GLN A 167 -9.24 17.94 -43.88
CA GLN A 167 -8.16 17.03 -43.48
C GLN A 167 -6.78 17.61 -43.75
N LYS A 168 -6.71 18.81 -44.31
CA LYS A 168 -5.47 19.57 -44.44
C LYS A 168 -5.73 20.99 -43.98
N LYS A 169 -4.66 21.80 -43.92
CA LYS A 169 -4.78 23.17 -43.44
C LYS A 169 -4.28 24.20 -44.45
N GLU A 170 -4.38 23.87 -45.73
CA GLU A 170 -4.10 24.82 -46.80
C GLU A 170 -5.21 25.87 -46.87
N GLU A 171 -5.00 26.87 -47.74
CA GLU A 171 -5.93 27.99 -47.84
C GLU A 171 -7.33 27.50 -48.20
N ARG A 172 -7.44 26.60 -49.17
CA ARG A 172 -8.75 26.07 -49.54
CA ARG A 172 -8.74 26.05 -49.54
C ARG A 172 -9.43 25.43 -48.33
N ASP A 173 -8.67 24.76 -47.46
CA ASP A 173 -9.25 24.14 -46.28
C ASP A 173 -9.71 25.19 -45.27
N ARG A 174 -8.89 26.23 -45.08
CA ARG A 174 -9.26 27.27 -44.13
CA ARG A 174 -9.25 27.28 -44.13
C ARG A 174 -10.56 27.96 -44.55
N LYS A 175 -10.72 28.23 -45.85
CA LYS A 175 -11.95 28.84 -46.34
CA LYS A 175 -11.95 28.84 -46.31
C LYS A 175 -13.13 27.88 -46.18
N PHE A 176 -12.90 26.60 -46.46
CA PHE A 176 -13.94 25.59 -46.29
C PHE A 176 -14.44 25.57 -44.85
N TRP A 177 -13.51 25.56 -43.88
CA TRP A 177 -13.89 25.53 -42.47
C TRP A 177 -14.60 26.83 -42.07
N GLU A 178 -14.17 27.98 -42.61
CA GLU A 178 -14.88 29.22 -42.32
C GLU A 178 -16.35 29.08 -42.71
N GLU A 179 -16.63 28.48 -43.86
CA GLU A 179 -18.01 28.31 -44.29
C GLU A 179 -18.76 27.33 -43.39
N GLU A 180 -18.09 26.27 -42.92
CA GLU A 180 -18.75 25.33 -42.01
C GLU A 180 -19.11 26.01 -40.69
N ILE A 181 -18.25 26.92 -40.24
CA ILE A 181 -18.52 27.67 -39.01
C ILE A 181 -19.74 28.56 -39.19
N LYS A 182 -19.84 29.23 -40.34
CA LYS A 182 -20.99 30.08 -40.60
C LYS A 182 -22.27 29.25 -40.68
N ASP A 183 -22.21 28.08 -41.32
CA ASP A 183 -23.37 27.21 -41.38
C ASP A 183 -23.80 26.78 -39.98
N PHE A 184 -22.83 26.45 -39.13
CA PHE A 184 -23.14 26.06 -37.76
C PHE A 184 -23.75 27.22 -36.99
N ALA A 185 -23.21 28.44 -37.17
CA ALA A 185 -23.80 29.60 -36.52
C ALA A 185 -25.28 29.73 -36.87
N GLN A 186 -25.62 29.50 -38.14
CA GLN A 186 -27.01 29.60 -38.57
CA GLN A 186 -27.01 29.59 -38.58
C GLN A 186 -27.87 28.51 -37.93
N PHE A 187 -27.34 27.29 -37.82
CA PHE A 187 -28.05 26.22 -37.14
C PHE A 187 -28.28 26.57 -35.67
N VAL A 188 -27.27 27.14 -35.00
CA VAL A 188 -27.44 27.50 -33.60
C VAL A 188 -28.50 28.59 -33.46
N GLU A 189 -28.49 29.58 -34.36
CA GLU A 189 -29.49 30.64 -34.33
C GLU A 189 -30.89 30.04 -34.49
N GLU A 190 -31.05 29.13 -35.45
CA GLU A 190 -32.35 28.53 -35.72
C GLU A 190 -32.87 27.77 -34.50
N LYS A 191 -32.01 27.02 -33.82
CA LYS A 191 -32.46 26.16 -32.74
C LYS A 191 -32.73 26.92 -31.46
N THR A 192 -31.93 27.95 -31.19
CA THR A 192 -32.09 28.75 -29.99
C THR A 192 -33.09 29.89 -30.18
N GLY A 193 -33.28 30.33 -31.41
CA GLY A 193 -34.05 31.54 -31.65
C GLY A 193 -33.33 32.81 -31.26
N VAL A 194 -32.03 32.75 -31.01
CA VAL A 194 -31.24 33.91 -30.63
C VAL A 194 -30.30 34.26 -31.77
N LYS A 195 -30.48 35.45 -32.33
CA LYS A 195 -29.58 35.92 -33.39
C LYS A 195 -28.24 36.34 -32.80
N LEU A 196 -27.17 35.96 -33.49
CA LEU A 196 -25.84 36.45 -33.14
C LEU A 196 -25.68 37.90 -33.60
N ASN A 197 -25.17 38.74 -32.71
CA ASN A 197 -24.83 40.11 -33.05
C ASN A 197 -23.46 40.39 -32.44
N ALA A 198 -22.96 41.61 -32.66
CA ALA A 198 -21.62 41.94 -32.20
C ALA A 198 -21.51 41.81 -30.68
N GLU A 199 -22.56 42.20 -29.96
CA GLU A 199 -22.49 42.20 -28.51
C GLU A 199 -22.43 40.78 -27.95
N ASN A 200 -23.39 39.92 -28.32
CA ASN A 200 -23.42 38.61 -27.66
C ASN A 200 -22.32 37.69 -28.16
N LEU A 201 -21.88 37.83 -29.41
CA LEU A 201 -20.76 36.99 -29.87
C LEU A 201 -19.46 37.42 -29.21
N ARG A 202 -19.23 38.73 -29.05
CA ARG A 202 -18.08 39.18 -28.30
CA ARG A 202 -18.06 39.17 -28.30
C ARG A 202 -18.10 38.63 -26.88
N ALA A 203 -19.29 38.61 -26.26
CA ALA A 203 -19.39 38.12 -24.88
C ALA A 203 -19.14 36.63 -24.79
N GLY A 204 -19.66 35.86 -25.76
CA GLY A 204 -19.36 34.43 -25.78
C GLY A 204 -17.88 34.17 -25.97
N ILE A 205 -17.24 34.91 -26.85
CA ILE A 205 -15.79 34.77 -27.03
C ILE A 205 -15.06 35.09 -25.73
N GLU A 206 -15.43 36.20 -25.07
CA GLU A 206 -14.71 36.58 -23.86
C GLU A 206 -14.88 35.51 -22.77
N LYS A 207 -16.07 34.89 -22.70
CA LYS A 207 -16.30 33.91 -21.65
C LYS A 207 -15.46 32.65 -21.85
N ILE A 208 -15.39 32.15 -23.09
CA ILE A 208 -14.60 30.95 -23.32
C ILE A 208 -13.11 31.28 -23.30
N ASN A 209 -12.72 32.44 -23.83
CA ASN A 209 -11.34 32.88 -23.71
C ASN A 209 -10.90 32.93 -22.26
N LYS A 210 -11.77 33.43 -21.37
CA LYS A 210 -11.43 33.52 -19.95
C LYS A 210 -11.21 32.14 -19.35
N LYS A 211 -12.01 31.16 -19.76
CA LYS A 211 -11.81 29.79 -19.30
C LYS A 211 -10.48 29.23 -19.82
N ARG A 212 -10.23 29.36 -21.12
CA ARG A 212 -8.96 28.86 -21.66
C ARG A 212 -7.77 29.55 -20.98
N LYS A 213 -7.87 30.86 -20.75
CA LYS A 213 -6.77 31.60 -20.10
CA LYS A 213 -6.77 31.58 -20.11
C LYS A 213 -6.48 31.04 -18.71
N ALA A 214 -7.52 30.71 -17.95
CA ALA A 214 -7.31 30.17 -16.61
C ALA A 214 -6.56 28.84 -16.67
N LEU A 215 -6.93 27.97 -17.61
CA LEU A 215 -6.24 26.69 -17.75
C LEU A 215 -4.82 26.88 -18.28
N LYS A 216 -4.60 27.88 -19.13
CA LYS A 216 -3.24 28.22 -19.56
C LYS A 216 -2.40 28.68 -18.38
N ARG A 217 -3.01 29.46 -17.48
CA ARG A 217 -2.31 29.94 -16.29
C ARG A 217 -1.91 28.77 -15.40
N LEU A 218 -2.83 27.82 -15.21
CA LEU A 218 -2.54 26.61 -14.45
C LEU A 218 -1.44 25.79 -15.11
N SER A 219 -1.49 25.66 -16.44
CA SER A 219 -0.48 24.87 -17.12
C SER A 219 0.91 25.50 -16.99
N ASP A 220 0.98 26.84 -17.01
CA ASP A 220 2.29 27.48 -16.91
C ASP A 220 2.91 27.25 -15.53
N LEU A 221 2.08 27.20 -14.48
CA LEU A 221 2.63 27.00 -13.15
C LEU A 221 3.31 25.64 -13.00
N ARG A 222 2.96 24.67 -13.85
CA ARG A 222 3.59 23.35 -13.75
C ARG A 222 5.03 23.33 -14.27
N LYS A 223 5.52 24.44 -14.82
CA LYS A 223 6.91 24.50 -15.25
C LYS A 223 7.88 24.61 -14.08
N HIS A 224 7.37 24.91 -12.88
CA HIS A 224 8.25 25.15 -11.76
C HIS A 224 8.75 23.85 -11.15
N ASN A 225 9.90 23.95 -10.48
CA ASN A 225 10.60 22.83 -9.87
C ASN A 225 10.82 23.22 -8.42
N PRO A 226 10.30 22.44 -7.45
CA PRO A 226 9.51 21.22 -7.62
C PRO A 226 8.10 21.49 -8.15
N ALA A 227 7.53 20.51 -8.84
CA ALA A 227 6.17 20.64 -9.32
C ALA A 227 5.22 21.01 -8.17
N PRO A 228 4.44 22.08 -8.31
CA PRO A 228 3.61 22.53 -7.18
C PRO A 228 2.27 21.81 -7.07
N ILE A 229 1.94 20.95 -8.03
CA ILE A 229 0.67 20.23 -8.04
C ILE A 229 0.90 18.93 -8.81
N HIS A 230 0.25 17.85 -8.38
CA HIS A 230 0.33 16.61 -9.12
C HIS A 230 -0.46 16.73 -10.43
N GLY A 231 0.06 16.09 -11.48
CA GLY A 231 -0.63 16.13 -12.76
C GLY A 231 -2.01 15.53 -12.73
N LEU A 232 -2.24 14.52 -11.89
CA LEU A 232 -3.57 13.91 -11.83
C LEU A 232 -4.62 14.93 -11.42
N ASP A 233 -4.28 15.87 -10.53
CA ASP A 233 -5.23 16.90 -10.15
C ASP A 233 -5.51 17.85 -11.32
N VAL A 234 -4.50 18.14 -12.15
CA VAL A 234 -4.69 19.04 -13.28
C VAL A 234 -5.52 18.37 -14.37
N LEU A 235 -5.26 17.07 -14.61
CA LEU A 235 -6.12 16.31 -15.53
C LEU A 235 -7.58 16.39 -15.09
N LEU A 236 -7.85 16.17 -13.80
CA LEU A 236 -9.23 16.26 -13.33
C LEU A 236 -9.83 17.62 -13.67
N ILE A 237 -9.09 18.70 -13.41
CA ILE A 237 -9.60 20.04 -13.68
C ILE A 237 -9.88 20.22 -15.16
N ASN A 238 -8.95 19.77 -16.02
CA ASN A 238 -9.16 19.91 -17.45
C ASN A 238 -10.33 19.05 -17.92
N GLN A 239 -10.56 17.90 -17.29
CA GLN A 239 -11.73 17.09 -17.63
C GLN A 239 -13.02 17.82 -17.26
N LEU A 240 -13.06 18.46 -16.09
CA LEU A 240 -14.28 19.11 -15.61
C LEU A 240 -14.58 20.40 -16.39
N ALA A 241 -13.57 20.97 -17.06
CA ALA A 241 -13.80 22.14 -17.90
C ALA A 241 -14.88 21.90 -18.93
N PHE A 242 -15.15 20.64 -19.26
CA PHE A 242 -16.04 20.34 -20.35
C PHE A 242 -17.51 20.30 -19.94
N PHE A 243 -17.82 20.32 -18.65
CA PHE A 243 -19.15 20.19 -18.06
CA PHE A 243 -19.22 20.43 -18.32
C PHE A 243 -19.57 21.39 -17.21
N ASP A 244 -18.61 22.11 -16.64
CA ASP A 244 -18.89 23.11 -15.62
C ASP A 244 -19.35 24.42 -16.27
N ASP A 245 -19.94 25.30 -15.45
CA ASP A 245 -20.25 26.65 -15.90
C ASP A 245 -18.95 27.39 -16.19
N PRO A 246 -18.79 27.99 -17.38
CA PRO A 246 -17.47 28.57 -17.73
C PRO A 246 -17.01 29.66 -16.78
N GLU A 247 -17.94 30.48 -16.26
CA GLU A 247 -17.52 31.58 -15.40
C GLU A 247 -17.13 31.08 -14.01
N ARG A 248 -17.97 30.23 -13.43
CA ARG A 248 -17.62 29.63 -12.14
C ARG A 248 -16.33 28.83 -12.25
N PHE A 249 -16.22 27.99 -13.28
CA PHE A 249 -15.03 27.17 -13.47
C PHE A 249 -13.77 28.04 -13.52
N ALA A 250 -13.78 29.08 -14.37
CA ALA A 250 -12.58 29.91 -14.50
C ALA A 250 -12.23 30.58 -13.16
N THR A 251 -13.23 31.04 -12.42
CA THR A 251 -12.97 31.63 -11.11
C THR A 251 -12.27 30.64 -10.18
N LYS A 252 -12.75 29.39 -10.15
CA LYS A 252 -12.18 28.40 -9.24
C LYS A 252 -10.77 27.99 -9.69
N VAL A 253 -10.55 27.92 -10.99
CA VAL A 253 -9.20 27.63 -11.49
C VAL A 253 -8.24 28.74 -11.10
N ASN A 254 -8.67 29.99 -11.24
CA ASN A 254 -7.79 31.11 -10.87
C ASN A 254 -7.51 31.14 -9.36
N GLU A 255 -8.50 30.77 -8.54
CA GLU A 255 -8.26 30.67 -7.11
C GLU A 255 -7.21 29.60 -6.80
N LEU A 256 -7.26 28.47 -7.52
CA LEU A 256 -6.20 27.49 -7.37
C LEU A 256 -4.84 28.05 -7.76
N CYS A 257 -4.79 28.80 -8.87
CA CYS A 257 -3.51 29.34 -9.33
C CYS A 257 -2.90 30.29 -8.30
N ASP A 258 -3.74 31.05 -7.61
CA ASP A 258 -3.24 31.93 -6.55
C ASP A 258 -2.56 31.13 -5.45
N GLU A 259 -3.17 30.02 -5.04
CA GLU A 259 -2.54 29.15 -4.05
C GLU A 259 -1.23 28.59 -4.57
N LEU A 260 -1.22 28.11 -5.82
CA LEU A 260 -0.01 27.52 -6.35
C LEU A 260 1.11 28.54 -6.49
N GLU A 261 0.77 29.80 -6.74
CA GLU A 261 1.82 30.82 -6.78
C GLU A 261 2.49 30.96 -5.42
N GLU A 262 1.73 30.76 -4.33
CA GLU A 262 2.33 30.82 -3.00
C GLU A 262 3.30 29.67 -2.79
N ARG A 263 2.92 28.47 -3.24
CA ARG A 263 3.83 27.32 -3.18
C ARG A 263 5.11 27.61 -3.94
N VAL A 264 4.98 28.12 -5.17
CA VAL A 264 6.15 28.37 -6.01
C VAL A 264 7.07 29.36 -5.34
N ALA A 265 6.50 30.38 -4.69
CA ALA A 265 7.31 31.43 -4.09
C ALA A 265 8.09 30.91 -2.88
N LYS A 266 7.61 29.86 -2.23
CA LYS A 266 8.31 29.26 -1.10
C LYS A 266 9.09 28.02 -1.50
N GLY A 267 9.07 27.66 -2.78
CA GLY A 267 9.75 26.46 -3.22
C GLY A 267 9.13 25.19 -2.74
N GLU A 268 7.84 25.19 -2.44
CA GLU A 268 7.14 23.99 -2.05
CA GLU A 268 7.13 23.99 -2.04
C GLU A 268 6.58 23.29 -3.28
N GLY A 269 6.56 21.96 -3.21
CA GLY A 269 5.99 21.16 -4.27
C GLY A 269 5.50 19.84 -3.73
N VAL A 270 4.98 19.01 -4.64
CA VAL A 270 4.42 17.72 -4.27
C VAL A 270 5.40 16.58 -4.43
N VAL A 271 6.56 16.83 -5.03
CA VAL A 271 7.60 15.82 -5.21
C VAL A 271 8.95 16.45 -4.87
N SER A 272 9.96 15.59 -4.73
CA SER A 272 11.34 16.05 -4.68
C SER A 272 11.76 16.60 -6.04
N LYS A 273 12.76 17.48 -6.03
CA LYS A 273 13.26 18.02 -7.28
C LYS A 273 13.90 16.94 -8.15
N ASP A 274 14.26 15.79 -7.59
CA ASP A 274 14.83 14.69 -8.34
C ASP A 274 13.79 13.75 -8.94
N ALA A 275 12.50 13.96 -8.66
CA ALA A 275 11.49 13.09 -9.24
C ALA A 275 11.39 13.34 -10.74
N PRO A 276 11.28 12.28 -11.55
CA PRO A 276 11.23 12.48 -13.01
C PRO A 276 9.97 13.22 -13.44
N ARG A 277 10.16 14.21 -14.30
CA ARG A 277 9.07 15.03 -14.85
C ARG A 277 8.65 14.45 -16.19
N ILE A 278 7.35 14.20 -16.34
CA ILE A 278 6.82 13.43 -17.46
C ILE A 278 5.84 14.30 -18.25
N LEU A 279 5.99 14.27 -19.58
CA LEU A 279 5.00 14.83 -20.48
C LEU A 279 4.18 13.69 -21.09
N ILE A 280 2.86 13.80 -20.98
CA ILE A 280 1.94 12.89 -21.66
CA ILE A 280 1.98 12.88 -21.68
C ILE A 280 1.58 13.51 -23.00
N THR A 281 1.57 12.70 -24.06
CA THR A 281 1.09 13.13 -25.36
C THR A 281 0.22 12.01 -25.94
N GLY A 282 -0.81 12.41 -26.70
CA GLY A 282 -1.64 11.47 -27.42
C GLY A 282 -3.11 11.85 -27.44
N THR A 283 -3.96 10.89 -27.09
CA THR A 283 -5.41 11.05 -27.14
C THR A 283 -5.92 11.69 -25.86
N PRO A 284 -7.11 12.29 -25.89
CA PRO A 284 -7.70 12.81 -24.65
C PRO A 284 -8.01 11.68 -23.68
N GLN A 285 -7.93 12.01 -22.39
CA GLN A 285 -8.28 11.09 -21.31
C GLN A 285 -9.55 11.60 -20.64
N PRO A 286 -10.73 11.20 -21.11
CA PRO A 286 -11.97 11.73 -20.54
C PRO A 286 -12.23 11.14 -19.16
N ILE A 287 -13.00 11.89 -18.38
CA ILE A 287 -13.31 11.46 -17.00
C ILE A 287 -14.11 10.17 -17.07
N PRO A 288 -13.88 9.17 -16.18
CA PRO A 288 -12.87 9.07 -15.13
C PRO A 288 -11.63 8.25 -15.52
N HIS A 289 -11.06 8.49 -16.70
CA HIS A 289 -9.95 7.69 -17.19
C HIS A 289 -8.64 8.24 -16.60
N TRP A 290 -8.40 7.90 -15.33
CA TRP A 290 -7.31 8.44 -14.54
C TRP A 290 -6.10 7.50 -14.47
N LYS A 291 -6.20 6.32 -15.08
CA LYS A 291 -5.25 5.23 -14.85
C LYS A 291 -3.80 5.63 -15.11
N ILE A 292 -3.52 6.21 -16.27
CA ILE A 292 -2.12 6.43 -16.65
C ILE A 292 -1.47 7.45 -15.74
N HIS A 293 -2.15 8.56 -15.44
CA HIS A 293 -1.57 9.53 -14.51
C HIS A 293 -1.34 8.90 -13.14
N ALA A 294 -2.33 8.15 -12.65
CA ALA A 294 -2.21 7.55 -11.32
C ALA A 294 -1.00 6.63 -11.24
N LEU A 295 -0.77 5.82 -12.28
CA LEU A 295 0.34 4.88 -12.24
C LEU A 295 1.69 5.59 -12.30
N ILE A 296 1.79 6.64 -13.13
CA ILE A 296 3.04 7.39 -13.22
C ILE A 296 3.38 8.03 -11.89
N GLU A 297 2.38 8.67 -11.27
CA GLU A 297 2.62 9.46 -10.07
C GLU A 297 2.66 8.56 -8.83
N GLY A 298 1.96 7.42 -8.87
CA GLY A 298 2.14 6.42 -7.83
C GLY A 298 3.51 5.77 -7.86
N ALA A 299 4.18 5.76 -9.01
CA ALA A 299 5.54 5.26 -9.13
C ALA A 299 6.59 6.32 -8.81
N GLY A 300 6.18 7.52 -8.39
CA GLY A 300 7.09 8.55 -7.96
C GLY A 300 7.43 9.60 -9.00
N GLY A 301 6.85 9.52 -10.18
CA GLY A 301 7.02 10.57 -11.16
C GLY A 301 6.02 11.68 -10.94
N VAL A 302 6.16 12.74 -11.72
CA VAL A 302 5.15 13.80 -11.74
C VAL A 302 4.88 14.15 -13.19
N VAL A 303 3.60 14.12 -13.57
CA VAL A 303 3.20 14.53 -14.92
C VAL A 303 3.05 16.04 -14.89
N VAL A 304 3.83 16.73 -15.72
CA VAL A 304 3.87 18.18 -15.73
C VAL A 304 3.20 18.77 -16.96
N GLY A 305 2.70 17.95 -17.88
CA GLY A 305 1.91 18.47 -18.97
C GLY A 305 1.21 17.36 -19.72
N GLU A 306 0.17 17.75 -20.46
CA GLU A 306 -0.59 16.84 -21.31
C GLU A 306 -0.74 17.48 -22.69
N GLU A 307 -0.07 16.91 -23.68
CA GLU A 307 -0.30 17.32 -25.08
C GLU A 307 -1.45 16.47 -25.61
N THR A 308 -2.66 16.83 -25.18
CA THR A 308 -3.89 16.17 -25.61
C THR A 308 -5.01 17.20 -25.61
N CYS A 309 -6.18 16.78 -26.11
CA CYS A 309 -7.35 17.65 -26.14
C CYS A 309 -8.09 17.75 -24.80
N ILE A 310 -7.69 16.97 -23.80
CA ILE A 310 -8.06 17.25 -22.42
C ILE A 310 -6.75 17.63 -21.75
N GLY A 311 -6.30 18.84 -22.02
CA GLY A 311 -4.95 19.31 -21.82
C GLY A 311 -4.64 20.43 -22.80
N GLU A 312 -3.37 20.52 -23.21
CA GLU A 312 -2.88 21.72 -23.88
C GLU A 312 -3.64 22.01 -25.19
N ARG A 313 -4.04 20.98 -25.94
CA ARG A 313 -4.70 21.25 -27.21
C ARG A 313 -6.04 21.95 -27.02
N TYR A 314 -6.64 21.82 -25.84
CA TYR A 314 -7.92 22.47 -25.59
C TYR A 314 -7.75 23.97 -25.37
N PHE A 315 -6.79 24.37 -24.54
CA PHE A 315 -6.77 25.73 -24.03
C PHE A 315 -5.65 26.59 -24.59
N LYS A 316 -4.77 26.05 -25.43
CA LYS A 316 -3.59 26.81 -25.81
C LYS A 316 -3.97 28.06 -26.60
N ASP A 317 -4.96 27.98 -27.45
CA ASP A 317 -5.24 29.01 -28.44
C ASP A 317 -6.50 29.78 -28.09
N LEU A 318 -6.39 31.10 -28.06
CA LEU A 318 -7.50 32.00 -27.78
C LEU A 318 -8.00 32.68 -29.05
N VAL A 319 -9.28 33.06 -29.06
CA VAL A 319 -9.85 33.75 -30.20
C VAL A 319 -9.37 35.21 -30.19
N GLU A 320 -8.90 35.68 -31.35
CA GLU A 320 -8.54 37.10 -31.48
C GLU A 320 -9.81 37.92 -31.66
N PRO A 321 -9.91 39.07 -31.00
CA PRO A 321 -11.14 39.85 -31.09
C PRO A 321 -11.32 40.49 -32.46
N ALA A 322 -12.56 40.85 -32.74
CA ALA A 322 -12.90 41.57 -33.96
C ALA A 322 -14.17 42.35 -33.68
N ALA A 323 -14.40 43.40 -34.48
CA ALA A 323 -15.46 44.33 -34.15
C ALA A 323 -16.84 43.86 -34.60
N ASP A 324 -16.92 43.00 -35.63
CA ASP A 324 -18.21 42.62 -36.18
C ASP A 324 -18.33 41.10 -36.22
N VAL A 325 -19.57 40.64 -36.44
CA VAL A 325 -19.85 39.22 -36.39
C VAL A 325 -19.06 38.48 -37.46
N GLU A 326 -19.02 39.02 -38.68
CA GLU A 326 -18.31 38.35 -39.76
C GLU A 326 -16.85 38.11 -39.39
N GLY A 327 -16.20 39.11 -38.78
CA GLY A 327 -14.82 38.96 -38.38
C GLY A 327 -14.64 38.05 -37.18
N MET A 328 -15.57 38.09 -36.23
CA MET A 328 -15.48 37.19 -35.10
C MET A 328 -15.65 35.74 -35.54
N LEU A 329 -16.55 35.48 -36.47
CA LEU A 329 -16.72 34.11 -36.94
C LEU A 329 -15.47 33.60 -37.65
N LYS A 330 -14.84 34.43 -38.47
CA LYS A 330 -13.59 34.03 -39.11
C LYS A 330 -12.49 33.77 -38.06
N ASN A 331 -12.49 34.55 -36.99
CA ASN A 331 -11.47 34.36 -35.98
C ASN A 331 -11.76 33.15 -35.10
N ILE A 332 -13.04 32.81 -34.90
CA ILE A 332 -13.39 31.58 -34.20
C ILE A 332 -12.96 30.37 -35.01
N ALA A 333 -13.20 30.41 -36.33
CA ALA A 333 -12.74 29.33 -37.19
C ALA A 333 -11.23 29.18 -37.14
N ALA A 334 -10.52 30.31 -37.17
CA ALA A 334 -9.06 30.27 -37.17
C ALA A 334 -8.51 29.72 -35.86
N ARG A 335 -9.15 30.04 -34.73
CA ARG A 335 -8.70 29.51 -33.46
C ARG A 335 -8.71 27.99 -33.46
N SER A 336 -9.83 27.38 -33.87
CA SER A 336 -9.93 25.94 -33.78
C SER A 336 -8.94 25.25 -34.71
N LEU A 337 -8.66 25.84 -35.88
CA LEU A 337 -7.74 25.24 -36.82
CA LEU A 337 -7.73 25.25 -36.82
C LEU A 337 -6.29 25.30 -36.35
N LYS A 338 -6.01 26.02 -35.27
CA LYS A 338 -4.68 25.95 -34.68
C LYS A 338 -4.48 24.66 -33.91
N VAL A 339 -5.55 23.88 -33.71
CA VAL A 339 -5.45 22.62 -32.96
C VAL A 339 -4.83 21.55 -33.86
N ASN A 340 -3.73 20.97 -33.41
CA ASN A 340 -2.92 20.07 -34.23
C ASN A 340 -3.27 18.61 -33.93
N CYS A 341 -4.48 18.23 -34.31
CA CYS A 341 -4.98 16.87 -34.13
CA CYS A 341 -4.85 16.85 -34.06
C CYS A 341 -4.45 15.96 -35.22
N ALA A 342 -4.21 14.69 -34.87
CA ALA A 342 -3.68 13.72 -35.81
C ALA A 342 -4.65 13.42 -36.97
N CYS A 343 -5.89 13.88 -36.90
CA CYS A 343 -6.77 13.69 -38.05
CA CYS A 343 -6.81 13.74 -38.02
C CYS A 343 -6.37 14.56 -39.23
N PHE A 344 -5.47 15.53 -39.04
CA PHE A 344 -4.98 16.34 -40.14
C PHE A 344 -3.70 15.74 -40.72
N THR A 345 -3.45 16.00 -42.00
CA THR A 345 -2.21 15.54 -42.63
C THR A 345 -1.55 16.66 -43.42
N PRO A 346 -0.21 16.83 -43.30
CA PRO A 346 0.65 16.27 -42.27
C PRO A 346 0.18 16.94 -40.97
N ASN A 347 0.73 16.54 -39.84
CA ASN A 347 0.40 17.19 -38.59
C ASN A 347 1.69 17.57 -37.88
N THR A 348 2.61 18.16 -38.66
CA THR A 348 3.95 18.43 -38.16
C THR A 348 3.95 19.45 -37.02
N GLY A 349 2.91 20.27 -36.92
CA GLY A 349 2.83 21.21 -35.81
C GLY A 349 2.74 20.54 -34.45
N ARG A 350 2.12 19.35 -34.39
CA ARG A 350 2.01 18.63 -33.13
C ARG A 350 3.38 18.20 -32.63
N LEU A 351 4.23 17.69 -33.52
CA LEU A 351 5.58 17.32 -33.12
C LEU A 351 6.32 18.53 -32.58
N GLU A 352 6.20 19.68 -33.25
CA GLU A 352 6.86 20.89 -32.78
CA GLU A 352 6.85 20.90 -32.78
C GLU A 352 6.31 21.31 -31.41
N ASP A 353 5.00 21.16 -31.21
CA ASP A 353 4.39 21.43 -29.90
C ASP A 353 5.01 20.54 -28.82
N ILE A 354 5.16 19.25 -29.12
CA ILE A 354 5.73 18.30 -28.17
C ILE A 354 7.14 18.71 -27.80
N LEU A 355 7.97 19.00 -28.81
CA LEU A 355 9.35 19.37 -28.56
C LEU A 355 9.44 20.67 -27.77
N SER A 356 8.57 21.63 -28.06
CA SER A 356 8.55 22.88 -27.30
C SER A 356 8.16 22.62 -25.85
N MET A 357 7.14 21.78 -25.63
CA MET A 357 6.71 21.46 -24.27
C MET A 357 7.81 20.75 -23.48
N VAL A 358 8.57 19.86 -24.13
CA VAL A 358 9.67 19.20 -23.45
C VAL A 358 10.64 20.24 -22.88
N GLN A 359 10.90 21.31 -23.64
CA GLN A 359 11.85 22.31 -23.18
C GLN A 359 11.22 23.23 -22.14
N LYS A 360 10.01 23.71 -22.41
CA LYS A 360 9.37 24.66 -21.51
C LYS A 360 9.12 24.03 -20.14
N LEU A 361 8.80 22.75 -20.12
CA LEU A 361 8.47 22.07 -18.87
C LEU A 361 9.64 21.27 -18.31
N GLN A 362 10.80 21.29 -18.96
CA GLN A 362 11.98 20.60 -18.46
C GLN A 362 11.66 19.15 -18.12
N VAL A 363 11.21 18.46 -19.14
CA VAL A 363 10.69 17.10 -19.05
C VAL A 363 11.84 16.10 -19.12
N ASP A 364 11.75 15.06 -18.30
CA ASP A 364 12.75 13.98 -18.30
C ASP A 364 12.37 12.82 -19.20
N GLY A 365 11.08 12.66 -19.51
CA GLY A 365 10.63 11.59 -20.40
C GLY A 365 9.25 11.90 -20.94
N VAL A 366 8.97 11.37 -22.12
CA VAL A 366 7.70 11.58 -22.80
C VAL A 366 7.00 10.23 -22.88
N ILE A 367 5.77 10.18 -22.37
CA ILE A 367 4.92 9.00 -22.48
C ILE A 367 3.84 9.32 -23.49
N HIS A 368 3.86 8.58 -24.60
CA HIS A 368 2.86 8.72 -25.64
C HIS A 368 1.76 7.70 -25.36
N TYR A 369 0.59 8.17 -24.98
CA TYR A 369 -0.51 7.31 -24.61
C TYR A 369 -1.67 7.55 -25.57
N SER A 370 -2.13 6.48 -26.22
CA SER A 370 -3.32 6.57 -27.07
C SER A 370 -4.22 5.37 -26.82
N LEU A 371 -5.51 5.60 -26.99
CA LEU A 371 -6.50 4.56 -26.74
C LEU A 371 -6.43 3.46 -27.79
N GLN A 372 -6.69 2.24 -27.37
CA GLN A 372 -6.75 1.10 -28.28
C GLN A 372 -7.71 1.40 -29.44
N PHE A 373 -7.25 1.07 -30.66
CA PHE A 373 -7.97 1.21 -31.92
C PHE A 373 -8.16 2.66 -32.35
N CYS A 374 -7.47 3.60 -31.70
CA CYS A 374 -7.39 4.96 -32.24
C CYS A 374 -6.32 4.95 -33.32
N GLN A 375 -6.75 4.93 -34.58
CA GLN A 375 -5.79 4.79 -35.67
CA GLN A 375 -5.81 4.80 -35.68
C GLN A 375 -5.08 6.11 -35.95
N PRO A 376 -5.75 7.26 -35.89
CA PRO A 376 -5.01 8.52 -36.14
C PRO A 376 -3.78 8.69 -35.24
N TYR A 377 -3.94 8.53 -33.92
CA TYR A 377 -2.81 8.71 -33.01
C TYR A 377 -1.93 7.46 -32.94
N GLY A 378 -2.51 6.28 -33.15
CA GLY A 378 -1.70 5.08 -33.17
C GLY A 378 -0.69 5.09 -34.29
N VAL A 379 -1.12 5.43 -35.51
CA VAL A 379 -0.22 5.45 -36.65
C VAL A 379 0.83 6.56 -36.50
N GLU A 380 0.37 7.76 -36.11
CA GLU A 380 1.28 8.90 -36.00
C GLU A 380 2.33 8.71 -34.92
N SER A 381 2.10 7.80 -33.95
CA SER A 381 3.08 7.62 -32.89
C SER A 381 4.43 7.16 -33.44
N TYR A 382 4.45 6.52 -34.61
CA TYR A 382 5.71 6.07 -35.18
C TYR A 382 6.64 7.24 -35.50
N LEU A 383 6.12 8.25 -36.21
CA LEU A 383 6.95 9.39 -36.58
C LEU A 383 7.29 10.24 -35.36
N VAL A 384 6.36 10.33 -34.40
CA VAL A 384 6.66 11.08 -33.18
C VAL A 384 7.80 10.41 -32.42
N GLY A 385 7.70 9.12 -32.18
CA GLY A 385 8.75 8.44 -31.44
C GLY A 385 10.08 8.50 -32.16
N ARG A 386 10.06 8.40 -33.48
CA ARG A 386 11.30 8.43 -34.25
CA ARG A 386 11.30 8.43 -34.25
C ARG A 386 12.01 9.77 -34.11
N GLU A 387 11.26 10.88 -34.14
CA GLU A 387 11.90 12.18 -33.98
C GLU A 387 12.39 12.37 -32.55
N LEU A 388 11.61 11.95 -31.56
CA LEU A 388 12.05 12.17 -30.18
C LEU A 388 13.32 11.38 -29.88
N GLU A 389 13.41 10.15 -30.39
CA GLU A 389 14.63 9.35 -30.20
C GLU A 389 15.81 9.99 -30.92
N ARG A 390 15.59 10.53 -32.12
CA ARG A 390 16.66 11.24 -32.83
CA ARG A 390 16.66 11.23 -32.82
C ARG A 390 17.21 12.37 -31.99
N ARG A 391 16.34 13.04 -31.22
CA ARG A 391 16.71 14.15 -30.36
C ARG A 391 17.06 13.71 -28.94
N ASN A 392 17.23 12.40 -28.73
CA ASN A 392 17.64 11.84 -27.44
C ASN A 392 16.70 12.23 -26.31
N ILE A 393 15.40 12.22 -26.59
CA ILE A 393 14.36 12.45 -25.60
C ILE A 393 13.78 11.09 -25.24
N PRO A 394 13.90 10.64 -23.99
CA PRO A 394 13.34 9.33 -23.62
C PRO A 394 11.84 9.26 -23.96
N PHE A 395 11.43 8.12 -24.52
CA PHE A 395 10.09 7.97 -25.09
C PHE A 395 9.53 6.59 -24.76
N LEU A 396 8.31 6.55 -24.25
CA LEU A 396 7.59 5.31 -24.00
C LEU A 396 6.21 5.37 -24.66
N LYS A 397 5.90 4.36 -25.47
CA LYS A 397 4.60 4.25 -26.11
C LYS A 397 3.72 3.32 -25.30
N LEU A 398 2.53 3.79 -24.93
CA LEU A 398 1.56 3.01 -24.19
C LEU A 398 0.21 3.07 -24.90
N GLU A 399 -0.54 1.97 -24.80
CA GLU A 399 -1.91 1.90 -25.30
C GLU A 399 -2.75 1.11 -24.32
N SER A 400 -4.01 1.49 -24.16
CA SER A 400 -4.90 0.76 -23.28
C SER A 400 -6.35 1.12 -23.62
N ASP A 401 -7.27 0.50 -22.89
CA ASP A 401 -8.68 0.84 -23.01
C ASP A 401 -9.19 1.28 -21.64
N PHE A 402 -10.50 1.31 -21.44
CA PHE A 402 -11.05 1.82 -20.20
C PHE A 402 -11.12 0.75 -19.11
N SER A 403 -10.81 -0.50 -19.43
CA SER A 403 -10.81 -1.54 -18.42
C SER A 403 -9.68 -1.28 -17.44
N GLU A 404 -10.01 -1.28 -16.15
CA GLU A 404 -9.07 -0.77 -15.17
C GLU A 404 -8.01 -1.77 -14.74
N GLU A 405 -8.14 -3.04 -15.10
CA GLU A 405 -7.39 -4.09 -14.42
C GLU A 405 -6.15 -4.57 -15.18
N ASP A 406 -5.74 -3.87 -16.23
CA ASP A 406 -4.43 -4.13 -16.84
C ASP A 406 -3.38 -3.26 -16.14
N GLN A 407 -3.60 -3.00 -14.84
CA GLN A 407 -2.66 -2.19 -14.06
C GLN A 407 -1.25 -2.77 -14.04
N GLY A 408 -1.14 -4.08 -13.84
CA GLY A 408 0.17 -4.68 -13.67
C GLY A 408 1.03 -4.57 -14.92
N GLN A 409 0.41 -4.78 -16.08
CA GLN A 409 1.14 -4.64 -17.34
C GLN A 409 1.63 -3.20 -17.51
N LEU A 410 0.73 -2.23 -17.34
CA LEU A 410 1.11 -0.83 -17.50
C LEU A 410 2.11 -0.41 -16.45
N LYS A 411 1.98 -0.92 -15.23
CA LYS A 411 2.87 -0.53 -14.14
C LYS A 411 4.31 -0.94 -14.43
N THR A 412 4.51 -2.16 -14.93
CA THR A 412 5.87 -2.60 -15.22
C THR A 412 6.50 -1.73 -16.29
N ARG A 413 5.74 -1.41 -17.34
CA ARG A 413 6.27 -0.59 -18.42
C ARG A 413 6.61 0.82 -17.93
N ILE A 414 5.69 1.43 -17.18
CA ILE A 414 5.93 2.79 -16.67
C ILE A 414 7.11 2.78 -15.69
N GLU A 415 7.12 1.83 -14.74
CA GLU A 415 8.18 1.83 -13.73
C GLU A 415 9.53 1.53 -14.35
N ALA A 416 9.58 0.65 -15.35
CA ALA A 416 10.86 0.39 -16.01
C ALA A 416 11.36 1.65 -16.72
N PHE A 417 10.45 2.45 -17.26
CA PHE A 417 10.80 3.71 -17.91
C PHE A 417 11.35 4.70 -16.89
N LEU A 418 10.67 4.85 -15.75
CA LEU A 418 11.16 5.77 -14.73
C LEU A 418 12.49 5.32 -14.17
N GLU A 419 12.67 4.01 -13.99
CA GLU A 419 13.97 3.48 -13.58
C GLU A 419 15.03 3.86 -14.60
N MET A 420 14.72 3.71 -15.88
CA MET A 420 15.69 3.99 -16.91
C MET A 420 16.08 5.45 -16.95
N ILE A 421 15.12 6.37 -16.78
CA ILE A 421 15.44 7.78 -16.94
C ILE A 421 15.91 8.45 -15.66
N LYS A 422 15.80 7.77 -14.52
CA LYS A 422 16.29 8.32 -13.25
C LYS A 422 17.74 8.77 -13.37
N MET B 2 14.84 -15.39 -66.18
CA MET B 2 16.19 -14.87 -66.55
C MET B 2 16.10 -13.44 -67.08
N ASP B 3 15.28 -13.23 -68.13
CA ASP B 3 14.94 -11.86 -68.50
C ASP B 3 14.14 -11.19 -67.39
N ASN B 4 13.23 -11.94 -66.76
CA ASN B 4 12.53 -11.45 -65.59
C ASN B 4 13.51 -11.18 -64.44
N ARG B 5 14.38 -12.14 -64.17
CA ARG B 5 15.32 -12.00 -63.06
C ARG B 5 16.26 -10.82 -63.27
N GLU B 6 16.64 -10.53 -64.52
CA GLU B 6 17.45 -9.36 -64.79
C GLU B 6 16.64 -8.08 -64.56
N LEU B 7 15.39 -8.06 -64.99
CA LEU B 7 14.54 -6.89 -64.75
C LEU B 7 14.39 -6.63 -63.25
N TRP B 8 14.14 -7.67 -62.47
CA TRP B 8 13.96 -7.48 -61.03
C TRP B 8 15.23 -6.93 -60.39
N LYS B 9 16.39 -7.48 -60.77
CA LYS B 9 17.63 -6.95 -60.24
C LYS B 9 17.78 -5.47 -60.56
N VAL B 10 17.42 -5.07 -61.78
CA VAL B 10 17.52 -3.66 -62.15
C VAL B 10 16.55 -2.81 -61.35
N LEU B 11 15.41 -3.37 -60.97
CA LEU B 11 14.43 -2.70 -60.12
C LEU B 11 14.81 -2.73 -58.64
N ASN B 12 15.90 -3.42 -58.31
CA ASN B 12 16.36 -3.54 -56.93
C ASN B 12 15.36 -4.31 -56.07
N VAL B 13 14.75 -5.35 -56.65
CA VAL B 13 13.93 -6.25 -55.86
C VAL B 13 14.84 -7.09 -54.98
N ASP B 14 14.38 -7.38 -53.76
CA ASP B 14 15.04 -8.38 -52.92
C ASP B 14 14.73 -9.75 -53.52
N LEU B 15 15.69 -10.32 -54.22
CA LEU B 15 15.40 -11.48 -55.05
C LEU B 15 15.01 -12.70 -54.22
N GLU B 16 15.68 -12.91 -53.09
CA GLU B 16 15.39 -14.10 -52.28
C GLU B 16 13.99 -14.02 -51.67
N LYS B 17 13.65 -12.88 -51.05
CA LYS B 17 12.32 -12.74 -50.46
C LYS B 17 11.24 -12.80 -51.54
N HIS B 18 11.49 -12.16 -52.68
CA HIS B 18 10.55 -12.23 -53.80
C HIS B 18 10.30 -13.67 -54.23
N ASP B 19 11.37 -14.48 -54.32
CA ASP B 19 11.20 -15.89 -54.62
C ASP B 19 10.38 -16.60 -53.53
N GLU B 20 10.72 -16.33 -52.26
CA GLU B 20 9.97 -16.94 -51.17
C GLU B 20 8.49 -16.55 -51.23
N PHE B 21 8.20 -15.29 -51.56
CA PHE B 21 6.81 -14.85 -51.63
C PHE B 21 6.07 -15.55 -52.77
N LEU B 22 6.72 -15.69 -53.92
CA LEU B 22 6.08 -16.28 -55.10
C LEU B 22 6.05 -17.80 -55.07
N ALA B 23 6.67 -18.43 -54.06
CA ALA B 23 6.82 -19.89 -54.10
C ALA B 23 5.48 -20.60 -53.97
N PRO B 24 4.60 -20.24 -53.02
CA PRO B 24 3.35 -20.99 -52.88
C PRO B 24 2.27 -20.64 -53.90
N VAL B 25 2.48 -19.64 -54.75
CA VAL B 25 1.37 -19.10 -55.53
C VAL B 25 0.89 -20.09 -56.58
N PRO B 26 1.76 -20.64 -57.42
CA PRO B 26 1.26 -21.50 -58.51
C PRO B 26 0.36 -22.64 -58.02
N ALA B 27 0.68 -23.23 -56.86
CA ALA B 27 -0.13 -24.32 -56.35
C ALA B 27 -1.51 -23.83 -55.91
N VAL B 28 -1.58 -22.64 -55.33
CA VAL B 28 -2.88 -22.11 -54.94
C VAL B 28 -3.73 -21.81 -56.18
N TYR B 29 -3.11 -21.18 -57.18
CA TYR B 29 -3.84 -20.89 -58.42
C TYR B 29 -4.31 -22.18 -59.08
N ARG B 30 -3.45 -23.20 -59.07
CA ARG B 30 -3.85 -24.51 -59.57
CA ARG B 30 -3.83 -24.53 -59.55
C ARG B 30 -5.08 -25.02 -58.84
N GLU B 31 -5.09 -24.92 -57.50
CA GLU B 31 -6.18 -25.49 -56.72
C GLU B 31 -7.48 -24.72 -56.93
N LEU B 32 -7.41 -23.39 -56.98
CA LEU B 32 -8.61 -22.56 -56.97
C LEU B 32 -9.06 -22.14 -58.35
N PHE B 33 -8.19 -22.22 -59.35
CA PHE B 33 -8.54 -21.77 -60.70
C PHE B 33 -8.33 -22.86 -61.73
N LEU B 34 -7.08 -23.22 -62.00
CA LEU B 34 -6.79 -24.06 -63.17
C LEU B 34 -7.53 -25.39 -63.09
N ASN B 35 -7.53 -26.02 -61.92
CA ASN B 35 -8.16 -27.34 -61.78
C ASN B 35 -9.67 -27.27 -61.59
N ARG B 36 -10.25 -26.07 -61.58
CA ARG B 36 -11.69 -25.93 -61.44
C ARG B 36 -12.36 -26.18 -62.79
N PRO B 37 -13.38 -27.03 -62.87
CA PRO B 37 -14.01 -27.31 -64.16
C PRO B 37 -14.94 -26.20 -64.61
N ASN B 38 -15.22 -26.21 -65.93
CA ASN B 38 -16.27 -25.43 -66.57
C ASN B 38 -15.92 -23.95 -66.73
N ARG B 39 -14.65 -23.61 -66.64
CA ARG B 39 -14.27 -22.21 -66.81
C ARG B 39 -14.31 -21.82 -68.28
N PRO B 40 -14.73 -20.60 -68.59
CA PRO B 40 -14.69 -20.14 -69.99
C PRO B 40 -13.29 -20.29 -70.59
N ARG B 41 -13.25 -20.60 -71.88
CA ARG B 41 -11.98 -20.72 -72.58
C ARG B 41 -11.21 -19.41 -72.56
N ALA B 42 -11.92 -18.29 -72.56
CA ALA B 42 -11.31 -16.97 -72.58
C ALA B 42 -10.67 -16.58 -71.26
N MET B 43 -10.73 -17.44 -70.24
CA MET B 43 -9.95 -17.22 -69.04
C MET B 43 -8.46 -17.43 -69.31
N ALA B 44 -8.10 -18.07 -70.43
CA ALA B 44 -6.71 -18.42 -70.68
C ALA B 44 -5.82 -17.19 -70.65
N TYR B 45 -6.29 -16.07 -71.20
CA TYR B 45 -5.49 -14.85 -71.19
C TYR B 45 -5.15 -14.45 -69.75
N PHE B 46 -6.16 -14.41 -68.89
CA PHE B 46 -5.96 -13.96 -67.52
C PHE B 46 -5.11 -14.95 -66.74
N ASP B 47 -5.33 -16.25 -66.97
CA ASP B 47 -4.46 -17.26 -66.39
C ASP B 47 -3.01 -17.01 -66.79
N ALA B 48 -2.79 -16.62 -68.05
CA ALA B 48 -1.44 -16.34 -68.51
C ALA B 48 -0.85 -15.13 -67.80
N VAL B 49 -1.68 -14.11 -67.57
CA VAL B 49 -1.21 -12.93 -66.83
C VAL B 49 -0.72 -13.34 -65.44
N VAL B 50 -1.56 -14.06 -64.69
CA VAL B 50 -1.15 -14.57 -63.38
C VAL B 50 0.13 -15.37 -63.51
N GLY B 51 0.20 -16.23 -64.52
CA GLY B 51 1.36 -17.09 -64.68
C GLY B 51 2.66 -16.31 -64.72
N ASP B 52 2.64 -15.11 -65.29
CA ASP B 52 3.81 -14.24 -65.40
C ASP B 52 3.49 -12.87 -64.83
N ILE B 53 2.94 -12.87 -63.60
CA ILE B 53 2.37 -11.65 -63.05
C ILE B 53 3.42 -10.57 -62.86
N HIS B 54 4.68 -10.96 -62.67
CA HIS B 54 5.75 -9.99 -62.47
C HIS B 54 6.68 -9.90 -63.67
N GLY B 55 6.21 -10.35 -64.84
CA GLY B 55 7.02 -10.31 -66.05
C GLY B 55 6.52 -9.33 -67.08
N ILE B 56 5.72 -9.83 -68.05
CA ILE B 56 5.41 -9.07 -69.25
C ILE B 56 5.01 -7.64 -68.91
N ARG B 57 4.06 -7.50 -67.98
CA ARG B 57 3.52 -6.18 -67.68
C ARG B 57 4.59 -5.28 -67.06
N VAL B 58 5.40 -5.83 -66.16
CA VAL B 58 6.45 -5.03 -65.52
C VAL B 58 7.45 -4.57 -66.57
N HIS B 59 7.77 -5.44 -67.54
CA HIS B 59 8.63 -5.04 -68.65
C HIS B 59 8.03 -3.85 -69.38
N GLU B 60 6.75 -3.95 -69.75
CA GLU B 60 6.09 -2.87 -70.47
C GLU B 60 6.19 -1.56 -69.70
N LEU B 61 5.97 -1.62 -68.38
CA LEU B 61 6.08 -0.43 -67.55
C LEU B 61 7.50 0.11 -67.54
N TYR B 62 8.48 -0.78 -67.38
CA TYR B 62 9.88 -0.37 -67.39
C TYR B 62 10.22 0.31 -68.71
N ASN B 63 9.82 -0.30 -69.83
CA ASN B 63 10.11 0.30 -71.13
C ASN B 63 9.43 1.64 -71.29
N LEU B 64 8.23 1.81 -70.71
CA LEU B 64 7.60 3.12 -70.73
C LEU B 64 8.48 4.17 -70.06
N LYS B 65 9.07 3.81 -68.92
CA LYS B 65 9.90 4.78 -68.21
C LYS B 65 11.16 5.12 -68.99
N GLN B 66 11.69 4.16 -69.76
CA GLN B 66 12.88 4.42 -70.56
C GLN B 66 12.60 5.46 -71.65
N GLU B 67 11.34 5.64 -72.04
CA GLU B 67 10.97 6.63 -73.04
C GLU B 67 10.61 7.96 -72.42
N GLY B 68 10.72 8.09 -71.10
CA GLY B 68 10.42 9.34 -70.42
C GLY B 68 9.01 9.46 -69.87
N LYS B 69 8.20 8.43 -70.03
CA LYS B 69 6.91 8.38 -69.36
C LYS B 69 7.10 8.00 -67.89
N LYS B 70 6.04 8.12 -67.11
CA LYS B 70 6.09 7.84 -65.70
C LYS B 70 5.08 6.77 -65.33
N VAL B 71 5.30 6.17 -64.16
CA VAL B 71 4.42 5.16 -63.60
C VAL B 71 3.87 5.69 -62.28
N PHE B 72 2.56 5.90 -62.22
CA PHE B 72 1.89 6.35 -61.01
C PHE B 72 1.22 5.16 -60.34
N ALA B 73 1.51 4.96 -59.06
CA ALA B 73 0.86 3.90 -58.28
C ALA B 73 -0.23 4.52 -57.42
N THR B 74 -1.38 3.84 -57.35
CA THR B 74 -2.55 4.35 -56.65
C THR B 74 -3.14 3.26 -55.78
N PHE B 75 -3.99 3.67 -54.85
CA PHE B 75 -4.59 2.74 -53.89
C PHE B 75 -6.08 2.97 -53.73
N CYS B 76 -6.70 3.76 -54.59
CA CYS B 76 -8.10 4.09 -54.47
C CYS B 76 -8.68 4.44 -55.83
N VAL B 77 -9.93 4.05 -56.04
CA VAL B 77 -10.59 4.30 -57.32
C VAL B 77 -10.82 5.78 -57.60
N TYR B 78 -10.66 6.64 -56.59
CA TYR B 78 -10.91 8.06 -56.79
C TYR B 78 -9.80 8.76 -57.57
N VAL B 79 -8.59 8.21 -57.58
CA VAL B 79 -7.49 8.84 -58.33
C VAL B 79 -7.83 8.80 -59.81
N PRO B 80 -7.81 9.94 -60.52
CA PRO B 80 -8.27 9.93 -61.92
C PRO B 80 -7.31 9.28 -62.90
N GLU B 81 -7.54 7.98 -63.16
CA GLU B 81 -6.80 7.26 -64.19
C GLU B 81 -6.79 8.01 -65.51
N GLU B 82 -7.86 8.75 -65.80
CA GLU B 82 -8.02 9.38 -67.11
C GLU B 82 -6.93 10.42 -67.35
N ILE B 83 -6.59 11.19 -66.33
CA ILE B 83 -5.62 12.27 -66.50
C ILE B 83 -4.23 11.70 -66.70
N ILE B 84 -3.85 10.71 -65.90
CA ILE B 84 -2.55 10.07 -66.06
C ILE B 84 -2.41 9.47 -67.45
N ASN B 85 -3.42 8.72 -67.90
CA ASN B 85 -3.31 8.06 -69.20
CA ASN B 85 -3.36 8.06 -69.19
C ASN B 85 -3.39 9.06 -70.35
N ALA B 86 -4.00 10.22 -70.14
CA ALA B 86 -3.99 11.25 -71.18
C ALA B 86 -2.57 11.57 -71.62
N THR B 87 -1.62 11.55 -70.69
CA THR B 87 -0.24 11.94 -70.99
C THR B 87 0.59 10.79 -71.55
N GLY B 88 0.02 9.60 -71.70
CA GLY B 88 0.78 8.43 -72.09
C GLY B 88 1.47 7.71 -70.95
N SER B 89 1.50 8.30 -69.75
CA SER B 89 2.02 7.60 -68.59
C SER B 89 1.02 6.55 -68.11
N ALA B 90 1.46 5.71 -67.17
CA ALA B 90 0.71 4.56 -66.72
C ALA B 90 0.24 4.74 -65.28
N CYS B 91 -0.93 4.15 -65.00
CA CYS B 91 -1.54 4.13 -63.68
C CYS B 91 -1.70 2.67 -63.27
N ILE B 92 -1.22 2.32 -62.08
CA ILE B 92 -1.36 0.96 -61.57
C ILE B 92 -1.86 1.02 -60.12
N GLY B 93 -2.80 0.14 -59.78
CA GLY B 93 -3.32 0.05 -58.44
C GLY B 93 -2.63 -1.04 -57.65
N LEU B 94 -2.08 -0.67 -56.49
CA LEU B 94 -1.21 -1.56 -55.72
C LEU B 94 -1.74 -1.89 -54.31
N CYS B 95 -3.05 -1.93 -54.12
CA CYS B 95 -3.56 -2.33 -52.81
C CYS B 95 -3.07 -3.73 -52.47
N GLY B 96 -2.68 -3.93 -51.20
CA GLY B 96 -2.03 -5.17 -50.79
C GLY B 96 -3.02 -6.26 -50.42
N GLY B 97 -2.68 -7.49 -50.78
CA GLY B 97 -3.54 -8.62 -50.51
C GLY B 97 -2.86 -9.86 -49.98
N ALA B 98 -1.64 -9.72 -49.44
CA ALA B 98 -0.81 -10.86 -49.08
C ALA B 98 -0.35 -10.79 -47.63
N GLN B 99 -0.53 -11.89 -46.90
CA GLN B 99 -0.04 -12.00 -45.54
C GLN B 99 1.48 -11.91 -45.47
N TYR B 100 2.18 -12.31 -46.54
CA TYR B 100 3.63 -12.44 -46.46
C TYR B 100 4.29 -11.15 -46.01
N THR B 101 3.75 -10.01 -46.44
CA THR B 101 4.34 -8.71 -46.21
C THR B 101 3.75 -7.98 -45.02
N VAL B 102 2.74 -8.55 -44.36
CA VAL B 102 2.14 -7.87 -43.21
C VAL B 102 3.17 -7.61 -42.12
N PRO B 103 3.99 -8.58 -41.69
CA PRO B 103 4.97 -8.29 -40.64
C PRO B 103 5.93 -7.15 -41.00
N ALA B 104 6.33 -7.05 -42.27
CA ALA B 104 7.17 -5.94 -42.68
C ALA B 104 6.43 -4.60 -42.56
N GLY B 105 5.14 -4.57 -42.90
CA GLY B 105 4.39 -3.35 -42.70
C GLY B 105 4.28 -2.98 -41.23
N GLU B 106 4.20 -3.98 -40.36
CA GLU B 106 4.09 -3.75 -38.93
C GLU B 106 5.37 -3.20 -38.32
N THR B 107 6.48 -3.14 -39.06
CA THR B 107 7.64 -2.47 -38.50
C THR B 107 7.41 -0.97 -38.36
N VAL B 108 6.46 -0.41 -39.12
CA VAL B 108 6.20 1.03 -39.05
C VAL B 108 4.74 1.41 -38.86
N LEU B 109 3.88 0.39 -38.83
CA LEU B 109 2.44 0.59 -38.69
C LEU B 109 1.90 -0.22 -37.52
N PRO B 110 0.79 0.20 -36.91
CA PRO B 110 0.19 -0.62 -35.84
C PRO B 110 -0.23 -1.99 -36.36
N ARG B 111 -0.19 -2.99 -35.47
CA ARG B 111 -0.68 -4.31 -35.85
C ARG B 111 -2.20 -4.32 -35.95
N ASN B 112 -2.88 -3.48 -35.17
CA ASN B 112 -4.33 -3.32 -35.27
C ASN B 112 -4.73 -2.34 -36.38
N LEU B 113 -4.27 -2.60 -37.58
CA LEU B 113 -4.57 -1.77 -38.73
C LEU B 113 -5.02 -2.69 -39.84
N CYS B 114 -5.77 -2.12 -40.77
CA CYS B 114 -6.26 -2.87 -41.92
C CYS B 114 -5.11 -3.61 -42.62
N PRO B 115 -5.25 -4.91 -42.86
CA PRO B 115 -4.14 -5.65 -43.52
C PRO B 115 -3.86 -5.21 -44.95
N LEU B 116 -4.83 -4.62 -45.65
CA LEU B 116 -4.53 -4.04 -46.96
C LEU B 116 -3.39 -3.04 -46.84
N ILE B 117 -3.48 -2.15 -45.85
CA ILE B 117 -2.47 -1.12 -45.66
C ILE B 117 -1.14 -1.74 -45.21
N LYS B 118 -1.20 -2.62 -44.21
CA LYS B 118 0.04 -3.24 -43.73
C LYS B 118 0.74 -4.01 -44.83
N SER B 119 -0.03 -4.76 -45.63
CA SER B 119 0.58 -5.56 -46.70
C SER B 119 1.21 -4.68 -47.76
N ALA B 120 0.52 -3.59 -48.15
CA ALA B 120 1.08 -2.69 -49.15
C ALA B 120 2.37 -2.05 -48.66
N MET B 121 2.35 -1.49 -47.44
CA MET B 121 3.57 -0.91 -46.87
C MET B 121 4.70 -1.93 -46.84
N GLY B 122 4.40 -3.15 -46.39
CA GLY B 122 5.43 -4.17 -46.32
C GLY B 122 6.02 -4.54 -47.66
N PHE B 123 5.19 -4.52 -48.72
CA PHE B 123 5.72 -4.75 -50.07
C PHE B 123 6.81 -3.74 -50.41
N LYS B 124 6.57 -2.45 -50.14
CA LYS B 124 7.58 -1.45 -50.46
CA LYS B 124 7.57 -1.44 -50.45
CA LYS B 124 7.57 -1.45 -50.45
C LYS B 124 8.81 -1.60 -49.57
N ILE B 125 8.60 -1.75 -48.26
CA ILE B 125 9.72 -1.85 -47.33
C ILE B 125 10.63 -3.02 -47.70
N GLU B 126 10.03 -4.19 -47.94
CA GLU B 126 10.83 -5.38 -48.23
C GLU B 126 11.37 -5.40 -49.66
N ARG B 127 10.90 -4.52 -50.53
CA ARG B 127 11.28 -4.52 -51.94
C ARG B 127 10.90 -5.85 -52.60
N ILE B 128 9.69 -6.31 -52.29
CA ILE B 128 9.19 -7.58 -52.81
C ILE B 128 8.50 -7.42 -54.16
N CYS B 129 7.93 -6.24 -54.44
CA CYS B 129 6.97 -6.11 -55.52
C CYS B 129 7.57 -5.35 -56.68
N PRO B 130 7.74 -5.98 -57.84
CA PRO B 130 8.30 -5.25 -58.98
C PRO B 130 7.42 -4.10 -59.47
N TYR B 131 6.10 -4.18 -59.29
CA TYR B 131 5.26 -3.04 -59.64
C TYR B 131 5.55 -1.86 -58.72
N PHE B 132 5.64 -2.09 -57.42
CA PHE B 132 5.98 -1.01 -56.50
C PHE B 132 7.39 -0.49 -56.76
N GLN B 133 8.31 -1.36 -57.16
CA GLN B 133 9.67 -0.92 -57.40
C GLN B 133 9.79 -0.08 -58.67
N VAL B 134 8.96 -0.35 -59.68
CA VAL B 134 9.05 0.43 -60.91
C VAL B 134 8.29 1.75 -60.81
N ALA B 135 7.38 1.88 -59.85
CA ALA B 135 6.59 3.10 -59.75
C ALA B 135 7.46 4.31 -59.46
N ASP B 136 7.14 5.42 -60.12
CA ASP B 136 7.79 6.70 -59.88
C ASP B 136 7.17 7.45 -58.72
N TYR B 137 5.84 7.44 -58.63
CA TYR B 137 5.12 8.20 -57.61
C TYR B 137 3.99 7.36 -57.05
N VAL B 138 3.61 7.65 -55.81
CA VAL B 138 2.35 7.17 -55.24
C VAL B 138 1.38 8.33 -55.18
N VAL B 139 0.15 8.08 -55.57
CA VAL B 139 -0.94 9.05 -55.45
C VAL B 139 -1.84 8.53 -54.33
N GLY B 140 -1.70 9.14 -53.15
CA GLY B 140 -2.54 8.79 -52.02
C GLY B 140 -3.75 9.69 -51.92
N GLU B 141 -4.62 9.36 -50.97
CA GLU B 141 -5.90 10.06 -50.85
C GLU B 141 -6.33 10.02 -49.39
N THR B 142 -7.08 11.04 -48.99
CA THR B 142 -7.52 11.16 -47.60
C THR B 142 -8.87 10.46 -47.46
N THR B 143 -8.82 9.13 -47.43
CA THR B 143 -10.02 8.30 -47.24
C THR B 143 -10.09 7.83 -45.79
N CYS B 144 -9.62 6.62 -45.50
CA CYS B 144 -9.67 6.13 -44.14
C CYS B 144 -8.47 6.64 -43.34
N ASP B 145 -8.60 6.55 -42.02
CA ASP B 145 -7.54 7.05 -41.13
C ASP B 145 -6.22 6.36 -41.40
N GLY B 146 -6.25 5.03 -41.55
CA GLY B 146 -5.01 4.29 -41.70
C GLY B 146 -4.24 4.66 -42.95
N LYS B 147 -4.95 4.80 -44.07
CA LYS B 147 -4.27 5.21 -45.30
C LYS B 147 -3.75 6.63 -45.18
N LYS B 148 -4.59 7.55 -44.70
CA LYS B 148 -4.19 8.95 -44.63
C LYS B 148 -2.91 9.13 -43.83
N LYS B 149 -2.80 8.44 -42.68
CA LYS B 149 -1.62 8.60 -41.85
C LYS B 149 -0.46 7.76 -42.36
N ALA B 150 -0.74 6.63 -43.02
CA ALA B 150 0.33 5.83 -43.58
C ALA B 150 1.07 6.57 -44.70
N TRP B 151 0.38 7.46 -45.43
CA TRP B 151 1.04 8.17 -46.52
C TRP B 151 2.23 8.99 -46.01
N GLU B 152 2.09 9.54 -44.80
CA GLU B 152 3.19 10.30 -44.21
C GLU B 152 4.42 9.44 -44.00
N ILE B 153 4.23 8.15 -43.72
CA ILE B 153 5.34 7.23 -43.54
C ILE B 153 5.87 6.75 -44.89
N LEU B 154 4.97 6.42 -45.81
CA LEU B 154 5.39 5.86 -47.10
C LEU B 154 6.20 6.87 -47.89
N ASN B 155 5.93 8.17 -47.73
CA ASN B 155 6.68 9.21 -48.41
C ASN B 155 8.19 9.12 -48.16
N GLU B 156 8.61 8.46 -47.08
CA GLU B 156 10.03 8.27 -46.82
CA GLU B 156 10.04 8.30 -46.85
C GLU B 156 10.67 7.27 -47.78
N TYR B 157 9.86 6.47 -48.46
CA TYR B 157 10.33 5.42 -49.36
C TYR B 157 10.11 5.72 -50.83
N ILE B 158 9.14 6.56 -51.16
CA ILE B 158 8.72 6.85 -52.54
C ILE B 158 7.89 8.13 -52.44
N PRO B 159 8.01 9.07 -53.38
CA PRO B 159 7.25 10.32 -53.24
C PRO B 159 5.75 10.07 -53.31
N VAL B 160 5.03 10.61 -52.33
CA VAL B 160 3.58 10.48 -52.24
C VAL B 160 2.94 11.83 -52.47
N TYR B 161 2.02 11.89 -53.44
CA TYR B 161 1.15 13.03 -53.66
C TYR B 161 -0.20 12.70 -53.02
N VAL B 162 -0.68 13.55 -52.13
CA VAL B 162 -1.90 13.26 -51.38
C VAL B 162 -3.02 14.15 -51.91
N MET B 163 -4.03 13.53 -52.51
CA MET B 163 -5.26 14.21 -52.89
C MET B 163 -6.21 14.28 -51.71
N GLU B 164 -6.84 15.43 -51.51
CA GLU B 164 -7.77 15.58 -50.40
C GLU B 164 -9.19 15.37 -50.91
N LEU B 165 -9.75 14.20 -50.61
CA LEU B 165 -11.15 13.91 -50.86
C LEU B 165 -12.00 14.50 -49.74
N PRO B 166 -13.12 15.15 -50.07
CA PRO B 166 -14.06 15.59 -49.02
C PRO B 166 -14.72 14.41 -48.33
N GLN B 167 -15.53 14.68 -47.31
CA GLN B 167 -16.18 13.63 -46.55
C GLN B 167 -17.70 13.70 -46.66
N LYS B 168 -18.23 14.65 -47.42
CA LYS B 168 -19.64 14.74 -47.78
C LYS B 168 -19.73 15.00 -49.28
N LYS B 169 -20.96 15.07 -49.79
CA LYS B 169 -21.16 15.25 -51.23
C LYS B 169 -22.13 16.40 -51.52
N GLU B 170 -22.10 17.44 -50.71
CA GLU B 170 -22.87 18.64 -50.98
C GLU B 170 -22.11 19.53 -51.97
N GLU B 171 -22.77 20.62 -52.40
CA GLU B 171 -22.20 21.42 -53.48
C GLU B 171 -20.81 21.94 -53.12
N ARG B 172 -20.64 22.44 -51.90
CA ARG B 172 -19.32 22.89 -51.47
C ARG B 172 -18.27 21.79 -51.62
N ASP B 173 -18.68 20.55 -51.35
CA ASP B 173 -17.74 19.42 -51.46
C ASP B 173 -17.41 19.12 -52.90
N ARG B 174 -18.42 19.17 -53.78
CA ARG B 174 -18.19 18.90 -55.19
CA ARG B 174 -18.19 18.90 -55.19
C ARG B 174 -17.27 19.94 -55.81
N LYS B 175 -17.40 21.20 -55.40
CA LYS B 175 -16.49 22.24 -55.87
C LYS B 175 -15.08 22.00 -55.35
N PHE B 176 -14.95 21.71 -54.06
CA PHE B 176 -13.66 21.37 -53.47
C PHE B 176 -12.95 20.27 -54.25
N TRP B 177 -13.67 19.18 -54.55
CA TRP B 177 -13.05 18.05 -55.23
C TRP B 177 -12.66 18.41 -56.65
N GLU B 178 -13.48 19.21 -57.33
CA GLU B 178 -13.11 19.72 -58.64
C GLU B 178 -11.78 20.46 -58.58
N GLU B 179 -11.56 21.23 -57.51
CA GLU B 179 -10.30 21.95 -57.38
C GLU B 179 -9.14 21.00 -57.10
N GLU B 180 -9.38 19.93 -56.32
CA GLU B 180 -8.35 18.92 -56.11
C GLU B 180 -7.96 18.26 -57.42
N ILE B 181 -8.94 17.97 -58.28
CA ILE B 181 -8.66 17.33 -59.56
C ILE B 181 -7.85 18.26 -60.45
N LYS B 182 -8.16 19.56 -60.40
CA LYS B 182 -7.39 20.54 -61.17
C LYS B 182 -5.96 20.65 -60.66
N ASP B 183 -5.76 20.62 -59.34
CA ASP B 183 -4.41 20.62 -58.79
C ASP B 183 -3.66 19.34 -59.17
N PHE B 184 -4.35 18.20 -59.11
CA PHE B 184 -3.68 16.96 -59.48
C PHE B 184 -3.28 16.97 -60.95
N ALA B 185 -4.14 17.51 -61.82
CA ALA B 185 -3.80 17.59 -63.24
C ALA B 185 -2.50 18.36 -63.44
N GLN B 186 -2.36 19.50 -62.76
CA GLN B 186 -1.14 20.28 -62.87
CA GLN B 186 -1.14 20.29 -62.86
C GLN B 186 0.08 19.50 -62.38
N PHE B 187 -0.10 18.63 -61.39
CA PHE B 187 1.00 17.81 -60.89
C PHE B 187 1.44 16.77 -61.92
N VAL B 188 0.47 16.15 -62.60
CA VAL B 188 0.79 15.17 -63.64
C VAL B 188 1.48 15.85 -64.82
N GLU B 189 0.94 17.00 -65.25
CA GLU B 189 1.60 17.76 -66.31
C GLU B 189 3.05 18.07 -65.94
N GLU B 190 3.27 18.47 -64.69
CA GLU B 190 4.63 18.81 -64.26
C GLU B 190 5.54 17.60 -64.28
N LYS B 191 5.07 16.47 -63.75
CA LYS B 191 5.95 15.31 -63.64
C LYS B 191 6.18 14.65 -65.01
N THR B 192 5.19 14.67 -65.90
CA THR B 192 5.33 14.06 -67.21
C THR B 192 5.84 15.03 -68.27
N GLY B 193 5.77 16.32 -68.02
CA GLY B 193 6.08 17.30 -69.04
C GLY B 193 5.12 17.31 -70.20
N VAL B 194 3.96 16.68 -70.07
CA VAL B 194 2.94 16.65 -71.11
C VAL B 194 1.78 17.54 -70.68
N LYS B 195 1.53 18.59 -71.45
CA LYS B 195 0.41 19.48 -71.23
C LYS B 195 -0.89 18.82 -71.71
N LEU B 196 -1.92 18.87 -70.88
CA LEU B 196 -3.22 18.36 -71.30
C LEU B 196 -3.86 19.31 -72.31
N ASN B 197 -4.48 18.72 -73.33
CA ASN B 197 -5.28 19.45 -74.30
C ASN B 197 -6.55 18.65 -74.55
N ALA B 198 -7.47 19.26 -75.31
CA ALA B 198 -8.73 18.57 -75.62
C ALA B 198 -8.48 17.20 -76.24
N GLU B 199 -7.43 17.08 -77.06
CA GLU B 199 -7.23 15.85 -77.82
CA GLU B 199 -7.21 15.85 -77.81
C GLU B 199 -6.74 14.72 -76.91
N ASN B 200 -5.67 14.94 -76.15
CA ASN B 200 -5.14 13.83 -75.37
C ASN B 200 -5.97 13.54 -74.12
N LEU B 201 -6.74 14.51 -73.63
CA LEU B 201 -7.60 14.19 -72.48
C LEU B 201 -8.84 13.43 -72.92
N ARG B 202 -9.48 13.83 -74.02
CA ARG B 202 -10.56 13.00 -74.55
C ARG B 202 -10.08 11.57 -74.78
N ALA B 203 -8.85 11.41 -75.28
CA ALA B 203 -8.32 10.08 -75.53
C ALA B 203 -8.12 9.31 -74.24
N GLY B 204 -7.60 9.96 -73.20
CA GLY B 204 -7.46 9.29 -71.92
C GLY B 204 -8.79 8.84 -71.37
N ILE B 205 -9.81 9.70 -71.47
CA ILE B 205 -11.15 9.36 -71.02
C ILE B 205 -11.69 8.16 -71.80
N GLU B 206 -11.54 8.20 -73.13
CA GLU B 206 -12.08 7.11 -73.95
C GLU B 206 -11.44 5.79 -73.57
N LYS B 207 -10.13 5.80 -73.30
CA LYS B 207 -9.40 4.57 -72.99
C LYS B 207 -9.92 3.93 -71.70
N ILE B 208 -10.08 4.74 -70.64
CA ILE B 208 -10.51 4.20 -69.36
C ILE B 208 -12.00 3.87 -69.39
N ASN B 209 -12.81 4.72 -70.03
CA ASN B 209 -14.22 4.42 -70.21
C ASN B 209 -14.40 3.07 -70.91
N LYS B 210 -13.57 2.77 -71.91
CA LYS B 210 -13.69 1.50 -72.61
C LYS B 210 -13.37 0.32 -71.68
N LYS B 211 -12.39 0.50 -70.79
CA LYS B 211 -12.11 -0.52 -69.79
C LYS B 211 -13.30 -0.71 -68.87
N ARG B 212 -13.85 0.40 -68.35
CA ARG B 212 -14.97 0.31 -67.43
C ARG B 212 -16.18 -0.31 -68.12
N LYS B 213 -16.45 0.10 -69.37
CA LYS B 213 -17.60 -0.42 -70.08
C LYS B 213 -17.50 -1.93 -70.27
N ALA B 214 -16.28 -2.43 -70.54
CA ALA B 214 -16.11 -3.86 -70.69
C ALA B 214 -16.40 -4.61 -69.39
N LEU B 215 -15.94 -4.05 -68.26
CA LEU B 215 -16.24 -4.66 -66.98
C LEU B 215 -17.72 -4.54 -66.63
N LYS B 216 -18.40 -3.48 -67.07
CA LYS B 216 -19.84 -3.37 -66.87
C LYS B 216 -20.58 -4.44 -67.66
N ARG B 217 -20.13 -4.71 -68.89
CA ARG B 217 -20.73 -5.75 -69.71
C ARG B 217 -20.60 -7.11 -69.06
N LEU B 218 -19.43 -7.42 -68.51
CA LEU B 218 -19.24 -8.68 -67.80
C LEU B 218 -20.12 -8.76 -66.57
N SER B 219 -20.26 -7.66 -65.84
CA SER B 219 -21.09 -7.66 -64.65
C SER B 219 -22.55 -7.93 -65.00
N ASP B 220 -23.03 -7.37 -66.11
CA ASP B 220 -24.42 -7.54 -66.51
C ASP B 220 -24.72 -9.00 -66.86
N LEU B 221 -23.78 -9.67 -67.54
CA LEU B 221 -23.99 -11.05 -67.94
C LEU B 221 -24.15 -11.99 -66.75
N ARG B 222 -23.70 -11.58 -65.55
CA ARG B 222 -23.82 -12.43 -64.38
C ARG B 222 -25.23 -12.48 -63.81
N LYS B 223 -26.16 -11.69 -64.37
CA LYS B 223 -27.55 -11.71 -63.93
C LYS B 223 -28.29 -12.95 -64.41
N HIS B 224 -27.72 -13.70 -65.34
CA HIS B 224 -28.41 -14.84 -65.93
C HIS B 224 -28.29 -16.07 -65.03
N ASN B 225 -29.32 -16.90 -65.10
CA ASN B 225 -29.39 -18.14 -64.32
C ASN B 225 -29.67 -19.26 -65.31
N PRO B 226 -28.82 -20.30 -65.37
CA PRO B 226 -27.69 -20.50 -64.46
C PRO B 226 -26.54 -19.54 -64.70
N ALA B 227 -25.85 -19.18 -63.63
CA ALA B 227 -24.70 -18.28 -63.74
C ALA B 227 -23.74 -18.81 -64.80
N PRO B 228 -23.37 -17.98 -65.79
CA PRO B 228 -22.45 -18.47 -66.84
C PRO B 228 -20.99 -18.48 -66.46
N ILE B 229 -20.61 -17.87 -65.34
CA ILE B 229 -19.22 -17.82 -64.90
C ILE B 229 -19.21 -17.80 -63.38
N HIS B 230 -18.24 -18.48 -62.78
CA HIS B 230 -18.07 -18.42 -61.35
C HIS B 230 -17.58 -17.03 -60.95
N GLY B 231 -18.02 -16.56 -59.78
CA GLY B 231 -17.60 -15.24 -59.32
C GLY B 231 -16.11 -15.14 -59.04
N LEU B 232 -15.47 -16.25 -58.67
CA LEU B 232 -14.04 -16.20 -58.39
C LEU B 232 -13.25 -15.78 -59.62
N ASP B 233 -13.70 -16.20 -60.81
CA ASP B 233 -13.02 -15.79 -62.03
C ASP B 233 -13.25 -14.31 -62.33
N VAL B 234 -14.44 -13.79 -62.02
CA VAL B 234 -14.68 -12.38 -62.29
C VAL B 234 -13.91 -11.51 -61.29
N LEU B 235 -13.82 -11.95 -60.04
CA LEU B 235 -12.99 -11.22 -59.08
C LEU B 235 -11.57 -11.08 -59.60
N LEU B 236 -10.99 -12.18 -60.09
CA LEU B 236 -9.64 -12.15 -60.63
C LEU B 236 -9.52 -11.12 -61.75
N ILE B 237 -10.48 -11.11 -62.67
CA ILE B 237 -10.44 -10.17 -63.79
C ILE B 237 -10.47 -8.74 -63.27
N ASN B 238 -11.39 -8.46 -62.33
CA ASN B 238 -11.50 -7.12 -61.78
C ASN B 238 -10.22 -6.72 -61.04
N GLN B 239 -9.54 -7.70 -60.44
CA GLN B 239 -8.26 -7.43 -59.79
C GLN B 239 -7.19 -7.04 -60.80
N LEU B 240 -7.12 -7.77 -61.92
CA LEU B 240 -6.10 -7.50 -62.93
C LEU B 240 -6.36 -6.18 -63.66
N ALA B 241 -7.60 -5.68 -63.60
CA ALA B 241 -7.92 -4.41 -64.24
C ALA B 241 -7.04 -3.28 -63.73
N PHE B 242 -6.49 -3.41 -62.54
CA PHE B 242 -5.78 -2.31 -61.93
C PHE B 242 -4.34 -2.17 -62.39
N PHE B 243 -3.78 -3.15 -63.10
CA PHE B 243 -2.41 -2.96 -63.59
C PHE B 243 -2.13 -3.54 -64.97
N ASP B 244 -3.10 -4.16 -65.64
CA ASP B 244 -2.93 -4.56 -67.02
C ASP B 244 -3.00 -3.34 -67.94
N ASP B 245 -2.59 -3.53 -69.19
CA ASP B 245 -2.74 -2.48 -70.19
C ASP B 245 -4.22 -2.27 -70.48
N PRO B 246 -4.73 -1.03 -70.44
CA PRO B 246 -6.19 -0.86 -70.53
C PRO B 246 -6.77 -1.31 -71.86
N GLU B 247 -6.08 -1.05 -72.97
CA GLU B 247 -6.59 -1.44 -74.28
CA GLU B 247 -6.59 -1.44 -74.28
C GLU B 247 -6.64 -2.95 -74.42
N ARG B 248 -5.53 -3.63 -74.16
CA ARG B 248 -5.49 -5.08 -74.26
C ARG B 248 -6.45 -5.71 -73.27
N PHE B 249 -6.49 -5.18 -72.05
CA PHE B 249 -7.40 -5.74 -71.04
C PHE B 249 -8.85 -5.64 -71.50
N ALA B 250 -9.28 -4.45 -71.93
CA ALA B 250 -10.65 -4.30 -72.39
C ALA B 250 -10.96 -5.27 -73.52
N THR B 251 -10.00 -5.46 -74.43
CA THR B 251 -10.21 -6.38 -75.54
C THR B 251 -10.42 -7.80 -75.03
N LYS B 252 -9.61 -8.23 -74.06
CA LYS B 252 -9.74 -9.60 -73.56
C LYS B 252 -11.00 -9.78 -72.71
N VAL B 253 -11.43 -8.73 -72.01
CA VAL B 253 -12.70 -8.83 -71.28
C VAL B 253 -13.86 -8.96 -72.26
N ASN B 254 -13.84 -8.17 -73.33
CA ASN B 254 -14.91 -8.24 -74.31
C ASN B 254 -14.93 -9.59 -75.03
N GLU B 255 -13.77 -10.16 -75.30
CA GLU B 255 -13.73 -11.51 -75.87
C GLU B 255 -14.34 -12.51 -74.91
N LEU B 256 -14.08 -12.36 -73.61
CA LEU B 256 -14.74 -13.24 -72.63
C LEU B 256 -16.25 -13.05 -72.67
N CYS B 257 -16.71 -11.79 -72.74
CA CYS B 257 -18.15 -11.54 -72.77
C CYS B 257 -18.79 -12.20 -73.99
N ASP B 258 -18.13 -12.14 -75.15
CA ASP B 258 -18.64 -12.84 -76.32
C ASP B 258 -18.89 -14.31 -76.02
N GLU B 259 -17.94 -14.96 -75.33
CA GLU B 259 -18.09 -16.38 -75.04
C GLU B 259 -19.19 -16.61 -74.00
N LEU B 260 -19.29 -15.73 -73.01
CA LEU B 260 -20.36 -15.88 -72.03
C LEU B 260 -21.73 -15.70 -72.67
N GLU B 261 -21.84 -14.84 -73.68
CA GLU B 261 -23.10 -14.70 -74.40
C GLU B 261 -23.50 -16.01 -75.07
N GLU B 262 -22.51 -16.75 -75.60
CA GLU B 262 -22.81 -18.05 -76.18
C GLU B 262 -23.34 -19.01 -75.12
N ARG B 263 -22.74 -19.00 -73.93
CA ARG B 263 -23.21 -19.86 -72.86
C ARG B 263 -24.66 -19.55 -72.52
N VAL B 264 -24.98 -18.26 -72.36
CA VAL B 264 -26.35 -17.88 -72.00
C VAL B 264 -27.33 -18.31 -73.09
N ALA B 265 -26.94 -18.15 -74.35
CA ALA B 265 -27.83 -18.53 -75.45
C ALA B 265 -28.16 -20.02 -75.45
N LYS B 266 -27.37 -20.83 -74.74
CA LYS B 266 -27.63 -22.26 -74.63
C LYS B 266 -28.06 -22.66 -73.23
N GLY B 267 -28.35 -21.69 -72.36
CA GLY B 267 -28.72 -22.00 -70.99
C GLY B 267 -27.66 -22.77 -70.23
N GLU B 268 -26.39 -22.60 -70.59
CA GLU B 268 -25.30 -23.28 -69.92
C GLU B 268 -24.76 -22.43 -68.78
N GLY B 269 -24.39 -23.11 -67.69
CA GLY B 269 -23.89 -22.43 -66.52
C GLY B 269 -22.83 -23.26 -65.82
N VAL B 270 -22.27 -22.68 -64.77
CA VAL B 270 -21.21 -23.34 -63.99
C VAL B 270 -21.75 -24.01 -62.75
N VAL B 271 -23.01 -23.76 -62.40
CA VAL B 271 -23.65 -24.34 -61.23
C VAL B 271 -25.06 -24.74 -61.64
N SER B 272 -25.62 -25.68 -60.88
CA SER B 272 -27.06 -25.95 -60.97
C SER B 272 -27.79 -24.63 -60.74
N LYS B 273 -29.03 -24.51 -61.16
CA LYS B 273 -29.73 -23.25 -60.97
C LYS B 273 -30.43 -23.18 -59.63
N ASP B 274 -30.37 -24.24 -58.83
CA ASP B 274 -30.81 -24.20 -57.44
C ASP B 274 -29.68 -23.80 -56.50
N ALA B 275 -28.47 -23.57 -57.02
CA ALA B 275 -27.38 -23.08 -56.18
C ALA B 275 -27.68 -21.66 -55.70
N PRO B 276 -27.39 -21.35 -54.44
CA PRO B 276 -27.70 -20.00 -53.93
C PRO B 276 -26.80 -18.95 -54.58
N ARG B 277 -27.43 -17.86 -55.05
CA ARG B 277 -26.74 -16.76 -55.68
C ARG B 277 -26.45 -15.69 -54.63
N ILE B 278 -25.18 -15.29 -54.55
CA ILE B 278 -24.69 -14.47 -53.45
C ILE B 278 -24.18 -13.15 -54.00
N LEU B 279 -24.56 -12.07 -53.33
CA LEU B 279 -23.93 -10.76 -53.51
C LEU B 279 -22.97 -10.52 -52.35
N ILE B 280 -21.74 -10.21 -52.69
CA ILE B 280 -20.76 -9.71 -51.74
C ILE B 280 -20.81 -8.19 -51.76
N THR B 281 -20.75 -7.58 -50.58
CA THR B 281 -20.66 -6.13 -50.46
C THR B 281 -19.65 -5.81 -49.37
N GLY B 282 -18.93 -4.70 -49.54
CA GLY B 282 -18.00 -4.27 -48.52
C GLY B 282 -16.70 -3.74 -49.08
N THR B 283 -15.58 -4.19 -48.53
CA THR B 283 -14.27 -3.69 -48.89
C THR B 283 -13.72 -4.41 -50.12
N PRO B 284 -12.79 -3.79 -50.83
CA PRO B 284 -12.15 -4.47 -51.97
C PRO B 284 -11.37 -5.69 -51.50
N GLN B 285 -11.27 -6.69 -52.37
CA GLN B 285 -10.50 -7.90 -52.12
C GLN B 285 -9.31 -7.90 -53.07
N PRO B 286 -8.17 -7.33 -52.68
CA PRO B 286 -7.05 -7.24 -53.63
C PRO B 286 -6.42 -8.60 -53.87
N ILE B 287 -5.77 -8.71 -55.02
CA ILE B 287 -5.10 -9.96 -55.38
C ILE B 287 -3.95 -10.20 -54.41
N PRO B 288 -3.75 -11.44 -53.89
CA PRO B 288 -4.47 -12.70 -54.13
C PRO B 288 -5.43 -13.11 -53.01
N HIS B 289 -6.24 -12.16 -52.52
CA HIS B 289 -7.16 -12.43 -51.41
C HIS B 289 -8.45 -13.03 -51.96
N TRP B 290 -8.37 -14.31 -52.33
CA TRP B 290 -9.47 -15.02 -52.97
C TRP B 290 -10.32 -15.82 -52.00
N LYS B 291 -9.95 -15.82 -50.72
CA LYS B 291 -10.49 -16.77 -49.75
C LYS B 291 -12.01 -16.81 -49.74
N ILE B 292 -12.65 -15.64 -49.66
CA ILE B 292 -14.08 -15.61 -49.39
C ILE B 292 -14.87 -16.16 -50.58
N HIS B 293 -14.55 -15.70 -51.79
CA HIS B 293 -15.18 -16.25 -52.97
C HIS B 293 -14.97 -17.76 -53.04
N ALA B 294 -13.74 -18.21 -52.80
CA ALA B 294 -13.41 -19.63 -52.93
C ALA B 294 -14.20 -20.46 -51.94
N LEU B 295 -14.43 -19.95 -50.73
CA LEU B 295 -15.20 -20.70 -49.75
C LEU B 295 -16.68 -20.74 -50.10
N ILE B 296 -17.24 -19.60 -50.50
CA ILE B 296 -18.63 -19.56 -50.92
C ILE B 296 -18.87 -20.56 -52.06
N GLU B 297 -18.05 -20.48 -53.11
CA GLU B 297 -18.26 -21.29 -54.29
C GLU B 297 -17.79 -22.74 -54.07
N GLY B 298 -16.81 -22.94 -53.19
CA GLY B 298 -16.50 -24.31 -52.76
C GLY B 298 -17.61 -24.96 -51.98
N ALA B 299 -18.51 -24.17 -51.38
CA ALA B 299 -19.62 -24.70 -50.62
C ALA B 299 -20.89 -24.85 -51.47
N GLY B 300 -20.80 -24.65 -52.78
CA GLY B 300 -21.93 -24.83 -53.66
C GLY B 300 -22.66 -23.59 -54.07
N GLY B 301 -22.30 -22.43 -53.53
CA GLY B 301 -22.89 -21.18 -53.96
C GLY B 301 -22.20 -20.63 -55.19
N VAL B 302 -22.76 -19.53 -55.70
CA VAL B 302 -22.11 -18.78 -56.77
C VAL B 302 -22.25 -17.30 -56.44
N VAL B 303 -21.12 -16.59 -56.42
CA VAL B 303 -21.14 -15.14 -56.26
C VAL B 303 -21.45 -14.54 -57.61
N VAL B 304 -22.50 -13.73 -57.67
CA VAL B 304 -22.98 -13.14 -58.93
C VAL B 304 -22.73 -11.64 -58.98
N GLY B 305 -22.21 -11.03 -57.93
CA GLY B 305 -21.79 -9.65 -57.99
C GLY B 305 -20.97 -9.27 -56.77
N GLU B 306 -20.26 -8.15 -56.90
CA GLU B 306 -19.43 -7.59 -55.84
C GLU B 306 -19.69 -6.10 -55.74
N GLU B 307 -20.35 -5.65 -54.68
CA GLU B 307 -20.48 -4.22 -54.41
C GLU B 307 -19.25 -3.81 -53.60
N THR B 308 -18.14 -3.67 -54.33
CA THR B 308 -16.85 -3.28 -53.76
C THR B 308 -16.06 -2.54 -54.84
N CYS B 309 -14.93 -1.96 -54.44
CA CYS B 309 -14.11 -1.21 -55.41
C CYS B 309 -13.21 -2.10 -56.26
N ILE B 310 -13.15 -3.40 -55.97
CA ILE B 310 -12.65 -4.40 -56.91
C ILE B 310 -13.89 -5.18 -57.30
N GLY B 311 -14.69 -4.56 -58.14
CA GLY B 311 -16.08 -4.88 -58.35
C GLY B 311 -16.83 -3.63 -58.81
N GLU B 312 -18.14 -3.61 -58.51
CA GLU B 312 -19.05 -2.68 -59.16
C GLU B 312 -18.67 -1.22 -58.94
N ARG B 313 -18.15 -0.89 -57.75
CA ARG B 313 -17.81 0.50 -57.47
C ARG B 313 -16.72 1.02 -58.40
N TYR B 314 -15.89 0.13 -58.96
CA TYR B 314 -14.83 0.57 -59.85
C TYR B 314 -15.35 0.98 -61.22
N PHE B 315 -16.23 0.18 -61.80
CA PHE B 315 -16.55 0.34 -63.22
C PHE B 315 -17.94 0.87 -63.50
N LYS B 316 -18.78 1.05 -62.49
CA LYS B 316 -20.17 1.39 -62.77
C LYS B 316 -20.31 2.74 -63.45
N ASP B 317 -19.47 3.72 -63.11
CA ASP B 317 -19.66 5.09 -63.54
C ASP B 317 -18.64 5.49 -64.60
N LEU B 318 -19.14 5.99 -65.72
CA LEU B 318 -18.32 6.41 -66.84
C LEU B 318 -18.27 7.93 -66.93
N VAL B 319 -17.16 8.44 -67.46
CA VAL B 319 -17.02 9.89 -67.63
C VAL B 319 -17.88 10.35 -68.80
N GLU B 320 -18.66 11.42 -68.58
CA GLU B 320 -19.43 12.02 -69.66
C GLU B 320 -18.56 12.97 -70.47
N PRO B 321 -18.79 13.04 -71.78
CA PRO B 321 -17.92 13.87 -72.64
C PRO B 321 -18.12 15.36 -72.40
N ALA B 322 -17.09 16.11 -72.77
CA ALA B 322 -17.14 17.56 -72.78
C ALA B 322 -16.26 18.06 -73.92
N ALA B 323 -16.43 19.34 -74.26
CA ALA B 323 -15.79 19.87 -75.47
C ALA B 323 -14.35 20.33 -75.22
N ASP B 324 -14.04 20.78 -74.01
CA ASP B 324 -12.74 21.37 -73.72
C ASP B 324 -12.14 20.75 -72.47
N VAL B 325 -10.92 21.18 -72.15
CA VAL B 325 -10.18 20.57 -71.05
C VAL B 325 -10.85 20.88 -69.71
N GLU B 326 -11.35 22.11 -69.55
CA GLU B 326 -11.96 22.49 -68.28
C GLU B 326 -13.22 21.65 -68.02
N GLY B 327 -14.07 21.52 -69.03
CA GLY B 327 -15.26 20.71 -68.88
C GLY B 327 -14.93 19.25 -68.62
N MET B 328 -13.89 18.74 -69.27
CA MET B 328 -13.51 17.34 -69.09
C MET B 328 -13.00 17.08 -67.68
N LEU B 329 -12.21 18.00 -67.13
CA LEU B 329 -11.74 17.82 -65.76
C LEU B 329 -12.90 17.85 -64.79
N LYS B 330 -13.85 18.79 -64.99
CA LYS B 330 -15.06 18.79 -64.17
C LYS B 330 -15.77 17.45 -64.23
N ASN B 331 -15.88 16.87 -65.42
CA ASN B 331 -16.61 15.62 -65.57
C ASN B 331 -15.84 14.43 -65.00
N ILE B 332 -14.51 14.48 -65.03
CA ILE B 332 -13.70 13.44 -64.40
C ILE B 332 -13.90 13.47 -62.89
N ALA B 333 -13.92 14.67 -62.31
CA ALA B 333 -14.17 14.81 -60.88
C ALA B 333 -15.56 14.30 -60.52
N ALA B 334 -16.55 14.64 -61.33
CA ALA B 334 -17.91 14.19 -61.08
C ALA B 334 -18.01 12.67 -61.14
N ARG B 335 -17.29 12.04 -62.08
CA ARG B 335 -17.35 10.59 -62.20
C ARG B 335 -16.91 9.93 -60.89
N SER B 336 -15.75 10.34 -60.38
CA SER B 336 -15.21 9.68 -59.19
C SER B 336 -16.11 9.92 -57.98
N LEU B 337 -16.71 11.10 -57.87
CA LEU B 337 -17.54 11.40 -56.71
C LEU B 337 -18.88 10.68 -56.72
N LYS B 338 -19.21 9.95 -57.78
CA LYS B 338 -20.35 9.05 -57.76
C LYS B 338 -20.08 7.75 -57.03
N VAL B 339 -18.82 7.46 -56.71
CA VAL B 339 -18.46 6.23 -56.02
C VAL B 339 -18.91 6.34 -54.57
N ASN B 340 -19.70 5.37 -54.12
CA ASN B 340 -20.35 5.45 -52.82
C ASN B 340 -19.54 4.71 -51.76
N CYS B 341 -18.40 5.29 -51.43
CA CYS B 341 -17.50 4.71 -50.43
C CYS B 341 -17.97 5.05 -49.02
N ALA B 342 -17.69 4.15 -48.09
CA ALA B 342 -18.12 4.37 -46.70
C ALA B 342 -17.36 5.50 -46.02
N CYS B 343 -16.29 6.03 -46.64
CA CYS B 343 -15.62 7.19 -46.07
CA CYS B 343 -15.61 7.19 -46.08
C CYS B 343 -16.45 8.46 -46.20
N PHE B 344 -17.56 8.42 -46.93
CA PHE B 344 -18.45 9.57 -47.03
C PHE B 344 -19.60 9.42 -46.03
N THR B 345 -20.14 10.57 -45.59
CA THR B 345 -21.27 10.54 -44.68
C THR B 345 -22.38 11.49 -45.13
N PRO B 346 -23.64 11.03 -45.11
CA PRO B 346 -24.05 9.64 -45.00
C PRO B 346 -23.66 8.99 -46.32
N ASN B 347 -23.85 7.69 -46.48
CA ASN B 347 -23.51 7.02 -47.73
C ASN B 347 -24.73 6.27 -48.25
N THR B 348 -25.86 6.98 -48.28
CA THR B 348 -27.13 6.31 -48.58
C THR B 348 -27.12 5.72 -49.98
N GLY B 349 -26.36 6.31 -50.90
CA GLY B 349 -26.28 5.77 -52.25
C GLY B 349 -25.81 4.33 -52.30
N ARG B 350 -24.94 3.93 -51.37
CA ARG B 350 -24.44 2.56 -51.40
C ARG B 350 -25.56 1.57 -51.10
N LEU B 351 -26.39 1.88 -50.10
CA LEU B 351 -27.54 1.03 -49.80
C LEU B 351 -28.47 0.91 -51.00
N GLU B 352 -28.71 2.02 -51.70
CA GLU B 352 -29.51 1.94 -52.92
C GLU B 352 -28.85 1.00 -53.93
N ASP B 353 -27.53 1.09 -54.07
CA ASP B 353 -26.84 0.23 -55.03
C ASP B 353 -26.99 -1.24 -54.65
N ILE B 354 -26.83 -1.55 -53.36
CA ILE B 354 -26.98 -2.94 -52.90
C ILE B 354 -28.36 -3.45 -53.26
N LEU B 355 -29.41 -2.70 -52.90
CA LEU B 355 -30.77 -3.15 -53.16
C LEU B 355 -31.02 -3.36 -54.64
N SER B 356 -30.53 -2.44 -55.47
CA SER B 356 -30.69 -2.56 -56.91
C SER B 356 -29.98 -3.80 -57.45
N MET B 357 -28.79 -4.10 -56.91
CA MET B 357 -28.05 -5.28 -57.34
C MET B 357 -28.75 -6.57 -56.91
N VAL B 358 -29.35 -6.57 -55.72
CA VAL B 358 -30.05 -7.77 -55.27
C VAL B 358 -31.17 -8.13 -56.23
N GLN B 359 -31.90 -7.13 -56.72
CA GLN B 359 -32.98 -7.36 -57.67
C GLN B 359 -32.43 -7.79 -59.03
N LYS B 360 -31.49 -7.01 -59.59
CA LYS B 360 -31.07 -7.27 -60.96
C LYS B 360 -30.36 -8.62 -61.09
N LEU B 361 -29.55 -8.99 -60.10
CA LEU B 361 -28.76 -10.21 -60.16
C LEU B 361 -29.50 -11.40 -59.57
N GLN B 362 -30.75 -11.23 -59.14
CA GLN B 362 -31.56 -12.32 -58.59
C GLN B 362 -30.82 -13.02 -57.46
N VAL B 363 -30.54 -12.23 -56.42
CA VAL B 363 -29.69 -12.68 -55.32
C VAL B 363 -30.55 -13.30 -54.22
N ASP B 364 -30.07 -14.42 -53.69
CA ASP B 364 -30.72 -15.10 -52.57
C ASP B 364 -30.21 -14.67 -51.21
N GLY B 365 -28.99 -14.14 -51.13
CA GLY B 365 -28.43 -13.71 -49.86
C GLY B 365 -27.23 -12.81 -50.06
N VAL B 366 -27.05 -11.89 -49.12
CA VAL B 366 -25.99 -10.89 -49.19
C VAL B 366 -24.97 -11.20 -48.11
N ILE B 367 -23.70 -11.31 -48.51
CA ILE B 367 -22.60 -11.46 -47.57
C ILE B 367 -21.84 -10.14 -47.53
N HIS B 368 -21.83 -9.50 -46.36
CA HIS B 368 -21.08 -8.28 -46.15
C HIS B 368 -19.71 -8.67 -45.62
N TYR B 369 -18.68 -8.51 -46.45
CA TYR B 369 -17.33 -8.88 -46.09
C TYR B 369 -16.47 -7.62 -45.99
N SER B 370 -15.88 -7.39 -44.83
CA SER B 370 -14.96 -6.28 -44.64
C SER B 370 -13.72 -6.78 -43.91
N LEU B 371 -12.58 -6.22 -44.30
CA LEU B 371 -11.31 -6.60 -43.70
C LEU B 371 -11.25 -6.17 -42.24
N GLN B 372 -10.64 -7.02 -41.42
CA GLN B 372 -10.43 -6.71 -40.01
C GLN B 372 -9.79 -5.34 -39.83
N PHE B 373 -10.35 -4.56 -38.91
CA PHE B 373 -9.90 -3.22 -38.53
C PHE B 373 -10.22 -2.16 -39.58
N CYS B 374 -11.01 -2.49 -40.61
CA CYS B 374 -11.53 -1.46 -41.49
C CYS B 374 -12.73 -0.82 -40.78
N GLN B 375 -12.53 0.39 -40.28
CA GLN B 375 -13.57 0.99 -39.44
CA GLN B 375 -13.56 1.01 -39.45
C GLN B 375 -14.66 1.65 -40.28
N PRO B 376 -14.37 2.25 -41.44
CA PRO B 376 -15.48 2.82 -42.23
C PRO B 376 -16.53 1.78 -42.60
N TYR B 377 -16.12 0.64 -43.15
CA TYR B 377 -17.07 -0.38 -43.56
C TYR B 377 -17.55 -1.21 -42.38
N GLY B 378 -16.68 -1.41 -41.38
CA GLY B 378 -17.08 -2.11 -40.18
C GLY B 378 -18.22 -1.41 -39.47
N VAL B 379 -18.11 -0.09 -39.28
CA VAL B 379 -19.18 0.62 -38.60
C VAL B 379 -20.43 0.65 -39.48
N GLU B 380 -20.25 0.99 -40.76
CA GLU B 380 -21.40 1.12 -41.66
C GLU B 380 -22.19 -0.18 -41.77
N SER B 381 -21.57 -1.33 -41.48
CA SER B 381 -22.24 -2.60 -41.65
C SER B 381 -23.51 -2.71 -40.81
N TYR B 382 -23.57 -1.96 -39.70
CA TYR B 382 -24.74 -2.04 -38.84
C TYR B 382 -25.99 -1.51 -39.54
N LEU B 383 -25.90 -0.32 -40.13
CA LEU B 383 -27.05 0.26 -40.81
C LEU B 383 -27.39 -0.50 -42.08
N VAL B 384 -26.39 -1.04 -42.77
CA VAL B 384 -26.66 -1.84 -43.96
C VAL B 384 -27.45 -3.09 -43.58
N GLY B 385 -26.95 -3.84 -42.59
CA GLY B 385 -27.64 -5.05 -42.17
C GLY B 385 -29.06 -4.79 -41.72
N ARG B 386 -29.26 -3.71 -40.98
CA ARG B 386 -30.58 -3.39 -40.43
CA ARG B 386 -30.60 -3.48 -40.44
C ARG B 386 -31.57 -3.06 -41.55
N GLU B 387 -31.12 -2.34 -42.57
CA GLU B 387 -32.03 -2.02 -43.66
C GLU B 387 -32.36 -3.25 -44.50
N LEU B 388 -31.36 -4.11 -44.76
CA LEU B 388 -31.64 -5.35 -45.47
C LEU B 388 -32.56 -6.25 -44.66
N GLU B 389 -32.47 -6.18 -43.32
CA GLU B 389 -33.45 -6.84 -42.46
C GLU B 389 -34.85 -6.33 -42.73
N ARG B 390 -35.02 -5.01 -42.74
CA ARG B 390 -36.34 -4.43 -42.96
C ARG B 390 -36.92 -4.83 -44.31
N ARG B 391 -36.07 -5.17 -45.27
CA ARG B 391 -36.50 -5.56 -46.60
C ARG B 391 -36.44 -7.06 -46.80
N ASN B 392 -36.24 -7.83 -45.73
CA ASN B 392 -36.31 -9.28 -45.77
C ASN B 392 -35.31 -9.87 -46.76
N ILE B 393 -34.11 -9.30 -46.77
CA ILE B 393 -33.01 -9.82 -47.58
C ILE B 393 -32.05 -10.54 -46.63
N PRO B 394 -31.81 -11.83 -46.81
CA PRO B 394 -30.86 -12.52 -45.92
C PRO B 394 -29.48 -11.89 -46.00
N PHE B 395 -28.83 -11.80 -44.83
CA PHE B 395 -27.64 -10.98 -44.65
C PHE B 395 -26.69 -11.68 -43.67
N LEU B 396 -25.43 -11.79 -44.05
CA LEU B 396 -24.39 -12.38 -43.21
C LEU B 396 -23.18 -11.45 -43.19
N LYS B 397 -22.80 -11.00 -42.00
CA LYS B 397 -21.63 -10.16 -41.83
C LYS B 397 -20.42 -11.03 -41.53
N LEU B 398 -19.39 -10.94 -42.37
CA LEU B 398 -18.12 -11.62 -42.16
C LEU B 398 -16.98 -10.61 -42.12
N GLU B 399 -15.93 -10.95 -41.36
CA GLU B 399 -14.68 -10.20 -41.39
C GLU B 399 -13.52 -11.18 -41.29
N SER B 400 -12.40 -10.82 -41.90
CA SER B 400 -11.22 -11.67 -41.82
C SER B 400 -9.99 -10.86 -42.21
N ASP B 401 -8.84 -11.50 -42.14
CA ASP B 401 -7.57 -10.90 -42.55
C ASP B 401 -6.96 -11.79 -43.64
N PHE B 402 -5.69 -11.58 -43.93
CA PHE B 402 -5.06 -12.28 -45.04
C PHE B 402 -4.54 -13.66 -44.65
N SER B 403 -4.63 -14.04 -43.37
CA SER B 403 -4.21 -15.39 -42.99
C SER B 403 -5.25 -16.40 -43.44
N GLU B 404 -4.80 -17.57 -43.88
CA GLU B 404 -5.67 -18.49 -44.57
C GLU B 404 -6.36 -19.52 -43.68
N GLU B 405 -5.85 -19.79 -42.48
CA GLU B 405 -6.27 -20.96 -41.74
C GLU B 405 -7.47 -20.74 -40.83
N ASP B 406 -8.17 -19.60 -40.94
CA ASP B 406 -9.47 -19.45 -40.32
C ASP B 406 -10.60 -19.93 -41.24
N GLN B 407 -10.26 -20.75 -42.25
CA GLN B 407 -11.28 -21.27 -43.16
C GLN B 407 -12.35 -22.05 -42.42
N GLY B 408 -11.98 -22.77 -41.36
CA GLY B 408 -12.94 -23.57 -40.64
C GLY B 408 -14.04 -22.73 -40.02
N GLN B 409 -13.66 -21.60 -39.44
CA GLN B 409 -14.65 -20.68 -38.87
C GLN B 409 -15.52 -20.08 -39.96
N LEU B 410 -14.89 -19.58 -41.03
CA LEU B 410 -15.64 -18.95 -42.11
C LEU B 410 -16.55 -19.96 -42.81
N LYS B 411 -16.08 -21.19 -42.99
CA LYS B 411 -16.91 -22.20 -43.66
C LYS B 411 -18.20 -22.44 -42.90
N THR B 412 -18.11 -22.59 -41.58
CA THR B 412 -19.32 -22.89 -40.81
C THR B 412 -20.32 -21.75 -40.90
N ARG B 413 -19.85 -20.50 -40.82
CA ARG B 413 -20.75 -19.36 -40.98
C ARG B 413 -21.36 -19.34 -42.38
N ILE B 414 -20.52 -19.49 -43.41
CA ILE B 414 -21.03 -19.44 -44.78
C ILE B 414 -22.00 -20.58 -45.03
N GLU B 415 -21.63 -21.80 -44.63
CA GLU B 415 -22.47 -22.95 -44.93
C GLU B 415 -23.78 -22.91 -44.16
N ALA B 416 -23.77 -22.42 -42.92
CA ALA B 416 -25.03 -22.24 -42.20
C ALA B 416 -25.92 -21.21 -42.91
N PHE B 417 -25.30 -20.17 -43.48
CA PHE B 417 -26.06 -19.16 -44.22
C PHE B 417 -26.66 -19.76 -45.48
N LEU B 418 -25.87 -20.53 -46.23
CA LEU B 418 -26.39 -21.16 -47.43
C LEU B 418 -27.50 -22.15 -47.09
N GLU B 419 -27.34 -22.92 -46.01
CA GLU B 419 -28.43 -23.79 -45.57
C GLU B 419 -29.68 -22.99 -45.28
N MET B 420 -29.53 -21.85 -44.59
CA MET B 420 -30.70 -21.09 -44.16
C MET B 420 -31.46 -20.50 -45.34
N ILE B 421 -30.78 -20.12 -46.43
CA ILE B 421 -31.43 -19.42 -47.53
C ILE B 421 -31.83 -20.34 -48.67
N LYS B 422 -31.48 -21.62 -48.60
CA LYS B 422 -31.86 -22.58 -49.63
C LYS B 422 -33.37 -22.76 -49.68
N MET C 1 23.03 -14.66 1.36
CA MET C 1 23.29 -13.31 1.93
C MET C 1 22.54 -12.20 1.19
N PHE C 2 22.56 -12.23 -0.14
CA PHE C 2 21.84 -11.27 -0.96
C PHE C 2 20.88 -12.03 -1.87
N ALA C 3 19.60 -11.68 -1.81
CA ALA C 3 18.56 -12.47 -2.46
C ALA C 3 17.82 -11.68 -3.51
N GLY C 4 17.55 -12.34 -4.64
CA GLY C 4 16.71 -11.84 -5.69
C GLY C 4 15.54 -12.76 -5.93
N LEU C 5 14.33 -12.23 -5.86
CA LEU C 5 13.10 -12.99 -5.98
C LEU C 5 12.31 -12.48 -7.19
N ASP C 6 12.10 -13.36 -8.16
CA ASP C 6 11.39 -13.04 -9.41
C ASP C 6 10.06 -13.78 -9.41
N LEU C 7 8.98 -13.04 -9.14
CA LEU C 7 7.65 -13.62 -9.00
C LEU C 7 6.89 -13.45 -10.30
N GLY C 8 7.18 -14.35 -11.24
CA GLY C 8 6.65 -14.24 -12.57
C GLY C 8 5.22 -14.74 -12.69
N SER C 9 4.63 -14.46 -13.86
CA SER C 9 3.25 -14.85 -14.09
C SER C 9 3.04 -16.34 -14.01
N THR C 10 4.05 -17.13 -14.39
CA THR C 10 3.97 -18.59 -14.41
C THR C 10 4.86 -19.26 -13.38
N ASN C 11 6.11 -18.83 -13.27
CA ASN C 11 7.07 -19.41 -12.35
C ASN C 11 7.67 -18.33 -11.47
N SER C 12 8.04 -18.73 -10.26
CA SER C 12 8.78 -17.89 -9.34
C SER C 12 10.18 -18.45 -9.12
N LYS C 13 11.14 -17.55 -9.02
CA LYS C 13 12.56 -17.90 -8.97
C LYS C 13 13.23 -17.11 -7.86
N LEU C 14 14.17 -17.77 -7.19
CA LEU C 14 14.98 -17.15 -6.15
C LEU C 14 16.44 -17.46 -6.44
N VAL C 15 17.27 -16.44 -6.43
CA VAL C 15 18.72 -16.57 -6.48
C VAL C 15 19.28 -15.98 -5.20
N ILE C 16 20.17 -16.71 -4.54
CA ILE C 16 20.85 -16.21 -3.36
C ILE C 16 22.34 -16.16 -3.67
N ILE C 17 22.93 -14.98 -3.53
CA ILE C 17 24.37 -14.79 -3.70
C ILE C 17 25.00 -14.85 -2.32
N LYS C 18 26.04 -15.66 -2.17
CA LYS C 18 26.78 -15.76 -0.92
C LYS C 18 27.87 -14.69 -0.86
N GLU C 19 28.66 -14.70 0.22
CA GLU C 19 29.70 -13.68 0.35
C GLU C 19 30.86 -13.96 -0.61
N ASP C 20 31.13 -15.22 -0.93
CA ASP C 20 32.17 -15.58 -1.88
C ASP C 20 31.86 -15.17 -3.32
N GLY C 21 30.60 -14.83 -3.62
CA GLY C 21 30.17 -14.60 -4.98
C GLY C 21 29.47 -15.78 -5.62
N SER C 22 29.57 -16.97 -5.04
CA SER C 22 28.77 -18.11 -5.44
C SER C 22 27.29 -17.75 -5.38
N TYR C 23 26.47 -18.55 -6.07
CA TYR C 23 25.04 -18.37 -5.92
C TYR C 23 24.30 -19.68 -6.17
N THR C 24 23.13 -19.81 -5.53
CA THR C 24 22.23 -20.93 -5.71
C THR C 24 20.91 -20.38 -6.24
N PHE C 25 20.11 -21.24 -6.86
CA PHE C 25 18.83 -20.82 -7.41
C PHE C 25 17.78 -21.92 -7.24
N LYS C 26 16.53 -21.49 -7.16
CA LYS C 26 15.37 -22.34 -6.96
C LYS C 26 14.23 -21.79 -7.80
N VAL C 27 13.43 -22.69 -8.38
CA VAL C 27 12.27 -22.31 -9.17
C VAL C 27 11.07 -23.10 -8.68
N VAL C 28 9.93 -22.44 -8.55
CA VAL C 28 8.65 -23.11 -8.30
C VAL C 28 7.57 -22.46 -9.13
N PRO C 29 6.52 -23.21 -9.44
CA PRO C 29 5.36 -22.60 -10.12
C PRO C 29 4.71 -21.56 -9.22
N THR C 30 4.30 -20.45 -9.83
CA THR C 30 3.67 -19.38 -9.05
C THR C 30 2.26 -19.75 -8.64
N ARG C 31 1.55 -20.51 -9.48
CA ARG C 31 0.18 -20.95 -9.21
C ARG C 31 -0.74 -19.80 -8.86
N TYR C 32 -0.52 -18.63 -9.47
CA TYR C 32 -1.35 -17.46 -9.29
C TYR C 32 -1.38 -16.95 -7.85
N GLU C 33 -0.40 -17.34 -7.04
CA GLU C 33 -0.32 -16.93 -5.64
C GLU C 33 1.12 -16.55 -5.33
N PRO C 34 1.58 -15.40 -5.81
CA PRO C 34 3.01 -15.07 -5.65
C PRO C 34 3.45 -14.87 -4.21
N VAL C 35 2.56 -14.43 -3.32
CA VAL C 35 2.94 -14.34 -1.91
C VAL C 35 3.29 -15.71 -1.38
N LYS C 36 2.45 -16.71 -1.66
CA LYS C 36 2.75 -18.06 -1.20
C LYS C 36 4.04 -18.58 -1.83
N ALA C 37 4.19 -18.39 -3.14
CA ALA C 37 5.39 -18.89 -3.83
C ALA C 37 6.65 -18.23 -3.29
N GLY C 38 6.62 -16.91 -3.07
CA GLY C 38 7.78 -16.23 -2.51
C GLY C 38 8.16 -16.74 -1.13
N GLU C 39 7.18 -16.89 -0.24
CA GLU C 39 7.48 -17.41 1.09
C GLU C 39 8.01 -18.84 1.02
N LEU C 40 7.49 -19.64 0.08
CA LEU C 40 7.99 -21.00 -0.09
C LEU C 40 9.46 -20.99 -0.51
N LEU C 41 9.79 -20.19 -1.52
CA LEU C 41 11.18 -20.09 -1.96
C LEU C 41 12.08 -19.64 -0.83
N LEU C 42 11.63 -18.68 -0.02
CA LEU C 42 12.46 -18.13 1.03
C LEU C 42 12.53 -19.03 2.26
N LYS C 43 11.76 -20.12 2.27
CA LYS C 43 11.75 -21.02 3.42
C LYS C 43 13.16 -21.55 3.66
N ASN C 44 13.63 -21.44 4.90
CA ASN C 44 14.89 -22.04 5.32
C ASN C 44 16.10 -21.46 4.59
N THR C 45 16.05 -20.19 4.18
CA THR C 45 17.14 -19.64 3.40
C THR C 45 18.18 -18.92 4.24
N GLY C 46 18.00 -18.86 5.54
CA GLY C 46 18.99 -18.22 6.38
C GLY C 46 18.82 -16.71 6.44
N GLU C 47 19.87 -16.05 6.89
CA GLU C 47 19.81 -14.64 7.22
C GLU C 47 20.22 -13.81 6.01
N ILE C 48 19.25 -13.08 5.46
CA ILE C 48 19.40 -12.31 4.25
C ILE C 48 19.72 -10.88 4.63
N ARG C 49 20.80 -10.33 4.06
CA ARG C 49 21.14 -8.94 4.33
C ARG C 49 20.29 -7.98 3.50
N ASN C 50 20.04 -8.32 2.23
CA ASN C 50 19.23 -7.48 1.36
C ASN C 50 18.42 -8.37 0.43
N LEU C 51 17.20 -7.93 0.12
CA LEU C 51 16.31 -8.64 -0.79
C LEU C 51 15.77 -7.66 -1.82
N VAL C 52 15.80 -8.07 -3.09
CA VAL C 52 15.15 -7.35 -4.18
C VAL C 52 14.08 -8.26 -4.75
N VAL C 53 12.88 -7.71 -5.01
CA VAL C 53 11.76 -8.47 -5.53
CA VAL C 53 11.76 -8.47 -5.53
C VAL C 53 11.34 -7.88 -6.88
N THR C 54 11.13 -8.74 -7.87
CA THR C 54 10.80 -8.32 -9.23
C THR C 54 9.69 -9.23 -9.75
N GLY C 55 9.22 -8.95 -10.97
CA GLY C 55 8.15 -9.70 -11.58
C GLY C 55 6.78 -9.20 -11.14
N TYR C 56 5.74 -9.78 -11.76
CA TYR C 56 4.37 -9.36 -11.46
C TYR C 56 4.10 -9.30 -9.97
N GLY C 57 4.55 -10.31 -9.24
CA GLY C 57 4.22 -10.43 -7.84
C GLY C 57 4.92 -9.47 -6.92
N ARG C 58 5.83 -8.66 -7.44
CA ARG C 58 6.52 -7.69 -6.60
C ARG C 58 5.58 -6.66 -6.00
N VAL C 59 4.41 -6.47 -6.61
CA VAL C 59 3.49 -5.45 -6.12
C VAL C 59 2.84 -5.90 -4.82
N ALA C 60 2.70 -7.21 -4.63
CA ALA C 60 2.05 -7.78 -3.46
C ALA C 60 3.01 -8.20 -2.37
N PHE C 61 4.26 -8.55 -2.71
CA PHE C 61 5.16 -9.09 -1.71
C PHE C 61 5.58 -7.99 -0.73
N ASN C 62 5.39 -8.23 0.56
CA ASN C 62 5.38 -7.17 1.56
C ASN C 62 6.74 -6.88 2.16
N ARG C 63 7.82 -7.34 1.53
CA ARG C 63 9.17 -7.07 2.01
CA ARG C 63 9.13 -6.87 1.97
C ARG C 63 10.11 -7.00 0.81
N GLY C 64 11.28 -6.43 1.02
CA GLY C 64 12.27 -6.30 -0.03
C GLY C 64 12.10 -5.03 -0.84
N LYS C 65 13.16 -4.68 -1.55
CA LYS C 65 13.17 -3.52 -2.43
CA LYS C 65 13.16 -3.52 -2.44
C LYS C 65 12.65 -3.94 -3.81
N VAL C 66 11.74 -3.15 -4.36
CA VAL C 66 11.07 -3.53 -5.60
C VAL C 66 11.81 -2.93 -6.80
N VAL C 67 12.03 -3.76 -7.82
CA VAL C 67 12.72 -3.36 -9.05
C VAL C 67 12.07 -4.11 -10.20
N THR C 68 11.83 -3.42 -11.32
CA THR C 68 11.18 -4.11 -12.43
C THR C 68 12.09 -5.16 -13.05
N GLU C 69 11.45 -6.11 -13.72
CA GLU C 69 12.17 -7.21 -14.35
C GLU C 69 12.98 -6.74 -15.55
N ILE C 70 12.68 -5.55 -16.11
CA ILE C 70 13.53 -5.02 -17.18
C ILE C 70 14.91 -4.72 -16.64
N THR C 71 14.98 -3.96 -15.55
CA THR C 71 16.26 -3.60 -14.95
C THR C 71 16.99 -4.83 -14.43
N CYS C 72 16.27 -5.76 -13.81
CA CYS C 72 16.91 -6.95 -13.26
C CYS C 72 17.42 -7.86 -14.37
N GLN C 73 16.62 -8.08 -15.41
CA GLN C 73 17.06 -8.92 -16.52
C GLN C 73 18.32 -8.36 -17.17
N ALA C 74 18.39 -7.03 -17.31
CA ALA C 74 19.58 -6.44 -17.88
C ALA C 74 20.80 -6.71 -17.02
N ARG C 75 20.66 -6.55 -15.70
CA ARG C 75 21.78 -6.75 -14.79
C ARG C 75 22.21 -8.20 -14.73
N GLY C 76 21.24 -9.11 -14.68
CA GLY C 76 21.56 -10.53 -14.59
C GLY C 76 22.25 -11.05 -15.85
N CYS C 77 21.68 -10.72 -17.02
CA CYS C 77 22.30 -11.16 -18.26
C CYS C 77 23.68 -10.52 -18.47
N HIS C 78 23.89 -9.30 -17.97
CA HIS C 78 25.20 -8.68 -18.08
C HIS C 78 26.27 -9.46 -17.32
N GLU C 79 25.88 -10.08 -16.20
CA GLU C 79 26.82 -10.89 -15.44
C GLU C 79 27.27 -12.11 -16.24
N LEU C 80 26.40 -12.62 -17.11
CA LEU C 80 26.71 -13.80 -17.90
C LEU C 80 27.37 -13.46 -19.23
N PHE C 81 26.87 -12.43 -19.91
CA PHE C 81 27.26 -12.09 -21.28
C PHE C 81 27.52 -10.59 -21.34
N PRO C 82 28.60 -10.12 -20.71
CA PRO C 82 28.88 -8.68 -20.73
C PRO C 82 29.12 -8.13 -22.13
N GLU C 83 29.42 -8.99 -23.10
CA GLU C 83 29.81 -8.59 -24.44
C GLU C 83 28.63 -8.42 -25.39
N VAL C 84 27.44 -8.87 -24.99
CA VAL C 84 26.26 -8.84 -25.86
C VAL C 84 25.31 -7.78 -25.31
N ASP C 85 24.85 -6.91 -26.19
CA ASP C 85 24.13 -5.71 -25.78
C ASP C 85 22.60 -5.88 -25.80
N TYR C 86 22.08 -6.91 -26.42
CA TYR C 86 20.64 -7.06 -26.61
C TYR C 86 20.14 -8.34 -25.97
N ILE C 87 19.00 -8.23 -25.28
CA ILE C 87 18.40 -9.33 -24.54
C ILE C 87 16.94 -9.47 -24.95
N LEU C 88 16.55 -10.67 -25.36
CA LEU C 88 15.14 -11.04 -25.55
C LEU C 88 14.72 -11.99 -24.43
N ASP C 89 13.73 -11.57 -23.64
CA ASP C 89 13.17 -12.33 -22.53
C ASP C 89 11.76 -12.72 -22.96
N LEU C 90 11.51 -14.01 -23.14
CA LEU C 90 10.18 -14.52 -23.43
C LEU C 90 9.68 -15.26 -22.19
N GLY C 91 8.68 -14.68 -21.53
CA GLY C 91 8.03 -15.30 -20.40
C GLY C 91 6.66 -15.83 -20.78
N GLY C 92 5.86 -16.14 -19.75
CA GLY C 92 4.54 -16.70 -20.00
C GLY C 92 3.53 -15.66 -20.43
N GLN C 93 3.68 -14.43 -19.98
CA GLN C 93 2.73 -13.36 -20.31
C GLN C 93 3.32 -12.24 -21.13
N ASP C 94 4.57 -11.83 -20.88
CA ASP C 94 5.18 -10.72 -21.58
C ASP C 94 6.43 -11.16 -22.33
N ALA C 95 6.69 -10.47 -23.44
CA ALA C 95 7.95 -10.53 -24.15
C ALA C 95 8.64 -9.17 -24.00
N LYS C 96 9.96 -9.19 -23.83
CA LYS C 96 10.75 -8.01 -23.54
C LYS C 96 11.99 -8.03 -24.41
N ILE C 97 12.28 -6.92 -25.08
CA ILE C 97 13.56 -6.71 -25.76
C ILE C 97 14.24 -5.55 -25.06
N ILE C 98 15.50 -5.76 -24.70
CA ILE C 98 16.25 -4.86 -23.83
C ILE C 98 17.61 -4.63 -24.47
N LYS C 99 18.05 -3.37 -24.50
CA LYS C 99 19.42 -3.02 -24.87
C LYS C 99 20.11 -2.47 -23.63
N LYS C 100 21.29 -3.03 -23.33
CA LYS C 100 22.04 -2.65 -22.13
C LYS C 100 23.41 -2.11 -22.52
N ASP C 101 24.03 -1.39 -21.58
CA ASP C 101 25.35 -0.83 -21.81
C ASP C 101 26.42 -1.72 -21.17
N GLY C 102 27.64 -1.21 -21.09
CA GLY C 102 28.78 -1.98 -20.61
C GLY C 102 28.80 -2.22 -19.11
N GLN C 103 27.83 -1.66 -18.37
CA GLN C 103 27.66 -1.95 -16.95
C GLN C 103 26.35 -2.66 -16.66
N GLY C 104 25.65 -3.16 -17.69
CA GLY C 104 24.41 -3.84 -17.46
C GLY C 104 23.27 -2.94 -17.08
N ARG C 105 23.34 -1.66 -17.43
CA ARG C 105 22.28 -0.69 -17.22
C ARG C 105 21.42 -0.61 -18.48
N VAL C 106 20.14 -0.32 -18.29
CA VAL C 106 19.19 -0.32 -19.40
C VAL C 106 19.34 0.97 -20.20
N VAL C 107 19.57 0.82 -21.50
CA VAL C 107 19.65 1.95 -22.43
C VAL C 107 18.33 2.20 -23.14
N ASN C 108 17.61 1.13 -23.48
CA ASN C 108 16.28 1.22 -24.06
C ASN C 108 15.61 -0.13 -23.88
N PHE C 109 14.28 -0.14 -24.01
CA PHE C 109 13.55 -1.39 -23.91
C PHE C 109 12.20 -1.26 -24.60
N LEU C 110 11.60 -2.41 -24.85
CA LEU C 110 10.24 -2.48 -25.38
C LEU C 110 9.62 -3.78 -24.88
N MET C 111 8.34 -3.71 -24.51
CA MET C 111 7.59 -4.89 -24.16
C MET C 111 6.44 -5.08 -25.15
N ASN C 112 5.91 -6.30 -25.18
CA ASN C 112 4.86 -6.64 -26.13
C ASN C 112 3.68 -5.69 -26.01
N ASP C 113 3.00 -5.47 -27.14
CA ASP C 113 1.73 -4.74 -27.15
C ASP C 113 0.62 -5.63 -26.60
N LYS C 114 -0.56 -5.02 -26.36
CA LYS C 114 -1.61 -5.72 -25.64
C LYS C 114 -2.06 -6.98 -26.36
N CYS C 115 -2.14 -6.91 -27.70
CA CYS C 115 -2.60 -8.05 -28.49
C CYS C 115 -1.57 -9.17 -28.55
N ALA C 116 -0.32 -8.90 -28.19
CA ALA C 116 0.74 -9.90 -28.20
C ALA C 116 0.97 -10.55 -26.84
N ALA C 117 0.10 -10.28 -25.87
CA ALA C 117 0.25 -10.86 -24.54
C ALA C 117 -0.04 -12.36 -24.55
N GLY C 118 0.67 -13.08 -23.69
CA GLY C 118 0.36 -14.46 -23.41
C GLY C 118 0.95 -15.48 -24.36
N THR C 119 1.92 -15.08 -25.20
CA THR C 119 2.48 -16.03 -26.14
C THR C 119 3.09 -17.23 -25.44
N GLY C 120 3.83 -17.00 -24.36
CA GLY C 120 4.49 -18.09 -23.68
C GLY C 120 3.51 -19.12 -23.13
N ARG C 121 2.51 -18.64 -22.38
CA ARG C 121 1.50 -19.53 -21.81
C ARG C 121 0.76 -20.29 -22.90
N PHE C 122 0.47 -19.63 -24.03
CA PHE C 122 -0.23 -20.30 -25.12
C PHE C 122 0.59 -21.45 -25.68
N LEU C 123 1.90 -21.23 -25.86
CA LEU C 123 2.74 -22.33 -26.31
C LEU C 123 2.72 -23.48 -25.31
N GLU C 124 2.78 -23.15 -24.02
CA GLU C 124 2.77 -24.18 -22.98
C GLU C 124 1.49 -24.99 -23.05
N ILE C 125 0.35 -24.31 -23.19
CA ILE C 125 -0.94 -24.99 -23.20
C ILE C 125 -1.08 -25.86 -24.44
N ILE C 126 -0.70 -25.33 -25.60
CA ILE C 126 -0.91 -26.04 -26.84
C ILE C 126 0.02 -27.24 -26.93
N LEU C 127 1.24 -27.12 -26.41
CA LEU C 127 2.17 -28.25 -26.40
C LEU C 127 1.67 -29.37 -25.47
N THR C 128 1.06 -28.97 -24.35
CA THR C 128 0.50 -29.96 -23.45
C THR C 128 -0.64 -30.72 -24.14
N ALA C 129 -1.45 -29.97 -24.89
CA ALA C 129 -2.59 -30.57 -25.53
C ALA C 129 -2.18 -31.55 -26.65
N ILE C 130 -1.12 -31.25 -27.39
CA ILE C 130 -0.89 -31.97 -28.67
C ILE C 130 0.58 -32.39 -28.85
N GLY C 131 1.54 -31.93 -28.02
CA GLY C 131 2.88 -32.06 -28.62
C GLY C 131 3.98 -32.78 -27.81
N ASP C 132 3.67 -33.42 -26.67
CA ASP C 132 4.73 -33.93 -25.80
C ASP C 132 5.56 -35.01 -26.52
N ASP C 133 4.91 -35.77 -27.39
CA ASP C 133 5.48 -36.99 -27.99
C ASP C 133 6.14 -36.74 -29.37
N TYR C 134 7.07 -35.77 -29.37
CA TYR C 134 7.76 -35.44 -30.60
C TYR C 134 9.23 -35.06 -30.40
N ARG C 135 10.09 -35.48 -31.33
CA ARG C 135 11.48 -35.09 -31.28
C ARG C 135 11.63 -33.61 -31.63
N ASP C 136 12.66 -32.99 -31.01
CA ASP C 136 12.91 -31.58 -31.27
C ASP C 136 13.36 -31.34 -32.71
N GLU C 137 14.32 -32.16 -33.16
CA GLU C 137 14.93 -31.99 -34.47
C GLU C 137 14.01 -32.42 -35.60
N ASP C 138 12.94 -33.17 -35.30
CA ASP C 138 11.94 -33.44 -36.32
C ASP C 138 11.08 -32.23 -36.61
N LEU C 139 11.12 -31.21 -35.76
CA LEU C 139 10.44 -29.95 -36.05
C LEU C 139 11.30 -29.07 -36.95
N ILE C 140 12.61 -29.03 -36.70
CA ILE C 140 13.48 -28.13 -37.45
C ILE C 140 13.46 -28.49 -38.93
N ASN C 141 13.43 -29.77 -39.25
CA ASN C 141 13.48 -30.22 -40.64
C ASN C 141 12.10 -30.41 -41.25
N GLU C 142 11.03 -30.36 -40.45
CA GLU C 142 9.68 -30.56 -40.96
C GLU C 142 9.47 -29.66 -42.18
N GLU C 143 9.09 -30.29 -43.30
CA GLU C 143 9.05 -29.60 -44.57
C GLU C 143 7.82 -28.73 -44.75
N ASN C 144 6.76 -28.97 -43.97
CA ASN C 144 5.50 -28.25 -44.15
C ASN C 144 5.07 -27.63 -42.82
N ALA C 145 5.93 -26.77 -42.27
CA ALA C 145 5.52 -25.89 -41.19
C ALA C 145 4.42 -24.98 -41.71
N VAL C 146 3.20 -25.16 -41.22
CA VAL C 146 2.06 -24.40 -41.76
C VAL C 146 2.12 -22.97 -41.21
N PRO C 147 1.94 -21.95 -42.05
CA PRO C 147 1.80 -20.59 -41.52
C PRO C 147 0.58 -20.47 -40.62
N ILE C 148 0.77 -19.81 -39.48
CA ILE C 148 -0.29 -19.61 -38.49
C ILE C 148 -0.37 -18.12 -38.21
N ASN C 149 -1.58 -17.60 -38.02
CA ASN C 149 -1.75 -16.17 -37.85
C ASN C 149 -0.85 -15.65 -36.74
N SER C 150 -0.20 -14.52 -37.00
CA SER C 150 0.71 -13.88 -36.07
C SER C 150 0.03 -12.86 -35.17
N MET C 151 -1.27 -12.67 -35.31
CA MET C 151 -1.91 -11.53 -34.63
C MET C 151 -1.89 -11.69 -33.12
N CYS C 152 -2.36 -12.83 -32.62
CA CYS C 152 -2.58 -13.01 -31.19
C CYS C 152 -2.91 -14.47 -30.97
N THR C 153 -2.98 -14.87 -29.69
CA THR C 153 -3.25 -16.27 -29.37
C THR C 153 -4.71 -16.65 -29.64
N VAL C 154 -5.63 -15.68 -29.61
CA VAL C 154 -7.01 -15.99 -29.97
C VAL C 154 -7.08 -16.45 -31.43
N PHE C 155 -6.51 -15.65 -32.33
CA PHE C 155 -6.56 -16.00 -33.75
C PHE C 155 -5.78 -17.29 -34.01
N ALA C 156 -4.64 -17.47 -33.33
CA ALA C 156 -3.85 -18.67 -33.55
C ALA C 156 -4.58 -19.92 -33.06
N GLU C 157 -5.21 -19.84 -31.89
CA GLU C 157 -6.00 -20.97 -31.39
C GLU C 157 -7.10 -21.34 -32.37
N SER C 158 -7.78 -20.32 -32.92
CA SER C 158 -8.81 -20.58 -33.91
C SER C 158 -8.24 -21.36 -35.09
N GLU C 159 -7.05 -21.00 -35.56
CA GLU C 159 -6.48 -21.66 -36.72
C GLU C 159 -6.00 -23.06 -36.38
N VAL C 160 -5.40 -23.22 -35.19
CA VAL C 160 -5.00 -24.54 -34.74
C VAL C 160 -6.19 -25.49 -34.71
N ILE C 161 -7.33 -25.01 -34.22
CA ILE C 161 -8.52 -25.86 -34.17
C ILE C 161 -8.90 -26.30 -35.58
N SER C 162 -8.99 -25.35 -36.51
CA SER C 162 -9.36 -25.68 -37.89
C SER C 162 -8.34 -26.61 -38.53
N LEU C 163 -7.05 -26.39 -38.25
CA LEU C 163 -6.01 -27.17 -38.89
C LEU C 163 -6.07 -28.63 -38.44
N LEU C 164 -6.20 -28.87 -37.14
CA LEU C 164 -6.28 -30.24 -36.64
C LEU C 164 -7.64 -30.87 -36.93
N ALA C 165 -8.68 -30.05 -37.10
CA ALA C 165 -10.00 -30.58 -37.42
C ALA C 165 -10.05 -31.13 -38.84
N ARG C 166 -9.23 -30.60 -39.75
CA ARG C 166 -9.14 -31.10 -41.11
C ARG C 166 -7.98 -32.07 -41.29
N GLY C 167 -7.43 -32.58 -40.19
CA GLY C 167 -6.47 -33.67 -40.26
C GLY C 167 -5.03 -33.30 -40.46
N THR C 168 -4.67 -32.03 -40.26
CA THR C 168 -3.26 -31.65 -40.36
C THR C 168 -2.47 -32.30 -39.24
N SER C 169 -1.24 -32.71 -39.54
CA SER C 169 -0.40 -33.37 -38.55
C SER C 169 -0.17 -32.49 -37.34
N LYS C 170 -0.10 -33.12 -36.16
CA LYS C 170 0.26 -32.38 -34.96
C LYS C 170 1.64 -31.75 -35.10
N ARG C 171 2.58 -32.47 -35.70
CA ARG C 171 3.96 -31.98 -35.81
C ARG C 171 4.04 -30.79 -36.76
N ALA C 172 3.25 -30.80 -37.84
CA ALA C 172 3.24 -29.66 -38.75
C ALA C 172 2.68 -28.42 -38.08
N VAL C 173 1.68 -28.60 -37.20
CA VAL C 173 1.11 -27.47 -36.49
C VAL C 173 2.11 -26.94 -35.47
N ILE C 174 2.78 -27.84 -34.76
CA ILE C 174 3.75 -27.42 -33.75
C ILE C 174 4.90 -26.67 -34.41
N ALA C 175 5.43 -27.20 -35.51
CA ALA C 175 6.49 -26.50 -36.23
C ALA C 175 6.00 -25.14 -36.73
N GLY C 176 4.78 -25.09 -37.28
CA GLY C 176 4.24 -23.82 -37.72
C GLY C 176 4.11 -22.82 -36.59
N LEU C 177 3.67 -23.27 -35.42
CA LEU C 177 3.56 -22.38 -34.27
C LEU C 177 4.93 -21.81 -33.89
N PHE C 178 5.93 -22.69 -33.81
CA PHE C 178 7.27 -22.23 -33.43
C PHE C 178 7.87 -21.32 -34.50
N LYS C 179 7.67 -21.65 -35.78
CA LYS C 179 8.23 -20.83 -36.84
C LYS C 179 7.59 -19.46 -36.86
N THR C 180 6.25 -19.42 -36.77
CA THR C 180 5.57 -18.12 -36.76
C THR C 180 5.97 -17.31 -35.54
N THR C 181 6.13 -17.96 -34.39
CA THR C 181 6.56 -17.23 -33.19
C THR C 181 7.98 -16.68 -33.36
N ALA C 182 8.88 -17.50 -33.90
CA ALA C 182 10.24 -17.03 -34.13
C ALA C 182 10.26 -15.84 -35.09
N LYS C 183 9.41 -15.85 -36.11
CA LYS C 183 9.39 -14.74 -37.05
CA LYS C 183 9.39 -14.74 -37.05
C LYS C 183 8.91 -13.46 -36.39
N ARG C 184 7.85 -13.54 -35.57
CA ARG C 184 7.41 -12.35 -34.86
C ARG C 184 8.47 -11.88 -33.88
N LEU C 185 9.13 -12.84 -33.19
CA LEU C 185 10.13 -12.47 -32.20
C LEU C 185 11.38 -11.88 -32.85
N ALA C 186 11.71 -12.31 -34.07
CA ALA C 186 12.84 -11.74 -34.79
C ALA C 186 12.62 -10.26 -35.07
N LYS C 187 11.46 -9.91 -35.62
CA LYS C 187 11.14 -8.50 -35.84
C LYS C 187 11.15 -7.73 -34.53
N PHE C 188 10.53 -8.32 -33.49
CA PHE C 188 10.50 -7.70 -32.16
C PHE C 188 11.92 -7.45 -31.65
N ALA C 189 12.81 -8.45 -31.78
CA ALA C 189 14.16 -8.32 -31.24
C ALA C 189 15.02 -7.32 -32.01
N GLU C 190 14.54 -6.82 -33.14
CA GLU C 190 15.23 -5.75 -33.86
C GLU C 190 14.66 -4.37 -33.55
N SER C 191 13.71 -4.28 -32.62
CA SER C 191 12.99 -3.03 -32.39
C SER C 191 13.89 -1.92 -31.88
N LEU C 192 14.97 -2.25 -31.19
CA LEU C 192 15.84 -1.26 -30.57
C LEU C 192 17.11 -1.03 -31.37
N GLY C 193 17.16 -1.55 -32.59
CA GLY C 193 18.39 -1.60 -33.37
C GLY C 193 18.68 -3.04 -33.76
N LYS C 194 19.47 -3.24 -34.83
CA LYS C 194 19.77 -4.58 -35.30
C LYS C 194 20.90 -5.19 -34.47
N PRO C 195 20.64 -6.23 -33.67
CA PRO C 195 21.72 -6.80 -32.85
C PRO C 195 22.77 -7.49 -33.70
N ARG C 196 24.03 -7.33 -33.29
CA ARG C 196 25.08 -8.17 -33.86
C ARG C 196 25.04 -9.58 -33.28
N LYS C 197 24.43 -9.72 -32.10
CA LYS C 197 24.27 -10.98 -31.39
C LYS C 197 23.16 -10.73 -30.38
N LEU C 198 22.45 -11.80 -30.01
CA LEU C 198 21.28 -11.67 -29.15
C LEU C 198 21.34 -12.70 -28.04
N ILE C 199 21.10 -12.25 -26.80
CA ILE C 199 20.84 -13.15 -25.69
C ILE C 199 19.35 -13.46 -25.68
N PHE C 200 19.00 -14.73 -25.66
CA PHE C 200 17.62 -15.21 -25.60
C PHE C 200 17.45 -15.90 -24.26
N THR C 201 16.55 -15.38 -23.42
CA THR C 201 16.41 -15.87 -22.06
C THR C 201 14.93 -15.90 -21.67
N GLY C 202 14.69 -16.19 -20.40
CA GLY C 202 13.37 -16.55 -19.93
C GLY C 202 13.03 -18.00 -20.28
N GLY C 203 11.93 -18.47 -19.70
CA GLY C 203 11.49 -19.83 -19.94
C GLY C 203 11.26 -20.14 -21.41
N GLY C 204 10.80 -19.16 -22.18
CA GLY C 204 10.58 -19.39 -23.60
C GLY C 204 11.83 -19.82 -24.34
N ALA C 205 13.00 -19.42 -23.85
CA ALA C 205 14.24 -19.78 -24.50
C ALA C 205 14.60 -21.25 -24.30
N LYS C 206 13.85 -21.97 -23.48
CA LYS C 206 14.15 -23.37 -23.22
C LYS C 206 13.56 -24.30 -24.27
N TYR C 207 12.79 -23.75 -25.22
CA TYR C 207 12.32 -24.50 -26.39
C TYR C 207 13.41 -24.53 -27.46
N PRO C 208 14.17 -25.62 -27.60
CA PRO C 208 15.32 -25.57 -28.53
C PRO C 208 14.93 -25.23 -29.95
N ALA C 209 13.78 -25.72 -30.44
CA ALA C 209 13.36 -25.40 -31.79
C ALA C 209 13.11 -23.90 -31.97
N LEU C 210 12.52 -23.25 -30.96
CA LEU C 210 12.27 -21.82 -31.07
C LEU C 210 13.58 -21.06 -31.20
N ARG C 211 14.60 -21.42 -30.42
CA ARG C 211 15.87 -20.72 -30.51
C ARG C 211 16.48 -20.86 -31.89
N LEU C 212 16.45 -22.06 -32.46
CA LEU C 212 17.05 -22.27 -33.77
C LEU C 212 16.29 -21.54 -34.87
N PHE C 213 14.96 -21.56 -34.82
CA PHE C 213 14.18 -20.81 -35.79
C PHE C 213 14.41 -19.32 -35.63
N LEU C 214 14.55 -18.84 -34.39
CA LEU C 214 14.82 -17.43 -34.17
C LEU C 214 16.17 -17.03 -34.75
N GLN C 215 17.20 -17.85 -34.50
CA GLN C 215 18.52 -17.57 -35.04
C GLN C 215 18.51 -17.52 -36.56
N LYS C 216 17.84 -18.48 -37.19
CA LYS C 216 17.78 -18.48 -38.65
C LYS C 216 17.08 -17.24 -39.18
N GLU C 217 15.97 -16.85 -38.54
CA GLU C 217 15.26 -15.66 -39.03
CA GLU C 217 15.25 -15.66 -39.00
C GLU C 217 16.08 -14.40 -38.82
N MET C 218 16.81 -14.30 -37.71
CA MET C 218 17.54 -13.06 -37.45
C MET C 218 18.87 -12.99 -38.20
N GLY C 219 19.50 -14.13 -38.48
CA GLY C 219 20.76 -14.13 -39.19
C GLY C 219 21.97 -13.72 -38.36
N VAL C 220 21.84 -13.76 -37.03
CA VAL C 220 22.94 -13.49 -36.12
C VAL C 220 22.90 -14.56 -35.02
N GLU C 221 24.01 -14.68 -34.30
CA GLU C 221 24.08 -15.67 -33.24
C GLU C 221 23.11 -15.34 -32.11
N VAL C 222 22.41 -16.36 -31.64
CA VAL C 222 21.52 -16.26 -30.48
C VAL C 222 22.09 -17.16 -29.40
N VAL C 223 22.46 -16.56 -28.26
CA VAL C 223 23.03 -17.29 -27.14
C VAL C 223 21.98 -17.40 -26.04
N VAL C 224 21.95 -18.54 -25.36
CA VAL C 224 20.97 -18.84 -24.32
C VAL C 224 21.74 -19.11 -23.04
N PRO C 225 21.39 -18.46 -21.92
CA PRO C 225 22.05 -18.78 -20.63
C PRO C 225 21.93 -20.24 -20.28
N PRO C 226 22.86 -20.78 -19.49
CA PRO C 226 22.73 -22.17 -19.05
C PRO C 226 21.43 -22.44 -18.30
N GLU C 227 20.89 -21.44 -17.61
CA GLU C 227 19.59 -21.57 -16.94
C GLU C 227 18.81 -20.29 -17.19
N PRO C 228 18.11 -20.21 -18.33
CA PRO C 228 17.40 -18.97 -18.68
C PRO C 228 16.27 -18.60 -17.74
N SER C 229 15.80 -19.54 -16.92
CA SER C 229 14.70 -19.21 -16.01
C SER C 229 15.09 -18.18 -14.96
N VAL C 230 16.36 -18.13 -14.56
CA VAL C 230 16.74 -17.46 -13.33
C VAL C 230 17.57 -16.20 -13.56
N THR C 231 17.76 -15.77 -14.81
CA THR C 231 18.68 -14.66 -15.04
C THR C 231 18.12 -13.34 -14.49
N ALA C 232 16.81 -13.12 -14.52
CA ALA C 232 16.27 -11.92 -13.90
C ALA C 232 16.43 -11.96 -12.38
N ALA C 233 16.18 -13.12 -11.76
CA ALA C 233 16.40 -13.26 -10.33
C ALA C 233 17.86 -13.00 -9.95
N LEU C 234 18.80 -13.49 -10.77
CA LEU C 234 20.20 -13.21 -10.54
C LEU C 234 20.45 -11.70 -10.58
N GLY C 235 19.89 -11.03 -11.59
CA GLY C 235 19.95 -9.58 -11.63
C GLY C 235 19.45 -8.94 -10.36
N ALA C 236 18.30 -9.38 -9.87
CA ALA C 236 17.76 -8.85 -8.61
C ALA C 236 18.74 -9.07 -7.47
N ALA C 237 19.32 -10.26 -7.38
CA ALA C 237 20.26 -10.55 -6.31
C ALA C 237 21.50 -9.66 -6.39
N LEU C 238 21.99 -9.41 -7.60
CA LEU C 238 23.15 -8.53 -7.75
C LEU C 238 22.81 -7.10 -7.37
N ILE C 239 21.60 -6.64 -7.70
CA ILE C 239 21.20 -5.30 -7.28
C ILE C 239 21.05 -5.25 -5.76
N ALA C 240 20.49 -6.30 -5.17
CA ALA C 240 20.40 -6.37 -3.72
C ALA C 240 21.77 -6.16 -3.09
N ARG C 241 22.78 -6.85 -3.64
CA ARG C 241 24.13 -6.76 -3.08
C ARG C 241 24.72 -5.37 -3.29
N GLU C 242 24.53 -4.81 -4.50
CA GLU C 242 25.00 -3.48 -4.85
C GLU C 242 24.19 -2.38 -4.20
N THR C 243 23.34 -2.66 -3.22
CA THR C 243 22.59 -1.61 -2.53
C THR C 243 22.50 -1.92 -1.04
N MET D 1 -31.15 -46.27 -34.22
CA MET D 1 -30.90 -46.48 -35.68
C MET D 1 -30.84 -45.16 -36.45
N PHE D 2 -31.10 -44.04 -35.78
CA PHE D 2 -30.89 -42.71 -36.32
C PHE D 2 -29.89 -42.00 -35.43
N ALA D 3 -28.73 -41.65 -35.98
CA ALA D 3 -27.63 -41.12 -35.19
C ALA D 3 -27.29 -39.69 -35.58
N GLY D 4 -27.02 -38.86 -34.56
CA GLY D 4 -26.49 -37.53 -34.79
C GLY D 4 -25.16 -37.37 -34.08
N LEU D 5 -24.14 -36.87 -34.80
CA LEU D 5 -22.76 -36.83 -34.30
C LEU D 5 -22.25 -35.41 -34.40
N ASP D 6 -21.89 -34.84 -33.24
CA ASP D 6 -21.47 -33.44 -33.11
C ASP D 6 -20.01 -33.44 -32.72
N LEU D 7 -19.13 -33.17 -33.67
CA LEU D 7 -17.69 -33.22 -33.45
C LEU D 7 -17.21 -31.79 -33.18
N GLY D 8 -17.35 -31.37 -31.92
CA GLY D 8 -17.03 -30.01 -31.55
C GLY D 8 -15.56 -29.83 -31.23
N SER D 9 -15.19 -28.56 -31.05
CA SER D 9 -13.79 -28.22 -30.80
C SER D 9 -13.30 -28.80 -29.49
N THR D 10 -14.18 -28.95 -28.51
CA THR D 10 -13.82 -29.41 -27.18
CA THR D 10 -13.82 -29.41 -27.18
C THR D 10 -14.33 -30.82 -26.89
N ASN D 11 -15.60 -31.10 -27.17
CA ASN D 11 -16.19 -32.39 -26.90
C ASN D 11 -16.95 -32.86 -28.13
N SER D 12 -16.99 -34.19 -28.31
CA SER D 12 -17.80 -34.82 -29.35
C SER D 12 -18.94 -35.57 -28.69
N LYS D 13 -20.11 -35.48 -29.30
CA LYS D 13 -21.34 -36.02 -28.72
C LYS D 13 -22.06 -36.88 -29.76
N LEU D 14 -22.67 -37.97 -29.28
CA LEU D 14 -23.41 -38.89 -30.13
C LEU D 14 -24.79 -39.06 -29.52
N VAL D 15 -25.82 -38.85 -30.32
CA VAL D 15 -27.20 -39.12 -29.92
C VAL D 15 -27.76 -40.18 -30.88
N ILE D 16 -28.45 -41.17 -30.33
CA ILE D 16 -29.06 -42.23 -31.13
C ILE D 16 -30.54 -42.30 -30.77
N ILE D 17 -31.40 -42.17 -31.78
CA ILE D 17 -32.84 -42.24 -31.59
C ILE D 17 -33.32 -43.61 -32.04
N LYS D 18 -34.04 -44.30 -31.15
CA LYS D 18 -34.59 -45.60 -31.48
C LYS D 18 -35.90 -45.44 -32.25
N GLU D 19 -36.38 -46.55 -32.82
CA GLU D 19 -37.64 -46.51 -33.56
C GLU D 19 -38.78 -46.02 -32.68
N ASP D 20 -38.74 -46.32 -31.38
CA ASP D 20 -39.81 -45.91 -30.48
CA ASP D 20 -39.82 -45.90 -30.49
C ASP D 20 -39.82 -44.41 -30.22
N GLY D 21 -38.73 -43.70 -30.54
CA GLY D 21 -38.61 -42.29 -30.29
C GLY D 21 -37.73 -41.93 -29.10
N SER D 22 -37.48 -42.89 -28.20
CA SER D 22 -36.52 -42.69 -27.14
C SER D 22 -35.13 -42.40 -27.71
N TYR D 23 -34.25 -41.83 -26.89
CA TYR D 23 -32.87 -41.65 -27.33
C TYR D 23 -31.90 -41.73 -26.18
N THR D 24 -30.68 -42.16 -26.52
CA THR D 24 -29.51 -42.21 -25.66
C THR D 24 -28.47 -41.22 -26.18
N PHE D 25 -27.48 -40.90 -25.36
CA PHE D 25 -26.39 -40.03 -25.80
CA PHE D 25 -26.39 -40.03 -25.80
C PHE D 25 -25.08 -40.45 -25.16
N LYS D 26 -23.98 -40.10 -25.84
CA LYS D 26 -22.61 -40.37 -25.41
C LYS D 26 -21.81 -39.11 -25.64
N VAL D 27 -20.90 -38.80 -24.71
CA VAL D 27 -20.06 -37.62 -24.80
C VAL D 27 -18.64 -37.99 -24.44
N VAL D 28 -17.69 -37.64 -25.29
CA VAL D 28 -16.27 -37.85 -25.02
C VAL D 28 -15.51 -36.59 -25.41
N PRO D 29 -14.35 -36.32 -24.79
CA PRO D 29 -13.55 -35.18 -25.25
C PRO D 29 -13.04 -35.40 -26.67
N THR D 30 -12.98 -34.30 -27.44
CA THR D 30 -12.49 -34.40 -28.82
C THR D 30 -10.98 -34.62 -28.86
N ARG D 31 -10.25 -33.99 -27.94
CA ARG D 31 -8.80 -34.12 -27.85
C ARG D 31 -8.13 -33.71 -29.17
N TYR D 32 -8.69 -32.72 -29.84
CA TYR D 32 -8.16 -32.17 -31.08
C TYR D 32 -8.08 -33.21 -32.21
N GLU D 33 -8.78 -34.33 -32.09
CA GLU D 33 -8.79 -35.37 -33.12
C GLU D 33 -10.24 -35.80 -33.35
N PRO D 34 -10.99 -35.02 -34.12
CA PRO D 34 -12.42 -35.33 -34.30
C PRO D 34 -12.68 -36.72 -34.86
N VAL D 35 -11.89 -37.16 -35.85
CA VAL D 35 -12.15 -38.44 -36.49
C VAL D 35 -12.07 -39.56 -35.46
N LYS D 36 -11.02 -39.57 -34.64
CA LYS D 36 -10.86 -40.63 -33.66
C LYS D 36 -11.98 -40.60 -32.63
N ALA D 37 -12.35 -39.41 -32.17
CA ALA D 37 -13.42 -39.30 -31.18
C ALA D 37 -14.74 -39.83 -31.73
N GLY D 38 -15.04 -39.51 -32.99
CA GLY D 38 -16.28 -39.97 -33.58
C GLY D 38 -16.30 -41.47 -33.80
N GLU D 39 -15.14 -42.05 -34.16
CA GLU D 39 -15.05 -43.49 -34.33
C GLU D 39 -15.17 -44.21 -32.99
N LEU D 40 -14.49 -43.69 -31.96
CA LEU D 40 -14.69 -44.22 -30.62
C LEU D 40 -16.14 -44.11 -30.21
N LEU D 41 -16.82 -43.03 -30.60
CA LEU D 41 -18.22 -42.85 -30.21
C LEU D 41 -19.12 -43.87 -30.90
N LEU D 42 -18.83 -44.20 -32.16
CA LEU D 42 -19.70 -45.04 -32.96
C LEU D 42 -19.42 -46.53 -32.80
N LYS D 43 -18.29 -46.92 -32.22
CA LYS D 43 -18.02 -48.35 -32.05
C LYS D 43 -18.93 -48.92 -30.97
N ASN D 44 -19.35 -50.17 -31.16
CA ASN D 44 -20.24 -50.86 -30.25
C ASN D 44 -21.64 -50.25 -30.24
N THR D 45 -21.98 -49.44 -31.24
CA THR D 45 -23.29 -48.83 -31.30
C THR D 45 -24.34 -49.73 -31.94
N GLY D 46 -23.92 -50.73 -32.71
CA GLY D 46 -24.79 -51.38 -33.65
C GLY D 46 -24.85 -50.61 -34.96
N GLU D 47 -25.51 -51.21 -35.93
CA GLU D 47 -25.59 -50.60 -37.26
C GLU D 47 -26.60 -49.47 -37.28
N ILE D 48 -26.20 -48.37 -37.90
CA ILE D 48 -26.99 -47.13 -37.95
C ILE D 48 -27.55 -46.98 -39.35
N ARG D 49 -28.86 -46.74 -39.44
CA ARG D 49 -29.49 -46.58 -40.75
C ARG D 49 -29.11 -45.25 -41.39
N ASN D 50 -29.20 -44.16 -40.63
CA ASN D 50 -28.80 -42.87 -41.17
C ASN D 50 -28.08 -42.04 -40.12
N LEU D 51 -27.03 -41.35 -40.56
CA LEU D 51 -26.15 -40.54 -39.74
C LEU D 51 -26.09 -39.14 -40.31
N VAL D 52 -26.13 -38.15 -39.43
CA VAL D 52 -25.82 -36.77 -39.75
C VAL D 52 -24.67 -36.34 -38.86
N VAL D 53 -23.66 -35.72 -39.46
CA VAL D 53 -22.49 -35.26 -38.73
C VAL D 53 -22.42 -33.74 -38.78
N THR D 54 -22.14 -33.12 -37.64
CA THR D 54 -22.06 -31.68 -37.51
C THR D 54 -20.81 -31.35 -36.70
N GLY D 55 -20.52 -30.06 -36.56
CA GLY D 55 -19.39 -29.61 -35.76
C GLY D 55 -18.13 -29.40 -36.57
N TYR D 56 -17.09 -28.94 -35.88
CA TYR D 56 -15.83 -28.64 -36.56
C TYR D 56 -15.31 -29.83 -37.36
N GLY D 57 -15.48 -31.03 -36.84
CA GLY D 57 -14.91 -32.20 -37.46
C GLY D 57 -15.75 -32.86 -38.54
N ARG D 58 -16.82 -32.21 -38.97
CA ARG D 58 -17.83 -32.91 -39.79
C ARG D 58 -17.26 -33.32 -41.15
N VAL D 59 -16.47 -32.46 -41.79
CA VAL D 59 -15.95 -32.82 -43.11
C VAL D 59 -14.94 -33.95 -42.98
N ALA D 60 -13.97 -33.81 -42.07
CA ALA D 60 -12.92 -34.82 -41.95
C ALA D 60 -13.49 -36.21 -41.68
N PHE D 61 -14.67 -36.29 -41.05
CA PHE D 61 -15.22 -37.59 -40.70
C PHE D 61 -15.62 -38.39 -41.93
N ASN D 62 -16.04 -37.71 -43.00
CA ASN D 62 -16.24 -38.35 -44.30
C ASN D 62 -17.26 -39.48 -44.23
N ARG D 63 -18.27 -39.31 -43.39
CA ARG D 63 -19.35 -40.27 -43.28
C ARG D 63 -20.65 -39.51 -43.03
N GLY D 64 -21.76 -40.11 -43.44
CA GLY D 64 -23.06 -39.54 -43.18
C GLY D 64 -23.28 -38.23 -43.91
N LYS D 65 -24.43 -37.63 -43.63
CA LYS D 65 -24.82 -36.36 -44.24
C LYS D 65 -24.38 -35.21 -43.35
N VAL D 66 -23.71 -34.23 -43.94
CA VAL D 66 -23.07 -33.14 -43.21
C VAL D 66 -24.02 -31.96 -43.13
N VAL D 67 -24.23 -31.45 -41.92
CA VAL D 67 -25.12 -30.34 -41.63
C VAL D 67 -24.43 -29.45 -40.59
N THR D 68 -24.56 -28.13 -40.73
CA THR D 68 -23.87 -27.26 -39.79
C THR D 68 -24.56 -27.27 -38.43
N GLU D 69 -23.79 -26.93 -37.40
CA GLU D 69 -24.32 -26.94 -36.04
C GLU D 69 -25.39 -25.90 -35.83
N ILE D 70 -25.48 -24.89 -36.70
CA ILE D 70 -26.55 -23.91 -36.58
C ILE D 70 -27.90 -24.58 -36.86
N THR D 71 -27.98 -25.30 -37.97
CA THR D 71 -29.21 -25.99 -38.33
C THR D 71 -29.53 -27.10 -37.33
N CYS D 72 -28.52 -27.88 -36.93
CA CYS D 72 -28.75 -28.97 -35.99
C CYS D 72 -29.20 -28.43 -34.64
N GLN D 73 -28.53 -27.39 -34.14
CA GLN D 73 -28.91 -26.83 -32.85
C GLN D 73 -30.34 -26.32 -32.87
N ALA D 74 -30.76 -25.71 -33.97
CA ALA D 74 -32.15 -25.25 -34.06
C ALA D 74 -33.12 -26.43 -34.01
N ARG D 75 -32.79 -27.51 -34.71
CA ARG D 75 -33.70 -28.66 -34.75
C ARG D 75 -33.81 -29.33 -33.39
N GLY D 76 -32.69 -29.48 -32.68
CA GLY D 76 -32.72 -30.17 -31.40
C GLY D 76 -33.38 -29.36 -30.31
N CYS D 77 -33.13 -28.05 -30.30
CA CYS D 77 -33.78 -27.21 -29.28
C CYS D 77 -35.28 -27.07 -29.55
N HIS D 78 -35.70 -27.15 -30.82
CA HIS D 78 -37.12 -27.06 -31.14
C HIS D 78 -37.88 -28.28 -30.64
N GLU D 79 -37.25 -29.45 -30.66
CA GLU D 79 -37.89 -30.64 -30.10
C GLU D 79 -38.19 -30.44 -28.62
N LEU D 80 -37.31 -29.75 -27.90
CA LEU D 80 -37.51 -29.58 -26.47
C LEU D 80 -38.28 -28.31 -26.13
N PHE D 81 -38.13 -27.24 -26.91
CA PHE D 81 -38.77 -25.95 -26.64
C PHE D 81 -39.34 -25.39 -27.94
N PRO D 82 -40.44 -25.98 -28.44
CA PRO D 82 -41.04 -25.48 -29.69
C PRO D 82 -41.58 -24.07 -29.60
N GLU D 83 -41.78 -23.54 -28.40
CA GLU D 83 -42.44 -22.26 -28.17
C GLU D 83 -41.46 -21.12 -27.89
N VAL D 84 -40.16 -21.39 -27.88
CA VAL D 84 -39.14 -20.37 -27.64
C VAL D 84 -38.40 -20.13 -28.95
N ASP D 85 -38.30 -18.87 -29.34
CA ASP D 85 -37.81 -18.55 -30.68
C ASP D 85 -36.31 -18.31 -30.75
N TYR D 86 -35.63 -18.13 -29.63
CA TYR D 86 -34.22 -17.75 -29.62
C TYR D 86 -33.39 -18.77 -28.86
N ILE D 87 -32.20 -19.05 -29.40
CA ILE D 87 -31.27 -20.02 -28.83
C ILE D 87 -29.90 -19.38 -28.72
N LEU D 88 -29.30 -19.47 -27.53
CA LEU D 88 -27.90 -19.10 -27.31
C LEU D 88 -27.10 -20.37 -27.02
N ASP D 89 -26.12 -20.67 -27.87
CA ASP D 89 -25.24 -21.84 -27.74
C ASP D 89 -23.85 -21.30 -27.46
N LEU D 90 -23.34 -21.58 -26.26
CA LEU D 90 -21.94 -21.28 -25.92
C LEU D 90 -21.16 -22.59 -25.90
N GLY D 91 -20.25 -22.74 -26.87
CA GLY D 91 -19.31 -23.83 -26.89
C GLY D 91 -17.91 -23.38 -26.50
N GLY D 92 -16.94 -24.25 -26.80
CA GLY D 92 -15.56 -23.97 -26.40
C GLY D 92 -14.85 -22.96 -27.27
N GLN D 93 -15.22 -22.88 -28.54
CA GLN D 93 -14.61 -21.95 -29.47
C GLN D 93 -15.57 -20.90 -29.99
N ASP D 94 -16.81 -21.28 -30.30
CA ASP D 94 -17.77 -20.37 -30.91
CA ASP D 94 -17.77 -20.36 -30.89
C ASP D 94 -18.98 -20.17 -29.99
N ALA D 95 -19.57 -18.97 -30.12
CA ALA D 95 -20.84 -18.60 -29.52
C ALA D 95 -21.81 -18.30 -30.65
N LYS D 96 -23.05 -18.73 -30.49
CA LYS D 96 -24.05 -18.66 -31.56
C LYS D 96 -25.37 -18.17 -30.97
N ILE D 97 -26.01 -17.22 -31.65
CA ILE D 97 -27.39 -16.85 -31.37
C ILE D 97 -28.20 -17.22 -32.60
N ILE D 98 -29.32 -17.89 -32.38
CA ILE D 98 -30.15 -18.43 -33.46
C ILE D 98 -31.59 -18.02 -33.21
N LYS D 99 -32.26 -17.61 -34.28
CA LYS D 99 -33.68 -17.35 -34.26
C LYS D 99 -34.35 -18.39 -35.15
N LYS D 100 -35.40 -19.03 -34.63
CA LYS D 100 -36.12 -20.06 -35.36
C LYS D 100 -37.61 -19.74 -35.35
N ASP D 101 -38.34 -20.35 -36.28
CA ASP D 101 -39.77 -20.10 -36.40
C ASP D 101 -40.55 -21.24 -35.73
N GLY D 102 -41.87 -21.21 -35.88
CA GLY D 102 -42.73 -22.18 -35.23
C GLY D 102 -42.47 -23.62 -35.65
N GLN D 103 -41.82 -23.82 -36.80
CA GLN D 103 -41.53 -25.16 -37.28
C GLN D 103 -40.10 -25.59 -37.00
N GLY D 104 -39.34 -24.78 -36.27
CA GLY D 104 -37.96 -25.11 -35.97
C GLY D 104 -36.96 -24.69 -37.02
N ARG D 105 -37.37 -23.91 -38.01
CA ARG D 105 -36.48 -23.52 -39.10
CA ARG D 105 -36.50 -23.52 -39.11
C ARG D 105 -35.73 -22.24 -38.74
N VAL D 106 -34.44 -22.23 -39.08
CA VAL D 106 -33.60 -21.08 -38.81
C VAL D 106 -34.06 -19.92 -39.70
N VAL D 107 -34.42 -18.80 -39.08
CA VAL D 107 -34.75 -17.59 -39.82
C VAL D 107 -33.66 -16.54 -39.74
N ASN D 108 -32.73 -16.66 -38.79
CA ASN D 108 -31.58 -15.76 -38.69
C ASN D 108 -30.62 -16.34 -37.66
N PHE D 109 -29.35 -15.98 -37.79
CA PHE D 109 -28.35 -16.43 -36.84
C PHE D 109 -27.15 -15.51 -36.94
N LEU D 110 -26.31 -15.56 -35.90
CA LEU D 110 -25.06 -14.81 -35.84
C LEU D 110 -24.10 -15.60 -34.96
N MET D 111 -22.83 -15.61 -35.33
CA MET D 111 -21.80 -16.23 -34.50
C MET D 111 -20.81 -15.17 -34.06
N ASN D 112 -19.98 -15.52 -33.07
CA ASN D 112 -19.05 -14.56 -32.51
C ASN D 112 -18.12 -13.99 -33.59
N ASP D 113 -17.63 -12.77 -33.36
CA ASP D 113 -16.58 -12.22 -34.19
C ASP D 113 -15.24 -12.85 -33.83
N LYS D 114 -14.22 -12.56 -34.63
CA LYS D 114 -12.92 -13.21 -34.45
C LYS D 114 -12.35 -12.95 -33.07
N CYS D 115 -12.45 -11.71 -32.59
CA CYS D 115 -11.87 -11.38 -31.29
C CYS D 115 -12.61 -12.02 -30.14
N ALA D 116 -13.81 -12.54 -30.38
CA ALA D 116 -14.62 -13.15 -29.34
C ALA D 116 -14.50 -14.66 -29.33
N ALA D 117 -13.58 -15.21 -30.10
CA ALA D 117 -13.39 -16.66 -30.18
C ALA D 117 -12.79 -17.20 -28.88
N GLY D 118 -13.17 -18.44 -28.55
CA GLY D 118 -12.49 -19.18 -27.52
C GLY D 118 -12.90 -18.88 -26.09
N THR D 119 -14.04 -18.23 -25.86
CA THR D 119 -14.43 -17.87 -24.50
C THR D 119 -14.61 -19.10 -23.63
N GLY D 120 -15.30 -20.13 -24.15
CA GLY D 120 -15.58 -21.30 -23.32
C GLY D 120 -14.32 -22.03 -22.89
N ARG D 121 -13.40 -22.25 -23.83
CA ARG D 121 -12.15 -22.91 -23.52
C ARG D 121 -11.32 -22.09 -22.54
N PHE D 122 -11.37 -20.76 -22.65
CA PHE D 122 -10.66 -19.93 -21.68
C PHE D 122 -11.24 -20.12 -20.28
N LEU D 123 -12.56 -20.12 -20.17
CA LEU D 123 -13.17 -20.34 -18.86
C LEU D 123 -12.76 -21.68 -18.29
N GLU D 124 -12.75 -22.72 -19.12
CA GLU D 124 -12.30 -24.03 -18.66
C GLU D 124 -10.87 -23.96 -18.18
N ILE D 125 -10.00 -23.31 -18.96
CA ILE D 125 -8.58 -23.24 -18.61
C ILE D 125 -8.40 -22.51 -17.28
N ILE D 126 -9.01 -21.33 -17.16
CA ILE D 126 -8.76 -20.45 -16.04
C ILE D 126 -9.35 -21.03 -14.75
N LEU D 127 -10.48 -21.72 -14.84
CA LEU D 127 -11.08 -22.31 -13.64
C LEU D 127 -10.18 -23.36 -13.04
N THR D 128 -9.65 -24.27 -13.87
CA THR D 128 -8.73 -25.28 -13.34
C THR D 128 -7.48 -24.61 -12.76
N ALA D 129 -6.96 -23.60 -13.45
CA ALA D 129 -5.74 -22.94 -13.01
C ALA D 129 -5.98 -22.18 -11.71
N ILE D 130 -6.94 -21.26 -11.72
CA ILE D 130 -7.25 -20.52 -10.51
C ILE D 130 -7.53 -21.49 -9.37
N GLY D 131 -8.27 -22.55 -9.67
CA GLY D 131 -8.78 -23.42 -8.63
C GLY D 131 -10.18 -22.99 -8.26
N ASP D 132 -11.17 -23.74 -8.71
CA ASP D 132 -12.58 -23.41 -8.49
C ASP D 132 -13.16 -24.47 -7.57
N ASP D 133 -13.09 -24.25 -6.27
CA ASP D 133 -13.73 -25.18 -5.34
C ASP D 133 -14.54 -24.46 -4.30
N TYR D 134 -15.19 -23.37 -4.71
CA TYR D 134 -16.31 -22.78 -4.01
C TYR D 134 -17.57 -23.09 -4.80
N ARG D 135 -18.71 -23.06 -4.12
CA ARG D 135 -19.94 -23.29 -4.84
C ARG D 135 -20.39 -22.00 -5.54
N ASP D 136 -21.29 -22.18 -6.51
CA ASP D 136 -21.83 -21.03 -7.23
C ASP D 136 -22.55 -20.08 -6.29
N GLU D 137 -23.23 -20.61 -5.28
CA GLU D 137 -23.88 -19.73 -4.32
C GLU D 137 -22.89 -18.71 -3.77
N ASP D 138 -21.63 -19.10 -3.60
CA ASP D 138 -20.61 -18.11 -3.25
C ASP D 138 -20.48 -17.05 -4.35
N LEU D 139 -20.50 -17.48 -5.61
CA LEU D 139 -20.23 -16.56 -6.71
C LEU D 139 -21.35 -15.52 -6.85
N ILE D 140 -22.61 -15.96 -6.83
CA ILE D 140 -23.70 -14.99 -6.93
C ILE D 140 -23.78 -14.16 -5.66
N ASN D 141 -23.36 -14.72 -4.52
CA ASN D 141 -23.30 -13.99 -3.26
C ASN D 141 -22.11 -13.04 -3.18
N GLU D 142 -21.25 -13.00 -4.19
CA GLU D 142 -20.06 -12.16 -4.13
C GLU D 142 -20.45 -10.71 -4.37
N GLU D 143 -20.07 -9.84 -3.44
CA GLU D 143 -20.43 -8.43 -3.49
C GLU D 143 -19.35 -7.59 -4.14
N ASN D 144 -18.19 -8.18 -4.45
CA ASN D 144 -17.08 -7.46 -5.05
C ASN D 144 -16.58 -8.17 -6.30
N ALA D 145 -17.50 -8.78 -7.07
CA ALA D 145 -17.13 -9.28 -8.39
C ALA D 145 -16.36 -8.19 -9.13
N VAL D 146 -15.20 -8.55 -9.66
CA VAL D 146 -14.31 -7.58 -10.32
C VAL D 146 -14.69 -7.55 -11.80
N PRO D 147 -15.04 -6.39 -12.34
CA PRO D 147 -15.23 -6.30 -13.81
C PRO D 147 -13.92 -6.62 -14.52
N ILE D 148 -14.00 -7.53 -15.48
CA ILE D 148 -12.86 -7.97 -16.26
C ILE D 148 -13.12 -7.57 -17.71
N ASN D 149 -12.04 -7.26 -18.43
CA ASN D 149 -12.17 -6.77 -19.79
C ASN D 149 -13.01 -7.73 -20.63
N SER D 150 -13.96 -7.17 -21.39
CA SER D 150 -14.85 -7.96 -22.22
C SER D 150 -14.37 -8.10 -23.66
N MET D 151 -13.17 -7.61 -23.97
CA MET D 151 -12.72 -7.61 -25.35
C MET D 151 -12.48 -9.02 -25.87
N CYS D 152 -11.64 -9.77 -25.18
CA CYS D 152 -11.17 -11.06 -25.69
C CYS D 152 -10.47 -11.78 -24.55
N THR D 153 -10.12 -13.05 -24.81
CA THR D 153 -9.48 -13.86 -23.79
C THR D 153 -8.03 -13.46 -23.54
N VAL D 154 -7.38 -12.80 -24.51
CA VAL D 154 -6.04 -12.30 -24.28
C VAL D 154 -6.05 -11.20 -23.23
N PHE D 155 -6.88 -10.17 -23.44
CA PHE D 155 -6.92 -9.06 -22.50
C PHE D 155 -7.42 -9.54 -21.15
N ALA D 156 -8.37 -10.48 -21.13
CA ALA D 156 -8.92 -10.97 -19.87
C ALA D 156 -7.88 -11.78 -19.09
N GLU D 157 -7.10 -12.61 -19.77
CA GLU D 157 -6.02 -13.30 -19.09
C GLU D 157 -5.03 -12.31 -18.48
N SER D 158 -4.66 -11.28 -19.25
CA SER D 158 -3.75 -10.27 -18.71
C SER D 158 -4.28 -9.66 -17.43
N GLU D 159 -5.60 -9.43 -17.37
CA GLU D 159 -6.18 -8.83 -16.17
C GLU D 159 -6.26 -9.82 -15.02
N VAL D 160 -6.58 -11.07 -15.31
CA VAL D 160 -6.60 -12.08 -14.26
C VAL D 160 -5.23 -12.17 -13.61
N ILE D 161 -4.16 -12.13 -14.41
CA ILE D 161 -2.80 -12.17 -13.88
C ILE D 161 -2.55 -10.96 -12.99
N SER D 162 -2.85 -9.76 -13.49
CA SER D 162 -2.67 -8.55 -12.70
CA SER D 162 -2.67 -8.55 -12.70
C SER D 162 -3.47 -8.61 -11.40
N LEU D 163 -4.72 -9.06 -11.48
CA LEU D 163 -5.58 -9.08 -10.31
C LEU D 163 -5.06 -10.03 -9.25
N LEU D 164 -4.67 -11.23 -9.67
CA LEU D 164 -4.15 -12.20 -8.71
C LEU D 164 -2.76 -11.81 -8.23
N ALA D 165 -1.97 -11.15 -9.08
CA ALA D 165 -0.66 -10.70 -8.66
C ALA D 165 -0.76 -9.69 -7.51
N ARG D 166 -1.83 -8.89 -7.49
CA ARG D 166 -2.06 -7.88 -6.47
C ARG D 166 -2.68 -8.44 -5.20
N GLY D 167 -3.12 -9.69 -5.21
CA GLY D 167 -3.76 -10.28 -4.07
C GLY D 167 -5.26 -10.25 -4.07
N THR D 168 -5.90 -10.02 -5.22
CA THR D 168 -7.35 -10.08 -5.27
C THR D 168 -7.82 -11.50 -5.00
N SER D 169 -8.98 -11.59 -4.35
CA SER D 169 -9.61 -12.88 -4.05
C SER D 169 -9.92 -13.65 -5.33
N LYS D 170 -9.64 -14.96 -5.30
CA LYS D 170 -9.96 -15.79 -6.45
C LYS D 170 -11.47 -15.84 -6.69
N ARG D 171 -12.25 -15.78 -5.62
CA ARG D 171 -13.71 -15.78 -5.76
C ARG D 171 -14.20 -14.49 -6.42
N ALA D 172 -13.57 -13.37 -6.09
CA ALA D 172 -13.94 -12.11 -6.74
C ALA D 172 -13.57 -12.13 -8.22
N VAL D 173 -12.44 -12.75 -8.55
CA VAL D 173 -12.02 -12.84 -9.95
C VAL D 173 -12.93 -13.78 -10.72
N ILE D 174 -13.22 -14.95 -10.15
CA ILE D 174 -14.07 -15.92 -10.83
C ILE D 174 -15.48 -15.37 -11.02
N ALA D 175 -16.04 -14.79 -9.96
CA ALA D 175 -17.33 -14.12 -10.08
C ALA D 175 -17.29 -13.06 -11.18
N GLY D 176 -16.25 -12.23 -11.20
CA GLY D 176 -16.13 -11.23 -12.24
C GLY D 176 -16.07 -11.83 -13.63
N LEU D 177 -15.38 -12.96 -13.77
CA LEU D 177 -15.29 -13.61 -15.08
C LEU D 177 -16.66 -14.08 -15.55
N PHE D 178 -17.43 -14.74 -14.69
CA PHE D 178 -18.77 -15.18 -15.09
C PHE D 178 -19.68 -13.99 -15.34
N LYS D 179 -19.57 -12.95 -14.50
CA LYS D 179 -20.46 -11.80 -14.64
C LYS D 179 -20.20 -11.06 -15.95
N THR D 180 -18.94 -10.80 -16.27
CA THR D 180 -18.64 -10.11 -17.53
CA THR D 180 -18.66 -10.11 -17.53
C THR D 180 -19.03 -10.97 -18.73
N THR D 181 -18.77 -12.27 -18.64
CA THR D 181 -19.18 -13.17 -19.71
C THR D 181 -20.69 -13.11 -19.89
N ALA D 182 -21.45 -13.11 -18.78
CA ALA D 182 -22.91 -13.06 -18.87
C ALA D 182 -23.36 -11.74 -19.47
N LYS D 183 -22.69 -10.64 -19.14
CA LYS D 183 -23.04 -9.34 -19.71
C LYS D 183 -22.80 -9.33 -21.21
N ARG D 184 -21.65 -9.83 -21.68
CA ARG D 184 -21.40 -9.87 -23.11
C ARG D 184 -22.40 -10.79 -23.82
N LEU D 185 -22.71 -11.93 -23.21
CA LEU D 185 -23.62 -12.88 -23.84
C LEU D 185 -25.03 -12.32 -23.92
N ALA D 186 -25.45 -11.57 -22.91
CA ALA D 186 -26.78 -10.97 -22.93
C ALA D 186 -26.92 -10.00 -24.10
N LYS D 187 -25.92 -9.13 -24.31
CA LYS D 187 -25.97 -8.20 -25.44
C LYS D 187 -25.91 -8.96 -26.76
N PHE D 188 -25.07 -9.99 -26.84
CA PHE D 188 -24.99 -10.84 -28.02
C PHE D 188 -26.32 -11.53 -28.30
N ALA D 189 -27.01 -11.97 -27.25
CA ALA D 189 -28.25 -12.73 -27.44
C ALA D 189 -29.42 -11.86 -27.88
N GLU D 190 -29.25 -10.53 -27.90
CA GLU D 190 -30.25 -9.61 -28.40
CA GLU D 190 -30.27 -9.65 -28.42
C GLU D 190 -29.94 -9.14 -29.82
N SER D 191 -28.95 -9.77 -30.48
CA SER D 191 -28.50 -9.33 -31.79
C SER D 191 -29.57 -9.48 -32.88
N LEU D 192 -30.42 -10.50 -32.76
CA LEU D 192 -31.42 -10.78 -33.78
C LEU D 192 -32.79 -10.26 -33.40
N GLY D 193 -32.88 -9.48 -32.32
CA GLY D 193 -34.13 -9.04 -31.76
C GLY D 193 -34.08 -9.34 -30.27
N LYS D 194 -34.81 -8.55 -29.49
CA LYS D 194 -34.84 -8.75 -28.04
C LYS D 194 -35.76 -9.92 -27.69
N PRO D 195 -35.23 -11.05 -27.22
CA PRO D 195 -36.10 -12.18 -26.91
C PRO D 195 -37.03 -11.90 -25.74
N ARG D 196 -38.25 -12.43 -25.83
CA ARG D 196 -39.11 -12.50 -24.66
C ARG D 196 -38.75 -13.68 -23.78
N LYS D 197 -38.13 -14.72 -24.36
CA LYS D 197 -37.69 -15.92 -23.67
C LYS D 197 -36.49 -16.46 -24.44
N LEU D 198 -35.55 -17.07 -23.73
CA LEU D 198 -34.29 -17.51 -24.33
C LEU D 198 -33.95 -18.93 -23.92
N ILE D 199 -33.56 -19.74 -24.89
CA ILE D 199 -32.94 -21.04 -24.63
C ILE D 199 -31.43 -20.85 -24.53
N PHE D 200 -30.83 -21.37 -23.47
CA PHE D 200 -29.39 -21.30 -23.24
C PHE D 200 -28.85 -22.73 -23.28
N THR D 201 -28.04 -23.05 -24.27
CA THR D 201 -27.56 -24.42 -24.41
C THR D 201 -26.07 -24.39 -24.74
N GLY D 202 -25.53 -25.57 -25.00
CA GLY D 202 -24.10 -25.77 -25.08
C GLY D 202 -23.49 -26.03 -23.72
N GLY D 203 -22.26 -26.54 -23.73
CA GLY D 203 -21.54 -26.76 -22.49
C GLY D 203 -21.40 -25.52 -21.64
N GLY D 204 -21.48 -24.34 -22.25
CA GLY D 204 -21.45 -23.12 -21.47
C GLY D 204 -22.62 -23.01 -20.51
N ALA D 205 -23.78 -23.53 -20.92
CA ALA D 205 -24.98 -23.53 -20.09
C ALA D 205 -24.87 -24.50 -18.91
N LYS D 206 -23.77 -25.23 -18.75
CA LYS D 206 -23.59 -26.10 -17.61
CA LYS D 206 -23.59 -26.10 -17.61
C LYS D 206 -22.99 -25.39 -16.40
N TYR D 207 -22.50 -24.17 -16.58
CA TYR D 207 -21.99 -23.38 -15.46
C TYR D 207 -23.15 -22.75 -14.71
N PRO D 208 -23.37 -23.11 -13.44
CA PRO D 208 -24.56 -22.57 -12.75
C PRO D 208 -24.52 -21.07 -12.55
N ALA D 209 -23.36 -20.51 -12.21
CA ALA D 209 -23.26 -19.07 -12.00
C ALA D 209 -23.54 -18.31 -13.29
N LEU D 210 -23.10 -18.85 -14.43
CA LEU D 210 -23.30 -18.17 -15.70
C LEU D 210 -24.78 -18.15 -16.09
N ARG D 211 -25.49 -19.24 -15.83
CA ARG D 211 -26.92 -19.26 -16.12
C ARG D 211 -27.64 -18.16 -15.34
N LEU D 212 -27.34 -18.06 -14.04
CA LEU D 212 -28.02 -17.09 -13.20
C LEU D 212 -27.64 -15.67 -13.56
N PHE D 213 -26.34 -15.40 -13.75
CA PHE D 213 -25.92 -14.07 -14.16
C PHE D 213 -26.54 -13.71 -15.51
N LEU D 214 -26.63 -14.68 -16.42
CA LEU D 214 -27.19 -14.39 -17.73
C LEU D 214 -28.65 -14.02 -17.61
N GLN D 215 -29.42 -14.80 -16.86
CA GLN D 215 -30.84 -14.50 -16.70
C GLN D 215 -31.03 -13.13 -16.09
N LYS D 216 -30.21 -12.76 -15.10
CA LYS D 216 -30.36 -11.43 -14.51
C LYS D 216 -30.06 -10.33 -15.51
N GLU D 217 -29.01 -10.51 -16.32
CA GLU D 217 -28.68 -9.50 -17.33
C GLU D 217 -29.76 -9.43 -18.40
N MET D 218 -30.30 -10.58 -18.81
CA MET D 218 -31.33 -10.59 -19.84
C MET D 218 -32.60 -9.91 -19.37
N GLY D 219 -32.97 -10.14 -18.11
CA GLY D 219 -34.22 -9.63 -17.59
C GLY D 219 -35.46 -10.35 -18.09
N VAL D 220 -35.30 -11.50 -18.75
CA VAL D 220 -36.40 -12.29 -19.26
C VAL D 220 -36.16 -13.74 -18.86
N GLU D 221 -37.14 -14.59 -19.16
CA GLU D 221 -37.03 -16.00 -18.80
C GLU D 221 -35.97 -16.70 -19.63
N VAL D 222 -35.17 -17.53 -18.97
CA VAL D 222 -34.18 -18.39 -19.61
C VAL D 222 -34.53 -19.83 -19.28
N VAL D 223 -34.47 -20.69 -20.28
CA VAL D 223 -34.66 -22.12 -20.08
C VAL D 223 -33.43 -22.84 -20.60
N VAL D 224 -33.09 -23.95 -19.93
CA VAL D 224 -31.88 -24.71 -20.22
C VAL D 224 -32.24 -26.17 -20.45
N PRO D 225 -31.80 -26.77 -21.54
CA PRO D 225 -32.13 -28.17 -21.79
C PRO D 225 -31.70 -29.05 -20.64
N PRO D 226 -32.37 -30.20 -20.43
CA PRO D 226 -31.89 -31.17 -19.44
C PRO D 226 -30.42 -31.51 -19.58
N GLU D 227 -29.94 -31.69 -20.81
CA GLU D 227 -28.54 -31.97 -21.08
C GLU D 227 -28.07 -31.04 -22.20
N PRO D 228 -27.57 -29.85 -21.85
CA PRO D 228 -27.22 -28.88 -22.91
C PRO D 228 -26.08 -29.32 -23.82
N SER D 229 -25.26 -30.29 -23.41
CA SER D 229 -24.13 -30.69 -24.25
C SER D 229 -24.59 -31.32 -25.55
N VAL D 230 -25.76 -31.96 -25.57
CA VAL D 230 -26.11 -32.88 -26.64
C VAL D 230 -27.24 -32.37 -27.51
N THR D 231 -27.77 -31.17 -27.27
CA THR D 231 -28.94 -30.75 -28.05
C THR D 231 -28.61 -30.58 -29.52
N ALA D 232 -27.38 -30.18 -29.86
CA ALA D 232 -27.02 -30.09 -31.26
C ALA D 232 -26.97 -31.48 -31.90
N ALA D 233 -26.42 -32.46 -31.18
CA ALA D 233 -26.39 -33.82 -31.70
C ALA D 233 -27.79 -34.41 -31.80
N LEU D 234 -28.69 -34.07 -30.87
CA LEU D 234 -30.07 -34.52 -30.98
C LEU D 234 -30.73 -33.94 -32.22
N GLY D 235 -30.48 -32.66 -32.51
CA GLY D 235 -30.97 -32.08 -33.74
C GLY D 235 -30.46 -32.82 -34.97
N ALA D 236 -29.18 -33.21 -34.95
CA ALA D 236 -28.65 -33.98 -36.07
C ALA D 236 -29.36 -35.31 -36.20
N ALA D 237 -29.63 -35.99 -35.08
CA ALA D 237 -30.30 -37.28 -35.11
C ALA D 237 -31.74 -37.14 -35.59
N LEU D 238 -32.40 -36.04 -35.26
CA LEU D 238 -33.75 -35.81 -35.76
C LEU D 238 -33.73 -35.54 -37.25
N ILE D 239 -32.72 -34.79 -37.73
CA ILE D 239 -32.56 -34.62 -39.16
C ILE D 239 -32.27 -35.94 -39.84
N ALA D 240 -31.40 -36.76 -39.23
CA ALA D 240 -31.09 -38.07 -39.80
C ALA D 240 -32.37 -38.89 -39.97
N ARG D 241 -33.26 -38.82 -38.99
CA ARG D 241 -34.52 -39.55 -39.08
C ARG D 241 -35.40 -39.00 -40.19
N GLU D 242 -35.61 -37.68 -40.21
CA GLU D 242 -36.51 -37.07 -41.17
C GLU D 242 -36.02 -37.17 -42.61
N THR D 243 -34.75 -37.52 -42.81
CA THR D 243 -34.21 -37.64 -44.16
C THR D 243 -33.50 -38.98 -44.34
N MET E 2 22.13 38.35 17.36
CA MET E 2 22.35 39.10 16.08
C MET E 2 23.43 38.40 15.26
N ASP E 3 24.68 38.56 15.69
CA ASP E 3 25.71 37.60 15.33
C ASP E 3 25.20 36.19 15.56
N ASN E 4 24.69 35.94 16.77
CA ASN E 4 24.20 34.61 17.11
C ASN E 4 22.98 34.22 16.28
N ARG E 5 22.06 35.16 16.05
CA ARG E 5 20.82 34.78 15.39
C ARG E 5 21.03 34.46 13.92
N GLU E 6 22.05 35.04 13.29
CA GLU E 6 22.38 34.61 11.93
C GLU E 6 22.98 33.21 11.93
N LEU E 7 23.86 32.91 12.90
CA LEU E 7 24.42 31.56 12.99
C LEU E 7 23.32 30.53 13.20
N TRP E 8 22.37 30.82 14.10
CA TRP E 8 21.29 29.88 14.34
C TRP E 8 20.49 29.60 13.07
N LYS E 9 20.17 30.65 12.32
CA LYS E 9 19.42 30.45 11.08
C LYS E 9 20.21 29.57 10.11
N VAL E 10 21.52 29.80 10.00
CA VAL E 10 22.34 28.95 9.13
C VAL E 10 22.28 27.49 9.59
N LEU E 11 22.24 27.28 10.90
CA LEU E 11 22.20 25.93 11.48
C LEU E 11 20.80 25.32 11.42
N ASN E 12 19.83 26.05 10.89
CA ASN E 12 18.45 25.58 10.76
C ASN E 12 17.81 25.33 12.13
N VAL E 13 18.16 26.19 13.10
CA VAL E 13 17.46 26.19 14.36
C VAL E 13 16.06 26.73 14.16
N ASP E 14 15.09 26.15 14.87
CA ASP E 14 13.75 26.71 14.96
C ASP E 14 13.83 27.92 15.88
N LEU E 15 13.88 29.12 15.30
CA LEU E 15 14.21 30.30 16.09
C LEU E 15 13.15 30.57 17.15
N GLU E 16 11.87 30.42 16.80
CA GLU E 16 10.82 30.72 17.76
C GLU E 16 10.89 29.78 18.97
N LYS E 17 10.90 28.47 18.70
CA LYS E 17 10.95 27.52 19.80
C LYS E 17 12.24 27.65 20.59
N HIS E 18 13.35 27.94 19.90
CA HIS E 18 14.61 28.17 20.58
C HIS E 18 14.52 29.36 21.53
N ASP E 19 13.89 30.45 21.07
CA ASP E 19 13.70 31.61 21.93
C ASP E 19 12.85 31.26 23.15
N GLU E 20 11.81 30.44 22.96
CA GLU E 20 10.95 30.07 24.08
C GLU E 20 11.69 29.19 25.07
N PHE E 21 12.52 28.27 24.58
CA PHE E 21 13.31 27.42 25.46
C PHE E 21 14.26 28.26 26.32
N LEU E 22 14.87 29.28 25.73
CA LEU E 22 15.88 30.06 26.44
C LEU E 22 15.28 31.16 27.30
N ALA E 23 14.01 31.51 27.10
CA ALA E 23 13.46 32.69 27.76
C ALA E 23 13.51 32.62 29.28
N PRO E 24 13.19 31.51 29.94
CA PRO E 24 13.21 31.50 31.41
C PRO E 24 14.57 31.21 32.04
N VAL E 25 15.63 31.04 31.26
CA VAL E 25 16.88 30.55 31.81
C VAL E 25 17.63 31.62 32.60
N PRO E 26 17.78 32.86 32.08
CA PRO E 26 18.56 33.85 32.85
C PRO E 26 18.02 34.09 34.24
N ALA E 27 16.69 34.08 34.43
CA ALA E 27 16.13 34.31 35.75
C ALA E 27 16.45 33.16 36.70
N VAL E 28 16.45 31.93 36.20
CA VAL E 28 16.85 30.80 37.04
C VAL E 28 18.32 30.92 37.40
N TYR E 29 19.16 31.26 36.42
CA TYR E 29 20.59 31.38 36.70
C TYR E 29 20.86 32.50 37.70
N ARG E 30 20.13 33.61 37.55
CA ARG E 30 20.25 34.70 38.52
CA ARG E 30 20.23 34.69 38.52
C ARG E 30 19.94 34.20 39.93
N GLU E 31 18.83 33.49 40.11
CA GLU E 31 18.40 33.08 41.44
C GLU E 31 19.35 32.05 42.03
N LEU E 32 19.79 31.08 41.24
CA LEU E 32 20.55 29.97 41.80
C LEU E 32 22.05 30.19 41.80
N PHE E 33 22.56 31.10 40.97
CA PHE E 33 23.99 31.33 40.88
C PHE E 33 24.36 32.79 41.16
N LEU E 34 23.91 33.71 40.31
CA LEU E 34 24.48 35.06 40.33
C LEU E 34 24.20 35.77 41.65
N ASN E 35 23.00 35.60 42.19
CA ASN E 35 22.62 36.26 43.44
C ASN E 35 23.07 35.49 44.67
N ARG E 36 23.82 34.43 44.51
CA ARG E 36 24.29 33.64 45.63
C ARG E 36 25.62 34.20 46.15
N PRO E 37 25.72 34.51 47.43
CA PRO E 37 26.96 35.16 47.93
C PRO E 37 28.09 34.16 48.12
N ASN E 38 29.30 34.72 48.20
CA ASN E 38 30.53 34.04 48.58
C ASN E 38 31.10 33.15 47.48
N ARG E 39 30.69 33.36 46.25
CA ARG E 39 31.20 32.56 45.15
C ARG E 39 32.59 33.04 44.74
N PRO E 40 33.48 32.12 44.39
CA PRO E 40 34.81 32.53 43.93
C PRO E 40 34.70 33.53 42.78
N ARG E 41 35.66 34.47 42.74
CA ARG E 41 35.70 35.42 41.63
C ARG E 41 35.92 34.72 40.30
N ALA E 42 36.66 33.63 40.30
CA ALA E 42 36.95 32.91 39.07
C ALA E 42 35.74 32.16 38.52
N MET E 43 34.57 32.27 39.14
CA MET E 43 33.37 31.76 38.50
C MET E 43 32.93 32.64 37.34
N ALA E 44 33.46 33.86 37.24
CA ALA E 44 32.96 34.80 36.24
C ALA E 44 33.09 34.23 34.84
N TYR E 45 34.17 33.49 34.58
CA TYR E 45 34.33 32.87 33.27
C TYR E 45 33.15 31.96 32.96
N PHE E 46 32.83 31.06 33.88
CA PHE E 46 31.74 30.11 33.65
C PHE E 46 30.39 30.82 33.58
N ASP E 47 30.19 31.84 34.43
CA ASP E 47 28.97 32.63 34.32
C ASP E 47 28.84 33.24 32.93
N ALA E 48 29.95 33.68 32.35
CA ALA E 48 29.92 34.27 31.02
C ALA E 48 29.58 33.24 29.95
N VAL E 49 30.08 32.01 30.12
CA VAL E 49 29.73 30.95 29.18
C VAL E 49 28.23 30.71 29.19
N VAL E 50 27.65 30.61 30.40
CA VAL E 50 26.21 30.38 30.50
C VAL E 50 25.44 31.54 29.89
N GLY E 51 25.89 32.77 30.13
CA GLY E 51 25.21 33.93 29.58
C GLY E 51 25.17 33.96 28.07
N ASP E 52 26.10 33.28 27.41
CA ASP E 52 26.14 33.17 25.96
C ASP E 52 26.30 31.70 25.55
N ILE E 53 25.49 30.85 26.15
CA ILE E 53 25.72 29.40 26.06
C ILE E 53 25.53 28.91 24.63
N HIS E 54 24.73 29.61 23.83
CA HIS E 54 24.56 29.24 22.43
C HIS E 54 25.27 30.21 21.48
N GLY E 55 26.31 30.86 21.97
CA GLY E 55 27.01 31.85 21.18
C GLY E 55 28.44 31.50 20.85
N ILE E 56 29.38 32.04 21.63
CA ILE E 56 30.80 31.95 21.29
C ILE E 56 31.19 30.53 20.91
N ARG E 57 30.81 29.55 21.74
CA ARG E 57 31.30 28.20 21.51
C ARG E 57 30.71 27.63 20.23
N VAL E 58 29.45 27.93 19.94
CA VAL E 58 28.83 27.40 18.72
C VAL E 58 29.50 28.01 17.49
N HIS E 59 29.81 29.31 17.55
CA HIS E 59 30.59 29.94 16.48
C HIS E 59 31.91 29.20 16.27
N GLU E 60 32.59 28.86 17.35
CA GLU E 60 33.88 28.17 17.26
C GLU E 60 33.72 26.83 16.54
N LEU E 61 32.70 26.05 16.93
CA LEU E 61 32.47 24.77 16.29
C LEU E 61 32.14 24.94 14.82
N TYR E 62 31.27 25.91 14.52
CA TYR E 62 30.93 26.19 13.13
C TYR E 62 32.16 26.57 12.33
N ASN E 63 33.03 27.41 12.91
CA ASN E 63 34.23 27.82 12.20
C ASN E 63 35.16 26.63 11.97
N LEU E 64 35.22 25.70 12.92
CA LEU E 64 36.01 24.49 12.73
C LEU E 64 35.51 23.70 11.53
N LYS E 65 34.20 23.61 11.36
CA LYS E 65 33.66 22.87 10.22
C LYS E 65 33.98 23.55 8.90
N GLN E 66 34.06 24.89 8.90
CA GLN E 66 34.38 25.60 7.66
C GLN E 66 35.78 25.28 7.18
N GLU E 67 36.64 24.75 8.07
CA GLU E 67 38.01 24.41 7.74
C GLU E 67 38.17 22.93 7.40
N GLY E 68 37.08 22.17 7.35
CA GLY E 68 37.13 20.77 7.00
C GLY E 68 37.19 19.81 8.17
N LYS E 69 37.17 20.32 9.39
CA LYS E 69 37.10 19.47 10.57
C LYS E 69 35.65 19.09 10.85
N LYS E 70 35.48 18.13 11.76
CA LYS E 70 34.17 17.60 12.06
C LYS E 70 33.82 17.84 13.53
N VAL E 71 32.53 17.77 13.81
CA VAL E 71 31.99 17.90 15.15
C VAL E 71 31.29 16.59 15.49
N PHE E 72 31.80 15.87 16.49
CA PHE E 72 31.19 14.63 16.94
C PHE E 72 30.41 14.88 18.22
N ALA E 73 29.15 14.44 18.24
CA ALA E 73 28.32 14.55 19.44
C ALA E 73 28.28 13.21 20.16
N THR E 74 28.33 13.25 21.49
CA THR E 74 28.41 12.06 22.31
C THR E 74 27.45 12.18 23.47
N PHE E 75 27.11 11.04 24.07
CA PHE E 75 26.21 11.00 25.22
C PHE E 75 26.74 10.12 26.35
N CYS E 76 28.01 9.73 26.30
CA CYS E 76 28.56 8.80 27.28
C CYS E 76 30.05 9.08 27.45
N VAL E 77 30.52 9.00 28.68
CA VAL E 77 31.94 9.24 28.95
C VAL E 77 32.83 8.19 28.32
N TYR E 78 32.27 7.08 27.85
CA TYR E 78 33.09 6.02 27.28
C TYR E 78 33.59 6.33 25.88
N VAL E 79 32.93 7.25 25.17
CA VAL E 79 33.42 7.60 23.83
C VAL E 79 34.80 8.26 23.96
N PRO E 80 35.83 7.78 23.26
CA PRO E 80 37.17 8.34 23.48
C PRO E 80 37.35 9.72 22.87
N GLU E 81 37.18 10.75 23.72
CA GLU E 81 37.45 12.12 23.30
C GLU E 81 38.86 12.27 22.74
N GLU E 82 39.79 11.48 23.24
CA GLU E 82 41.19 11.60 22.83
C GLU E 82 41.36 11.37 21.34
N ILE E 83 40.68 10.35 20.79
CA ILE E 83 40.86 9.99 19.40
C ILE E 83 40.31 11.09 18.50
N ILE E 84 39.15 11.64 18.85
CA ILE E 84 38.53 12.69 18.06
C ILE E 84 39.40 13.95 18.07
N ASN E 85 39.77 14.41 19.26
CA ASN E 85 40.56 15.63 19.36
CA ASN E 85 40.55 15.64 19.34
C ASN E 85 41.95 15.49 18.74
N ALA E 86 42.47 14.26 18.64
CA ALA E 86 43.74 14.05 17.95
C ALA E 86 43.69 14.55 16.51
N THR E 87 42.53 14.47 15.85
CA THR E 87 42.43 14.86 14.45
C THR E 87 42.20 16.35 14.26
N GLY E 88 42.07 17.10 15.35
CA GLY E 88 41.64 18.47 15.27
C GLY E 88 40.15 18.67 15.30
N SER E 89 39.36 17.59 15.20
CA SER E 89 37.92 17.70 15.26
C SER E 89 37.47 17.86 16.72
N ALA E 90 36.19 18.19 16.88
CA ALA E 90 35.63 18.51 18.19
C ALA E 90 34.72 17.39 18.68
N CYS E 91 34.71 17.20 19.98
CA CYS E 91 33.84 16.26 20.67
C CYS E 91 33.02 17.05 21.68
N ILE E 92 31.70 16.94 21.60
CA ILE E 92 30.80 17.64 22.51
C ILE E 92 29.79 16.64 23.06
N GLY E 93 29.49 16.76 24.34
CA GLY E 93 28.52 15.90 25.00
C GLY E 93 27.19 16.59 25.19
N LEU E 94 26.14 15.97 24.68
CA LEU E 94 24.82 16.60 24.58
C LEU E 94 23.73 15.81 25.30
N CYS E 95 24.05 15.22 26.45
CA CYS E 95 23.01 14.61 27.28
C CYS E 95 21.99 15.68 27.65
N GLY E 96 20.71 15.36 27.48
CA GLY E 96 19.68 16.36 27.71
C GLY E 96 19.33 16.55 29.17
N GLY E 97 18.99 17.79 29.53
CA GLY E 97 18.57 18.07 30.88
C GLY E 97 17.40 19.03 31.00
N ALA E 98 16.55 19.11 29.97
CA ALA E 98 15.47 20.10 29.94
C ALA E 98 14.11 19.46 29.67
N GLN E 99 13.12 19.87 30.47
CA GLN E 99 11.75 19.42 30.28
C GLN E 99 11.15 19.93 28.98
N TYR E 100 11.63 21.08 28.49
CA TYR E 100 10.97 21.72 27.35
C TYR E 100 10.88 20.78 26.17
N THR E 101 11.89 19.94 25.97
CA THR E 101 11.98 19.09 24.79
C THR E 101 11.46 17.67 25.00
N VAL E 102 11.07 17.33 26.23
CA VAL E 102 10.61 15.96 26.50
C VAL E 102 9.41 15.60 25.64
N PRO E 103 8.35 16.42 25.53
CA PRO E 103 7.21 16.01 24.70
C PRO E 103 7.58 15.77 23.24
N ALA E 104 8.50 16.55 22.69
CA ALA E 104 8.99 16.27 21.35
C ALA E 104 9.68 14.92 21.28
N GLY E 105 10.48 14.58 22.29
CA GLY E 105 11.09 13.27 22.30
C GLY E 105 10.06 12.16 22.37
N GLU E 106 8.97 12.41 23.11
CA GLU E 106 7.91 11.43 23.26
C GLU E 106 7.12 11.19 21.97
N THR E 107 7.36 11.95 20.90
CA THR E 107 6.70 11.59 19.66
C THR E 107 7.26 10.31 19.07
N VAL E 108 8.48 9.92 19.45
CA VAL E 108 9.11 8.72 18.91
C VAL E 108 9.60 7.76 19.99
N LEU E 109 9.48 8.10 21.26
CA LEU E 109 9.97 7.30 22.36
C LEU E 109 8.88 7.09 23.39
N PRO E 110 8.95 6.01 24.18
CA PRO E 110 7.96 5.83 25.25
C PRO E 110 8.03 6.96 26.26
N ARG E 111 6.87 7.28 26.84
CA ARG E 111 6.86 8.28 27.91
C ARG E 111 7.49 7.71 29.18
N ASN E 112 7.43 6.38 29.37
CA ASN E 112 8.10 5.74 30.50
C ASN E 112 9.57 5.48 30.24
N LEU E 113 10.30 6.48 29.80
CA LEU E 113 11.71 6.34 29.48
C LEU E 113 12.46 7.43 30.21
N CYS E 114 13.76 7.21 30.39
CA CYS E 114 14.60 8.17 31.07
C CYS E 114 14.47 9.56 30.44
N PRO E 115 14.22 10.60 31.24
CA PRO E 115 14.06 11.94 30.65
C PRO E 115 15.33 12.49 29.99
N LEU E 116 16.52 12.01 30.38
CA LEU E 116 17.72 12.41 29.66
C LEU E 116 17.61 12.05 28.18
N ILE E 117 17.17 10.82 27.90
CA ILE E 117 17.05 10.36 26.53
C ILE E 117 15.94 11.12 25.80
N LYS E 118 14.78 11.24 26.45
CA LYS E 118 13.65 11.91 25.79
C LYS E 118 13.99 13.36 25.48
N SER E 119 14.65 14.05 26.42
CA SER E 119 15.01 15.45 26.20
C SER E 119 16.01 15.61 25.07
N ALA E 120 17.01 14.73 25.03
CA ALA E 120 18.02 14.79 23.96
C ALA E 120 17.38 14.55 22.59
N MET E 121 16.53 13.52 22.49
CA MET E 121 15.83 13.28 21.23
C MET E 121 14.97 14.48 20.85
N GLY E 122 14.30 15.08 21.83
CA GLY E 122 13.44 16.22 21.53
C GLY E 122 14.22 17.41 20.99
N PHE E 123 15.44 17.62 21.51
CA PHE E 123 16.28 18.70 21.02
C PHE E 123 16.54 18.57 19.53
N LYS E 124 16.90 17.36 19.09
CA LYS E 124 17.19 17.17 17.67
CA LYS E 124 17.19 17.15 17.67
C LYS E 124 15.93 17.28 16.83
N ILE E 125 14.82 16.72 17.29
CA ILE E 125 13.59 16.71 16.50
C ILE E 125 13.07 18.12 16.29
N GLU E 126 13.04 18.92 17.35
CA GLU E 126 12.52 20.29 17.26
C GLU E 126 13.55 21.28 16.72
N ARG E 127 14.78 20.85 16.46
CA ARG E 127 15.84 21.73 15.96
C ARG E 127 16.09 22.90 16.92
N ILE E 128 16.12 22.60 18.21
CA ILE E 128 16.19 23.61 19.25
C ILE E 128 17.61 23.95 19.68
N CYS E 129 18.54 23.02 19.49
CA CYS E 129 19.84 23.12 20.11
C CYS E 129 20.88 23.45 19.05
N PRO E 130 21.52 24.63 19.11
CA PRO E 130 22.57 24.93 18.13
C PRO E 130 23.72 23.93 18.15
N TYR E 131 24.02 23.31 19.30
CA TYR E 131 25.08 22.32 19.33
C TYR E 131 24.68 21.06 18.55
N PHE E 132 23.47 20.56 18.80
CA PHE E 132 22.99 19.39 18.07
C PHE E 132 22.88 19.68 16.58
N GLN E 133 22.54 20.92 16.22
CA GLN E 133 22.43 21.29 14.81
C GLN E 133 23.78 21.39 14.14
N VAL E 134 24.83 21.75 14.88
CA VAL E 134 26.16 21.87 14.27
C VAL E 134 26.89 20.53 14.20
N ALA E 135 26.45 19.54 14.97
CA ALA E 135 27.12 18.25 14.97
C ALA E 135 26.99 17.55 13.63
N ASP E 136 28.08 16.93 13.19
CA ASP E 136 28.10 16.10 11.99
C ASP E 136 27.65 14.67 12.26
N TYR E 137 28.05 14.11 13.39
CA TYR E 137 27.81 12.72 13.70
C TYR E 137 27.51 12.56 15.17
N VAL E 138 26.73 11.54 15.50
CA VAL E 138 26.52 11.13 16.89
C VAL E 138 27.28 9.83 17.09
N VAL E 139 28.02 9.75 18.19
CA VAL E 139 28.64 8.50 18.60
C VAL E 139 27.83 7.97 19.77
N GLY E 140 27.04 6.92 19.50
CA GLY E 140 26.28 6.25 20.53
C GLY E 140 27.01 5.04 21.08
N GLU E 141 26.42 4.45 22.11
CA GLU E 141 27.06 3.35 22.80
C GLU E 141 25.96 2.43 23.33
N THR E 142 26.30 1.15 23.47
CA THR E 142 25.35 0.16 23.96
C THR E 142 25.47 0.06 25.48
N THR E 143 24.96 1.09 26.15
CA THR E 143 24.88 1.09 27.61
C THR E 143 23.47 0.68 28.05
N CYS E 144 22.62 1.63 28.41
CA CYS E 144 21.30 1.25 28.87
C CYS E 144 20.38 0.92 27.68
N ASP E 145 19.28 0.24 28.01
CA ASP E 145 18.32 -0.19 27.00
C ASP E 145 17.77 0.99 26.23
N GLY E 146 17.37 2.04 26.95
CA GLY E 146 16.76 3.19 26.32
C GLY E 146 17.68 3.83 25.29
N LYS E 147 18.94 4.05 25.65
CA LYS E 147 19.85 4.70 24.71
CA LYS E 147 19.87 4.69 24.72
C LYS E 147 20.15 3.80 23.52
N LYS E 148 20.44 2.52 23.78
CA LYS E 148 20.75 1.58 22.70
C LYS E 148 19.64 1.53 21.66
N LYS E 149 18.39 1.52 22.11
CA LYS E 149 17.30 1.43 21.15
C LYS E 149 16.97 2.78 20.53
N ALA E 150 17.17 3.87 21.27
CA ALA E 150 16.95 5.19 20.71
C ALA E 150 17.91 5.51 19.57
N TRP E 151 19.12 4.94 19.58
CA TRP E 151 20.08 5.25 18.50
C TRP E 151 19.50 4.86 17.15
N GLU E 152 18.76 3.74 17.10
CA GLU E 152 18.15 3.27 15.86
C GLU E 152 17.18 4.30 15.31
N ILE E 153 16.52 5.05 16.20
CA ILE E 153 15.58 6.08 15.78
C ILE E 153 16.31 7.37 15.43
N LEU E 154 17.27 7.77 16.26
CA LEU E 154 18.00 9.01 16.04
C LEU E 154 18.75 9.01 14.72
N ASN E 155 19.19 7.83 14.26
CA ASN E 155 19.92 7.71 13.00
C ASN E 155 19.12 8.24 11.81
N GLU E 156 17.80 8.34 11.93
CA GLU E 156 17.01 8.93 10.86
C GLU E 156 17.19 10.44 10.77
N TYR E 157 17.70 11.08 11.83
CA TYR E 157 17.87 12.52 11.88
C TYR E 157 19.32 12.97 11.74
N ILE E 158 20.28 12.11 12.07
CA ILE E 158 21.70 12.45 12.07
C ILE E 158 22.45 11.11 12.08
N PRO E 159 23.57 10.97 11.37
CA PRO E 159 24.27 9.69 11.37
C PRO E 159 24.76 9.32 12.76
N VAL E 160 24.46 8.09 13.19
CA VAL E 160 24.87 7.59 14.48
C VAL E 160 25.84 6.44 14.27
N TYR E 161 27.01 6.51 14.89
CA TYR E 161 27.94 5.40 14.99
C TYR E 161 27.78 4.79 16.37
N VAL E 162 27.54 3.48 16.44
CA VAL E 162 27.25 2.81 17.72
C VAL E 162 28.46 1.99 18.15
N MET E 163 29.04 2.36 19.28
CA MET E 163 30.14 1.61 19.88
C MET E 163 29.55 0.52 20.76
N GLU E 164 30.07 -0.70 20.64
CA GLU E 164 29.56 -1.79 21.46
C GLU E 164 30.42 -1.90 22.72
N LEU E 165 29.91 -1.40 23.84
CA LEU E 165 30.52 -1.61 25.13
C LEU E 165 30.15 -2.98 25.67
N PRO E 166 31.10 -3.73 26.21
CA PRO E 166 30.74 -4.99 26.88
C PRO E 166 29.98 -4.71 28.17
N GLN E 167 29.51 -5.80 28.79
CA GLN E 167 28.72 -5.69 30.01
C GLN E 167 29.39 -6.30 31.22
N LYS E 168 30.60 -6.84 31.05
CA LYS E 168 31.46 -7.29 32.13
C LYS E 168 32.86 -6.71 31.88
N LYS E 169 33.78 -6.96 32.82
CA LYS E 169 35.13 -6.42 32.70
C LYS E 169 36.19 -7.51 32.86
N GLU E 170 35.92 -8.72 32.40
CA GLU E 170 36.90 -9.78 32.40
C GLU E 170 37.80 -9.66 31.17
N GLU E 171 38.82 -10.51 31.09
CA GLU E 171 39.83 -10.37 30.04
C GLU E 171 39.19 -10.34 28.66
N ARG E 172 38.25 -11.25 28.41
CA ARG E 172 37.60 -11.27 27.11
CA ARG E 172 37.56 -11.29 27.13
C ARG E 172 36.87 -9.96 26.82
N ASP E 173 36.33 -9.32 27.85
CA ASP E 173 35.63 -8.05 27.66
C ASP E 173 36.61 -6.93 27.35
N ARG E 174 37.77 -6.94 28.01
CA ARG E 174 38.75 -5.88 27.79
CA ARG E 174 38.75 -5.88 27.79
C ARG E 174 39.34 -5.95 26.38
N LYS E 175 39.54 -7.16 25.85
CA LYS E 175 40.04 -7.29 24.49
C LYS E 175 38.97 -6.88 23.49
N PHE E 176 37.72 -7.30 23.72
CA PHE E 176 36.61 -6.86 22.88
C PHE E 176 36.54 -5.34 22.80
N TRP E 177 36.61 -4.65 23.94
CA TRP E 177 36.53 -3.20 23.94
C TRP E 177 37.73 -2.58 23.23
N GLU E 178 38.92 -3.18 23.36
CA GLU E 178 40.07 -2.70 22.62
C GLU E 178 39.80 -2.71 21.13
N GLU E 179 39.16 -3.77 20.63
CA GLU E 179 38.85 -3.86 19.21
C GLU E 179 37.81 -2.82 18.80
N GLU E 180 36.83 -2.56 19.66
CA GLU E 180 35.84 -1.52 19.37
C GLU E 180 36.52 -0.16 19.24
N ILE E 181 37.50 0.11 20.11
CA ILE E 181 38.21 1.39 20.06
C ILE E 181 38.98 1.51 18.75
N LYS E 182 39.60 0.42 18.31
CA LYS E 182 40.33 0.46 17.05
C LYS E 182 39.38 0.64 15.87
N ASP E 183 38.20 0.00 15.91
CA ASP E 183 37.22 0.24 14.86
C ASP E 183 36.77 1.70 14.85
N PHE E 184 36.50 2.26 16.02
CA PHE E 184 36.10 3.65 16.12
C PHE E 184 37.18 4.58 15.59
N ALA E 185 38.43 4.28 15.91
CA ALA E 185 39.54 5.10 15.41
C ALA E 185 39.52 5.15 13.89
N GLN E 186 39.32 4.00 13.23
CA GLN E 186 39.26 3.99 11.77
CA GLN E 186 39.26 3.99 11.77
C GLN E 186 38.10 4.85 11.27
N PHE E 187 36.97 4.81 11.97
CA PHE E 187 35.82 5.62 11.56
C PHE E 187 36.14 7.10 11.64
N VAL E 188 36.84 7.52 12.69
CA VAL E 188 37.20 8.93 12.82
C VAL E 188 38.18 9.32 11.72
N GLU E 189 39.20 8.49 11.47
CA GLU E 189 40.13 8.77 10.39
C GLU E 189 39.41 8.86 9.05
N GLU E 190 38.42 7.98 8.82
CA GLU E 190 37.66 8.01 7.57
C GLU E 190 36.85 9.29 7.46
N LYS E 191 36.20 9.71 8.55
CA LYS E 191 35.32 10.88 8.46
C LYS E 191 36.10 12.19 8.43
N THR E 192 37.25 12.24 9.09
CA THR E 192 38.04 13.47 9.12
C THR E 192 39.10 13.54 8.04
N GLY E 193 39.47 12.39 7.47
CA GLY E 193 40.60 12.34 6.58
C GLY E 193 41.93 12.58 7.25
N VAL E 194 41.99 12.53 8.58
CA VAL E 194 43.24 12.70 9.31
C VAL E 194 43.66 11.34 9.84
N LYS E 195 44.79 10.85 9.34
CA LYS E 195 45.35 9.59 9.84
C LYS E 195 45.98 9.81 11.20
N LEU E 196 45.75 8.87 12.11
CA LEU E 196 46.36 8.95 13.43
C LEU E 196 47.83 8.56 13.37
N ASN E 197 48.66 9.28 14.10
CA ASN E 197 50.07 8.95 14.24
C ASN E 197 50.48 9.22 15.68
N ALA E 198 51.68 8.75 16.04
CA ALA E 198 52.14 8.91 17.41
C ALA E 198 52.05 10.36 17.86
N GLU E 199 52.25 11.30 16.95
CA GLU E 199 52.30 12.71 17.35
C GLU E 199 50.92 13.27 17.65
N ASN E 200 49.99 13.20 16.68
CA ASN E 200 48.70 13.83 16.94
C ASN E 200 47.89 13.07 17.99
N LEU E 201 48.09 11.75 18.11
CA LEU E 201 47.36 11.02 19.14
C LEU E 201 47.89 11.33 20.53
N ARG E 202 49.20 11.46 20.70
CA ARG E 202 49.72 11.89 21.99
C ARG E 202 49.21 13.28 22.35
N ALA E 203 49.10 14.17 21.35
CA ALA E 203 48.60 15.51 21.63
C ALA E 203 47.13 15.46 22.03
N GLY E 204 46.34 14.61 21.37
CA GLY E 204 44.95 14.47 21.76
C GLY E 204 44.80 13.97 23.18
N ILE E 205 45.62 12.98 23.55
CA ILE E 205 45.61 12.45 24.91
C ILE E 205 45.99 13.54 25.91
N GLU E 206 47.05 14.30 25.62
CA GLU E 206 47.50 15.30 26.59
C GLU E 206 46.44 16.37 26.81
N LYS E 207 45.74 16.75 25.74
CA LYS E 207 44.71 17.76 25.82
C LYS E 207 43.57 17.34 26.75
N ILE E 208 43.09 16.11 26.59
CA ILE E 208 41.97 15.66 27.41
C ILE E 208 42.45 15.29 28.81
N ASN E 209 43.64 14.68 28.92
CA ASN E 209 44.22 14.45 30.23
C ASN E 209 44.29 15.76 31.03
N LYS E 210 44.69 16.85 30.36
CA LYS E 210 44.84 18.12 31.05
C LYS E 210 43.51 18.62 31.58
N LYS E 211 42.45 18.48 30.78
CA LYS E 211 41.11 18.81 31.24
C LYS E 211 40.71 17.96 32.44
N ARG E 212 40.93 16.64 32.34
CA ARG E 212 40.58 15.76 33.44
C ARG E 212 41.37 16.10 34.70
N LYS E 213 42.65 16.41 34.54
CA LYS E 213 43.50 16.72 35.69
C LYS E 213 43.01 17.97 36.41
N ALA E 214 42.59 18.99 35.67
CA ALA E 214 42.10 20.21 36.29
C ALA E 214 40.83 19.93 37.09
N LEU E 215 39.93 19.12 36.54
CA LEU E 215 38.71 18.76 37.26
C LEU E 215 39.02 17.89 38.49
N LYS E 216 40.02 17.01 38.38
CA LYS E 216 40.46 16.26 39.56
C LYS E 216 41.00 17.19 40.63
N ARG E 217 41.76 18.21 40.21
CA ARG E 217 42.29 19.18 41.17
C ARG E 217 41.16 19.88 41.89
N LEU E 218 40.14 20.32 41.15
CA LEU E 218 38.98 20.96 41.77
C LEU E 218 38.28 20.01 42.74
N SER E 219 38.08 18.75 42.31
CA SER E 219 37.38 17.81 43.19
C SER E 219 38.13 17.59 44.49
N ASP E 220 39.47 17.53 44.42
CA ASP E 220 40.26 17.28 45.63
C ASP E 220 40.16 18.43 46.62
N LEU E 221 40.07 19.67 46.12
CA LEU E 221 39.98 20.82 47.00
C LEU E 221 38.67 20.88 47.78
N ARG E 222 37.64 20.16 47.34
CA ARG E 222 36.39 20.12 48.06
C ARG E 222 36.45 19.26 49.32
N LYS E 223 37.54 18.52 49.52
CA LYS E 223 37.65 17.69 50.72
C LYS E 223 37.90 18.49 51.98
N HIS E 224 38.12 19.79 51.87
CA HIS E 224 38.53 20.62 52.98
C HIS E 224 37.32 21.23 53.68
N ASN E 225 37.52 21.51 54.98
CA ASN E 225 36.50 21.99 55.88
C ASN E 225 36.98 23.32 56.47
N PRO E 226 36.24 24.43 56.31
CA PRO E 226 34.94 24.51 55.62
C PRO E 226 35.04 24.43 54.10
N ALA E 227 33.99 23.91 53.47
CA ALA E 227 33.92 23.78 52.03
C ALA E 227 34.29 25.10 51.35
N PRO E 228 35.30 25.12 50.47
CA PRO E 228 35.71 26.39 49.85
C PRO E 228 34.84 26.84 48.69
N ILE E 229 33.94 25.99 48.21
CA ILE E 229 33.06 26.31 47.09
C ILE E 229 31.79 25.48 47.26
N HIS E 230 30.65 26.06 46.88
CA HIS E 230 29.40 25.30 46.88
C HIS E 230 29.39 24.29 45.74
N GLY E 231 28.78 23.14 45.99
CA GLY E 231 28.75 22.08 44.99
C GLY E 231 27.98 22.45 43.74
N LEU E 232 26.99 23.32 43.86
CA LEU E 232 26.24 23.73 42.68
C LEU E 232 27.14 24.40 41.65
N ASP E 233 28.11 25.19 42.13
CA ASP E 233 29.05 25.81 41.20
C ASP E 233 29.94 24.76 40.53
N VAL E 234 30.35 23.73 41.27
CA VAL E 234 31.21 22.71 40.67
C VAL E 234 30.43 21.85 39.70
N LEU E 235 29.16 21.56 40.02
CA LEU E 235 28.32 20.84 39.06
C LEU E 235 28.27 21.60 37.73
N LEU E 236 28.05 22.92 37.79
CA LEU E 236 28.02 23.70 36.56
C LEU E 236 29.32 23.53 35.78
N ILE E 237 30.45 23.66 36.47
CA ILE E 237 31.74 23.52 35.80
C ILE E 237 31.85 22.15 35.15
N ASN E 238 31.50 21.10 35.88
CA ASN E 238 31.57 19.75 35.31
C ASN E 238 30.61 19.60 34.13
N GLN E 239 29.46 20.28 34.18
CA GLN E 239 28.54 20.25 33.04
C GLN E 239 29.16 20.92 31.81
N LEU E 240 29.77 22.10 32.00
CA LEU E 240 30.36 22.79 30.86
C LEU E 240 31.57 22.07 30.30
N ALA E 241 32.21 21.20 31.11
CA ALA E 241 33.36 20.46 30.61
C ALA E 241 33.06 19.70 29.34
N PHE E 242 31.79 19.38 29.09
CA PHE E 242 31.44 18.52 27.99
C PHE E 242 31.32 19.24 26.66
N PHE E 243 31.27 20.57 26.62
CA PHE E 243 31.25 21.25 25.33
C PHE E 243 32.11 22.51 25.22
N ASP E 244 32.84 22.91 26.25
CA ASP E 244 33.75 24.03 26.13
C ASP E 244 35.03 23.60 25.43
N ASP E 245 35.82 24.58 24.97
CA ASP E 245 37.12 24.28 24.38
C ASP E 245 38.01 23.67 25.45
N PRO E 246 38.58 22.48 25.24
CA PRO E 246 39.28 21.81 26.35
C PRO E 246 40.45 22.60 26.91
N GLU E 247 41.22 23.27 26.03
CA GLU E 247 42.39 24.02 26.47
C GLU E 247 41.99 25.24 27.30
N ARG E 248 41.06 26.04 26.77
CA ARG E 248 40.58 27.20 27.52
C ARG E 248 39.89 26.76 28.81
N PHE E 249 39.10 25.70 28.74
CA PHE E 249 38.38 25.22 29.92
C PHE E 249 39.35 24.82 31.02
N ALA E 250 40.33 23.99 30.69
CA ALA E 250 41.30 23.55 31.70
C ALA E 250 42.02 24.74 32.32
N THR E 251 42.34 25.74 31.51
CA THR E 251 42.99 26.93 32.04
C THR E 251 42.11 27.64 33.05
N LYS E 252 40.82 27.79 32.74
CA LYS E 252 39.93 28.55 33.61
C LYS E 252 39.60 27.78 34.88
N VAL E 253 39.58 26.44 34.81
CA VAL E 253 39.38 25.66 36.03
C VAL E 253 40.61 25.74 36.92
N ASN E 254 41.80 25.68 36.33
CA ASN E 254 43.02 25.80 37.11
C ASN E 254 43.12 27.18 37.75
N GLU E 255 42.62 28.23 37.09
CA GLU E 255 42.57 29.55 37.70
C GLU E 255 41.59 29.58 38.86
N LEU E 256 40.48 28.86 38.75
CA LEU E 256 39.58 28.74 39.89
C LEU E 256 40.27 28.01 41.03
N CYS E 257 41.01 26.94 40.72
CA CYS E 257 41.67 26.16 41.77
C CYS E 257 42.69 27.00 42.52
N ASP E 258 43.44 27.83 41.79
CA ASP E 258 44.37 28.75 42.44
C ASP E 258 43.66 29.56 43.51
N GLU E 259 42.49 30.10 43.18
CA GLU E 259 41.74 30.91 44.14
C GLU E 259 41.27 30.07 45.33
N LEU E 260 40.79 28.85 45.08
CA LEU E 260 40.34 28.01 46.19
C LEU E 260 41.48 27.61 47.10
N GLU E 261 42.69 27.42 46.56
CA GLU E 261 43.83 27.10 47.40
C GLU E 261 44.11 28.22 48.39
N GLU E 262 43.91 29.47 47.98
CA GLU E 262 44.05 30.57 48.92
C GLU E 262 42.95 30.52 49.98
N ARG E 263 41.71 30.22 49.56
CA ARG E 263 40.64 30.09 50.54
C ARG E 263 40.98 29.05 51.59
N VAL E 264 41.42 27.86 51.14
CA VAL E 264 41.74 26.78 52.06
C VAL E 264 42.89 27.19 52.97
N ALA E 265 43.92 27.85 52.41
CA ALA E 265 45.05 28.28 53.23
C ALA E 265 44.60 29.18 54.36
N LYS E 266 43.57 30.00 54.14
CA LYS E 266 43.12 30.96 55.14
C LYS E 266 41.90 30.48 55.92
N GLY E 267 41.51 29.21 55.74
CA GLY E 267 40.35 28.69 56.44
C GLY E 267 39.03 29.29 56.01
N GLU E 268 38.96 29.85 54.81
CA GLU E 268 37.75 30.50 54.34
C GLU E 268 36.87 29.51 53.57
N GLY E 269 35.56 29.66 53.72
CA GLY E 269 34.63 28.73 53.10
C GLY E 269 33.31 29.39 52.79
N VAL E 270 32.40 28.60 52.22
CA VAL E 270 31.08 29.09 51.85
C VAL E 270 29.99 28.69 52.84
N VAL E 271 30.30 27.82 53.79
CA VAL E 271 29.37 27.42 54.83
C VAL E 271 30.15 27.29 56.14
N SER E 272 29.41 27.27 57.24
CA SER E 272 30.01 26.97 58.53
C SER E 272 30.53 25.55 58.54
N LYS E 273 31.50 25.28 59.42
CA LYS E 273 32.02 23.92 59.55
C LYS E 273 30.95 22.94 60.00
N ASP E 274 29.83 23.42 60.55
CA ASP E 274 28.78 22.58 61.07
C ASP E 274 27.72 22.23 60.03
N ALA E 275 27.80 22.79 58.83
CA ALA E 275 26.82 22.44 57.80
C ALA E 275 27.05 21.00 57.36
N PRO E 276 25.99 20.23 57.13
CA PRO E 276 26.18 18.83 56.71
C PRO E 276 26.78 18.75 55.32
N ARG E 277 27.78 17.87 55.18
CA ARG E 277 28.51 17.67 53.94
C ARG E 277 27.92 16.45 53.25
N ILE E 278 27.46 16.63 52.00
CA ILE E 278 26.69 15.61 51.29
C ILE E 278 27.50 15.10 50.11
N LEU E 279 27.49 13.78 49.92
CA LEU E 279 27.92 13.15 48.68
C LEU E 279 26.69 12.77 47.87
N ILE E 280 26.66 13.17 46.61
CA ILE E 280 25.67 12.72 45.64
C ILE E 280 26.28 11.58 44.84
N THR E 281 25.48 10.55 44.58
CA THR E 281 25.91 9.41 43.78
C THR E 281 24.73 8.99 42.92
N GLY E 282 25.01 8.54 41.71
CA GLY E 282 23.97 8.07 40.83
C GLY E 282 24.18 8.48 39.39
N THR E 283 23.11 8.94 38.76
CA THR E 283 23.09 9.30 37.36
C THR E 283 23.65 10.70 37.13
N PRO E 284 24.12 11.00 35.92
CA PRO E 284 24.59 12.36 35.62
C PRO E 284 23.45 13.36 35.68
N GLN E 285 23.78 14.59 36.09
CA GLN E 285 22.83 15.69 36.09
C GLN E 285 23.22 16.66 34.98
N PRO E 286 22.66 16.51 33.79
CA PRO E 286 23.07 17.38 32.68
C PRO E 286 22.50 18.78 32.80
N ILE E 287 23.23 19.74 32.25
CA ILE E 287 22.77 21.13 32.30
C ILE E 287 21.42 21.23 31.62
N PRO E 288 20.43 22.00 32.16
CA PRO E 288 20.43 22.73 33.43
C PRO E 288 19.66 22.07 34.57
N HIS E 289 19.90 20.78 34.79
CA HIS E 289 19.20 20.04 35.84
C HIS E 289 19.91 20.25 37.17
N TRP E 290 19.70 21.44 37.74
CA TRP E 290 20.38 21.90 38.95
C TRP E 290 19.59 21.65 40.21
N LYS E 291 18.38 21.09 40.09
CA LYS E 291 17.40 21.13 41.18
C LYS E 291 17.92 20.48 42.46
N ILE E 292 18.54 19.32 42.35
CA ILE E 292 18.88 18.57 43.56
C ILE E 292 19.99 19.28 44.34
N HIS E 293 21.05 19.73 43.66
CA HIS E 293 22.08 20.50 44.34
C HIS E 293 21.49 21.76 44.96
N ALA E 294 20.62 22.45 44.20
CA ALA E 294 20.05 23.70 44.67
C ALA E 294 19.23 23.52 45.93
N LEU E 295 18.48 22.41 46.01
CA LEU E 295 17.64 22.18 47.18
C LEU E 295 18.47 21.78 48.40
N ILE E 296 19.46 20.91 48.20
CA ILE E 296 20.33 20.53 49.31
C ILE E 296 21.01 21.77 49.89
N GLU E 297 21.60 22.59 49.03
CA GLU E 297 22.38 23.73 49.48
C GLU E 297 21.48 24.88 49.90
N GLY E 298 20.27 24.98 49.35
CA GLY E 298 19.30 25.92 49.89
C GLY E 298 18.80 25.54 51.27
N ALA E 299 18.85 24.26 51.62
CA ALA E 299 18.46 23.79 52.94
C ALA E 299 19.62 23.82 53.94
N GLY E 300 20.75 24.40 53.57
CA GLY E 300 21.84 24.60 54.50
C GLY E 300 22.97 23.60 54.42
N GLY E 301 22.87 22.58 53.58
CA GLY E 301 23.96 21.65 53.39
C GLY E 301 24.93 22.14 52.31
N VAL E 302 26.01 21.38 52.15
CA VAL E 302 26.95 21.62 51.06
C VAL E 302 27.23 20.28 50.39
N VAL E 303 27.09 20.23 49.07
CA VAL E 303 27.49 19.05 48.31
C VAL E 303 28.98 19.14 48.06
N VAL E 304 29.72 18.13 48.49
CA VAL E 304 31.18 18.14 48.40
C VAL E 304 31.72 17.14 47.40
N GLY E 305 30.87 16.32 46.80
CA GLY E 305 31.31 15.46 45.71
C GLY E 305 30.12 14.90 44.97
N GLU E 306 30.39 14.46 43.73
CA GLU E 306 29.39 13.82 42.88
C GLU E 306 30.00 12.56 42.31
N GLU E 307 29.53 11.39 42.77
CA GLU E 307 29.88 10.12 42.14
C GLU E 307 28.94 9.87 40.97
N THR E 308 29.18 10.62 39.90
CA THR E 308 28.39 10.54 38.69
C THR E 308 29.28 10.84 37.50
N CYS E 309 28.74 10.64 36.29
CA CYS E 309 29.50 10.92 35.08
C CYS E 309 29.53 12.39 34.72
N ILE E 310 28.72 13.23 35.36
CA ILE E 310 28.96 14.66 35.35
C ILE E 310 29.46 14.97 36.75
N GLY E 311 30.71 14.61 37.00
CA GLY E 311 31.27 14.42 38.33
C GLY E 311 32.44 13.46 38.24
N GLU E 312 32.66 12.74 39.35
CA GLU E 312 33.94 12.05 39.55
C GLU E 312 34.20 10.99 38.48
N ARG E 313 33.15 10.29 38.01
CA ARG E 313 33.36 9.23 37.04
C ARG E 313 33.91 9.77 35.72
N TYR E 314 33.75 11.06 35.45
CA TYR E 314 34.23 11.62 34.19
C TYR E 314 35.74 11.83 34.20
N PHE E 315 36.27 12.40 35.29
CA PHE E 315 37.63 12.91 35.28
C PHE E 315 38.60 12.11 36.13
N LYS E 316 38.14 11.08 36.84
CA LYS E 316 39.00 10.39 37.80
C LYS E 316 40.16 9.68 37.11
N ASP E 317 39.94 9.09 35.95
CA ASP E 317 40.92 8.22 35.31
C ASP E 317 41.57 8.93 34.13
N LEU E 318 42.91 8.95 34.12
CA LEU E 318 43.70 9.56 33.07
C LEU E 318 44.32 8.48 32.19
N VAL E 319 44.56 8.82 30.93
CA VAL E 319 45.19 7.88 30.01
C VAL E 319 46.67 7.75 30.37
N GLU E 320 47.15 6.51 30.41
CA GLU E 320 48.57 6.25 30.61
CA GLU E 320 48.57 6.26 30.61
C GLU E 320 49.29 6.32 29.27
N PRO E 321 50.44 7.01 29.19
CA PRO E 321 51.10 7.15 27.89
C PRO E 321 51.74 5.85 27.41
N ALA E 322 52.03 5.83 26.12
CA ALA E 322 52.56 4.68 25.44
C ALA E 322 53.43 5.18 24.31
N ALA E 323 54.19 4.26 23.73
CA ALA E 323 55.22 4.65 22.78
C ALA E 323 54.65 4.94 21.39
N ASP E 324 53.63 4.19 20.97
CA ASP E 324 53.19 4.21 19.59
C ASP E 324 51.66 4.26 19.54
N VAL E 325 51.13 4.35 18.32
CA VAL E 325 49.69 4.44 18.14
C VAL E 325 49.00 3.22 18.73
N GLU E 326 49.55 2.03 18.48
CA GLU E 326 48.88 0.82 18.96
C GLU E 326 48.72 0.86 20.47
N GLY E 327 49.80 1.17 21.19
CA GLY E 327 49.74 1.18 22.64
C GLY E 327 48.89 2.29 23.20
N MET E 328 48.80 3.43 22.50
CA MET E 328 47.97 4.53 22.97
C MET E 328 46.48 4.19 22.84
N LEU E 329 46.09 3.54 21.74
CA LEU E 329 44.70 3.11 21.60
C LEU E 329 44.33 2.11 22.68
N LYS E 330 45.23 1.17 23.00
CA LYS E 330 44.95 0.24 24.09
C LYS E 330 44.79 0.98 25.41
N ASN E 331 45.64 1.98 25.66
CA ASN E 331 45.56 2.73 26.91
C ASN E 331 44.33 3.62 26.94
N ILE E 332 43.88 4.13 25.79
CA ILE E 332 42.63 4.86 25.74
C ILE E 332 41.47 3.94 26.10
N ALA E 333 41.47 2.72 25.54
CA ALA E 333 40.42 1.76 25.86
C ALA E 333 40.44 1.42 27.35
N ALA E 334 41.62 1.19 27.90
CA ALA E 334 41.72 0.82 29.30
C ALA E 334 41.21 1.95 30.21
N ARG E 335 41.50 3.21 29.84
CA ARG E 335 41.05 4.33 30.66
C ARG E 335 39.53 4.35 30.77
N SER E 336 38.84 4.22 29.64
CA SER E 336 37.38 4.29 29.68
C SER E 336 36.80 3.11 30.47
N LEU E 337 37.40 1.93 30.34
CA LEU E 337 36.84 0.75 31.02
C LEU E 337 37.07 0.78 32.52
N LYS E 338 37.78 1.78 33.04
CA LYS E 338 37.86 1.97 34.48
C LYS E 338 36.62 2.66 35.04
N VAL E 339 35.77 3.22 34.18
CA VAL E 339 34.56 3.90 34.65
C VAL E 339 33.56 2.87 35.15
N ASN E 340 33.08 3.07 36.38
CA ASN E 340 32.28 2.06 37.07
C ASN E 340 30.79 2.38 36.93
N CYS E 341 30.31 2.25 35.70
CA CYS E 341 28.92 2.52 35.39
C CYS E 341 28.03 1.32 35.73
N ALA E 342 26.79 1.62 36.14
CA ALA E 342 25.85 0.58 36.53
C ALA E 342 25.47 -0.35 35.39
N CYS E 343 25.81 -0.01 34.14
CA CYS E 343 25.54 -0.92 33.03
CA CYS E 343 25.56 -0.90 33.01
C CYS E 343 26.45 -2.14 33.05
N PHE E 344 27.49 -2.16 33.87
CA PHE E 344 28.34 -3.32 34.02
C PHE E 344 27.86 -4.18 35.18
N THR E 345 28.14 -5.49 35.10
CA THR E 345 27.81 -6.41 36.17
C THR E 345 28.99 -7.30 36.49
N PRO E 346 29.33 -7.51 37.78
CA PRO E 346 28.83 -6.71 38.91
C PRO E 346 29.49 -5.34 38.75
N ASN E 347 29.18 -4.38 39.60
CA ASN E 347 29.81 -3.07 39.51
C ASN E 347 30.40 -2.73 40.86
N THR E 348 31.14 -3.71 41.42
CA THR E 348 31.62 -3.61 42.79
C THR E 348 32.53 -2.41 42.97
N GLY E 349 33.22 -1.99 41.91
CA GLY E 349 34.12 -0.85 42.02
C GLY E 349 33.41 0.44 42.35
N ARG E 350 32.18 0.61 41.88
CA ARG E 350 31.45 1.83 42.19
C ARG E 350 31.21 1.96 43.68
N LEU E 351 30.80 0.87 44.34
CA LEU E 351 30.64 0.89 45.78
C LEU E 351 31.97 1.23 46.47
N GLU E 352 33.07 0.68 45.97
CA GLU E 352 34.37 1.03 46.54
C GLU E 352 34.65 2.52 46.37
N ASP E 353 34.32 3.08 45.20
CA ASP E 353 34.51 4.52 45.00
C ASP E 353 33.67 5.33 45.97
N ILE E 354 32.41 4.93 46.17
CA ILE E 354 31.52 5.66 47.06
C ILE E 354 32.10 5.70 48.46
N LEU E 355 32.52 4.54 48.98
CA LEU E 355 33.05 4.47 50.32
C LEU E 355 34.34 5.27 50.45
N SER E 356 35.18 5.24 49.42
CA SER E 356 36.42 6.02 49.46
C SER E 356 36.12 7.51 49.47
N MET E 357 35.13 7.95 48.70
CA MET E 357 34.78 9.37 48.69
C MET E 357 34.17 9.81 50.02
N VAL E 358 33.39 8.93 50.68
CA VAL E 358 32.83 9.27 51.98
C VAL E 358 33.94 9.60 52.97
N GLN E 359 35.00 8.79 52.99
CA GLN E 359 36.11 9.03 53.88
C GLN E 359 36.89 10.28 53.46
N LYS E 360 37.30 10.35 52.20
CA LYS E 360 38.19 11.42 51.78
C LYS E 360 37.52 12.79 51.89
N LEU E 361 36.22 12.87 51.57
CA LEU E 361 35.53 14.16 51.53
C LEU E 361 34.82 14.49 52.84
N GLN E 362 35.00 13.68 53.88
CA GLN E 362 34.43 13.95 55.21
C GLN E 362 32.91 14.14 55.13
N VAL E 363 32.26 13.12 54.59
CA VAL E 363 30.85 13.18 54.24
C VAL E 363 30.00 12.77 55.44
N ASP E 364 28.93 13.52 55.67
CA ASP E 364 27.97 13.25 56.74
C ASP E 364 26.78 12.42 56.27
N GLY E 365 26.44 12.49 54.98
CA GLY E 365 25.34 11.71 54.45
C GLY E 365 25.44 11.58 52.96
N VAL E 366 24.96 10.45 52.44
CA VAL E 366 25.00 10.14 51.01
C VAL E 366 23.57 10.24 50.47
N ILE E 367 23.41 11.00 49.39
CA ILE E 367 22.14 11.09 48.68
C ILE E 367 22.32 10.40 47.33
N HIS E 368 21.56 9.33 47.11
CA HIS E 368 21.60 8.59 45.87
C HIS E 368 20.48 9.13 44.98
N TYR E 369 20.86 9.83 43.92
CA TYR E 369 19.91 10.45 43.01
C TYR E 369 20.04 9.78 41.64
N SER E 370 18.94 9.21 41.16
CA SER E 370 18.88 8.64 39.82
C SER E 370 17.62 9.16 39.13
N LEU E 371 17.72 9.39 37.83
CA LEU E 371 16.58 9.88 37.07
C LEU E 371 15.47 8.83 37.00
N GLN E 372 14.24 9.32 37.02
CA GLN E 372 13.05 8.47 36.89
C GLN E 372 13.17 7.57 35.68
N PHE E 373 12.96 6.27 35.89
CA PHE E 373 12.98 5.22 34.87
C PHE E 373 14.39 4.86 34.42
N CYS E 374 15.44 5.35 35.08
CA CYS E 374 16.78 4.80 34.85
C CYS E 374 16.87 3.47 35.59
N GLN E 375 16.83 2.38 34.85
CA GLN E 375 16.77 1.07 35.49
CA GLN E 375 16.78 1.05 35.44
C GLN E 375 18.15 0.58 35.94
N PRO E 376 19.24 0.85 35.22
CA PRO E 376 20.54 0.40 35.75
C PRO E 376 20.83 0.97 37.13
N TYR E 377 20.68 2.27 37.31
CA TYR E 377 20.98 2.88 38.60
C TYR E 377 19.84 2.68 39.59
N GLY E 378 18.61 2.64 39.10
CA GLY E 378 17.49 2.34 39.97
C GLY E 378 17.63 1.00 40.68
N VAL E 379 17.97 -0.04 39.92
CA VAL E 379 18.09 -1.36 40.52
C VAL E 379 19.31 -1.44 41.43
N GLU E 380 20.46 -0.97 40.93
CA GLU E 380 21.68 -1.03 41.74
C GLU E 380 21.56 -0.26 43.05
N SER E 381 20.60 0.68 43.15
CA SER E 381 20.50 1.46 44.38
C SER E 381 20.18 0.59 45.60
N TYR E 382 19.55 -0.57 45.39
CA TYR E 382 19.25 -1.45 46.51
C TYR E 382 20.52 -1.95 47.18
N LEU E 383 21.45 -2.51 46.41
CA LEU E 383 22.68 -3.04 46.98
C LEU E 383 23.56 -1.93 47.53
N VAL E 384 23.58 -0.76 46.88
CA VAL E 384 24.39 0.34 47.37
C VAL E 384 23.88 0.79 48.73
N GLY E 385 22.58 1.04 48.84
CA GLY E 385 22.02 1.49 50.10
C GLY E 385 22.18 0.47 51.21
N ARG E 386 22.10 -0.81 50.86
CA ARG E 386 22.24 -1.85 51.87
CA ARG E 386 22.25 -1.86 51.85
C ARG E 386 23.65 -1.88 52.44
N GLU E 387 24.67 -1.74 51.59
CA GLU E 387 26.05 -1.73 52.09
C GLU E 387 26.36 -0.47 52.88
N LEU E 388 25.81 0.67 52.47
CA LEU E 388 26.06 1.90 53.22
C LEU E 388 25.44 1.83 54.61
N GLU E 389 24.20 1.33 54.71
CA GLU E 389 23.56 1.17 56.02
C GLU E 389 24.30 0.13 56.86
N ARG E 390 24.87 -0.90 56.23
CA ARG E 390 25.68 -1.85 56.96
C ARG E 390 26.88 -1.18 57.62
N ARG E 391 27.46 -0.18 56.96
CA ARG E 391 28.58 0.57 57.50
C ARG E 391 28.15 1.85 58.21
N ASN E 392 26.86 2.00 58.49
CA ASN E 392 26.34 3.12 59.28
C ASN E 392 26.63 4.47 58.64
N ILE E 393 26.55 4.53 57.31
CA ILE E 393 26.62 5.78 56.58
C ILE E 393 25.19 6.20 56.26
N PRO E 394 24.74 7.37 56.72
CA PRO E 394 23.38 7.81 56.37
C PRO E 394 23.19 7.86 54.86
N PHE E 395 22.02 7.40 54.40
CA PHE E 395 21.74 7.17 52.98
C PHE E 395 20.30 7.58 52.68
N LEU E 396 20.12 8.36 51.62
CA LEU E 396 18.79 8.78 51.17
C LEU E 396 18.68 8.55 49.67
N LYS E 397 17.70 7.75 49.27
CA LYS E 397 17.45 7.52 47.85
C LYS E 397 16.41 8.52 47.35
N LEU E 398 16.76 9.27 46.31
CA LEU E 398 15.84 10.19 45.65
C LEU E 398 15.76 9.88 44.16
N GLU E 399 14.60 10.17 43.58
CA GLU E 399 14.38 10.03 42.15
C GLU E 399 13.54 11.20 41.68
N SER E 400 13.81 11.72 40.49
CA SER E 400 12.98 12.79 39.94
C SER E 400 13.16 12.85 38.43
N ASP E 401 12.44 13.77 37.81
CA ASP E 401 12.57 14.03 36.38
C ASP E 401 12.90 15.50 36.22
N PHE E 402 12.76 16.05 35.01
CA PHE E 402 13.15 17.42 34.75
C PHE E 402 12.05 18.43 35.04
N SER E 403 10.88 17.99 35.50
CA SER E 403 9.82 18.90 35.88
C SER E 403 10.16 19.53 37.23
N GLU E 404 9.96 20.83 37.35
CA GLU E 404 10.52 21.57 38.48
C GLU E 404 9.63 21.62 39.72
N GLU E 405 8.33 21.37 39.59
CA GLU E 405 7.41 21.71 40.67
C GLU E 405 7.19 20.59 41.68
N ASP E 406 7.95 19.50 41.62
CA ASP E 406 7.98 18.53 42.70
C ASP E 406 8.94 18.94 43.82
N GLN E 407 9.34 20.22 43.85
CA GLN E 407 10.31 20.67 44.82
C GLN E 407 9.81 20.51 46.25
N GLY E 408 8.51 20.62 46.46
CA GLY E 408 7.98 20.45 47.80
C GLY E 408 8.20 19.04 48.33
N GLN E 409 7.98 18.05 47.47
CA GLN E 409 8.21 16.66 47.88
C GLN E 409 9.69 16.43 48.18
N LEU E 410 10.55 16.85 47.27
CA LEU E 410 11.99 16.65 47.44
C LEU E 410 12.50 17.39 48.67
N LYS E 411 11.97 18.58 48.94
CA LYS E 411 12.43 19.39 50.07
C LYS E 411 12.22 18.66 51.38
N THR E 412 11.03 18.08 51.57
CA THR E 412 10.73 17.41 52.83
C THR E 412 11.67 16.24 53.06
N ARG E 413 11.92 15.45 52.01
CA ARG E 413 12.83 14.31 52.14
C ARG E 413 14.24 14.80 52.44
N ILE E 414 14.71 15.80 51.70
CA ILE E 414 16.07 16.30 51.91
C ILE E 414 16.21 16.92 53.31
N GLU E 415 15.27 17.78 53.69
CA GLU E 415 15.36 18.46 54.98
C GLU E 415 15.26 17.47 56.13
N ALA E 416 14.37 16.47 56.03
CA ALA E 416 14.29 15.47 57.08
C ALA E 416 15.59 14.69 57.20
N PHE E 417 16.23 14.43 56.08
CA PHE E 417 17.54 13.76 56.08
C PHE E 417 18.59 14.64 56.75
N LEU E 418 18.62 15.92 56.42
CA LEU E 418 19.57 16.83 57.05
C LEU E 418 19.30 16.93 58.55
N GLU E 419 18.04 17.09 58.95
CA GLU E 419 17.71 17.05 60.37
C GLU E 419 18.22 15.77 61.03
N MET E 420 18.11 14.65 60.32
CA MET E 420 18.48 13.36 60.90
C MET E 420 19.98 13.27 61.14
N ILE E 421 20.79 13.80 60.23
CA ILE E 421 22.24 13.64 60.31
C ILE E 421 22.91 14.83 60.97
N LYS E 422 22.15 15.73 61.59
CA LYS E 422 22.75 16.89 62.25
C LYS E 422 23.50 16.45 63.51
N MET F 2 -2.20 -33.90 49.64
CA MET F 2 -1.48 -34.58 50.75
C MET F 2 -0.04 -34.88 50.37
N ASP F 3 0.14 -35.80 49.40
CA ASP F 3 1.49 -36.09 48.93
C ASP F 3 2.13 -34.86 48.30
N ASN F 4 1.33 -34.06 47.59
CA ASN F 4 1.83 -32.78 47.10
C ASN F 4 2.26 -31.88 48.25
N ARG F 5 1.41 -31.77 49.29
CA ARG F 5 1.74 -30.89 50.40
C ARG F 5 2.99 -31.34 51.15
N GLU F 6 3.23 -32.64 51.23
CA GLU F 6 4.46 -33.11 51.86
C GLU F 6 5.69 -32.73 51.03
N LEU F 7 5.60 -32.87 49.72
CA LEU F 7 6.69 -32.39 48.86
C LEU F 7 6.91 -30.90 49.04
N TRP F 8 5.84 -30.11 49.07
CA TRP F 8 6.01 -28.67 49.21
C TRP F 8 6.67 -28.31 50.54
N LYS F 9 6.34 -29.05 51.60
CA LYS F 9 6.98 -28.79 52.90
C LYS F 9 8.46 -29.13 52.86
N VAL F 10 8.83 -30.25 52.23
CA VAL F 10 10.24 -30.59 52.13
C VAL F 10 10.99 -29.50 51.36
N LEU F 11 10.34 -28.92 50.35
CA LEU F 11 10.98 -27.85 49.58
C LEU F 11 10.93 -26.50 50.27
N ASN F 12 10.37 -26.43 51.49
CA ASN F 12 10.32 -25.20 52.26
C ASN F 12 9.46 -24.13 51.57
N VAL F 13 8.39 -24.58 50.92
CA VAL F 13 7.37 -23.67 50.41
C VAL F 13 6.60 -23.06 51.57
N ASP F 14 6.31 -21.76 51.47
CA ASP F 14 5.39 -21.09 52.38
C ASP F 14 3.98 -21.56 52.05
N LEU F 15 3.46 -22.52 52.82
CA LEU F 15 2.25 -23.21 52.42
C LEU F 15 1.05 -22.28 52.37
N GLU F 16 0.93 -21.37 53.35
CA GLU F 16 -0.23 -20.50 53.40
C GLU F 16 -0.24 -19.55 52.20
N LYS F 17 0.87 -18.85 51.96
CA LYS F 17 0.93 -17.96 50.81
C LYS F 17 0.76 -18.73 49.50
N HIS F 18 1.32 -19.94 49.43
CA HIS F 18 1.20 -20.76 48.22
C HIS F 18 -0.26 -21.07 47.91
N ASP F 19 -1.03 -21.52 48.90
CA ASP F 19 -2.43 -21.81 48.61
C ASP F 19 -3.19 -20.53 48.25
N GLU F 20 -2.85 -19.42 48.90
CA GLU F 20 -3.45 -18.13 48.54
CA GLU F 20 -3.45 -18.13 48.54
C GLU F 20 -3.20 -17.82 47.08
N PHE F 21 -1.98 -18.08 46.60
CA PHE F 21 -1.63 -17.80 45.22
C PHE F 21 -2.38 -18.70 44.26
N LEU F 22 -2.51 -19.99 44.59
CA LEU F 22 -3.16 -20.93 43.69
C LEU F 22 -4.68 -20.85 43.75
N ALA F 23 -5.22 -20.26 44.82
CA ALA F 23 -6.67 -20.31 45.07
C ALA F 23 -7.51 -19.86 43.88
N PRO F 24 -7.20 -18.75 43.20
CA PRO F 24 -8.08 -18.30 42.11
C PRO F 24 -7.86 -18.97 40.76
N VAL F 25 -6.85 -19.84 40.64
CA VAL F 25 -6.45 -20.35 39.32
C VAL F 25 -7.53 -21.25 38.71
N PRO F 26 -8.08 -22.22 39.45
CA PRO F 26 -9.08 -23.10 38.81
C PRO F 26 -10.24 -22.34 38.19
N ALA F 27 -10.74 -21.29 38.85
CA ALA F 27 -11.86 -20.55 38.29
C ALA F 27 -11.48 -19.85 36.99
N VAL F 28 -10.27 -19.29 36.92
CA VAL F 28 -9.84 -18.63 35.70
C VAL F 28 -9.69 -19.63 34.58
N TYR F 29 -9.08 -20.78 34.87
CA TYR F 29 -8.88 -21.80 33.86
C TYR F 29 -10.20 -22.33 33.35
N ARG F 30 -11.17 -22.52 34.25
CA ARG F 30 -12.51 -22.92 33.85
C ARG F 30 -13.12 -21.92 32.88
N GLU F 31 -13.00 -20.63 33.19
CA GLU F 31 -13.65 -19.61 32.37
C GLU F 31 -12.97 -19.49 31.01
N LEU F 32 -11.64 -19.49 31.00
CA LEU F 32 -10.91 -19.19 29.77
C LEU F 32 -10.61 -20.42 28.94
N PHE F 33 -10.65 -21.62 29.53
CA PHE F 33 -10.30 -22.81 28.78
C PHE F 33 -11.38 -23.88 28.80
N LEU F 34 -11.71 -24.40 29.98
CA LEU F 34 -12.55 -25.59 30.04
C LEU F 34 -13.97 -25.31 29.53
N ASN F 35 -14.50 -24.13 29.79
CA ASN F 35 -15.85 -23.81 29.32
C ASN F 35 -15.87 -23.29 27.89
N ARG F 36 -14.72 -23.25 27.21
CA ARG F 36 -14.65 -22.79 25.82
C ARG F 36 -14.90 -23.99 24.91
N PRO F 37 -15.87 -23.93 24.02
CA PRO F 37 -16.22 -25.11 23.21
C PRO F 37 -15.26 -25.34 22.05
N ASN F 38 -15.32 -26.57 21.54
CA ASN F 38 -14.64 -26.99 20.31
CA ASN F 38 -14.63 -26.98 20.31
C ASN F 38 -13.12 -27.09 20.47
N ARG F 39 -12.63 -27.26 21.70
CA ARG F 39 -11.20 -27.47 21.89
C ARG F 39 -10.83 -28.91 21.53
N PRO F 40 -9.65 -29.11 20.92
CA PRO F 40 -9.26 -30.47 20.55
C PRO F 40 -9.24 -31.40 21.75
N ARG F 41 -9.59 -32.66 21.50
CA ARG F 41 -9.57 -33.66 22.56
C ARG F 41 -8.19 -33.75 23.20
N ALA F 42 -7.15 -33.65 22.39
CA ALA F 42 -5.76 -33.73 22.85
C ALA F 42 -5.33 -32.55 23.71
N MET F 43 -6.21 -31.58 23.99
CA MET F 43 -5.90 -30.60 25.01
C MET F 43 -5.99 -31.18 26.41
N ALA F 44 -6.55 -32.38 26.55
CA ALA F 44 -6.76 -32.94 27.88
C ALA F 44 -5.45 -33.10 28.62
N TYR F 45 -4.38 -33.49 27.92
CA TYR F 45 -3.09 -33.66 28.60
C TYR F 45 -2.65 -32.36 29.26
N PHE F 46 -2.69 -31.27 28.49
CA PHE F 46 -2.22 -29.98 29.00
C PHE F 46 -3.15 -29.44 30.07
N ASP F 47 -4.45 -29.68 29.94
CA ASP F 47 -5.38 -29.30 30.99
C ASP F 47 -5.02 -30.00 32.30
N ALA F 48 -4.63 -31.27 32.22
CA ALA F 48 -4.26 -32.02 33.43
C ALA F 48 -2.94 -31.53 34.01
N VAL F 49 -2.01 -31.11 33.15
CA VAL F 49 -0.78 -30.48 33.65
C VAL F 49 -1.15 -29.25 34.47
N VAL F 50 -2.00 -28.37 33.93
CA VAL F 50 -2.37 -27.17 34.67
C VAL F 50 -3.05 -27.56 35.99
N GLY F 51 -3.93 -28.56 35.96
CA GLY F 51 -4.64 -28.97 37.17
C GLY F 51 -3.72 -29.46 38.28
N ASP F 52 -2.54 -29.95 37.93
CA ASP F 52 -1.54 -30.43 38.88
C ASP F 52 -0.21 -29.74 38.63
N ILE F 53 -0.26 -28.42 38.40
CA ILE F 53 0.92 -27.71 37.91
C ILE F 53 2.06 -27.76 38.92
N HIS F 54 1.77 -27.85 40.20
CA HIS F 54 2.83 -27.93 41.20
C HIS F 54 2.98 -29.32 41.79
N GLY F 55 2.50 -30.32 41.06
CA GLY F 55 2.50 -31.68 41.56
C GLY F 55 3.48 -32.59 40.84
N ILE F 56 3.00 -33.37 39.88
CA ILE F 56 3.77 -34.48 39.36
C ILE F 56 5.13 -34.02 38.84
N ARG F 57 5.15 -32.94 38.05
CA ARG F 57 6.42 -32.51 37.46
C ARG F 57 7.41 -32.09 38.53
N VAL F 58 6.92 -31.47 39.60
CA VAL F 58 7.81 -31.09 40.69
C VAL F 58 8.32 -32.33 41.41
N HIS F 59 7.45 -33.33 41.62
CA HIS F 59 7.91 -34.62 42.14
C HIS F 59 9.00 -35.20 41.25
N GLU F 60 8.82 -35.13 39.93
CA GLU F 60 9.81 -35.66 39.00
C GLU F 60 11.16 -34.97 39.20
N LEU F 61 11.14 -33.64 39.32
CA LEU F 61 12.39 -32.91 39.47
C LEU F 61 13.04 -33.23 40.82
N TYR F 62 12.26 -33.29 41.88
CA TYR F 62 12.78 -33.70 43.18
C TYR F 62 13.43 -35.07 43.09
N ASN F 63 12.82 -36.00 42.36
CA ASN F 63 13.38 -37.35 42.27
C ASN F 63 14.67 -37.36 41.46
N LEU F 64 14.75 -36.55 40.41
CA LEU F 64 15.99 -36.41 39.66
C LEU F 64 17.13 -35.96 40.57
N LYS F 65 16.85 -35.02 41.47
CA LYS F 65 17.89 -34.52 42.37
C LYS F 65 18.35 -35.61 43.34
N GLN F 66 17.41 -36.45 43.79
CA GLN F 66 17.76 -37.54 44.69
C GLN F 66 18.70 -38.54 44.02
N GLU F 67 18.67 -38.61 42.69
CA GLU F 67 19.60 -39.44 41.93
C GLU F 67 20.92 -38.73 41.65
N GLY F 68 21.10 -37.50 42.11
CA GLY F 68 22.33 -36.77 41.88
C GLY F 68 22.33 -35.86 40.66
N LYS F 69 21.23 -35.76 39.95
CA LYS F 69 21.14 -34.81 38.85
C LYS F 69 20.77 -33.43 39.41
N LYS F 70 20.83 -32.42 38.56
CA LYS F 70 20.63 -31.04 38.98
C LYS F 70 19.44 -30.44 38.23
N VAL F 71 18.90 -29.35 38.80
CA VAL F 71 17.80 -28.60 38.22
C VAL F 71 18.30 -27.18 38.00
N PHE F 72 18.34 -26.77 36.73
CA PHE F 72 18.77 -25.44 36.30
C PHE F 72 17.52 -24.64 35.94
N ALA F 73 17.37 -23.47 36.53
CA ALA F 73 16.28 -22.56 36.23
C ALA F 73 16.80 -21.49 35.26
N THR F 74 16.01 -21.17 34.24
CA THR F 74 16.41 -20.18 33.25
C THR F 74 15.27 -19.19 33.03
N PHE F 75 15.63 -18.04 32.44
CA PHE F 75 14.68 -16.97 32.18
C PHE F 75 14.78 -16.43 30.76
N CYS F 76 15.54 -17.10 29.89
CA CYS F 76 15.76 -16.58 28.56
C CYS F 76 16.00 -17.75 27.62
N VAL F 77 15.52 -17.62 26.37
CA VAL F 77 15.69 -18.71 25.41
C VAL F 77 17.13 -18.87 24.97
N TYR F 78 18.01 -17.89 25.27
CA TYR F 78 19.39 -17.98 24.86
C TYR F 78 20.20 -18.98 25.67
N VAL F 79 19.76 -19.32 26.88
CA VAL F 79 20.50 -20.32 27.66
C VAL F 79 20.40 -21.66 26.96
N PRO F 80 21.51 -22.36 26.71
CA PRO F 80 21.43 -23.60 25.92
C PRO F 80 20.85 -24.79 26.69
N GLU F 81 19.57 -25.06 26.47
CA GLU F 81 18.92 -26.24 27.04
C GLU F 81 19.67 -27.51 26.65
N GLU F 82 20.21 -27.53 25.43
CA GLU F 82 20.83 -28.74 24.90
C GLU F 82 21.97 -29.21 25.82
N ILE F 83 22.74 -28.27 26.35
CA ILE F 83 23.92 -28.62 27.14
C ILE F 83 23.50 -29.18 28.50
N ILE F 84 22.55 -28.51 29.14
CA ILE F 84 22.02 -29.02 30.40
C ILE F 84 21.44 -30.41 30.19
N ASN F 85 20.58 -30.57 29.19
CA ASN F 85 19.92 -31.85 29.06
CA ASN F 85 19.91 -31.84 28.94
C ASN F 85 20.92 -32.95 28.66
N ALA F 86 22.04 -32.62 28.02
CA ALA F 86 23.04 -33.63 27.69
C ALA F 86 23.51 -34.38 28.93
N THR F 87 23.53 -33.72 30.09
CA THR F 87 24.06 -34.32 31.30
C THR F 87 23.03 -35.17 32.05
N GLY F 88 21.78 -35.20 31.59
CA GLY F 88 20.71 -35.83 32.32
C GLY F 88 20.03 -34.92 33.32
N SER F 89 20.53 -33.70 33.50
CA SER F 89 19.91 -32.72 34.36
C SER F 89 18.74 -32.06 33.65
N ALA F 90 17.94 -31.32 34.43
CA ALA F 90 16.72 -30.70 33.95
C ALA F 90 16.92 -29.20 33.81
N CYS F 91 16.23 -28.64 32.81
CA CYS F 91 16.17 -27.21 32.57
C CYS F 91 14.71 -26.77 32.63
N ILE F 92 14.41 -25.79 33.47
CA ILE F 92 13.05 -25.28 33.60
C ILE F 92 13.10 -23.76 33.44
N GLY F 93 12.19 -23.22 32.64
CA GLY F 93 12.10 -21.78 32.47
C GLY F 93 11.09 -21.17 33.42
N LEU F 94 11.50 -20.21 34.24
CA LEU F 94 10.67 -19.71 35.33
C LEU F 94 10.28 -18.23 35.19
N CYS F 95 10.21 -17.70 33.98
CA CYS F 95 9.78 -16.31 33.83
C CYS F 95 8.45 -16.08 34.55
N GLY F 96 8.37 -14.97 35.29
CA GLY F 96 7.19 -14.71 36.13
C GLY F 96 5.98 -14.26 35.33
N GLY F 97 4.81 -14.71 35.78
CA GLY F 97 3.57 -14.34 35.12
C GLY F 97 2.45 -13.87 36.03
N ALA F 98 2.76 -13.64 37.31
CA ALA F 98 1.73 -13.51 38.34
C ALA F 98 1.82 -12.19 39.09
N GLN F 99 0.68 -11.52 39.22
CA GLN F 99 0.61 -10.30 40.01
C GLN F 99 0.80 -10.57 41.50
N TYR F 100 0.44 -11.76 41.98
CA TYR F 100 0.45 -12.00 43.42
C TYR F 100 1.82 -11.69 44.03
N THR F 101 2.89 -11.97 43.30
CA THR F 101 4.24 -11.88 43.83
C THR F 101 4.94 -10.56 43.55
N VAL F 102 4.30 -9.67 42.78
CA VAL F 102 4.97 -8.41 42.42
C VAL F 102 5.29 -7.58 43.65
N PRO F 103 4.39 -7.39 44.62
CA PRO F 103 4.76 -6.56 45.80
C PRO F 103 5.96 -7.13 46.54
N ALA F 104 6.11 -8.46 46.62
CA ALA F 104 7.28 -9.03 47.25
C ALA F 104 8.54 -8.74 46.45
N GLY F 105 8.47 -8.83 45.12
CA GLY F 105 9.61 -8.49 44.31
C GLY F 105 10.04 -7.05 44.52
N GLU F 106 9.07 -6.17 44.76
CA GLU F 106 9.33 -4.75 44.97
C GLU F 106 9.98 -4.44 46.31
N THR F 107 10.18 -5.43 47.19
CA THR F 107 10.96 -5.15 48.38
C THR F 107 12.44 -4.96 48.05
N VAL F 108 12.89 -5.48 46.90
CA VAL F 108 14.30 -5.36 46.53
C VAL F 108 14.48 -4.78 45.13
N LEU F 109 13.39 -4.58 44.40
CA LEU F 109 13.46 -4.04 43.06
C LEU F 109 12.64 -2.77 42.92
N PRO F 110 12.95 -1.92 41.93
CA PRO F 110 12.10 -0.74 41.67
C PRO F 110 10.72 -1.15 41.23
N ARG F 111 9.73 -0.34 41.63
CA ARG F 111 8.36 -0.61 41.19
C ARG F 111 8.20 -0.30 39.70
N ASN F 112 9.02 0.61 39.16
CA ASN F 112 9.02 0.92 37.73
C ASN F 112 9.91 -0.06 36.95
N LEU F 113 9.63 -1.34 37.09
CA LEU F 113 10.39 -2.38 36.44
C LEU F 113 9.41 -3.35 35.79
N CYS F 114 9.91 -4.11 34.84
CA CYS F 114 9.10 -5.09 34.16
C CYS F 114 8.49 -6.07 35.16
N PRO F 115 7.19 -6.37 35.03
CA PRO F 115 6.57 -7.28 36.02
C PRO F 115 7.05 -8.71 35.92
N LEU F 116 7.51 -9.15 34.75
CA LEU F 116 8.11 -10.48 34.65
C LEU F 116 9.23 -10.62 35.66
N ILE F 117 10.07 -9.60 35.77
CA ILE F 117 11.21 -9.63 36.68
C ILE F 117 10.74 -9.52 38.13
N LYS F 118 9.86 -8.55 38.41
CA LYS F 118 9.37 -8.38 39.77
C LYS F 118 8.66 -9.65 40.26
N SER F 119 7.85 -10.26 39.40
CA SER F 119 7.09 -11.44 39.80
C SER F 119 8.02 -12.61 40.10
N ALA F 120 9.00 -12.86 39.22
CA ALA F 120 9.92 -13.97 39.46
C ALA F 120 10.70 -13.76 40.75
N MET F 121 11.14 -12.53 41.01
CA MET F 121 11.85 -12.24 42.24
C MET F 121 10.96 -12.46 43.46
N GLY F 122 9.69 -12.05 43.37
CA GLY F 122 8.76 -12.28 44.47
C GLY F 122 8.51 -13.75 44.74
N PHE F 123 8.43 -14.58 43.69
CA PHE F 123 8.26 -16.00 43.91
C PHE F 123 9.41 -16.56 44.76
N LYS F 124 10.64 -16.15 44.45
CA LYS F 124 11.79 -16.66 45.17
C LYS F 124 11.82 -16.16 46.61
N ILE F 125 11.66 -14.85 46.80
CA ILE F 125 11.70 -14.28 48.14
C ILE F 125 10.62 -14.90 49.01
N GLU F 126 9.41 -15.04 48.49
CA GLU F 126 8.30 -15.51 49.30
C GLU F 126 8.26 -17.03 49.42
N ARG F 127 9.10 -17.76 48.67
CA ARG F 127 9.12 -19.22 48.72
C ARG F 127 7.77 -19.80 48.30
N ILE F 128 7.18 -19.18 47.27
CA ILE F 128 5.86 -19.53 46.80
C ILE F 128 5.88 -20.54 45.66
N CYS F 129 6.99 -20.65 44.93
CA CYS F 129 7.01 -21.46 43.73
C CYS F 129 7.76 -22.76 43.99
N PRO F 130 7.11 -23.91 43.93
CA PRO F 130 7.84 -25.17 44.12
C PRO F 130 8.94 -25.40 43.09
N TYR F 131 8.78 -24.89 41.87
CA TYR F 131 9.84 -25.05 40.87
C TYR F 131 11.07 -24.23 41.23
N PHE F 132 10.86 -22.98 41.65
CA PHE F 132 11.98 -22.18 42.12
C PHE F 132 12.63 -22.78 43.36
N GLN F 133 11.83 -23.45 44.21
CA GLN F 133 12.39 -24.03 45.42
C GLN F 133 13.21 -25.30 45.14
N VAL F 134 12.82 -26.09 44.14
CA VAL F 134 13.59 -27.29 43.81
C VAL F 134 14.82 -26.97 42.96
N ALA F 135 14.89 -25.81 42.33
CA ALA F 135 16.02 -25.51 41.47
C ALA F 135 17.32 -25.43 42.25
N ASP F 136 18.39 -25.98 41.67
CA ASP F 136 19.73 -25.90 42.24
C ASP F 136 20.41 -24.57 41.88
N TYR F 137 20.26 -24.14 40.64
CA TYR F 137 20.98 -23.01 40.09
C TYR F 137 20.04 -22.20 39.21
N VAL F 138 20.34 -20.92 39.07
CA VAL F 138 19.74 -20.06 38.05
C VAL F 138 20.82 -19.72 37.04
N VAL F 139 20.48 -19.82 35.75
CA VAL F 139 21.33 -19.32 34.67
C VAL F 139 20.72 -18.01 34.19
N GLY F 140 21.41 -16.91 34.48
CA GLY F 140 21.00 -15.61 34.01
C GLY F 140 21.74 -15.21 32.74
N GLU F 141 21.35 -14.06 32.21
CA GLU F 141 21.87 -13.58 30.94
C GLU F 141 21.86 -12.06 30.98
N THR F 142 22.82 -11.45 30.28
CA THR F 142 22.90 -9.99 30.20
C THR F 142 22.08 -9.49 29.00
N THR F 143 20.77 -9.55 29.17
CA THR F 143 19.85 -9.04 28.15
C THR F 143 19.36 -7.65 28.51
N CYS F 144 18.16 -7.55 29.10
CA CYS F 144 17.64 -6.23 29.45
C CYS F 144 18.29 -5.73 30.75
N ASP F 145 18.15 -4.42 30.99
CA ASP F 145 18.75 -3.81 32.17
C ASP F 145 18.22 -4.42 33.46
N GLY F 146 16.90 -4.61 33.53
CA GLY F 146 16.31 -5.09 34.76
C GLY F 146 16.77 -6.48 35.13
N LYS F 147 16.82 -7.38 34.16
CA LYS F 147 17.28 -8.74 34.43
C LYS F 147 18.75 -8.73 34.81
N LYS F 148 19.56 -8.02 34.05
CA LYS F 148 21.00 -7.99 34.30
C LYS F 148 21.31 -7.54 35.73
N LYS F 149 20.66 -6.47 36.18
CA LYS F 149 20.93 -5.98 37.52
C LYS F 149 20.21 -6.77 38.59
N ALA F 150 19.10 -7.43 38.25
CA ALA F 150 18.40 -8.26 39.22
C ALA F 150 19.20 -9.49 39.59
N TRP F 151 19.98 -10.03 38.66
CA TRP F 151 20.76 -11.24 38.97
C TRP F 151 21.67 -11.01 40.17
N GLU F 152 22.23 -9.81 40.29
CA GLU F 152 23.13 -9.51 41.40
C GLU F 152 22.41 -9.62 42.74
N ILE F 153 21.11 -9.33 42.76
CA ILE F 153 20.31 -9.46 43.97
C ILE F 153 19.86 -10.90 44.17
N LEU F 154 19.37 -11.52 43.09
CA LEU F 154 18.88 -12.90 43.18
C LEU F 154 19.96 -13.85 43.69
N ASN F 155 21.22 -13.57 43.37
CA ASN F 155 22.32 -14.43 43.75
C ASN F 155 22.42 -14.63 45.26
N GLU F 156 21.86 -13.72 46.06
CA GLU F 156 21.85 -13.92 47.51
CA GLU F 156 21.84 -13.91 47.50
C GLU F 156 20.85 -14.97 47.94
N TYR F 157 19.88 -15.33 47.08
CA TYR F 157 18.88 -16.34 47.41
C TYR F 157 19.13 -17.69 46.77
N ILE F 158 19.91 -17.74 45.71
CA ILE F 158 20.12 -18.95 44.92
C ILE F 158 21.30 -18.65 44.01
N PRO F 159 22.25 -19.57 43.83
CA PRO F 159 23.41 -19.25 42.98
C PRO F 159 22.97 -18.94 41.55
N VAL F 160 23.43 -17.80 41.04
CA VAL F 160 23.15 -17.37 39.68
C VAL F 160 24.46 -17.35 38.89
N TYR F 161 24.48 -18.08 37.79
CA TYR F 161 25.53 -18.00 36.79
C TYR F 161 25.03 -17.07 35.68
N VAL F 162 25.84 -16.08 35.33
CA VAL F 162 25.42 -15.07 34.36
C VAL F 162 26.23 -15.27 33.08
N MET F 163 25.52 -15.59 32.00
CA MET F 163 26.10 -15.63 30.67
C MET F 163 26.08 -14.24 30.06
N GLU F 164 27.19 -13.83 29.46
CA GLU F 164 27.27 -12.52 28.83
C GLU F 164 26.86 -12.63 27.37
N LEU F 165 25.64 -12.20 27.07
CA LEU F 165 25.21 -12.11 25.68
CA LEU F 165 25.18 -12.08 25.69
C LEU F 165 25.72 -10.80 25.08
N PRO F 166 26.25 -10.83 23.85
CA PRO F 166 26.61 -9.57 23.18
C PRO F 166 25.37 -8.77 22.79
N GLN F 167 25.58 -7.56 22.26
CA GLN F 167 24.48 -6.67 21.90
C GLN F 167 24.40 -6.41 20.40
N LYS F 168 25.27 -7.03 19.61
CA LYS F 168 25.21 -7.01 18.16
C LYS F 168 25.47 -8.43 17.65
N LYS F 169 25.42 -8.61 16.33
CA LYS F 169 25.55 -9.95 15.76
C LYS F 169 26.60 -10.01 14.66
N GLU F 170 27.66 -9.23 14.82
CA GLU F 170 28.78 -9.27 13.89
C GLU F 170 29.76 -10.37 14.31
N GLU F 171 30.76 -10.60 13.46
CA GLU F 171 31.62 -11.76 13.63
C GLU F 171 32.27 -11.77 15.02
N ARG F 172 32.78 -10.62 15.46
CA ARG F 172 33.35 -10.55 16.81
C ARG F 172 32.33 -10.96 17.87
N ASP F 173 31.07 -10.55 17.69
CA ASP F 173 30.03 -10.93 18.64
C ASP F 173 29.77 -12.43 18.61
N ARG F 174 29.72 -13.01 17.40
CA ARG F 174 29.47 -14.44 17.28
C ARG F 174 30.55 -15.24 17.97
N LYS F 175 31.81 -14.81 17.83
CA LYS F 175 32.92 -15.53 18.45
C LYS F 175 32.87 -15.39 19.98
N PHE F 176 32.54 -14.19 20.46
CA PHE F 176 32.37 -13.95 21.89
C PHE F 176 31.34 -14.91 22.48
N TRP F 177 30.18 -15.02 21.81
CA TRP F 177 29.11 -15.88 22.31
C TRP F 177 29.54 -17.34 22.28
N GLU F 178 30.27 -17.77 21.25
CA GLU F 178 30.79 -19.13 21.26
C GLU F 178 31.62 -19.39 22.52
N GLU F 179 32.48 -18.44 22.89
CA GLU F 179 33.30 -18.60 24.09
C GLU F 179 32.43 -18.65 25.34
N GLU F 180 31.37 -17.84 25.40
CA GLU F 180 30.47 -17.91 26.53
C GLU F 180 29.81 -19.27 26.63
N ILE F 181 29.44 -19.86 25.49
CA ILE F 181 28.77 -21.16 25.50
C ILE F 181 29.73 -22.24 26.00
N LYS F 182 30.99 -22.16 25.64
CA LYS F 182 31.91 -23.17 26.13
C LYS F 182 32.21 -22.97 27.61
N ASP F 183 32.28 -21.71 28.06
CA ASP F 183 32.41 -21.46 29.49
C ASP F 183 31.22 -22.04 30.25
N PHE F 184 30.01 -21.83 29.73
CA PHE F 184 28.82 -22.40 30.36
C PHE F 184 28.90 -23.93 30.38
N ALA F 185 29.31 -24.54 29.26
CA ALA F 185 29.44 -25.99 29.24
C ALA F 185 30.36 -26.47 30.36
N GLN F 186 31.46 -25.75 30.59
CA GLN F 186 32.37 -26.15 31.66
CA GLN F 186 32.38 -26.14 31.66
C GLN F 186 31.72 -26.01 33.03
N PHE F 187 30.93 -24.96 33.24
CA PHE F 187 30.19 -24.81 34.48
C PHE F 187 29.22 -25.98 34.69
N VAL F 188 28.48 -26.35 33.65
CA VAL F 188 27.51 -27.44 33.77
C VAL F 188 28.21 -28.75 34.09
N GLU F 189 29.33 -29.04 33.42
CA GLU F 189 30.11 -30.24 33.73
C GLU F 189 30.53 -30.24 35.19
N GLU F 190 31.05 -29.13 35.68
CA GLU F 190 31.54 -29.07 37.05
C GLU F 190 30.42 -29.29 38.04
N LYS F 191 29.23 -28.71 37.77
CA LYS F 191 28.13 -28.80 38.74
C LYS F 191 27.46 -30.17 38.70
N THR F 192 27.31 -30.76 37.52
CA THR F 192 26.67 -32.05 37.39
C THR F 192 27.64 -33.21 37.60
N GLY F 193 28.93 -32.98 37.37
CA GLY F 193 29.89 -34.07 37.38
C GLY F 193 29.86 -34.94 36.15
N VAL F 194 29.13 -34.54 35.11
CA VAL F 194 28.97 -35.33 33.89
C VAL F 194 29.71 -34.63 32.76
N LYS F 195 30.73 -35.29 32.24
CA LYS F 195 31.47 -34.76 31.11
CA LYS F 195 31.46 -34.75 31.10
C LYS F 195 30.63 -34.81 29.84
N LEU F 196 30.68 -33.72 29.06
CA LEU F 196 30.08 -33.71 27.73
C LEU F 196 30.95 -34.52 26.77
N ASN F 197 30.32 -35.44 26.04
CA ASN F 197 31.01 -36.16 24.97
C ASN F 197 30.12 -36.14 23.75
N ALA F 198 30.62 -36.70 22.64
CA ALA F 198 29.86 -36.63 21.40
C ALA F 198 28.51 -37.33 21.54
N GLU F 199 28.45 -38.39 22.34
CA GLU F 199 27.21 -39.14 22.47
C GLU F 199 26.15 -38.36 23.26
N ASN F 200 26.50 -37.87 24.46
CA ASN F 200 25.43 -37.27 25.27
C ASN F 200 25.06 -35.87 24.75
N LEU F 201 26.00 -35.15 24.14
CA LEU F 201 25.65 -33.84 23.59
C LEU F 201 24.76 -33.99 22.36
N ARG F 202 25.04 -34.97 21.51
CA ARG F 202 24.14 -35.20 20.39
C ARG F 202 22.74 -35.60 20.87
N ALA F 203 22.67 -36.46 21.89
CA ALA F 203 21.37 -36.87 22.40
C ALA F 203 20.62 -35.69 23.01
N GLY F 204 21.34 -34.80 23.70
CA GLY F 204 20.70 -33.60 24.22
C GLY F 204 20.18 -32.71 23.12
N ILE F 205 21.00 -32.49 22.08
CA ILE F 205 20.54 -31.70 20.94
C ILE F 205 19.30 -32.34 20.33
N GLU F 206 19.33 -33.66 20.12
CA GLU F 206 18.20 -34.34 19.49
C GLU F 206 16.93 -34.18 20.32
N LYS F 207 17.06 -34.26 21.65
CA LYS F 207 15.89 -34.16 22.52
C LYS F 207 15.23 -32.80 22.41
N ILE F 208 16.03 -31.73 22.46
CA ILE F 208 15.45 -30.40 22.42
C ILE F 208 15.02 -30.04 21.00
N ASN F 209 15.78 -30.47 19.99
CA ASN F 209 15.32 -30.30 18.61
C ASN F 209 13.94 -30.94 18.43
N LYS F 210 13.74 -32.13 18.98
CA LYS F 210 12.46 -32.81 18.84
C LYS F 210 11.33 -31.99 19.44
N LYS F 211 11.58 -31.37 20.61
CA LYS F 211 10.57 -30.51 21.21
C LYS F 211 10.29 -29.30 20.33
N ARG F 212 11.34 -28.61 19.88
CA ARG F 212 11.13 -27.44 19.00
C ARG F 212 10.41 -27.85 17.72
N LYS F 213 10.78 -28.99 17.12
CA LYS F 213 10.13 -29.45 15.90
CA LYS F 213 10.13 -29.43 15.89
C LYS F 213 8.63 -29.63 16.09
N ALA F 214 8.22 -30.22 17.22
CA ALA F 214 6.81 -30.42 17.50
C ALA F 214 6.06 -29.10 17.60
N LEU F 215 6.65 -28.12 18.27
CA LEU F 215 6.03 -26.80 18.35
C LEU F 215 6.01 -26.10 17.00
N LYS F 216 7.03 -26.31 16.17
CA LYS F 216 7.02 -25.79 14.81
C LYS F 216 5.88 -26.43 14.01
N ARG F 217 5.66 -27.72 14.21
CA ARG F 217 4.59 -28.42 13.51
C ARG F 217 3.22 -27.86 13.91
N LEU F 218 3.01 -27.65 15.20
CA LEU F 218 1.79 -27.02 15.66
C LEU F 218 1.64 -25.62 15.09
N SER F 219 2.72 -24.85 15.09
CA SER F 219 2.64 -23.49 14.56
C SER F 219 2.22 -23.48 13.09
N ASP F 220 2.74 -24.42 12.30
CA ASP F 220 2.45 -24.44 10.88
C ASP F 220 0.99 -24.76 10.62
N LEU F 221 0.38 -25.59 11.45
CA LEU F 221 -1.03 -25.94 11.27
C LEU F 221 -1.95 -24.73 11.44
N ARG F 222 -1.49 -23.69 12.14
CA ARG F 222 -2.33 -22.50 12.34
C ARG F 222 -2.45 -21.64 11.10
N LYS F 223 -1.73 -21.97 10.03
CA LYS F 223 -1.87 -21.24 8.78
C LYS F 223 -3.16 -21.56 8.06
N HIS F 224 -3.87 -22.60 8.47
CA HIS F 224 -5.03 -23.02 7.70
C HIS F 224 -6.25 -22.17 8.06
N ASN F 225 -7.21 -22.17 7.14
CA ASN F 225 -8.41 -21.35 7.21
C ASN F 225 -9.56 -22.33 6.98
N PRO F 226 -10.47 -22.50 7.95
CA PRO F 226 -10.54 -21.83 9.26
C PRO F 226 -9.47 -22.30 10.25
N ALA F 227 -9.08 -21.44 11.17
CA ALA F 227 -8.08 -21.80 12.16
C ALA F 227 -8.55 -23.06 12.91
N PRO F 228 -7.72 -24.11 12.96
CA PRO F 228 -8.19 -25.36 13.58
C PRO F 228 -8.07 -25.41 15.09
N ILE F 229 -7.47 -24.39 15.71
CA ILE F 229 -7.29 -24.34 17.16
C ILE F 229 -7.24 -22.87 17.57
N HIS F 230 -7.78 -22.56 18.74
CA HIS F 230 -7.70 -21.19 19.24
C HIS F 230 -6.27 -20.89 19.68
N GLY F 231 -5.84 -19.65 19.48
CA GLY F 231 -4.49 -19.29 19.85
C GLY F 231 -4.21 -19.39 21.34
N LEU F 232 -5.23 -19.16 22.17
CA LEU F 232 -5.03 -19.26 23.61
C LEU F 232 -4.53 -20.65 23.99
N ASP F 233 -5.04 -21.68 23.32
CA ASP F 233 -4.62 -23.05 23.61
C ASP F 233 -3.16 -23.25 23.20
N VAL F 234 -2.75 -22.67 22.07
CA VAL F 234 -1.38 -22.82 21.65
C VAL F 234 -0.44 -22.05 22.58
N LEU F 235 -0.84 -20.85 23.00
CA LEU F 235 -0.06 -20.12 23.99
C LEU F 235 0.18 -20.99 25.22
N LEU F 236 -0.88 -21.61 25.75
CA LEU F 236 -0.73 -22.46 26.93
C LEU F 236 0.31 -23.54 26.69
N ILE F 237 0.23 -24.19 25.53
CA ILE F 237 1.17 -25.26 25.20
C ILE F 237 2.59 -24.72 25.15
N ASN F 238 2.79 -23.57 24.49
CA ASN F 238 4.12 -22.99 24.41
C ASN F 238 4.62 -22.56 25.79
N GLN F 239 3.71 -22.15 26.68
CA GLN F 239 4.11 -21.84 28.06
C GLN F 239 4.58 -23.08 28.79
N LEU F 240 3.88 -24.21 28.61
CA LEU F 240 4.19 -25.42 29.35
C LEU F 240 5.44 -26.10 28.84
N ALA F 241 5.86 -25.78 27.62
CA ALA F 241 7.10 -26.32 27.09
C ALA F 241 8.27 -26.04 28.00
N PHE F 242 8.19 -24.96 28.78
CA PHE F 242 9.32 -24.53 29.58
C PHE F 242 9.46 -25.29 30.88
N PHE F 243 8.50 -26.13 31.27
CA PHE F 243 8.46 -26.85 32.54
CA PHE F 243 8.84 -26.93 32.44
C PHE F 243 8.37 -28.37 32.38
N ASP F 244 7.85 -28.85 31.26
CA ASP F 244 7.50 -30.24 31.11
C ASP F 244 8.71 -31.08 30.73
N ASP F 245 8.56 -32.40 30.84
CA ASP F 245 9.58 -33.31 30.33
C ASP F 245 9.65 -33.20 28.82
N PRO F 246 10.82 -32.95 28.24
CA PRO F 246 10.86 -32.68 26.78
C PRO F 246 10.36 -33.83 25.94
N GLU F 247 10.60 -35.07 26.35
CA GLU F 247 10.16 -36.21 25.54
CA GLU F 247 10.17 -36.22 25.55
C GLU F 247 8.65 -36.39 25.62
N ARG F 248 8.11 -36.40 26.84
CA ARG F 248 6.67 -36.51 26.99
C ARG F 248 5.98 -35.32 26.33
N PHE F 249 6.48 -34.12 26.58
CA PHE F 249 5.89 -32.93 25.99
C PHE F 249 5.81 -33.04 24.47
N ALA F 250 6.91 -33.41 23.83
CA ALA F 250 6.91 -33.48 22.36
C ALA F 250 5.92 -34.53 21.87
N THR F 251 5.82 -35.67 22.56
CA THR F 251 4.84 -36.68 22.17
C THR F 251 3.42 -36.15 22.23
N LYS F 252 3.08 -35.45 23.31
CA LYS F 252 1.72 -34.95 23.48
C LYS F 252 1.41 -33.85 22.47
N VAL F 253 2.40 -33.02 22.13
CA VAL F 253 2.18 -31.99 21.12
C VAL F 253 1.96 -32.64 19.75
N ASN F 254 2.75 -33.67 19.43
CA ASN F 254 2.57 -34.35 18.15
C ASN F 254 1.22 -35.04 18.06
N GLU F 255 0.74 -35.60 19.17
CA GLU F 255 -0.60 -36.20 19.19
C GLU F 255 -1.66 -35.14 18.91
N LEU F 256 -1.48 -33.94 19.46
CA LEU F 256 -2.41 -32.86 19.14
C LEU F 256 -2.36 -32.51 17.66
N CYS F 257 -1.16 -32.42 17.08
CA CYS F 257 -1.05 -32.09 15.66
C CYS F 257 -1.77 -33.13 14.80
N ASP F 258 -1.70 -34.41 15.18
CA ASP F 258 -2.40 -35.43 14.41
C ASP F 258 -3.91 -35.16 14.38
N GLU F 259 -4.48 -34.77 15.53
CA GLU F 259 -5.90 -34.41 15.57
C GLU F 259 -6.18 -33.17 14.73
N LEU F 260 -5.32 -32.15 14.83
CA LEU F 260 -5.55 -30.94 14.06
C LEU F 260 -5.49 -31.19 12.56
N GLU F 261 -4.63 -32.12 12.13
CA GLU F 261 -4.55 -32.43 10.70
C GLU F 261 -5.89 -32.99 10.20
N GLU F 262 -6.57 -33.77 11.03
CA GLU F 262 -7.88 -34.30 10.63
C GLU F 262 -8.91 -33.18 10.53
N ARG F 263 -8.89 -32.24 11.48
CA ARG F 263 -9.75 -31.06 11.37
C ARG F 263 -9.48 -30.30 10.07
N VAL F 264 -8.20 -30.09 9.76
CA VAL F 264 -7.83 -29.37 8.54
C VAL F 264 -8.35 -30.11 7.31
N ALA F 265 -8.21 -31.44 7.31
CA ALA F 265 -8.63 -32.22 6.16
C ALA F 265 -10.14 -32.11 5.93
N LYS F 266 -10.91 -31.91 7.00
CA LYS F 266 -12.36 -31.81 6.91
C LYS F 266 -12.84 -30.37 6.79
N GLY F 267 -11.93 -29.40 6.82
CA GLY F 267 -12.33 -28.01 6.78
C GLY F 267 -12.93 -27.49 8.05
N GLU F 268 -12.71 -28.16 9.17
CA GLU F 268 -13.24 -27.74 10.46
CA GLU F 268 -13.25 -27.73 10.46
C GLU F 268 -12.29 -26.75 11.12
N GLY F 269 -12.86 -25.83 11.89
CA GLY F 269 -12.07 -24.91 12.68
C GLY F 269 -12.88 -24.39 13.84
N VAL F 270 -12.24 -23.52 14.64
CA VAL F 270 -12.87 -22.97 15.83
C VAL F 270 -13.55 -21.62 15.60
N VAL F 271 -13.40 -21.04 14.40
CA VAL F 271 -14.06 -19.80 14.03
C VAL F 271 -14.52 -19.92 12.60
N SER F 272 -15.33 -18.96 12.17
CA SER F 272 -15.66 -18.89 10.75
C SER F 272 -14.49 -18.28 9.98
N LYS F 273 -14.47 -18.55 8.68
CA LYS F 273 -13.45 -17.98 7.82
C LYS F 273 -13.42 -16.47 7.83
N ASP F 274 -14.52 -15.83 8.22
CA ASP F 274 -14.58 -14.38 8.24
C ASP F 274 -14.03 -13.77 9.53
N ALA F 275 -13.63 -14.58 10.50
CA ALA F 275 -13.11 -14.04 11.74
C ALA F 275 -11.73 -13.44 11.51
N PRO F 276 -11.42 -12.29 12.09
CA PRO F 276 -10.10 -11.68 11.84
C PRO F 276 -8.98 -12.51 12.46
N ARG F 277 -7.94 -12.75 11.67
CA ARG F 277 -6.76 -13.51 12.07
C ARG F 277 -5.68 -12.53 12.54
N ILE F 278 -5.20 -12.74 13.76
CA ILE F 278 -4.34 -11.80 14.46
C ILE F 278 -2.96 -12.42 14.69
N LEU F 279 -1.92 -11.65 14.45
CA LEU F 279 -0.57 -11.98 14.88
C LEU F 279 -0.21 -11.12 16.07
N ILE F 280 0.20 -11.76 17.17
CA ILE F 280 0.75 -11.03 18.30
CA ILE F 280 0.76 -11.08 18.33
C ILE F 280 2.28 -10.99 18.15
N THR F 281 2.85 -9.86 18.51
CA THR F 281 4.30 -9.69 18.48
C THR F 281 4.70 -8.87 19.70
N GLY F 282 5.87 -9.18 20.25
CA GLY F 282 6.40 -8.44 21.37
C GLY F 282 7.09 -9.30 22.40
N THR F 283 6.73 -9.09 23.66
CA THR F 283 7.34 -9.78 24.78
C THR F 283 6.70 -11.14 25.02
N PRO F 284 7.42 -12.06 25.66
CA PRO F 284 6.81 -13.33 26.04
C PRO F 284 5.68 -13.10 27.04
N GLN F 285 4.69 -13.99 26.99
CA GLN F 285 3.56 -13.99 27.92
C GLN F 285 3.68 -15.23 28.81
N PRO F 286 4.35 -15.13 29.96
CA PRO F 286 4.54 -16.33 30.78
C PRO F 286 3.24 -16.77 31.44
N ILE F 287 3.17 -18.06 31.75
CA ILE F 287 1.97 -18.58 32.43
C ILE F 287 1.82 -17.86 33.77
N PRO F 288 0.59 -17.47 34.19
CA PRO F 288 -0.72 -17.58 33.55
C PRO F 288 -1.20 -16.26 32.91
N HIS F 289 -0.33 -15.58 32.16
CA HIS F 289 -0.64 -14.28 31.55
C HIS F 289 -1.41 -14.51 30.26
N TRP F 290 -2.68 -14.87 30.40
CA TRP F 290 -3.56 -15.24 29.29
C TRP F 290 -4.46 -14.10 28.80
N LYS F 291 -4.33 -12.93 29.39
CA LYS F 291 -5.32 -11.85 29.25
C LYS F 291 -5.49 -11.42 27.80
N ILE F 292 -4.40 -11.14 27.10
CA ILE F 292 -4.48 -10.54 25.77
C ILE F 292 -5.11 -11.53 24.78
N HIS F 293 -4.67 -12.79 24.80
CA HIS F 293 -5.29 -13.78 23.93
C HIS F 293 -6.77 -13.95 24.25
N ALA F 294 -7.11 -14.03 25.53
CA ALA F 294 -8.50 -14.25 25.92
C ALA F 294 -9.40 -13.13 25.39
N LEU F 295 -8.93 -11.89 25.49
CA LEU F 295 -9.75 -10.76 25.05
C LEU F 295 -9.90 -10.72 23.54
N ILE F 296 -8.82 -11.02 22.81
CA ILE F 296 -8.90 -11.04 21.36
C ILE F 296 -9.89 -12.09 20.90
N GLU F 297 -9.76 -13.30 21.44
CA GLU F 297 -10.58 -14.41 20.96
C GLU F 297 -11.98 -14.35 21.57
N GLY F 298 -12.12 -13.74 22.75
CA GLY F 298 -13.44 -13.47 23.27
C GLY F 298 -14.21 -12.45 22.45
N ALA F 299 -13.50 -11.56 21.75
CA ALA F 299 -14.11 -10.60 20.84
C ALA F 299 -14.36 -11.17 19.45
N GLY F 300 -14.07 -12.46 19.25
CA GLY F 300 -14.36 -13.11 17.98
C GLY F 300 -13.23 -13.15 16.99
N GLY F 301 -12.03 -12.70 17.37
CA GLY F 301 -10.86 -12.89 16.55
C GLY F 301 -10.22 -14.25 16.83
N VAL F 302 -9.19 -14.56 16.05
CA VAL F 302 -8.38 -15.74 16.35
C VAL F 302 -6.92 -15.36 16.22
N VAL F 303 -6.14 -15.65 17.25
CA VAL F 303 -4.70 -15.41 17.22
C VAL F 303 -4.07 -16.62 16.55
N VAL F 304 -3.40 -16.38 15.42
CA VAL F 304 -2.83 -17.46 14.62
C VAL F 304 -1.31 -17.51 14.72
N GLY F 305 -0.69 -16.62 15.47
CA GLY F 305 0.72 -16.74 15.73
C GLY F 305 1.18 -15.77 16.79
N GLU F 306 2.34 -16.07 17.37
CA GLU F 306 2.98 -15.24 18.38
C GLU F 306 4.45 -15.08 17.99
N GLU F 307 4.83 -13.87 17.59
CA GLU F 307 6.24 -13.52 17.41
C GLU F 307 6.77 -13.08 18.77
N THR F 308 7.00 -14.07 19.64
CA THR F 308 7.54 -13.84 20.97
C THR F 308 8.39 -15.05 21.35
N CYS F 309 9.06 -14.94 22.50
CA CYS F 309 9.85 -16.05 23.02
C CYS F 309 9.03 -17.12 23.74
N ILE F 310 7.75 -16.88 23.96
CA ILE F 310 6.82 -17.97 24.29
C ILE F 310 5.93 -18.08 23.08
N GLY F 311 6.48 -18.65 22.03
CA GLY F 311 5.99 -18.55 20.68
C GLY F 311 7.14 -18.76 19.71
N GLU F 312 7.03 -18.12 18.55
CA GLU F 312 7.89 -18.46 17.41
C GLU F 312 9.38 -18.32 17.72
N ARG F 313 9.78 -17.30 18.49
CA ARG F 313 11.20 -17.11 18.73
C ARG F 313 11.81 -18.29 19.50
N TYR F 314 10.99 -19.02 20.27
CA TYR F 314 11.51 -20.14 21.03
C TYR F 314 11.85 -21.33 20.14
N PHE F 315 10.93 -21.70 19.25
CA PHE F 315 11.03 -22.99 18.57
C PHE F 315 11.45 -22.90 17.10
N LYS F 316 11.63 -21.69 16.55
CA LYS F 316 11.81 -21.64 15.10
C LYS F 316 13.12 -22.26 14.64
N ASP F 317 14.18 -22.13 15.43
CA ASP F 317 15.53 -22.48 15.00
C ASP F 317 16.01 -23.74 15.70
N LEU F 318 16.41 -24.74 14.91
CA LEU F 318 16.96 -25.99 15.41
C LEU F 318 18.49 -26.01 15.27
N VAL F 319 19.13 -26.81 16.13
CA VAL F 319 20.59 -26.95 16.08
C VAL F 319 20.96 -27.85 14.91
N GLU F 320 21.94 -27.40 14.13
CA GLU F 320 22.49 -28.23 13.07
CA GLU F 320 22.52 -28.21 13.05
C GLU F 320 23.45 -29.27 13.66
N PRO F 321 23.39 -30.51 13.19
CA PRO F 321 24.24 -31.55 13.79
C PRO F 321 25.71 -31.34 13.44
N ALA F 322 26.56 -31.96 14.26
CA ALA F 322 28.00 -32.00 14.01
C ALA F 322 28.55 -33.23 14.73
N ALA F 323 29.73 -33.67 14.28
CA ALA F 323 30.23 -34.97 14.72
C ALA F 323 30.87 -34.93 16.11
N ASP F 324 31.42 -33.79 16.52
CA ASP F 324 32.23 -33.71 17.72
C ASP F 324 31.69 -32.63 18.64
N VAL F 325 32.17 -32.65 19.89
CA VAL F 325 31.67 -31.71 20.88
C VAL F 325 31.99 -30.28 20.44
N GLU F 326 33.21 -30.05 19.95
CA GLU F 326 33.59 -28.71 19.52
C GLU F 326 32.60 -28.15 18.51
N GLY F 327 32.26 -28.97 17.49
CA GLY F 327 31.35 -28.51 16.46
C GLY F 327 29.91 -28.36 16.95
N MET F 328 29.48 -29.27 17.82
CA MET F 328 28.13 -29.16 18.38
C MET F 328 27.99 -27.90 19.23
N LEU F 329 29.01 -27.58 20.03
CA LEU F 329 28.92 -26.37 20.85
C LEU F 329 28.88 -25.10 20.01
N LYS F 330 29.67 -25.05 18.93
CA LYS F 330 29.56 -23.93 18.00
C LYS F 330 28.17 -23.84 17.39
N ASN F 331 27.58 -24.99 17.02
CA ASN F 331 26.27 -24.98 16.40
C ASN F 331 25.18 -24.63 17.41
N ILE F 332 25.37 -24.99 18.68
CA ILE F 332 24.42 -24.59 19.72
C ILE F 332 24.45 -23.07 19.92
N ALA F 333 25.64 -22.49 19.90
CA ALA F 333 25.76 -21.05 20.00
C ALA F 333 25.10 -20.37 18.80
N ALA F 334 25.34 -20.88 17.60
CA ALA F 334 24.77 -20.28 16.40
C ALA F 334 23.24 -20.34 16.42
N ARG F 335 22.69 -21.43 16.95
CA ARG F 335 21.23 -21.55 17.00
C ARG F 335 20.61 -20.41 17.80
N SER F 336 21.12 -20.17 19.00
CA SER F 336 20.51 -19.17 19.87
C SER F 336 20.65 -17.78 19.30
N LEU F 337 21.77 -17.49 18.60
CA LEU F 337 21.97 -16.17 18.02
CA LEU F 337 21.97 -16.17 18.02
C LEU F 337 21.06 -15.92 16.83
N LYS F 338 20.34 -16.92 16.34
CA LYS F 338 19.30 -16.66 15.35
C LYS F 338 18.07 -16.02 15.98
N VAL F 339 17.99 -15.96 17.31
CA VAL F 339 16.84 -15.36 17.99
C VAL F 339 16.94 -13.83 17.90
N ASN F 340 15.92 -13.21 17.33
CA ASN F 340 15.95 -11.77 17.06
C ASN F 340 15.27 -11.00 18.20
N CYS F 341 15.93 -11.00 19.34
CA CYS F 341 15.44 -10.26 20.49
C CYS F 341 15.79 -8.78 20.38
N ALA F 342 14.88 -7.94 20.87
CA ALA F 342 15.08 -6.49 20.85
C ALA F 342 16.26 -6.04 21.70
N CYS F 343 16.88 -6.91 22.49
CA CYS F 343 18.09 -6.51 23.19
CA CYS F 343 18.10 -6.56 23.20
C CYS F 343 19.28 -6.37 22.25
N PHE F 344 19.16 -6.84 21.02
CA PHE F 344 20.20 -6.64 20.02
C PHE F 344 19.95 -5.38 19.21
N THR F 345 21.02 -4.80 18.67
CA THR F 345 20.90 -3.64 17.81
C THR F 345 21.78 -3.79 16.58
N PRO F 346 21.28 -3.46 15.39
CA PRO F 346 19.86 -3.21 15.13
C PRO F 346 19.20 -4.58 15.29
N ASN F 347 17.92 -4.66 15.09
CA ASN F 347 17.24 -5.94 15.20
C ASN F 347 16.33 -6.12 14.00
N THR F 348 16.85 -5.77 12.82
CA THR F 348 16.02 -5.72 11.63
C THR F 348 15.50 -7.09 11.23
N GLY F 349 16.16 -8.16 11.68
CA GLY F 349 15.64 -9.49 11.42
C GLY F 349 14.26 -9.73 12.02
N ARG F 350 13.99 -9.12 13.17
CA ARG F 350 12.69 -9.32 13.80
C ARG F 350 11.58 -8.73 12.93
N LEU F 351 11.78 -7.52 12.43
CA LEU F 351 10.81 -6.92 11.52
C LEU F 351 10.56 -7.83 10.32
N GLU F 352 11.63 -8.40 9.77
CA GLU F 352 11.45 -9.32 8.65
C GLU F 352 10.65 -10.56 9.04
N ASP F 353 10.90 -11.10 10.24
CA ASP F 353 10.11 -12.24 10.72
C ASP F 353 8.62 -11.87 10.81
N ILE F 354 8.34 -10.69 11.38
CA ILE F 354 6.95 -10.23 11.50
C ILE F 354 6.31 -10.18 10.11
N LEU F 355 6.97 -9.52 9.16
CA LEU F 355 6.37 -9.38 7.83
C LEU F 355 6.18 -10.74 7.17
N SER F 356 7.12 -11.67 7.39
CA SER F 356 6.97 -13.01 6.83
C SER F 356 5.80 -13.75 7.46
N MET F 357 5.67 -13.66 8.80
CA MET F 357 4.55 -14.29 9.47
C MET F 357 3.21 -13.72 9.01
N VAL F 358 3.14 -12.41 8.79
CA VAL F 358 1.91 -11.81 8.27
C VAL F 358 1.48 -12.52 6.99
N GLN F 359 2.43 -12.79 6.09
CA GLN F 359 2.09 -13.42 4.82
C GLN F 359 1.84 -14.91 4.98
N LYS F 360 2.68 -15.62 5.71
CA LYS F 360 2.50 -17.07 5.83
C LYS F 360 1.22 -17.43 6.57
N LEU F 361 0.82 -16.63 7.55
CA LEU F 361 -0.39 -16.89 8.33
C LEU F 361 -1.60 -16.12 7.84
N GLN F 362 -1.47 -15.34 6.77
CA GLN F 362 -2.59 -14.59 6.20
C GLN F 362 -3.34 -13.81 7.29
N VAL F 363 -2.57 -12.92 7.90
CA VAL F 363 -2.99 -12.14 9.05
C VAL F 363 -3.77 -10.92 8.60
N ASP F 364 -4.86 -10.62 9.31
CA ASP F 364 -5.64 -9.42 9.06
C ASP F 364 -5.19 -8.24 9.90
N GLY F 365 -4.46 -8.47 10.98
CA GLY F 365 -3.96 -7.37 11.79
C GLY F 365 -2.91 -7.85 12.75
N VAL F 366 -2.07 -6.91 13.17
CA VAL F 366 -0.93 -7.19 14.04
C VAL F 366 -1.14 -6.43 15.33
N ILE F 367 -1.12 -7.15 16.45
CA ILE F 367 -1.16 -6.54 17.77
C ILE F 367 0.23 -6.67 18.38
N HIS F 368 0.86 -5.52 18.62
CA HIS F 368 2.17 -5.47 19.28
C HIS F 368 1.92 -5.31 20.77
N TYR F 369 2.24 -6.33 21.54
CA TYR F 369 2.00 -6.33 22.98
C TYR F 369 3.34 -6.44 23.70
N SER F 370 3.63 -5.48 24.58
CA SER F 370 4.82 -5.54 25.43
C SER F 370 4.46 -5.16 26.86
N LEU F 371 5.16 -5.77 27.80
CA LEU F 371 4.88 -5.51 29.21
C LEU F 371 5.30 -4.11 29.61
N GLN F 372 4.53 -3.51 30.52
CA GLN F 372 4.86 -2.21 31.09
C GLN F 372 6.31 -2.17 31.56
N PHE F 373 7.02 -1.11 31.18
CA PHE F 373 8.40 -0.85 31.56
C PHE F 373 9.41 -1.79 30.89
N CYS F 374 9.00 -2.58 29.91
CA CYS F 374 9.97 -3.28 29.06
C CYS F 374 10.47 -2.27 28.04
N GLN F 375 11.70 -1.79 28.22
CA GLN F 375 12.20 -0.71 27.38
CA GLN F 375 12.21 -0.71 27.39
C GLN F 375 12.68 -1.24 26.02
N PRO F 376 13.36 -2.38 25.95
CA PRO F 376 13.79 -2.85 24.62
C PRO F 376 12.64 -2.99 23.63
N TYR F 377 11.56 -3.68 24.02
CA TYR F 377 10.42 -3.87 23.12
C TYR F 377 9.57 -2.62 23.03
N GLY F 378 9.45 -1.89 24.14
CA GLY F 378 8.68 -0.65 24.11
C GLY F 378 9.26 0.36 23.12
N VAL F 379 10.59 0.53 23.15
CA VAL F 379 11.20 1.50 22.24
C VAL F 379 11.14 0.99 20.81
N GLU F 380 11.45 -0.30 20.60
CA GLU F 380 11.47 -0.85 19.25
C GLU F 380 10.11 -0.83 18.59
N SER F 381 9.03 -0.72 19.37
CA SER F 381 7.70 -0.74 18.77
C SER F 381 7.48 0.43 17.83
N TYR F 382 8.21 1.53 18.01
CA TYR F 382 8.05 2.68 17.12
C TYR F 382 8.42 2.31 15.69
N LEU F 383 9.60 1.71 15.50
CA LEU F 383 10.05 1.41 14.15
C LEU F 383 9.22 0.27 13.54
N VAL F 384 8.80 -0.68 14.36
CA VAL F 384 7.97 -1.77 13.86
C VAL F 384 6.64 -1.23 13.37
N GLY F 385 5.97 -0.42 14.20
CA GLY F 385 4.69 0.12 13.79
C GLY F 385 4.78 0.98 12.54
N ARG F 386 5.86 1.75 12.42
CA ARG F 386 6.00 2.64 11.28
CA ARG F 386 6.00 2.64 11.27
C ARG F 386 6.21 1.85 9.99
N GLU F 387 6.95 0.75 10.05
CA GLU F 387 7.12 -0.07 8.84
C GLU F 387 5.82 -0.80 8.50
N LEU F 388 5.11 -1.32 9.50
CA LEU F 388 3.87 -2.03 9.17
C LEU F 388 2.84 -1.07 8.58
N GLU F 389 2.82 0.18 9.05
CA GLU F 389 1.90 1.17 8.48
C GLU F 389 2.29 1.51 7.04
N ARG F 390 3.59 1.64 6.77
CA ARG F 390 4.08 1.87 5.42
C ARG F 390 3.62 0.79 4.46
N ARG F 391 3.46 -0.44 4.94
CA ARG F 391 3.04 -1.57 4.13
C ARG F 391 1.55 -1.86 4.28
N ASN F 392 0.80 -0.94 4.89
CA ASN F 392 -0.66 -1.04 5.00
C ASN F 392 -1.09 -2.32 5.74
N ILE F 393 -0.35 -2.65 6.80
CA ILE F 393 -0.70 -3.76 7.67
C ILE F 393 -1.33 -3.16 8.93
N PRO F 394 -2.62 -3.40 9.20
CA PRO F 394 -3.23 -2.85 10.41
C PRO F 394 -2.43 -3.22 11.65
N PHE F 395 -2.22 -2.23 12.52
CA PHE F 395 -1.31 -2.35 13.66
C PHE F 395 -1.93 -1.73 14.89
N LEU F 396 -1.90 -2.46 16.01
CA LEU F 396 -2.37 -1.95 17.29
C LEU F 396 -1.29 -2.18 18.32
N LYS F 397 -0.86 -1.11 19.00
CA LYS F 397 0.11 -1.21 20.08
C LYS F 397 -0.59 -1.27 21.43
N LEU F 398 -0.25 -2.27 22.24
CA LEU F 398 -0.82 -2.45 23.56
C LEU F 398 0.30 -2.68 24.58
N GLU F 399 0.05 -2.24 25.82
CA GLU F 399 0.96 -2.44 26.93
C GLU F 399 0.12 -2.72 28.18
N SER F 400 0.59 -3.63 29.02
CA SER F 400 -0.10 -3.91 30.27
C SER F 400 0.88 -4.54 31.25
N ASP F 401 0.37 -4.84 32.44
CA ASP F 401 1.12 -5.60 33.44
C ASP F 401 0.28 -6.82 33.83
N PHE F 402 0.62 -7.46 34.94
CA PHE F 402 -0.01 -8.72 35.29
C PHE F 402 -1.30 -8.54 36.08
N SER F 403 -1.64 -7.31 36.45
CA SER F 403 -2.91 -7.06 37.11
C SER F 403 -4.05 -7.30 36.13
N GLU F 404 -5.02 -8.10 36.53
CA GLU F 404 -5.98 -8.67 35.58
C GLU F 404 -7.18 -7.79 35.33
N GLU F 405 -7.31 -6.64 36.00
CA GLU F 405 -8.58 -5.92 36.00
C GLU F 405 -8.59 -4.67 35.15
N ASP F 406 -7.57 -4.46 34.31
CA ASP F 406 -7.63 -3.42 33.29
C ASP F 406 -8.28 -4.02 32.03
N GLN F 407 -9.18 -4.99 32.22
CA GLN F 407 -9.83 -5.64 31.08
C GLN F 407 -10.61 -4.67 30.22
N GLY F 408 -11.33 -3.74 30.85
CA GLY F 408 -12.21 -2.86 30.10
C GLY F 408 -11.45 -1.93 29.18
N GLN F 409 -10.31 -1.43 29.63
CA GLN F 409 -9.48 -0.58 28.80
C GLN F 409 -8.94 -1.35 27.60
N LEU F 410 -8.41 -2.55 27.85
CA LEU F 410 -7.84 -3.33 26.76
C LEU F 410 -8.91 -3.82 25.81
N LYS F 411 -10.09 -4.13 26.35
CA LYS F 411 -11.19 -4.64 25.53
C LYS F 411 -11.64 -3.62 24.52
N THR F 412 -11.78 -2.36 24.94
CA THR F 412 -12.21 -1.32 24.00
C THR F 412 -11.18 -1.15 22.89
N ARG F 413 -9.89 -1.12 23.24
CA ARG F 413 -8.87 -0.97 22.20
C ARG F 413 -8.88 -2.16 21.25
N ILE F 414 -8.94 -3.38 21.79
CA ILE F 414 -8.91 -4.57 20.95
C ILE F 414 -10.17 -4.66 20.10
N GLU F 415 -11.34 -4.44 20.70
CA GLU F 415 -12.58 -4.54 19.96
C GLU F 415 -12.68 -3.46 18.88
N ALA F 416 -12.18 -2.26 19.16
CA ALA F 416 -12.21 -1.23 18.12
C ALA F 416 -11.30 -1.60 16.95
N PHE F 417 -10.18 -2.27 17.23
CA PHE F 417 -9.27 -2.75 16.18
C PHE F 417 -9.95 -3.79 15.32
N LEU F 418 -10.58 -4.78 15.95
CA LEU F 418 -11.27 -5.83 15.20
C LEU F 418 -12.41 -5.24 14.38
N GLU F 419 -13.16 -4.29 14.96
CA GLU F 419 -14.20 -3.60 14.20
C GLU F 419 -13.61 -2.92 12.97
N MET F 420 -12.46 -2.26 13.15
CA MET F 420 -11.83 -1.53 12.07
C MET F 420 -11.38 -2.46 10.94
N ILE F 421 -10.81 -3.62 11.29
CA ILE F 421 -10.22 -4.47 10.26
C ILE F 421 -11.21 -5.49 9.70
N LYS F 422 -12.43 -5.52 10.19
CA LYS F 422 -13.43 -6.48 9.71
C LYS F 422 -13.63 -6.34 8.20
N MET G 1 0.09 27.85 75.11
CA MET G 1 1.45 27.93 75.72
C MET G 1 2.53 27.48 74.74
N PHE G 2 2.48 26.21 74.35
CA PHE G 2 3.41 25.66 73.37
C PHE G 2 2.62 25.01 72.24
N ALA G 3 2.76 25.54 71.04
CA ALA G 3 1.91 25.17 69.92
C ALA G 3 2.68 24.35 68.89
N GLY G 4 2.02 23.32 68.35
CA GLY G 4 2.50 22.59 67.21
C GLY G 4 1.48 22.63 66.10
N LEU G 5 1.89 23.06 64.92
CA LEU G 5 1.01 23.27 63.78
CA LEU G 5 1.01 23.27 63.78
C LEU G 5 1.48 22.40 62.62
N ASP G 6 0.60 21.53 62.13
CA ASP G 6 0.90 20.59 61.06
C ASP G 6 0.00 20.91 59.88
N LEU G 7 0.55 21.59 58.88
CA LEU G 7 -0.20 22.07 57.73
C LEU G 7 -0.08 21.05 56.60
N GLY G 8 -0.86 19.96 56.73
CA GLY G 8 -0.76 18.87 55.79
C GLY G 8 -1.43 19.13 54.46
N SER G 9 -1.18 18.21 53.52
CA SER G 9 -1.77 18.33 52.20
C SER G 9 -3.29 18.34 52.26
N THR G 10 -3.89 17.62 53.20
CA THR G 10 -5.34 17.45 53.25
C THR G 10 -5.97 18.13 54.46
N ASN G 11 -5.39 17.96 55.64
CA ASN G 11 -5.90 18.56 56.87
C ASN G 11 -4.77 19.24 57.61
N SER G 12 -5.10 20.32 58.31
CA SER G 12 -4.16 21.01 59.18
C SER G 12 -4.60 20.86 60.62
N LYS G 13 -3.64 20.61 61.50
CA LYS G 13 -3.88 20.25 62.89
C LYS G 13 -3.07 21.17 63.78
N LEU G 14 -3.62 21.49 64.95
CA LEU G 14 -2.95 22.32 65.94
C LEU G 14 -3.07 21.64 67.29
N VAL G 15 -1.94 21.42 67.94
CA VAL G 15 -1.91 20.91 69.31
C VAL G 15 -1.36 22.02 70.20
N ILE G 16 -2.06 22.29 71.30
CA ILE G 16 -1.65 23.28 72.29
C ILE G 16 -1.34 22.52 73.58
N ILE G 17 -0.06 22.48 73.95
CA ILE G 17 0.33 21.93 75.24
C ILE G 17 0.26 23.04 76.27
N LYS G 18 -0.59 22.85 77.29
CA LYS G 18 -0.68 23.82 78.38
C LYS G 18 0.50 23.67 79.32
N GLU G 19 0.83 24.76 80.03
CA GLU G 19 1.91 24.70 81.00
C GLU G 19 1.74 23.54 81.96
N ASP G 20 0.50 23.14 82.22
CA ASP G 20 0.23 22.02 83.13
C ASP G 20 0.79 20.71 82.60
N GLY G 21 0.86 20.55 81.28
CA GLY G 21 1.26 19.30 80.67
C GLY G 21 0.15 18.64 79.87
N SER G 22 -1.11 18.94 80.18
CA SER G 22 -2.22 18.51 79.37
C SER G 22 -2.26 19.28 78.07
N TYR G 23 -2.85 18.69 77.03
CA TYR G 23 -2.90 19.32 75.72
C TYR G 23 -4.28 19.15 75.09
N THR G 24 -4.62 20.12 74.24
CA THR G 24 -5.81 20.08 73.41
C THR G 24 -5.38 20.09 71.94
N PHE G 25 -6.34 19.84 71.05
CA PHE G 25 -6.05 19.81 69.63
C PHE G 25 -7.29 20.24 68.85
N LYS G 26 -7.07 20.65 67.59
CA LYS G 26 -8.18 20.80 66.66
C LYS G 26 -7.65 20.64 65.25
N VAL G 27 -8.57 20.29 64.35
CA VAL G 27 -8.26 19.92 62.98
C VAL G 27 -9.23 20.62 62.06
N VAL G 28 -8.72 21.20 60.98
CA VAL G 28 -9.58 21.75 59.93
C VAL G 28 -9.04 21.28 58.59
N PRO G 29 -9.89 21.27 57.55
CA PRO G 29 -9.39 21.00 56.21
C PRO G 29 -8.40 22.06 55.75
N THR G 30 -7.36 21.62 55.04
CA THR G 30 -6.39 22.56 54.49
C THR G 30 -7.00 23.37 53.34
N ARG G 31 -7.86 22.74 52.54
CA ARG G 31 -8.48 23.39 51.39
C ARG G 31 -7.45 23.99 50.45
N TYR G 32 -6.30 23.31 50.33
CA TYR G 32 -5.25 23.68 49.39
C TYR G 32 -4.63 25.04 49.69
N GLU G 33 -5.03 25.69 50.79
CA GLU G 33 -4.46 26.98 51.18
C GLU G 33 -3.97 26.88 52.63
N PRO G 34 -2.73 26.41 52.82
CA PRO G 34 -2.26 26.15 54.19
C PRO G 34 -2.17 27.39 55.08
N VAL G 35 -1.78 28.54 54.53
CA VAL G 35 -1.55 29.70 55.38
C VAL G 35 -2.85 30.13 56.05
N LYS G 36 -3.94 30.19 55.29
CA LYS G 36 -5.22 30.55 55.89
C LYS G 36 -5.65 29.51 56.92
N ALA G 37 -5.48 28.23 56.60
CA ALA G 37 -5.85 27.18 57.55
C ALA G 37 -5.11 27.33 58.87
N GLY G 38 -3.82 27.66 58.81
CA GLY G 38 -3.06 27.85 60.02
C GLY G 38 -3.55 29.02 60.85
N GLU G 39 -3.84 30.14 60.20
CA GLU G 39 -4.31 31.32 60.91
C GLU G 39 -5.67 31.08 61.54
N LEU G 40 -6.58 30.43 60.81
CA LEU G 40 -7.87 30.06 61.40
C LEU G 40 -7.67 29.21 62.63
N LEU G 41 -6.68 28.30 62.61
CA LEU G 41 -6.46 27.42 63.75
C LEU G 41 -5.93 28.19 64.95
N LEU G 42 -5.06 29.17 64.72
CA LEU G 42 -4.46 29.94 65.80
C LEU G 42 -5.32 31.11 66.25
N LYS G 43 -6.32 31.51 65.47
CA LYS G 43 -7.23 32.55 65.89
C LYS G 43 -7.90 32.14 67.20
N ASN G 44 -7.66 32.93 68.26
CA ASN G 44 -8.28 32.75 69.56
C ASN G 44 -7.70 31.57 70.33
N THR G 45 -6.37 31.54 70.49
CA THR G 45 -5.72 30.46 71.21
C THR G 45 -4.91 30.94 72.39
N GLY G 46 -4.96 32.23 72.72
CA GLY G 46 -4.25 32.73 73.87
C GLY G 46 -2.83 33.14 73.57
N GLU G 47 -1.95 33.08 74.56
CA GLU G 47 -0.55 33.44 74.42
C GLU G 47 0.27 32.17 74.19
N ILE G 48 0.99 32.13 73.07
CA ILE G 48 1.84 31.01 72.73
C ILE G 48 3.28 31.47 72.84
N ARG G 49 4.04 30.86 73.75
CA ARG G 49 5.44 31.21 73.89
C ARG G 49 6.25 30.75 72.69
N ASN G 50 6.09 29.49 72.31
CA ASN G 50 6.87 28.87 71.24
C ASN G 50 5.94 28.10 70.32
N LEU G 51 6.20 28.21 69.01
CA LEU G 51 5.42 27.52 68.01
C LEU G 51 6.36 26.81 67.04
N VAL G 52 6.07 25.55 66.75
CA VAL G 52 6.74 24.81 65.69
C VAL G 52 5.72 24.53 64.60
N VAL G 53 6.13 24.69 63.34
CA VAL G 53 5.26 24.48 62.19
C VAL G 53 5.86 23.40 61.31
N THR G 54 5.04 22.43 60.91
CA THR G 54 5.49 21.32 60.10
C THR G 54 4.47 21.06 58.99
N GLY G 55 4.79 20.12 58.10
CA GLY G 55 3.91 19.80 57.00
C GLY G 55 4.20 20.62 55.76
N TYR G 56 3.44 20.28 54.70
CA TYR G 56 3.62 20.96 53.42
C TYR G 56 3.62 22.47 53.57
N GLY G 57 2.69 23.02 54.34
CA GLY G 57 2.51 24.45 54.43
C GLY G 57 3.53 25.21 55.27
N ARG G 58 4.55 24.53 55.78
CA ARG G 58 5.34 25.11 56.86
C ARG G 58 6.10 26.36 56.42
N VAL G 59 6.59 26.39 55.18
CA VAL G 59 7.40 27.53 54.77
C VAL G 59 6.52 28.73 54.41
N ALA G 60 5.39 28.48 53.74
CA ALA G 60 4.47 29.56 53.45
C ALA G 60 4.02 30.25 54.73
N PHE G 61 3.80 29.48 55.78
CA PHE G 61 3.50 30.03 57.09
C PHE G 61 4.77 30.67 57.64
N ASN G 62 4.88 31.97 57.47
CA ASN G 62 6.11 32.69 57.81
C ASN G 62 6.24 32.94 59.31
N ARG G 63 5.95 31.94 60.14
CA ARG G 63 6.03 32.09 61.58
C ARG G 63 6.55 30.80 62.20
N GLY G 64 7.14 30.94 63.38
CA GLY G 64 7.52 29.80 64.18
C GLY G 64 8.79 29.10 63.70
N LYS G 65 9.17 28.09 64.47
CA LYS G 65 10.29 27.21 64.15
C LYS G 65 9.81 26.13 63.18
N VAL G 66 10.54 25.94 62.09
CA VAL G 66 10.16 25.02 61.02
C VAL G 66 10.87 23.68 61.23
N VAL G 67 10.10 22.60 61.33
CA VAL G 67 10.62 21.25 61.49
C VAL G 67 9.83 20.34 60.56
N THR G 68 10.50 19.32 60.00
CA THR G 68 9.77 18.45 59.07
C THR G 68 8.88 17.46 59.81
N GLU G 69 7.88 16.93 59.09
CA GLU G 69 6.91 16.03 59.68
C GLU G 69 7.52 14.69 60.07
N ILE G 70 8.69 14.34 59.51
CA ILE G 70 9.37 13.12 59.95
C ILE G 70 9.81 13.25 61.40
N THR G 71 10.54 14.32 61.71
CA THR G 71 11.02 14.51 63.07
C THR G 71 9.86 14.71 64.03
N CYS G 72 8.86 15.49 63.65
CA CYS G 72 7.74 15.72 64.55
C CYS G 72 6.93 14.45 64.77
N GLN G 73 6.67 13.68 63.70
CA GLN G 73 5.94 12.43 63.86
C GLN G 73 6.67 11.48 64.81
N ALA G 74 8.00 11.41 64.72
CA ALA G 74 8.75 10.57 65.63
C ALA G 74 8.60 11.03 67.07
N ARG G 75 8.67 12.34 67.31
CA ARG G 75 8.60 12.85 68.68
C ARG G 75 7.22 12.62 69.29
N GLY G 76 6.16 12.86 68.52
CA GLY G 76 4.82 12.72 69.08
C GLY G 76 4.43 11.27 69.28
N CYS G 77 4.83 10.40 68.34
CA CYS G 77 4.60 8.98 68.54
C CYS G 77 5.45 8.42 69.67
N HIS G 78 6.64 8.98 69.91
CA HIS G 78 7.45 8.52 71.02
C HIS G 78 6.78 8.82 72.36
N GLU G 79 6.10 9.96 72.45
CA GLU G 79 5.41 10.32 73.69
C GLU G 79 4.34 9.30 74.05
N LEU G 80 3.69 8.70 73.04
CA LEU G 80 2.61 7.75 73.28
C LEU G 80 3.11 6.32 73.39
N PHE G 81 4.08 5.92 72.55
CA PHE G 81 4.60 4.56 72.51
C PHE G 81 6.12 4.62 72.53
N PRO G 82 6.73 4.91 73.70
CA PRO G 82 8.19 5.04 73.76
C PRO G 82 8.94 3.74 73.46
N GLU G 83 8.27 2.60 73.45
CA GLU G 83 8.92 1.29 73.33
C GLU G 83 8.66 0.61 71.98
N VAL G 84 8.02 1.29 71.04
CA VAL G 84 7.86 0.77 69.68
C VAL G 84 8.74 1.60 68.77
N ASP G 85 9.55 0.92 67.96
CA ASP G 85 10.63 1.58 67.25
C ASP G 85 10.23 2.07 65.86
N TYR G 86 9.14 1.55 65.29
CA TYR G 86 8.78 1.86 63.91
C TYR G 86 7.43 2.55 63.84
N ILE G 87 7.34 3.52 62.94
CA ILE G 87 6.15 4.34 62.74
C ILE G 87 5.77 4.33 61.28
N LEU G 88 4.51 3.98 60.99
CA LEU G 88 3.93 4.11 59.66
C LEU G 88 2.90 5.25 59.70
N ASP G 89 3.17 6.31 58.93
CA ASP G 89 2.29 7.48 58.82
C ASP G 89 1.72 7.48 57.40
N LEU G 90 0.41 7.28 57.27
CA LEU G 90 -0.27 7.37 55.98
C LEU G 90 -1.08 8.65 55.96
N GLY G 91 -0.72 9.57 55.06
CA GLY G 91 -1.46 10.80 54.87
C GLY G 91 -2.17 10.86 53.54
N GLY G 92 -2.59 12.07 53.19
CA GLY G 92 -3.31 12.28 51.94
C GLY G 92 -2.41 12.22 50.71
N GLN G 93 -1.17 12.65 50.83
CA GLN G 93 -0.24 12.68 49.70
C GLN G 93 0.96 11.78 49.89
N ASP G 94 1.53 11.72 51.10
CA ASP G 94 2.76 10.98 51.35
C ASP G 94 2.54 9.86 52.35
N ALA G 95 3.30 8.79 52.17
CA ALA G 95 3.42 7.71 53.13
C ALA G 95 4.85 7.72 53.68
N LYS G 96 4.98 7.46 54.98
CA LYS G 96 6.27 7.56 55.66
C LYS G 96 6.45 6.37 56.58
N ILE G 97 7.63 5.75 56.53
CA ILE G 97 8.04 4.74 57.51
C ILE G 97 9.25 5.30 58.24
N ILE G 98 9.15 5.35 59.57
CA ILE G 98 10.16 5.99 60.41
C ILE G 98 10.64 4.95 61.41
N LYS G 99 11.95 4.92 61.64
CA LYS G 99 12.54 4.15 62.74
C LYS G 99 13.14 5.14 63.73
N LYS G 100 12.79 4.97 65.00
CA LYS G 100 13.30 5.83 66.06
C LYS G 100 13.96 4.97 67.14
N ASP G 101 14.84 5.61 67.91
CA ASP G 101 15.58 4.94 68.96
C ASP G 101 14.87 5.15 70.29
N GLY G 102 15.49 4.67 71.36
CA GLY G 102 14.86 4.67 72.67
C GLY G 102 14.55 6.05 73.20
N GLN G 103 15.22 7.09 72.71
CA GLN G 103 14.97 8.44 73.16
C GLN G 103 14.09 9.24 72.20
N GLY G 104 13.55 8.58 71.17
CA GLY G 104 12.65 9.23 70.25
C GLY G 104 13.29 9.84 69.03
N ARG G 105 14.60 9.65 68.85
CA ARG G 105 15.31 10.29 67.75
C ARG G 105 15.18 9.46 66.47
N VAL G 106 15.05 10.16 65.34
CA VAL G 106 14.94 9.51 64.04
C VAL G 106 16.28 8.87 63.71
N VAL G 107 16.27 7.56 63.49
CA VAL G 107 17.48 6.84 63.09
C VAL G 107 17.46 6.42 61.63
N ASN G 108 16.30 6.38 60.98
CA ASN G 108 16.20 6.11 59.56
C ASN G 108 14.75 6.40 59.18
N PHE G 109 14.54 6.68 57.90
CA PHE G 109 13.19 6.93 57.41
C PHE G 109 13.19 6.76 55.90
N LEU G 110 11.99 6.60 55.35
CA LEU G 110 11.74 6.39 53.93
C LEU G 110 10.38 6.97 53.64
N MET G 111 10.25 7.70 52.53
CA MET G 111 8.95 8.18 52.08
C MET G 111 8.62 7.56 50.73
N ASN G 112 7.35 7.65 50.34
CA ASN G 112 6.90 7.00 49.12
C ASN G 112 7.68 7.51 47.90
N ASP G 113 7.81 6.64 46.89
CA ASP G 113 8.30 7.05 45.59
C ASP G 113 7.23 7.85 44.84
N LYS G 114 7.63 8.48 43.73
CA LYS G 114 6.74 9.40 43.05
C LYS G 114 5.47 8.71 42.55
N CYS G 115 5.60 7.48 42.07
CA CYS G 115 4.43 6.75 41.57
C CYS G 115 3.51 6.33 42.69
N ALA G 116 3.97 6.36 43.94
CA ALA G 116 3.14 5.97 45.07
C ALA G 116 2.49 7.17 45.76
N ALA G 117 2.51 8.34 45.15
CA ALA G 117 1.96 9.53 45.77
C ALA G 117 0.43 9.52 45.70
N GLY G 118 -0.19 10.17 46.68
CA GLY G 118 -1.63 10.43 46.63
C GLY G 118 -2.53 9.29 47.01
N THR G 119 -2.02 8.26 47.69
CA THR G 119 -2.85 7.10 47.99
C THR G 119 -4.01 7.48 48.91
N GLY G 120 -3.70 8.22 49.98
CA GLY G 120 -4.74 8.58 50.93
C GLY G 120 -5.87 9.37 50.31
N ARG G 121 -5.52 10.39 49.52
CA ARG G 121 -6.52 11.20 48.83
C ARG G 121 -7.33 10.36 47.86
N PHE G 122 -6.69 9.41 47.18
CA PHE G 122 -7.43 8.54 46.27
C PHE G 122 -8.48 7.75 47.02
N LEU G 123 -8.10 7.15 48.15
CA LEU G 123 -9.09 6.42 48.95
C LEU G 123 -10.24 7.33 49.35
N GLU G 124 -9.94 8.52 49.85
CA GLU G 124 -10.99 9.46 50.21
C GLU G 124 -11.90 9.73 49.03
N ILE G 125 -11.30 9.96 47.85
CA ILE G 125 -12.11 10.28 46.68
C ILE G 125 -13.01 9.08 46.31
N ILE G 126 -12.38 7.91 46.20
CA ILE G 126 -13.11 6.78 45.63
C ILE G 126 -14.15 6.29 46.62
N LEU G 127 -13.80 6.30 47.92
CA LEU G 127 -14.82 5.90 48.89
C LEU G 127 -16.10 6.79 48.73
N THR G 128 -15.84 8.10 48.75
CA THR G 128 -16.88 9.06 48.55
C THR G 128 -17.75 8.69 47.30
N ALA G 129 -17.09 8.35 46.21
CA ALA G 129 -17.78 8.14 44.95
C ALA G 129 -18.66 6.89 45.04
N ILE G 130 -18.21 5.86 45.84
CA ILE G 130 -19.06 4.65 45.91
C ILE G 130 -19.27 3.99 47.27
N GLY G 131 -18.90 4.67 48.37
CA GLY G 131 -18.84 3.88 49.58
C GLY G 131 -19.31 4.57 50.88
N ASP G 132 -18.96 3.99 52.06
CA ASP G 132 -19.29 4.45 53.37
C ASP G 132 -20.61 3.86 53.87
N ASP G 133 -21.23 2.95 53.07
CA ASP G 133 -22.61 2.55 53.39
C ASP G 133 -22.69 1.22 54.15
N TYR G 134 -21.73 0.32 53.86
CA TYR G 134 -21.83 -1.06 54.36
C TYR G 134 -21.42 -1.09 55.83
N ARG G 135 -20.18 -0.55 56.09
CA ARG G 135 -19.30 -0.59 57.28
C ARG G 135 -18.33 -1.80 57.24
N ASP G 136 -17.34 -1.80 58.14
CA ASP G 136 -16.07 -2.49 57.90
C ASP G 136 -16.15 -4.01 58.11
N GLU G 137 -17.18 -4.46 58.82
CA GLU G 137 -17.32 -5.91 59.01
C GLU G 137 -17.59 -6.59 57.67
N ASP G 138 -18.48 -5.95 56.93
CA ASP G 138 -18.75 -6.37 55.54
C ASP G 138 -17.44 -6.57 54.75
N LEU G 139 -16.59 -5.57 54.85
CA LEU G 139 -15.31 -5.54 54.18
C LEU G 139 -14.36 -6.59 54.71
N ILE G 140 -14.23 -6.69 56.02
CA ILE G 140 -13.26 -7.66 56.49
C ILE G 140 -13.73 -9.07 56.24
N ASN G 141 -15.02 -9.29 56.10
CA ASN G 141 -15.54 -10.60 55.78
C ASN G 141 -15.70 -10.83 54.30
N GLU G 142 -15.44 -9.83 53.46
CA GLU G 142 -15.59 -10.05 52.03
C GLU G 142 -14.70 -11.21 51.59
N GLU G 143 -15.32 -12.25 51.04
CA GLU G 143 -14.61 -13.44 50.62
C GLU G 143 -14.06 -13.32 49.21
N ASN G 144 -14.36 -12.23 48.50
CA ASN G 144 -13.81 -11.97 47.17
C ASN G 144 -13.33 -10.52 47.08
N ALA G 145 -12.46 -10.13 48.01
CA ALA G 145 -11.84 -8.81 47.96
C ALA G 145 -10.92 -8.75 46.74
N VAL G 146 -11.42 -8.19 45.64
CA VAL G 146 -10.74 -8.25 44.35
C VAL G 146 -9.37 -7.61 44.39
N PRO G 147 -8.30 -8.32 44.03
CA PRO G 147 -6.98 -7.67 43.92
C PRO G 147 -7.02 -6.54 42.91
N ILE G 148 -6.50 -5.38 43.31
CA ILE G 148 -6.46 -4.20 42.47
C ILE G 148 -5.00 -3.80 42.30
N ASN G 149 -4.67 -3.23 41.15
CA ASN G 149 -3.29 -2.91 40.83
C ASN G 149 -2.67 -2.10 41.95
N SER G 150 -1.47 -2.50 42.37
CA SER G 150 -0.74 -1.84 43.44
C SER G 150 0.21 -0.75 42.92
N MET G 151 0.22 -0.51 41.62
CA MET G 151 1.23 0.37 41.04
C MET G 151 1.05 1.81 41.49
N CYS G 152 -0.13 2.37 41.25
CA CYS G 152 -0.38 3.79 41.44
C CYS G 152 -1.88 4.01 41.38
N THR G 153 -2.29 5.22 41.75
CA THR G 153 -3.71 5.55 41.79
C THR G 153 -4.32 5.72 40.40
N VAL G 154 -3.50 6.04 39.39
CA VAL G 154 -4.00 6.08 38.02
C VAL G 154 -4.42 4.68 37.58
N PHE G 155 -3.55 3.68 37.76
CA PHE G 155 -3.90 2.33 37.32
C PHE G 155 -5.03 1.76 38.17
N ALA G 156 -5.05 2.09 39.47
CA ALA G 156 -6.11 1.61 40.34
C ALA G 156 -7.46 2.18 39.92
N GLU G 157 -7.51 3.49 39.65
CA GLU G 157 -8.76 4.07 39.18
C GLU G 157 -9.23 3.36 37.92
N SER G 158 -8.31 3.10 36.98
CA SER G 158 -8.69 2.46 35.72
C SER G 158 -9.34 1.12 35.97
N GLU G 159 -8.82 0.36 36.95
CA GLU G 159 -9.40 -0.95 37.26
C GLU G 159 -10.71 -0.81 38.01
N VAL G 160 -10.81 0.18 38.90
CA VAL G 160 -12.07 0.39 39.60
C VAL G 160 -13.19 0.65 38.59
N ILE G 161 -12.90 1.43 37.55
CA ILE G 161 -13.88 1.71 36.51
C ILE G 161 -14.25 0.42 35.77
N SER G 162 -13.25 -0.34 35.34
CA SER G 162 -13.51 -1.60 34.66
C SER G 162 -14.33 -2.54 35.53
N LEU G 163 -13.97 -2.65 36.81
CA LEU G 163 -14.65 -3.59 37.69
C LEU G 163 -16.11 -3.21 37.85
N LEU G 164 -16.39 -1.94 38.09
CA LEU G 164 -17.76 -1.50 38.32
C LEU G 164 -18.56 -1.46 37.02
N ALA G 165 -17.90 -1.20 35.89
CA ALA G 165 -18.58 -1.22 34.61
C ALA G 165 -19.04 -2.63 34.23
N ARG G 166 -18.36 -3.66 34.75
CA ARG G 166 -18.70 -5.05 34.52
C ARG G 166 -19.71 -5.58 35.52
N GLY G 167 -20.07 -4.80 36.53
CA GLY G 167 -21.05 -5.23 37.50
C GLY G 167 -20.50 -5.82 38.79
N THR G 168 -19.20 -5.68 39.04
CA THR G 168 -18.66 -6.13 40.31
C THR G 168 -19.29 -5.35 41.45
N SER G 169 -19.54 -6.02 42.56
CA SER G 169 -20.14 -5.35 43.71
C SER G 169 -19.19 -4.31 44.29
N LYS G 170 -19.77 -3.22 44.78
CA LYS G 170 -18.96 -2.16 45.38
C LYS G 170 -18.21 -2.65 46.61
N ARG G 171 -18.82 -3.57 47.37
CA ARG G 171 -18.19 -4.09 48.58
C ARG G 171 -16.93 -4.89 48.25
N ALA G 172 -16.96 -5.65 47.16
CA ALA G 172 -15.79 -6.43 46.77
C ALA G 172 -14.68 -5.54 46.25
N VAL G 173 -15.05 -4.45 45.57
CA VAL G 173 -14.05 -3.50 45.08
C VAL G 173 -13.44 -2.74 46.25
N ILE G 174 -14.29 -2.24 47.15
CA ILE G 174 -13.78 -1.48 48.29
C ILE G 174 -12.89 -2.35 49.17
N ALA G 175 -13.33 -3.59 49.44
CA ALA G 175 -12.50 -4.51 50.19
C ALA G 175 -11.17 -4.75 49.49
N GLY G 176 -11.20 -4.95 48.16
CA GLY G 176 -9.97 -5.13 47.42
C GLY G 176 -9.06 -3.91 47.45
N LEU G 177 -9.66 -2.71 47.48
CA LEU G 177 -8.86 -1.50 47.58
C LEU G 177 -8.12 -1.44 48.91
N PHE G 178 -8.85 -1.69 50.02
CA PHE G 178 -8.18 -1.66 51.33
C PHE G 178 -7.17 -2.79 51.46
N LYS G 179 -7.49 -3.97 50.93
CA LYS G 179 -6.57 -5.10 51.04
C LYS G 179 -5.29 -4.83 50.27
N THR G 180 -5.41 -4.32 49.04
CA THR G 180 -4.21 -4.09 48.25
C THR G 180 -3.36 -2.99 48.88
N THR G 181 -4.01 -1.95 49.42
CA THR G 181 -3.28 -0.89 50.12
C THR G 181 -2.54 -1.45 51.33
N ALA G 182 -3.20 -2.33 52.10
CA ALA G 182 -2.56 -2.90 53.28
C ALA G 182 -1.35 -3.74 52.89
N LYS G 183 -1.47 -4.54 51.82
CA LYS G 183 -0.34 -5.33 51.36
C LYS G 183 0.84 -4.44 50.96
N ARG G 184 0.56 -3.38 50.19
CA ARG G 184 1.62 -2.44 49.83
C ARG G 184 2.26 -1.82 51.07
N LEU G 185 1.42 -1.34 51.99
CA LEU G 185 1.93 -0.68 53.18
C LEU G 185 2.74 -1.63 54.05
N ALA G 186 2.30 -2.88 54.13
CA ALA G 186 3.05 -3.85 54.94
C ALA G 186 4.45 -4.07 54.38
N LYS G 187 4.59 -4.19 53.05
CA LYS G 187 5.94 -4.32 52.49
C LYS G 187 6.73 -3.03 52.65
N PHE G 188 6.08 -1.87 52.45
CA PHE G 188 6.70 -0.58 52.70
C PHE G 188 7.16 -0.45 54.15
N ALA G 189 6.37 -0.98 55.10
CA ALA G 189 6.68 -0.82 56.51
C ALA G 189 7.86 -1.66 56.98
N GLU G 190 8.39 -2.54 56.14
CA GLU G 190 9.57 -3.35 56.43
CA GLU G 190 9.58 -3.32 56.47
C GLU G 190 10.81 -2.82 55.71
N SER G 191 10.75 -1.61 55.16
CA SER G 191 11.86 -1.08 54.38
C SER G 191 13.08 -0.78 55.24
N LEU G 192 12.87 -0.51 56.54
CA LEU G 192 13.96 -0.14 57.43
C LEU G 192 14.38 -1.26 58.37
N GLY G 193 13.79 -2.44 58.20
CA GLY G 193 13.95 -3.55 59.13
C GLY G 193 12.55 -4.07 59.43
N LYS G 194 12.46 -5.38 59.65
CA LYS G 194 11.18 -5.98 59.99
C LYS G 194 10.79 -5.59 61.41
N PRO G 195 9.71 -4.83 61.62
CA PRO G 195 9.33 -4.48 63.00
C PRO G 195 8.84 -5.70 63.76
N ARG G 196 9.16 -5.74 65.05
CA ARG G 196 8.45 -6.64 65.95
C ARG G 196 7.11 -6.06 66.36
N LYS G 197 6.92 -4.75 66.19
CA LYS G 197 5.73 -4.04 66.58
C LYS G 197 5.72 -2.70 65.86
N LEU G 198 4.54 -2.28 65.39
CA LEU G 198 4.44 -1.13 64.49
C LEU G 198 3.39 -0.16 64.98
N ILE G 199 3.74 1.12 64.99
CA ILE G 199 2.78 2.19 65.20
C ILE G 199 2.24 2.60 63.84
N PHE G 200 0.92 2.68 63.73
CA PHE G 200 0.24 3.10 62.51
C PHE G 200 -0.50 4.38 62.83
N THR G 201 -0.13 5.48 62.18
CA THR G 201 -0.76 6.75 62.47
C THR G 201 -0.97 7.52 61.17
N GLY G 202 -1.37 8.77 61.30
CA GLY G 202 -1.90 9.51 60.18
C GLY G 202 -3.39 9.23 59.98
N GLY G 203 -4.03 10.09 59.20
CA GLY G 203 -5.44 9.91 58.92
C GLY G 203 -5.74 8.59 58.25
N GLY G 204 -4.77 8.00 57.57
CA GLY G 204 -4.98 6.70 56.97
C GLY G 204 -5.27 5.64 58.01
N ALA G 205 -4.71 5.79 59.21
CA ALA G 205 -4.98 4.85 60.29
C ALA G 205 -6.39 5.00 60.85
N LYS G 206 -7.19 5.95 60.37
CA LYS G 206 -8.56 6.09 60.81
CA LYS G 206 -8.56 6.08 60.82
C LYS G 206 -9.51 5.14 60.08
N TYR G 207 -9.05 4.47 59.02
CA TYR G 207 -9.89 3.50 58.31
C TYR G 207 -9.86 2.16 59.05
N PRO G 208 -10.97 1.72 59.65
CA PRO G 208 -10.89 0.48 60.45
C PRO G 208 -10.48 -0.74 59.64
N ALA G 209 -10.94 -0.87 58.40
CA ALA G 209 -10.61 -2.05 57.62
C ALA G 209 -9.14 -2.06 57.23
N LEU G 210 -8.56 -0.89 56.98
CA LEU G 210 -7.14 -0.83 56.66
C LEU G 210 -6.29 -1.21 57.86
N ARG G 211 -6.69 -0.80 59.07
CA ARG G 211 -5.98 -1.23 60.26
C ARG G 211 -5.94 -2.75 60.35
N LEU G 212 -7.10 -3.39 60.22
CA LEU G 212 -7.16 -4.84 60.38
C LEU G 212 -6.44 -5.56 59.25
N PHE G 213 -6.64 -5.11 58.00
CA PHE G 213 -5.94 -5.72 56.88
C PHE G 213 -4.43 -5.54 57.02
N LEU G 214 -4.00 -4.38 57.51
CA LEU G 214 -2.57 -4.13 57.66
C LEU G 214 -1.97 -5.10 58.69
N GLN G 215 -2.59 -5.18 59.86
CA GLN G 215 -2.07 -6.06 60.92
C GLN G 215 -2.00 -7.51 60.44
N LYS G 216 -3.02 -7.97 59.71
CA LYS G 216 -2.98 -9.33 59.19
C LYS G 216 -1.79 -9.54 58.26
N GLU G 217 -1.50 -8.55 57.41
CA GLU G 217 -0.35 -8.66 56.52
C GLU G 217 0.96 -8.59 57.30
N MET G 218 1.04 -7.69 58.29
CA MET G 218 2.27 -7.53 59.04
C MET G 218 2.62 -8.80 59.82
N GLY G 219 1.63 -9.53 60.29
CA GLY G 219 1.89 -10.69 61.14
C GLY G 219 2.52 -10.34 62.47
N VAL G 220 2.44 -9.07 62.89
CA VAL G 220 2.96 -8.62 64.16
C VAL G 220 1.95 -7.65 64.77
N GLU G 221 2.24 -7.20 65.98
CA GLU G 221 1.31 -6.30 66.65
C GLU G 221 1.38 -4.90 66.06
N VAL G 222 0.21 -4.28 65.91
CA VAL G 222 0.07 -2.93 65.43
C VAL G 222 -0.66 -2.15 66.51
N VAL G 223 -0.18 -0.95 66.79
CA VAL G 223 -0.83 -0.07 67.76
C VAL G 223 -1.13 1.24 67.05
N VAL G 224 -2.26 1.85 67.41
CA VAL G 224 -2.76 3.04 66.73
C VAL G 224 -3.02 4.12 67.78
N PRO G 225 -2.49 5.33 67.61
CA PRO G 225 -2.70 6.37 68.61
C PRO G 225 -4.17 6.63 68.85
N PRO G 226 -4.52 7.13 70.04
CA PRO G 226 -5.91 7.58 70.27
C PRO G 226 -6.46 8.46 69.16
N GLU G 227 -5.73 9.52 68.79
CA GLU G 227 -6.12 10.42 67.71
C GLU G 227 -4.98 10.45 66.69
N PRO G 228 -4.96 9.51 65.74
CA PRO G 228 -3.84 9.44 64.79
C PRO G 228 -3.68 10.70 63.93
N SER G 229 -4.72 11.53 63.80
CA SER G 229 -4.60 12.70 62.95
C SER G 229 -3.59 13.70 63.47
N VAL G 230 -3.37 13.74 64.78
CA VAL G 230 -2.68 14.87 65.40
C VAL G 230 -1.34 14.49 66.01
N THR G 231 -0.86 13.26 65.79
CA THR G 231 0.38 12.88 66.46
C THR G 231 1.57 13.69 65.96
N ALA G 232 1.59 14.09 64.68
CA ALA G 232 2.69 14.93 64.20
C ALA G 232 2.63 16.33 64.81
N ALA G 233 1.42 16.89 64.91
CA ALA G 233 1.27 18.20 65.56
C ALA G 233 1.65 18.12 67.04
N LEU G 234 1.34 16.99 67.68
CA LEU G 234 1.77 16.79 69.06
C LEU G 234 3.29 16.80 69.17
N GLY G 235 3.97 16.12 68.25
CA GLY G 235 5.42 16.15 68.24
C GLY G 235 5.97 17.55 68.04
N ALA G 236 5.33 18.32 67.16
CA ALA G 236 5.74 19.71 66.97
C ALA G 236 5.58 20.51 68.25
N ALA G 237 4.47 20.31 68.97
CA ALA G 237 4.24 21.04 70.21
C ALA G 237 5.25 20.64 71.28
N LEU G 238 5.56 19.35 71.39
CA LEU G 238 6.61 18.92 72.31
C LEU G 238 7.95 19.56 71.96
N ILE G 239 8.28 19.62 70.66
CA ILE G 239 9.52 20.24 70.23
C ILE G 239 9.53 21.72 70.59
N ALA G 240 8.40 22.40 70.38
CA ALA G 240 8.31 23.81 70.74
C ALA G 240 8.65 24.02 72.21
N ARG G 241 8.10 23.16 73.08
CA ARG G 241 8.34 23.31 74.52
C ARG G 241 9.79 23.03 74.88
N GLU G 242 10.40 22.01 74.26
CA GLU G 242 11.77 21.64 74.59
C GLU G 242 12.81 22.56 73.99
N THR G 243 12.42 23.48 73.10
CA THR G 243 13.36 24.38 72.47
C THR G 243 13.02 25.83 72.79
N MET H 1 -37.15 5.94 17.63
CA MET H 1 -37.29 4.47 17.43
C MET H 1 -35.96 3.75 17.20
N PHE H 2 -34.88 4.49 16.97
CA PHE H 2 -33.54 3.92 16.93
C PHE H 2 -32.72 4.57 18.02
N ALA H 3 -32.18 3.77 18.94
CA ALA H 3 -31.56 4.29 20.15
C ALA H 3 -30.07 3.98 20.20
N GLY H 4 -29.31 4.97 20.66
CA GLY H 4 -27.88 4.84 20.93
C GLY H 4 -27.61 5.20 22.37
N LEU H 5 -27.01 4.29 23.12
CA LEU H 5 -26.75 4.43 24.54
C LEU H 5 -25.24 4.37 24.77
N ASP H 6 -24.68 5.45 25.34
CA ASP H 6 -23.25 5.58 25.59
C ASP H 6 -23.07 5.61 27.10
N LEU H 7 -22.59 4.50 27.66
CA LEU H 7 -22.46 4.35 29.10
C LEU H 7 -21.01 4.62 29.46
N GLY H 8 -20.70 5.90 29.61
CA GLY H 8 -19.33 6.32 29.85
C GLY H 8 -18.91 6.19 31.29
N SER H 9 -17.60 6.36 31.51
CA SER H 9 -17.03 6.22 32.84
C SER H 9 -17.63 7.23 33.81
N THR H 10 -18.01 8.40 33.30
CA THR H 10 -18.51 9.49 34.12
CA THR H 10 -18.51 9.49 34.12
C THR H 10 -19.98 9.79 33.87
N ASN H 11 -20.38 9.89 32.60
CA ASN H 11 -21.75 10.22 32.23
C ASN H 11 -22.28 9.22 31.22
N SER H 12 -23.58 8.97 31.28
CA SER H 12 -24.28 8.12 30.35
C SER H 12 -25.21 8.99 29.51
N LYS H 13 -25.28 8.68 28.23
CA LYS H 13 -26.00 9.48 27.24
C LYS H 13 -26.90 8.59 26.40
N LEU H 14 -28.06 9.12 26.04
CA LEU H 14 -28.99 8.42 25.17
C LEU H 14 -29.40 9.36 24.05
N VAL H 15 -29.31 8.88 22.81
CA VAL H 15 -29.88 9.57 21.66
C VAL H 15 -30.94 8.68 21.05
N ILE H 16 -32.12 9.25 20.78
CA ILE H 16 -33.21 8.57 20.08
C ILE H 16 -33.43 9.27 18.75
N ILE H 17 -33.27 8.53 17.65
CA ILE H 17 -33.60 9.02 16.33
C ILE H 17 -35.01 8.57 15.99
N LYS H 18 -35.87 9.52 15.62
CA LYS H 18 -37.25 9.21 15.27
C LYS H 18 -37.37 8.91 13.77
N GLU H 19 -38.62 8.73 13.30
CA GLU H 19 -38.86 8.33 11.92
C GLU H 19 -38.41 9.43 10.94
N ASP H 20 -38.70 10.69 11.25
CA ASP H 20 -38.36 11.78 10.35
C ASP H 20 -36.87 12.12 10.33
N GLY H 21 -36.05 11.47 11.16
CA GLY H 21 -34.65 11.78 11.23
C GLY H 21 -34.27 12.77 12.31
N SER H 22 -35.24 13.45 12.91
CA SER H 22 -34.97 14.24 14.11
C SER H 22 -34.44 13.34 15.21
N TYR H 23 -33.82 13.94 16.22
CA TYR H 23 -33.36 13.16 17.36
C TYR H 23 -33.42 14.00 18.63
N THR H 24 -33.55 13.31 19.75
CA THR H 24 -33.51 13.88 21.09
C THR H 24 -32.35 13.22 21.82
N PHE H 25 -31.87 13.88 22.87
CA PHE H 25 -30.75 13.34 23.65
CA PHE H 25 -30.75 13.34 23.65
C PHE H 25 -30.95 13.65 25.12
N LYS H 26 -30.39 12.78 25.97
CA LYS H 26 -30.44 12.93 27.41
C LYS H 26 -29.12 12.46 27.99
N VAL H 27 -28.74 13.07 29.11
CA VAL H 27 -27.48 12.76 29.79
C VAL H 27 -27.77 12.62 31.28
N VAL H 28 -27.10 11.65 31.91
CA VAL H 28 -27.14 11.51 33.37
C VAL H 28 -25.78 11.02 33.83
N PRO H 29 -25.42 11.36 35.09
CA PRO H 29 -24.20 10.78 35.66
C PRO H 29 -24.31 9.27 35.75
N THR H 30 -23.21 8.59 35.42
CA THR H 30 -23.20 7.12 35.47
C THR H 30 -23.22 6.62 36.91
N ARG H 31 -22.55 7.34 37.81
CA ARG H 31 -22.46 7.01 39.23
C ARG H 31 -21.92 5.60 39.46
N TYR H 32 -21.04 5.16 38.57
CA TYR H 32 -20.38 3.85 38.67
C TYR H 32 -21.38 2.70 38.60
N GLU H 33 -22.55 2.95 38.03
CA GLU H 33 -23.63 1.95 37.94
C GLU H 33 -24.28 2.05 36.57
N PRO H 34 -23.59 1.58 35.53
CA PRO H 34 -24.10 1.81 34.18
C PRO H 34 -25.41 1.10 33.87
N VAL H 35 -25.68 -0.06 34.47
CA VAL H 35 -26.97 -0.71 34.26
C VAL H 35 -28.10 0.19 34.76
N LYS H 36 -27.95 0.76 35.96
CA LYS H 36 -29.00 1.64 36.46
C LYS H 36 -29.13 2.88 35.60
N ALA H 37 -27.99 3.47 35.20
CA ALA H 37 -28.04 4.66 34.35
C ALA H 37 -28.70 4.37 33.01
N GLY H 38 -28.35 3.25 32.39
CA GLY H 38 -28.98 2.87 31.15
C GLY H 38 -30.48 2.68 31.28
N GLU H 39 -30.91 2.00 32.34
CA GLU H 39 -32.35 1.79 32.50
C GLU H 39 -33.07 3.09 32.81
N LEU H 40 -32.42 3.99 33.54
CA LEU H 40 -33.02 5.29 33.81
C LEU H 40 -33.19 6.09 32.53
N LEU H 41 -32.15 6.12 31.69
CA LEU H 41 -32.24 6.88 30.45
C LEU H 41 -33.35 6.33 29.56
N LEU H 42 -33.50 5.02 29.52
CA LEU H 42 -34.49 4.39 28.66
C LEU H 42 -35.88 4.38 29.25
N LYS H 43 -36.05 4.90 30.46
CA LYS H 43 -37.37 4.94 31.08
C LYS H 43 -38.30 5.79 30.22
N ASN H 44 -39.45 5.24 29.86
CA ASN H 44 -40.51 5.98 29.19
C ASN H 44 -40.09 6.48 27.81
N THR H 45 -39.23 5.75 27.11
CA THR H 45 -38.74 6.22 25.82
C THR H 45 -39.60 5.78 24.65
N GLY H 46 -40.38 4.73 24.80
CA GLY H 46 -41.25 4.26 23.74
C GLY H 46 -40.77 2.96 23.15
N GLU H 47 -41.40 2.58 22.03
CA GLU H 47 -41.07 1.35 21.33
C GLU H 47 -39.81 1.58 20.52
N ILE H 48 -38.70 0.99 20.96
CA ILE H 48 -37.43 1.12 20.27
C ILE H 48 -37.28 -0.07 19.33
N ARG H 49 -36.95 0.22 18.07
CA ARG H 49 -36.81 -0.83 17.06
C ARG H 49 -35.43 -1.46 17.08
N ASN H 50 -34.38 -0.65 17.24
CA ASN H 50 -33.01 -1.16 17.35
C ASN H 50 -32.28 -0.33 18.41
N LEU H 51 -31.41 -1.00 19.18
CA LEU H 51 -30.63 -0.34 20.21
C LEU H 51 -29.16 -0.73 20.04
N VAL H 52 -28.29 0.26 20.07
CA VAL H 52 -26.84 0.05 20.12
C VAL H 52 -26.30 0.64 21.40
N VAL H 53 -25.43 -0.11 22.09
CA VAL H 53 -24.86 0.30 23.36
C VAL H 53 -23.34 0.38 23.21
N THR H 54 -22.75 1.45 23.77
CA THR H 54 -21.33 1.73 23.63
C THR H 54 -20.84 2.25 24.98
N GLY H 55 -19.53 2.52 25.06
CA GLY H 55 -18.92 2.96 26.30
C GLY H 55 -18.57 1.81 27.22
N TYR H 56 -17.88 2.15 28.32
CA TYR H 56 -17.47 1.13 29.30
C TYR H 56 -18.61 0.21 29.71
N GLY H 57 -19.77 0.79 30.01
CA GLY H 57 -20.87 0.01 30.52
C GLY H 57 -21.54 -0.88 29.50
N ARG H 58 -21.10 -0.83 28.25
CA ARG H 58 -21.68 -1.71 27.24
C ARG H 58 -21.47 -3.17 27.57
N VAL H 59 -20.43 -3.49 28.35
CA VAL H 59 -20.14 -4.89 28.65
C VAL H 59 -21.17 -5.46 29.61
N ALA H 60 -21.78 -4.60 30.43
CA ALA H 60 -22.71 -5.04 31.46
C ALA H 60 -24.17 -4.92 31.05
N PHE H 61 -24.49 -4.03 30.10
CA PHE H 61 -25.88 -3.82 29.71
C PHE H 61 -26.35 -5.02 28.91
N ASN H 62 -27.28 -5.77 29.47
N ASN H 62 -27.43 -5.66 29.37
CA ASN H 62 -27.64 -7.08 28.91
CA ASN H 62 -27.87 -6.96 28.87
C ASN H 62 -28.84 -6.92 27.97
C ASN H 62 -28.75 -6.88 27.63
N ARG H 63 -28.59 -6.16 26.90
N ARG H 63 -28.94 -5.71 27.06
CA ARG H 63 -29.59 -5.74 25.93
CA ARG H 63 -29.81 -5.55 25.92
C ARG H 63 -28.95 -4.82 24.89
C ARG H 63 -29.10 -4.66 24.92
N GLY H 64 -29.43 -4.86 23.65
CA GLY H 64 -28.86 -4.06 22.58
C GLY H 64 -27.63 -4.72 21.97
N LYS H 65 -27.23 -4.15 20.82
CA LYS H 65 -26.05 -4.59 20.09
C LYS H 65 -24.86 -3.73 20.50
N VAL H 66 -23.72 -4.36 20.71
CA VAL H 66 -22.57 -3.71 21.32
C VAL H 66 -21.62 -3.24 20.22
N VAL H 67 -21.17 -1.99 20.33
CA VAL H 67 -20.23 -1.37 19.41
C VAL H 67 -19.33 -0.45 20.21
N THR H 68 -18.03 -0.46 19.92
CA THR H 68 -17.12 0.39 20.70
C THR H 68 -17.36 1.86 20.41
N GLU H 69 -16.92 2.69 21.35
CA GLU H 69 -17.10 4.13 21.25
C GLU H 69 -16.20 4.75 20.19
N ILE H 70 -15.15 4.07 19.75
CA ILE H 70 -14.36 4.55 18.62
C ILE H 70 -15.21 4.58 17.36
N THR H 71 -15.86 3.46 17.06
CA THR H 71 -16.71 3.37 15.89
C THR H 71 -17.91 4.31 15.98
N CYS H 72 -18.53 4.38 17.15
CA CYS H 72 -19.69 5.26 17.31
C CYS H 72 -19.30 6.72 17.17
N GLN H 73 -18.20 7.13 17.82
CA GLN H 73 -17.77 8.52 17.75
C GLN H 73 -17.45 8.94 16.32
N ALA H 74 -16.81 8.05 15.56
CA ALA H 74 -16.54 8.35 14.16
C ALA H 74 -17.85 8.58 13.41
N ARG H 75 -18.84 7.72 13.65
CA ARG H 75 -20.09 7.84 12.90
C ARG H 75 -20.86 9.07 13.33
N GLY H 76 -20.90 9.35 14.64
CA GLY H 76 -21.66 10.48 15.11
C GLY H 76 -21.08 11.81 14.64
N CYS H 77 -19.77 11.99 14.79
CA CYS H 77 -19.15 13.22 14.33
C CYS H 77 -19.25 13.37 12.82
N HIS H 78 -19.27 12.25 12.07
CA HIS H 78 -19.41 12.34 10.63
C HIS H 78 -20.73 12.96 10.22
N GLU H 79 -21.79 12.67 10.98
CA GLU H 79 -23.10 13.27 10.71
C GLU H 79 -23.08 14.77 10.89
N LEU H 80 -22.21 15.27 11.77
CA LEU H 80 -22.14 16.70 12.05
C LEU H 80 -21.09 17.41 11.21
N PHE H 81 -19.95 16.78 10.99
CA PHE H 81 -18.81 17.41 10.31
C PHE H 81 -18.27 16.45 9.28
N PRO H 82 -19.02 16.17 8.21
CA PRO H 82 -18.54 15.20 7.21
C PRO H 82 -17.24 15.63 6.55
N GLU H 83 -16.89 16.91 6.64
CA GLU H 83 -15.74 17.44 5.94
C GLU H 83 -14.45 17.38 6.74
N VAL H 84 -14.51 16.97 8.00
CA VAL H 84 -13.34 16.96 8.87
C VAL H 84 -12.99 15.52 9.18
N ASP H 85 -11.75 15.13 8.90
CA ASP H 85 -11.34 13.74 8.97
C ASP H 85 -10.86 13.29 10.34
N TYR H 86 -10.53 14.21 11.25
CA TYR H 86 -9.91 13.86 12.51
C TYR H 86 -10.76 14.27 13.69
N ILE H 87 -10.84 13.38 14.68
CA ILE H 87 -11.69 13.57 15.86
C ILE H 87 -10.86 13.30 17.11
N LEU H 88 -10.87 14.25 18.05
CA LEU H 88 -10.33 14.08 19.39
C LEU H 88 -11.50 14.04 20.38
N ASP H 89 -11.62 12.92 21.08
CA ASP H 89 -12.64 12.69 22.11
C ASP H 89 -11.88 12.66 23.43
N LEU H 90 -12.18 13.62 24.31
CA LEU H 90 -11.62 13.64 25.65
C LEU H 90 -12.75 13.35 26.64
N GLY H 91 -12.70 12.17 27.25
CA GLY H 91 -13.63 11.78 28.28
C GLY H 91 -13.02 11.87 29.67
N GLY H 92 -13.72 11.26 30.63
CA GLY H 92 -13.25 11.29 32.00
C GLY H 92 -12.12 10.33 32.29
N GLN H 93 -12.03 9.25 31.52
CA GLN H 93 -11.00 8.24 31.72
C GLN H 93 -10.10 8.05 30.51
N ASP H 94 -10.65 8.07 29.30
CA ASP H 94 -9.85 7.86 28.10
C ASP H 94 -9.84 9.08 27.18
N ALA H 95 -8.74 9.23 26.46
CA ALA H 95 -8.62 10.15 25.35
C ALA H 95 -8.46 9.33 24.08
N LYS H 96 -9.11 9.78 23.01
CA LYS H 96 -9.15 9.05 21.76
C LYS H 96 -8.89 10.02 20.62
N ILE H 97 -8.04 9.61 19.67
CA ILE H 97 -7.85 10.32 18.41
C ILE H 97 -8.22 9.36 17.30
N ILE H 98 -9.08 9.82 16.40
CA ILE H 98 -9.72 8.99 15.39
C ILE H 98 -9.62 9.70 14.04
N LYS H 99 -9.28 8.93 13.01
CA LYS H 99 -9.34 9.39 11.63
C LYS H 99 -10.44 8.60 10.90
N LYS H 100 -11.36 9.32 10.26
CA LYS H 100 -12.48 8.70 9.56
C LYS H 100 -12.41 9.00 8.08
N ASP H 101 -13.17 8.23 7.28
CA ASP H 101 -13.24 8.45 5.85
C ASP H 101 -14.54 9.19 5.52
N GLY H 102 -14.89 9.22 4.24
CA GLY H 102 -16.05 9.95 3.76
C GLY H 102 -17.39 9.35 4.06
N GLN H 103 -17.40 8.17 4.67
CA GLN H 103 -18.62 7.52 5.13
C GLN H 103 -18.70 7.46 6.65
N GLY H 104 -17.75 8.10 7.34
CA GLY H 104 -17.71 8.03 8.78
C GLY H 104 -17.19 6.72 9.33
N ARG H 105 -16.44 5.97 8.52
CA ARG H 105 -15.82 4.73 8.95
C ARG H 105 -14.43 5.04 9.49
N VAL H 106 -14.00 4.25 10.48
CA VAL H 106 -12.71 4.44 11.12
C VAL H 106 -11.62 3.94 10.20
N VAL H 107 -10.63 4.81 9.91
CA VAL H 107 -9.48 4.39 9.13
CA VAL H 107 -9.44 4.49 9.12
C VAL H 107 -8.25 4.16 10.00
N ASN H 108 -8.15 4.81 11.16
CA ASN H 108 -7.15 4.50 12.17
C ASN H 108 -7.61 5.17 13.46
N PHE H 109 -7.00 4.75 14.56
CA PHE H 109 -7.32 5.34 15.85
C PHE H 109 -6.19 5.07 16.82
N LEU H 110 -6.19 5.85 17.89
CA LEU H 110 -5.27 5.66 18.99
C LEU H 110 -5.98 6.10 20.27
N MET H 111 -5.77 5.36 21.36
CA MET H 111 -6.25 5.76 22.67
C MET H 111 -5.06 5.99 23.60
N ASN H 112 -5.32 6.66 24.71
CA ASN H 112 -4.26 7.00 25.64
C ASN H 112 -3.54 5.76 26.17
N ASP H 113 -2.25 5.93 26.48
CA ASP H 113 -1.48 4.91 27.17
C ASP H 113 -1.91 4.85 28.64
N LYS H 114 -1.47 3.79 29.32
CA LYS H 114 -1.92 3.54 30.68
C LYS H 114 -1.66 4.72 31.60
N CYS H 115 -0.48 5.34 31.47
CA CYS H 115 -0.11 6.41 32.39
C CYS H 115 -0.87 7.70 32.10
N ALA H 116 -1.49 7.83 30.92
CA ALA H 116 -2.27 8.99 30.55
C ALA H 116 -3.77 8.84 30.84
N ALA H 117 -4.16 7.79 31.53
CA ALA H 117 -5.57 7.60 31.88
C ALA H 117 -6.02 8.63 32.91
N GLY H 118 -7.32 8.93 32.87
CA GLY H 118 -7.97 9.71 33.91
C GLY H 118 -7.81 11.21 33.81
N THR H 119 -7.34 11.73 32.68
CA THR H 119 -7.11 13.17 32.57
C THR H 119 -8.39 13.96 32.83
N GLY H 120 -9.50 13.55 32.21
CA GLY H 120 -10.72 14.32 32.33
C GLY H 120 -11.23 14.37 33.76
N ARG H 121 -11.27 13.22 34.42
CA ARG H 121 -11.71 13.15 35.81
C ARG H 121 -10.82 13.97 36.72
N PHE H 122 -9.51 13.95 36.49
CA PHE H 122 -8.61 14.74 37.31
C PHE H 122 -8.92 16.23 37.17
N LEU H 123 -9.12 16.70 35.94
CA LEU H 123 -9.50 18.09 35.74
C LEU H 123 -10.80 18.41 36.48
N GLU H 124 -11.80 17.53 36.35
CA GLU H 124 -13.07 17.75 37.03
C GLU H 124 -12.85 17.88 38.54
N ILE H 125 -12.06 16.99 39.11
CA ILE H 125 -11.80 17.03 40.53
C ILE H 125 -11.08 18.30 40.94
N ILE H 126 -10.04 18.68 40.20
CA ILE H 126 -9.23 19.82 40.56
C ILE H 126 -10.01 21.11 40.40
N LEU H 127 -10.87 21.23 39.39
CA LEU H 127 -11.69 22.43 39.26
C LEU H 127 -12.69 22.55 40.38
N THR H 128 -13.23 21.44 40.89
CA THR H 128 -14.11 21.56 42.03
C THR H 128 -13.34 21.93 43.27
N ALA H 129 -12.14 21.41 43.46
CA ALA H 129 -11.37 21.76 44.64
C ALA H 129 -11.02 23.23 44.67
N ILE H 130 -10.60 23.82 43.56
CA ILE H 130 -10.06 25.17 43.59
C ILE H 130 -10.53 26.10 42.48
N GLY H 131 -11.60 25.78 41.79
CA GLY H 131 -12.03 26.62 40.69
C GLY H 131 -13.43 27.15 40.72
N ASP H 132 -14.02 27.20 39.52
CA ASP H 132 -15.36 27.64 39.15
C ASP H 132 -15.49 29.17 39.07
N ASP H 133 -15.13 29.91 40.12
CA ASP H 133 -15.13 31.36 40.10
C ASP H 133 -14.53 31.94 38.85
N TYR H 134 -13.29 31.54 38.55
CA TYR H 134 -12.55 32.14 37.46
C TYR H 134 -13.27 31.85 36.15
N ARG H 135 -13.21 32.81 35.21
CA ARG H 135 -13.84 32.55 33.93
C ARG H 135 -12.78 32.37 32.85
N ASP H 136 -13.17 31.78 31.75
CA ASP H 136 -12.24 31.29 30.74
C ASP H 136 -11.30 32.34 30.17
N GLU H 137 -11.78 33.56 29.97
CA GLU H 137 -10.94 34.66 29.50
C GLU H 137 -9.77 34.85 30.45
N ASP H 138 -10.09 34.87 31.74
CA ASP H 138 -9.14 34.88 32.84
C ASP H 138 -7.95 33.94 32.65
N LEU H 139 -8.15 32.81 32.00
CA LEU H 139 -7.11 31.80 31.84
C LEU H 139 -6.39 31.98 30.53
N ILE H 140 -7.14 32.26 29.46
CA ILE H 140 -6.52 32.57 28.18
C ILE H 140 -5.58 33.74 28.33
N ASN H 141 -5.89 34.63 29.26
CA ASN H 141 -5.12 35.86 29.47
C ASN H 141 -3.87 35.66 30.36
N GLU H 142 -3.97 34.80 31.37
CA GLU H 142 -2.94 34.66 32.40
C GLU H 142 -1.58 34.51 31.77
N GLU H 143 -0.70 35.44 32.08
CA GLU H 143 0.63 35.45 31.50
C GLU H 143 1.57 34.47 32.18
N ASN H 144 1.26 34.00 33.38
CA ASN H 144 2.12 33.10 34.13
C ASN H 144 1.37 31.79 34.38
N ALA H 145 1.10 31.06 33.31
CA ALA H 145 0.46 29.74 33.40
C ALA H 145 1.56 28.71 33.69
N VAL H 146 1.69 28.37 34.97
CA VAL H 146 2.78 27.53 35.46
C VAL H 146 2.91 26.23 34.67
N PRO H 147 4.11 25.85 34.24
CA PRO H 147 4.29 24.49 33.67
C PRO H 147 4.10 23.41 34.73
N ILE H 148 3.27 22.42 34.40
CA ILE H 148 2.94 21.32 35.29
C ILE H 148 3.32 20.02 34.60
N ASN H 149 3.80 19.06 35.39
CA ASN H 149 4.29 17.81 34.82
C ASN H 149 3.24 17.15 33.95
N SER H 150 3.69 16.67 32.77
CA SER H 150 2.83 16.08 31.75
C SER H 150 2.69 14.57 31.88
N MET H 151 3.37 13.95 32.84
CA MET H 151 3.49 12.50 32.85
C MET H 151 2.16 11.82 33.12
N CYS H 152 1.50 12.21 34.21
CA CYS H 152 0.39 11.45 34.79
C CYS H 152 -0.35 12.38 35.75
N THR H 153 -1.57 12.00 36.11
CA THR H 153 -2.31 12.77 37.10
C THR H 153 -1.74 12.63 38.51
N VAL H 154 -1.03 11.54 38.80
CA VAL H 154 -0.34 11.43 40.08
C VAL H 154 0.73 12.50 40.20
N PHE H 155 1.59 12.61 39.18
CA PHE H 155 2.68 13.58 39.24
C PHE H 155 2.12 15.00 39.21
N ALA H 156 1.07 15.23 38.42
CA ALA H 156 0.46 16.55 38.36
C ALA H 156 -0.15 16.93 39.71
N GLU H 157 -0.85 16.00 40.35
CA GLU H 157 -1.40 16.29 41.67
C GLU H 157 -0.29 16.70 42.64
N SER H 158 0.80 15.95 42.65
CA SER H 158 1.91 16.27 43.54
C SER H 158 2.39 17.70 43.33
N GLU H 159 2.48 18.14 42.08
CA GLU H 159 2.96 19.49 41.81
C GLU H 159 1.92 20.53 42.15
N VAL H 160 0.63 20.22 41.96
CA VAL H 160 -0.41 21.17 42.34
C VAL H 160 -0.36 21.43 43.83
N ILE H 161 -0.18 20.37 44.63
CA ILE H 161 -0.12 20.52 46.08
C ILE H 161 1.04 21.44 46.46
N SER H 162 2.23 21.18 45.89
CA SER H 162 3.40 22.01 46.21
C SER H 162 3.19 23.45 45.74
N LEU H 163 2.66 23.62 44.53
CA LEU H 163 2.46 24.97 44.00
C LEU H 163 1.55 25.78 44.90
N LEU H 164 0.36 25.25 45.22
CA LEU H 164 -0.56 25.95 46.10
C LEU H 164 -0.04 26.05 47.52
N ALA H 165 0.85 25.16 47.93
CA ALA H 165 1.40 25.19 49.29
C ALA H 165 2.35 26.36 49.48
N ARG H 166 2.97 26.86 48.41
CA ARG H 166 3.84 28.02 48.49
C ARG H 166 3.17 29.27 47.92
N GLY H 167 1.84 29.31 47.89
CA GLY H 167 1.12 30.52 47.61
C GLY H 167 0.86 30.84 46.15
N THR H 168 1.16 29.93 45.23
CA THR H 168 0.81 30.17 43.84
C THR H 168 -0.69 30.38 43.73
N SER H 169 -1.09 31.28 42.83
CA SER H 169 -2.51 31.57 42.67
C SER H 169 -3.24 30.37 42.06
N LYS H 170 -4.49 30.19 42.48
CA LYS H 170 -5.30 29.11 41.92
C LYS H 170 -5.47 29.29 40.42
N ARG H 171 -5.57 30.53 39.92
CA ARG H 171 -5.79 30.72 38.49
C ARG H 171 -4.55 30.35 37.70
N ALA H 172 -3.36 30.70 38.19
CA ALA H 172 -2.14 30.31 37.50
C ALA H 172 -2.00 28.79 37.47
N VAL H 173 -2.49 28.11 38.51
CA VAL H 173 -2.47 26.66 38.51
C VAL H 173 -3.47 26.10 37.52
N ILE H 174 -4.67 26.67 37.50
CA ILE H 174 -5.70 26.19 36.57
C ILE H 174 -5.26 26.43 35.13
N ALA H 175 -4.75 27.63 34.85
CA ALA H 175 -4.23 27.92 33.52
C ALA H 175 -3.11 26.96 33.15
N GLY H 176 -2.18 26.73 34.09
CA GLY H 176 -1.11 25.79 33.83
C GLY H 176 -1.61 24.40 33.51
N LEU H 177 -2.63 23.94 34.24
CA LEU H 177 -3.16 22.60 33.99
C LEU H 177 -3.77 22.50 32.60
N PHE H 178 -4.55 23.52 32.21
CA PHE H 178 -5.18 23.50 30.89
C PHE H 178 -4.14 23.61 29.79
N LYS H 179 -3.13 24.48 29.99
CA LYS H 179 -2.12 24.67 28.95
C LYS H 179 -1.30 23.40 28.76
N THR H 180 -0.87 22.78 29.87
CA THR H 180 -0.12 21.53 29.77
CA THR H 180 -0.11 21.54 29.74
C THR H 180 -0.97 20.44 29.12
N THR H 181 -2.25 20.35 29.50
CA THR H 181 -3.11 19.35 28.90
C THR H 181 -3.28 19.60 27.41
N ALA H 182 -3.49 20.87 27.03
CA ALA H 182 -3.60 21.20 25.61
C ALA H 182 -2.35 20.81 24.85
N LYS H 183 -1.16 21.04 25.44
CA LYS H 183 0.07 20.68 24.75
C LYS H 183 0.17 19.18 24.55
N ARG H 184 -0.19 18.40 25.57
CA ARG H 184 -0.18 16.95 25.42
C ARG H 184 -1.21 16.51 24.37
N LEU H 185 -2.41 17.09 24.43
CA LEU H 185 -3.47 16.69 23.51
C LEU H 185 -3.13 17.08 22.07
N ALA H 186 -2.41 18.18 21.87
CA ALA H 186 -2.02 18.57 20.52
C ALA H 186 -1.09 17.56 19.89
N LYS H 187 -0.08 17.10 20.64
CA LYS H 187 0.80 16.06 20.12
C LYS H 187 0.02 14.77 19.89
N PHE H 188 -0.85 14.41 20.85
CA PHE H 188 -1.68 13.22 20.72
C PHE H 188 -2.56 13.32 19.47
N ALA H 189 -3.15 14.48 19.23
CA ALA H 189 -4.07 14.65 18.11
C ALA H 189 -3.38 14.62 16.76
N GLU H 190 -2.04 14.71 16.71
CA GLU H 190 -1.30 14.55 15.48
C GLU H 190 -0.78 13.13 15.28
N SER H 191 -1.16 12.20 16.18
CA SER H 191 -0.58 10.85 16.18
C SER H 191 -0.89 10.08 14.90
N LEU H 192 -2.04 10.36 14.28
CA LEU H 192 -2.48 9.63 13.10
C LEU H 192 -2.19 10.40 11.82
N GLY H 193 -1.44 11.49 11.90
CA GLY H 193 -1.27 12.39 10.78
C GLY H 193 -1.56 13.80 11.22
N LYS H 194 -1.05 14.79 10.49
CA LYS H 194 -1.28 16.18 10.85
C LYS H 194 -2.64 16.64 10.32
N PRO H 195 -3.60 16.96 11.19
CA PRO H 195 -4.92 17.35 10.68
C PRO H 195 -4.92 18.74 10.08
N ARG H 196 -5.69 18.92 9.00
CA ARG H 196 -5.94 20.27 8.50
C ARG H 196 -6.96 21.00 9.36
N LYS H 197 -7.75 20.27 10.13
CA LYS H 197 -8.86 20.73 10.93
C LYS H 197 -9.18 19.59 11.89
N LEU H 198 -9.63 19.93 13.10
CA LEU H 198 -9.84 18.94 14.14
C LEU H 198 -11.21 19.12 14.78
N ILE H 199 -11.97 18.04 14.85
CA ILE H 199 -13.16 18.01 15.69
C ILE H 199 -12.74 17.64 17.10
N PHE H 200 -13.15 18.46 18.08
CA PHE H 200 -12.86 18.22 19.49
C PHE H 200 -14.20 17.98 20.18
N THR H 201 -14.37 16.78 20.74
CA THR H 201 -15.64 16.40 21.31
C THR H 201 -15.41 15.61 22.60
N GLY H 202 -16.49 15.07 23.15
CA GLY H 202 -16.51 14.58 24.51
C GLY H 202 -16.72 15.71 25.48
N GLY H 203 -16.95 15.34 26.75
CA GLY H 203 -17.18 16.35 27.78
C GLY H 203 -15.98 17.25 28.01
N GLY H 204 -14.78 16.75 27.75
CA GLY H 204 -13.61 17.58 27.92
C GLY H 204 -13.56 18.76 26.98
N ALA H 205 -14.24 18.66 25.83
CA ALA H 205 -14.33 19.77 24.89
C ALA H 205 -15.23 20.88 25.38
N LYS H 206 -15.90 20.71 26.52
CA LYS H 206 -16.77 21.74 27.05
C LYS H 206 -16.02 22.76 27.88
N TYR H 207 -14.72 22.54 28.12
CA TYR H 207 -13.85 23.53 28.76
C TYR H 207 -13.39 24.53 27.70
N PRO H 208 -13.97 25.73 27.65
CA PRO H 208 -13.61 26.64 26.55
C PRO H 208 -12.13 26.97 26.49
N ALA H 209 -11.48 27.19 27.63
CA ALA H 209 -10.06 27.51 27.61
C ALA H 209 -9.25 26.36 27.03
N LEU H 210 -9.63 25.11 27.35
CA LEU H 210 -8.92 23.97 26.78
C LEU H 210 -9.00 23.99 25.26
N ARG H 211 -10.17 24.29 24.72
CA ARG H 211 -10.31 24.34 23.25
C ARG H 211 -9.39 25.39 22.65
N LEU H 212 -9.37 26.58 23.25
CA LEU H 212 -8.57 27.66 22.67
C LEU H 212 -7.08 27.37 22.76
N PHE H 213 -6.63 26.83 23.90
CA PHE H 213 -5.23 26.48 24.05
C PHE H 213 -4.83 25.37 23.08
N LEU H 214 -5.71 24.38 22.89
CA LEU H 214 -5.42 23.30 21.94
C LEU H 214 -5.30 23.84 20.53
N GLN H 215 -6.20 24.75 20.14
CA GLN H 215 -6.16 25.34 18.81
C GLN H 215 -4.89 26.14 18.60
N LYS H 216 -4.48 26.92 19.61
CA LYS H 216 -3.24 27.67 19.52
C LYS H 216 -2.05 26.74 19.35
N GLU H 217 -2.01 25.64 20.11
CA GLU H 217 -0.87 24.73 20.02
C GLU H 217 -0.83 24.03 18.68
N MET H 218 -1.99 23.67 18.14
CA MET H 218 -2.01 22.87 16.93
C MET H 218 -1.84 23.71 15.67
N GLY H 219 -2.24 24.97 15.73
CA GLY H 219 -2.12 25.84 14.58
C GLY H 219 -3.12 25.59 13.48
N VAL H 220 -4.19 24.84 13.78
CA VAL H 220 -5.28 24.62 12.84
C VAL H 220 -6.59 24.81 13.58
N GLU H 221 -7.66 24.99 12.81
CA GLU H 221 -8.96 25.22 13.41
C GLU H 221 -9.43 23.98 14.16
N VAL H 222 -9.98 24.20 15.36
CA VAL H 222 -10.59 23.15 16.17
C VAL H 222 -12.07 23.48 16.27
N VAL H 223 -12.92 22.57 15.78
CA VAL H 223 -14.37 22.76 15.83
C VAL H 223 -14.96 21.86 16.90
N VAL H 224 -16.02 22.31 17.56
CA VAL H 224 -16.61 21.61 18.69
C VAL H 224 -18.10 21.46 18.39
N PRO H 225 -18.65 20.25 18.49
CA PRO H 225 -20.07 20.06 18.24
C PRO H 225 -20.90 20.95 19.15
N PRO H 226 -22.13 21.28 18.76
CA PRO H 226 -23.01 22.03 19.68
C PRO H 226 -23.25 21.31 21.01
N GLU H 227 -23.31 19.98 21.00
CA GLU H 227 -23.44 19.20 22.24
C GLU H 227 -22.39 18.10 22.17
N PRO H 228 -21.18 18.35 22.66
CA PRO H 228 -20.10 17.36 22.54
C PRO H 228 -20.33 16.13 23.39
N SER H 229 -21.18 16.20 24.42
CA SER H 229 -21.39 15.05 25.28
C SER H 229 -22.02 13.88 24.52
N VAL H 230 -22.81 14.15 23.48
CA VAL H 230 -23.71 13.12 22.95
C VAL H 230 -23.30 12.62 21.57
N THR H 231 -22.13 12.99 21.06
CA THR H 231 -21.84 12.65 19.67
C THR H 231 -21.60 11.16 19.48
N ALA H 232 -20.99 10.49 20.45
CA ALA H 232 -20.85 9.03 20.35
C ALA H 232 -22.21 8.34 20.43
N ALA H 233 -23.11 8.80 21.31
CA ALA H 233 -24.44 8.22 21.38
C ALA H 233 -25.20 8.42 20.06
N LEU H 234 -25.07 9.60 19.46
CA LEU H 234 -25.68 9.82 18.15
C LEU H 234 -25.14 8.83 17.14
N GLY H 235 -23.82 8.60 17.15
CA GLY H 235 -23.25 7.58 16.28
C GLY H 235 -23.85 6.21 16.52
N ALA H 236 -24.00 5.83 17.79
CA ALA H 236 -24.63 4.56 18.12
C ALA H 236 -26.04 4.49 17.54
N ALA H 237 -26.81 5.57 17.68
CA ALA H 237 -28.17 5.59 17.18
C ALA H 237 -28.21 5.45 15.66
N LEU H 238 -27.26 6.10 14.96
CA LEU H 238 -27.21 5.96 13.51
C LEU H 238 -26.85 4.55 13.09
N ILE H 239 -25.93 3.91 13.81
CA ILE H 239 -25.58 2.53 13.53
C ILE H 239 -26.77 1.62 13.80
N ALA H 240 -27.50 1.88 14.90
CA ALA H 240 -28.71 1.12 15.18
C ALA H 240 -29.70 1.19 14.02
N ARG H 241 -29.89 2.39 13.45
CA ARG H 241 -30.81 2.56 12.34
C ARG H 241 -30.28 1.84 11.10
N GLU H 242 -28.98 1.95 10.83
CA GLU H 242 -28.40 1.28 9.66
C GLU H 242 -28.48 -0.23 9.78
N THR H 243 -28.50 -0.74 11.01
CA THR H 243 -28.42 -2.17 11.27
C THR H 243 -29.79 -2.78 11.51
S1 BJ8 I . -10.31 7.07 -32.39
S2 BJ8 I . -9.50 10.52 -32.54
S3 BJ8 I . -12.56 9.22 -30.73
S4 BJ8 I . -9.34 8.93 -29.33
S5 BJ8 I . -11.21 16.18 -29.49
S6 BJ8 I . -8.05 14.42 -30.54
S7 BJ8 I . -10.96 14.40 -32.75
S8 BJ8 I . -9.35 17.62 -32.26
S9 BJ8 I . -11.17 12.38 -29.50
FE1 BJ8 I . -10.56 10.41 -30.45
FE2 BJ8 I . -10.99 7.76 -30.27
FE3 BJ8 I . -8.87 8.63 -31.58
FE4 BJ8 I . -11.31 9.01 -32.59
FE5 BJ8 I . -8.86 15.29 -32.51
FE6 BJ8 I . -11.24 16.48 -31.76
FE7 BJ8 I . -9.04 16.54 -30.21
FE8 BJ8 I . -10.35 14.18 -30.54
S SO4 J . -1.27 27.59 -47.06
O1 SO4 J . -1.75 28.14 -45.81
O2 SO4 J . -0.53 28.60 -47.82
O3 SO4 J . -0.37 26.49 -46.74
O4 SO4 J . -2.39 27.14 -47.87
N NH4 K . -2.14 27.20 -50.33
HN1 NH4 K . -2.52 27.27 -51.23
HN2 NH4 K . -1.82 26.28 -50.19
HN3 NH4 K . -2.83 27.41 -49.66
HN4 NH4 K . -1.40 27.83 -50.23
S SO4 L . -37.28 18.83 -10.90
O1 SO4 L . -38.16 18.65 -9.76
O2 SO4 L . -36.61 20.12 -10.81
O3 SO4 L . -36.27 17.77 -10.89
O4 SO4 L . -38.06 18.75 -12.13
S SO4 M . -34.30 9.03 -24.25
O1 SO4 M . -32.95 8.65 -23.89
O2 SO4 M . -34.30 10.40 -24.78
O3 SO4 M . -35.16 8.96 -23.07
O4 SO4 M . -34.80 8.13 -25.28
C1 PEG N . -25.37 -1.09 -6.84
O1 PEG N . -24.68 -2.10 -7.59
C2 PEG N . -26.27 -0.26 -7.76
O2 PEG N . -27.64 -0.52 -7.45
C3 PEG N . -28.25 -1.41 -8.36
C4 PEG N . -28.09 -2.84 -7.85
O4 PEG N . -29.34 -3.34 -7.36
H11 PEG N . -24.65 -0.44 -6.35
H12 PEG N . -25.97 -1.56 -6.07
HO1 PEG N . -24.01 -2.50 -7.02
H21 PEG N . -26.07 -0.53 -8.81
H22 PEG N . -26.05 0.80 -7.64
H31 PEG N . -27.80 -1.31 -9.35
H32 PEG N . -29.32 -1.18 -8.46
H41 PEG N . -27.73 -3.48 -8.65
H42 PEG N . -27.35 -2.86 -7.04
HO4 PEG N . -29.98 -2.62 -7.33
C1 PEG O . 14.07 26.41 -12.61
O1 PEG O . 14.75 26.48 -13.88
C2 PEG O . 12.68 25.83 -12.83
O2 PEG O . 11.86 25.91 -11.66
C3 PEG O . 11.88 27.15 -10.97
C4 PEG O . 10.72 27.15 -9.98
O4 PEG O . 10.57 28.43 -9.36
H11 PEG O . 13.99 27.40 -12.17
H12 PEG O . 14.63 25.77 -11.92
HO1 PEG O . 15.61 26.89 -13.75
H21 PEG O . 12.19 26.37 -13.65
H22 PEG O . 12.76 24.78 -13.14
H31 PEG O . 11.78 27.98 -11.66
H32 PEG O . 12.83 27.28 -10.44
H41 PEG O . 9.79 26.88 -10.49
H42 PEG O . 10.90 26.39 -9.20
HO4 PEG O . 11.25 29.03 -9.69
O6 BU3 P . -19.70 10.36 -18.45
C3 BU3 P . -19.28 10.79 -17.13
C4 BU3 P . -18.97 9.60 -16.24
C2 BU3 P . -20.40 11.67 -16.57
O5 BU3 P . -21.67 11.14 -16.98
C1 BU3 P . -20.22 13.09 -17.04
HO6 BU3 P . -18.93 10.05 -18.94
H3 BU3 P . -18.36 11.37 -17.21
H41 BU3 P . -19.87 9.05 -16.06
H42 BU3 P . -18.26 8.97 -16.71
H43 BU3 P . -18.59 9.95 -15.31
H2 BU3 P . -20.35 11.65 -15.47
HO5 BU3 P . -22.35 11.83 -16.91
H11 BU3 P . -20.20 13.11 -18.10
H12 BU3 P . -21.03 13.68 -16.69
H13 BU3 P . -19.31 13.48 -16.66
O6 BU3 Q . 3.31 23.90 -21.33
C3 BU3 Q . 3.72 25.26 -21.09
C4 BU3 Q . 4.96 25.31 -20.20
C2 BU3 Q . 2.57 26.01 -20.45
O5 BU3 Q . 1.40 25.83 -21.26
C1 BU3 Q . 2.90 27.49 -20.28
HO6 BU3 Q . 4.01 23.44 -21.80
H3 BU3 Q . 3.98 25.72 -22.05
H41 BU3 Q . 5.67 24.61 -20.56
H42 BU3 Q . 5.37 26.28 -20.22
H43 BU3 Q . 4.68 25.06 -19.21
H2 BU3 Q . 2.38 25.62 -19.44
HO5 BU3 Q . 0.61 26.03 -20.74
H11 BU3 Q . 2.08 27.99 -19.84
H12 BU3 Q . 3.11 27.92 -21.22
H13 BU3 Q . 3.74 27.59 -19.65
N NH4 R . -4.21 15.56 2.89
HN1 NH4 R . -4.73 15.76 2.09
HN2 NH4 R . -3.25 15.66 2.69
HN3 NH4 R . -4.38 14.65 3.19
HN4 NH4 R . -4.45 16.19 3.61
S1 BJ8 S . -9.37 0.50 -43.70
S2 BJ8 S . -11.17 1.81 -46.45
S3 BJ8 S . -7.62 0.56 -46.76
S4 BJ8 S . -10.34 -1.65 -46.65
S5 BJ8 S . -10.66 2.12 -53.09
S6 BJ8 S . -13.31 1.43 -50.57
S7 BJ8 S . -10.89 4.10 -49.92
S8 BJ8 S . -13.32 4.54 -52.65
S9 BJ8 S . -9.60 0.50 -49.76
FE1 BJ8 S . -9.76 0.28 -47.53
FE2 BJ8 S . -8.57 -0.89 -45.43
FE3 BJ8 S . -11.04 0.01 -45.18
FE4 BJ8 S . -9.06 1.74 -45.39
FE5 BJ8 S . -13.08 3.69 -50.46
FE6 BJ8 S . -11.07 4.21 -52.25
FE7 BJ8 S . -12.89 2.29 -52.72
FE8 BJ8 S . -11.05 1.92 -50.68
S SO4 T . 14.07 1.22 -53.66
O1 SO4 T . 14.67 2.00 -52.58
O2 SO4 T . 13.31 2.13 -54.49
O3 SO4 T . 15.13 0.57 -54.43
O4 SO4 T . 13.20 0.21 -53.09
S SO4 U . -26.65 19.73 -52.77
O1 SO4 U . -27.66 20.02 -51.76
O2 SO4 U . -25.41 20.41 -52.46
O3 SO4 U . -26.38 18.29 -52.83
O4 SO4 U . -27.12 20.17 -54.08
C TAM V . 7.58 19.09 -53.22
C1 TAM V . 6.42 19.86 -53.86
C2 TAM V . 8.32 19.26 -54.55
C3 TAM V . 6.68 17.85 -53.09
C4 TAM V . 5.63 20.81 -52.95
C5 TAM V . 9.60 18.41 -54.54
C6 TAM V . 5.47 17.91 -52.17
N TAM V . 7.69 20.16 -52.21
O4 TAM V . 6.15 22.14 -52.98
O5 TAM V . 9.28 17.07 -54.13
O6 TAM V . 5.15 16.57 -51.76
H11 TAM V . 6.82 20.46 -54.68
H12 TAM V . 5.72 19.14 -54.27
H21 TAM V . 7.68 18.95 -55.37
H22 TAM V . 8.59 20.32 -54.69
H31 TAM V . 6.31 17.62 -54.09
H32 TAM V . 7.30 17.03 -52.76
H41 TAM V . 5.66 20.42 -51.92
H42 TAM V . 4.58 20.82 -53.26
H51 TAM V . 10.04 18.40 -55.54
H52 TAM V . 10.33 18.84 -53.86
H61 TAM V . 5.69 18.53 -51.30
H62 TAM V . 4.62 18.35 -52.69
HN1 TAM V . 8.63 20.55 -52.19
HN2 TAM V . 7.44 19.79 -51.28
HO4 TAM V . 5.57 22.71 -53.50
HO5 TAM V . 10.04 16.50 -54.28
HO6 TAM V . 4.26 16.54 -51.38
N NH4 W . 16.07 1.33 -50.72
HN1 NH4 W . 15.80 2.06 -51.33
HN2 NH4 W . 15.68 1.48 -49.85
HN3 NH4 W . 17.05 1.30 -50.67
HN4 NH4 W . 15.75 0.48 -51.08
N NH4 X . -25.66 22.07 -50.72
HN1 NH4 X . -24.74 22.06 -51.06
HN2 NH4 X . -26.28 22.20 -51.47
HN3 NH4 X . -25.77 22.78 -50.06
HN4 NH4 X . -25.86 21.20 -50.30
O6 BU3 Y . 2.58 -7.85 -56.24
C3 BU3 Y . 1.17 -7.56 -56.32
C4 BU3 Y . 0.41 -8.87 -56.15
C2 BU3 Y . 0.87 -6.86 -57.64
O5 BU3 Y . 0.12 -5.66 -57.38
C1 BU3 Y . 0.11 -7.72 -58.62
HO6 BU3 Y . 2.80 -8.16 -55.36
H3 BU3 Y . 0.85 -6.89 -55.51
H41 BU3 Y . 0.69 -9.54 -56.92
H42 BU3 Y . -0.63 -8.69 -56.21
H43 BU3 Y . 0.64 -9.29 -55.20
H2 BU3 Y . 1.85 -6.63 -58.09
HO5 BU3 Y . -0.01 -5.18 -58.21
H11 BU3 Y . -0.82 -8.00 -58.21
H12 BU3 Y . 0.66 -8.60 -58.85
H13 BU3 Y . -0.06 -7.18 -59.52
MG MG Z . 9.58 -13.41 -16.20
PG ANP AA . 6.40 -13.32 -17.16
O1G ANP AA . 5.68 -12.58 -16.09
O2G ANP AA . 5.72 -13.06 -18.55
O3G ANP AA . 7.91 -12.84 -17.21
PB ANP AA . 7.43 -15.92 -16.18
O1B ANP AA . 6.81 -16.72 -15.07
O2B ANP AA . 8.65 -15.10 -15.69
N3B ANP AA . 6.21 -14.96 -16.78
PA ANP AA . 9.11 -17.85 -17.43
O1A ANP AA . 9.20 -18.70 -16.23
O2A ANP AA . 10.36 -17.02 -17.75
O3A ANP AA . 7.82 -16.89 -17.35
O5' ANP AA . 8.84 -18.76 -18.68
C5' ANP AA . 7.62 -19.48 -18.81
C4' ANP AA . 7.50 -20.11 -20.17
O4' ANP AA . 8.49 -21.14 -20.35
C3' ANP AA . 6.19 -20.84 -20.41
O3' ANP AA . 5.13 -19.96 -20.76
C2' ANP AA . 6.55 -21.81 -21.55
O2' ANP AA . 6.19 -21.29 -22.83
C1' ANP AA . 8.08 -21.91 -21.47
N9 ANP AA . 8.58 -23.28 -21.32
C8 ANP AA . 9.61 -23.85 -22.03
N7 ANP AA . 9.84 -25.11 -21.72
C5 ANP AA . 8.89 -25.39 -20.76
C6 ANP AA . 8.60 -26.56 -20.03
N6 ANP AA . 9.26 -27.70 -20.16
N1 ANP AA . 7.57 -26.50 -19.14
C2 ANP AA . 6.89 -25.35 -19.01
N3 ANP AA . 7.08 -24.19 -19.64
C4 ANP AA . 8.10 -24.27 -20.51
HNB1 ANP AA . 5.58 -14.96 -16.14
H5'1 ANP AA . 6.87 -18.87 -18.68
H5'2 ANP AA . 7.59 -20.17 -18.13
H4' ANP AA . 7.67 -19.42 -20.86
H3' ANP AA . 5.96 -21.33 -19.63
H2' ANP AA . 6.17 -22.67 -21.36
HO2' ANP AA . 5.47 -21.71 -23.13
H1' ANP AA . 8.46 -21.51 -22.26
H8 ANP AA . 10.12 -23.38 -22.69
HN61 ANP AA . 9.97 -27.76 -20.74
HN62 ANP AA . 9.03 -28.43 -19.65
H2 ANP AA . 6.17 -25.38 -18.37
S SO4 BA . 26.23 -1.81 -36.31
O1 SO4 BA . 26.00 -0.73 -35.36
O2 SO4 BA . 27.62 -1.80 -36.76
O3 SO4 BA . 25.93 -3.09 -35.67
O4 SO4 BA . 25.35 -1.62 -37.45
N NH4 CA . 27.38 -0.94 -33.34
HN1 NH4 CA . 27.75 -1.01 -32.43
HN2 NH4 CA . 27.90 -0.31 -33.87
HN3 NH4 CA . 27.41 -1.83 -33.78
HN4 NH4 CA . 26.45 -0.64 -33.28
O6 BU3 DA . 3.09 -16.35 -31.26
C3 BU3 DA . 2.00 -17.28 -31.43
C4 BU3 DA . 2.31 -18.56 -30.69
C2 BU3 DA . 1.83 -17.47 -32.93
O5 BU3 DA . 1.19 -16.29 -33.44
C1 BU3 DA . 1.01 -18.70 -33.28
HO6 BU3 DA . 3.10 -16.03 -30.35
H3 BU3 DA . 1.06 -16.90 -31.00
H41 BU3 DA . 1.46 -19.19 -30.69
H42 BU3 DA . 3.12 -19.05 -31.16
H43 BU3 DA . 2.57 -18.34 -29.69
H2 BU3 DA . 2.82 -17.62 -33.38
HO5 BU3 DA . 1.24 -16.29 -34.41
H11 BU3 DA . 1.55 -19.57 -33.02
H12 BU3 DA . 0.82 -18.70 -34.32
H13 BU3 DA . 0.10 -18.67 -32.75
O6 BU3 EA . 6.92 -10.67 -30.45
C3 BU3 EA . 5.72 -10.65 -29.67
C4 BU3 EA . 5.86 -9.63 -28.55
C2 BU3 EA . 5.42 -12.06 -29.17
O5 BU3 EA . 4.58 -12.69 -30.14
C1 BU3 EA . 4.75 -12.08 -27.81
HO6 BU3 EA . 7.07 -9.80 -30.85
H3 BU3 EA . 4.86 -10.33 -30.27
H41 BU3 EA . 6.63 -9.94 -27.88
H42 BU3 EA . 4.95 -9.55 -28.02
H43 BU3 EA . 6.11 -8.68 -28.96
H2 BU3 EA . 6.38 -12.60 -29.07
HO5 BU3 EA . 4.43 -13.62 -29.89
H11 BU3 EA . 5.40 -11.62 -27.10
H12 BU3 EA . 3.84 -11.53 -27.86
H13 BU3 EA . 4.55 -13.08 -27.53
O6 BU3 FA . 11.34 -24.79 -17.41
C3 BU3 FA . 10.01 -24.25 -17.41
C4 BU3 FA . 9.97 -22.91 -18.12
C2 BU3 FA . 9.51 -24.10 -15.97
O5 BU3 FA . 10.60 -23.64 -15.15
C1 BU3 FA . 8.95 -25.40 -15.41
HO6 BU3 FA . 11.60 -25.01 -18.30
H3 BU3 FA . 9.36 -24.94 -17.95
H41 BU3 FA . 8.98 -22.56 -18.18
H42 BU3 FA . 10.37 -23.01 -19.10
H43 BU3 FA . 10.56 -22.21 -17.57
H2 BU3 FA . 8.70 -23.36 -15.96
HO5 BU3 FA . 10.29 -23.47 -14.25
H11 BU3 FA . 8.68 -25.26 -14.40
H12 BU3 FA . 8.08 -25.66 -15.96
H13 BU3 FA . 9.67 -26.16 -15.49
O6 BU3 GA . 0.79 -15.06 -9.73
C3 BU3 GA . 1.53 -14.33 -10.70
C4 BU3 GA . 2.44 -13.29 -10.04
C2 BU3 GA . 0.49 -13.67 -11.62
O5 BU3 GA . 0.85 -12.30 -11.70
C1 BU3 GA . -0.93 -13.84 -11.09
HO6 BU3 GA . 1.40 -15.58 -9.18
H3 BU3 GA . 2.19 -14.98 -11.27
H41 BU3 GA . 2.98 -12.77 -10.79
H42 BU3 GA . 1.85 -12.61 -9.48
H43 BU3 GA . 3.12 -13.78 -9.40
H2 BU3 GA . 0.50 -14.16 -12.60
HO5 BU3 GA . 0.19 -11.82 -12.23
H11 BU3 GA . -1.19 -14.87 -11.09
H12 BU3 GA . -0.99 -13.47 -10.10
H13 BU3 GA . -1.60 -13.30 -11.71
FE1 SF4 HA . -7.82 -9.61 -28.50
FE2 SF4 HA . -8.62 -9.05 -31.03
FE3 SF4 HA . -6.53 -10.71 -30.64
FE4 SF4 HA . -6.25 -8.07 -30.12
S1 SF4 HA . -6.64 -9.02 -32.15
S2 SF4 HA . -5.56 -9.79 -28.79
S3 SF4 HA . -8.32 -7.55 -29.36
S4 SF4 HA . -8.69 -11.08 -29.98
MG MG IA . -20.60 -27.08 -30.06
PG ANP JA . -17.74 -25.52 -30.32
O1G ANP JA . -17.35 -24.09 -30.05
O2G ANP JA . -17.03 -26.05 -31.63
O3G ANP JA . -19.31 -25.59 -30.49
PB ANP JA . -18.01 -27.65 -28.29
O1B ANP JA . -19.28 -27.95 -29.03
O2B ANP JA . -17.09 -28.89 -28.20
N3B ANP JA . -17.10 -26.50 -29.11
PA ANP JA . -19.32 -27.72 -25.80
O1A ANP JA . -19.10 -29.17 -25.61
O2A ANP JA . -20.74 -27.27 -26.13
O3A ANP JA . -18.29 -27.10 -26.86
O5' ANP JA . -18.93 -26.99 -24.47
C5' ANP JA . -17.60 -26.91 -24.02
C4' ANP JA . -17.53 -25.92 -22.89
O4' ANP JA . -18.29 -26.36 -21.76
C3' ANP JA . -16.15 -25.68 -22.30
O3' ANP JA . -15.38 -24.81 -23.13
C2' ANP JA . -16.47 -25.07 -20.94
O2' ANP JA . -16.47 -23.65 -21.01
C1' ANP JA . -17.91 -25.57 -20.65
N9 ANP JA . -18.03 -26.35 -19.42
C8 ANP JA . -18.99 -26.20 -18.45
N7 ANP JA . -18.85 -27.02 -17.44
C5 ANP JA . -17.72 -27.75 -17.75
C6 ANP JA . -17.03 -28.77 -17.07
N6 ANP JA . -17.42 -29.28 -15.89
N1 ANP JA . -15.92 -29.29 -17.65
C2 ANP JA . -15.53 -28.79 -18.82
N3 ANP JA . -16.09 -27.83 -19.56
C4 ANP JA . -17.18 -27.34 -18.96
HNB1 ANP JA . -16.45 -26.99 -29.53
H5'1 ANP JA . -17.02 -26.62 -24.75
H5'2 ANP JA . -17.30 -27.78 -23.69
H4' ANP JA . -17.93 -25.07 -23.20
H3' ANP JA . -15.70 -26.52 -22.19
H2' ANP JA . -15.89 -25.43 -20.27
HO2' ANP JA . -15.93 -23.32 -20.38
H1' ANP JA . -18.48 -24.80 -20.61
H8 ANP JA . -19.69 -25.57 -18.52
HN61 ANP JA . -16.81 -29.42 -15.22
HN62 ANP JA . -18.31 -29.50 -15.76
H2 ANP JA . -14.73 -29.19 -19.19
O6 BU3 KA . -17.89 -15.36 -26.89
C3 BU3 KA . -18.26 -14.15 -26.22
C4 BU3 KA . -18.86 -14.46 -24.86
C2 BU3 KA . -19.23 -13.37 -27.09
O5 BU3 KA . -20.54 -13.34 -26.52
C1 BU3 KA . -19.34 -13.99 -28.49
HO6 BU3 KA . -17.39 -15.93 -26.28
H3 BU3 KA . -17.37 -13.53 -26.06
H41 BU3 KA . -19.06 -13.56 -24.35
H42 BU3 KA . -18.18 -15.04 -24.30
H43 BU3 KA . -19.76 -15.01 -24.99
H2 BU3 KA . -18.84 -12.35 -27.16
HO5 BU3 KA . -21.13 -12.80 -27.07
H11 BU3 KA . -18.40 -13.96 -28.95
H12 BU3 KA . -20.03 -13.44 -29.06
H13 BU3 KA . -19.67 -14.99 -28.40
O6 BU3 LA . -13.38 -12.60 -22.67
C3 BU3 LA . -13.39 -13.10 -21.33
C4 BU3 LA . -13.33 -14.62 -21.39
C2 BU3 LA . -14.67 -12.65 -20.63
O5 BU3 LA . -15.76 -13.40 -21.17
C1 BU3 LA . -14.88 -11.17 -20.83
HO6 BU3 LA . -12.56 -12.87 -23.11
H3 BU3 LA . -12.53 -12.72 -20.76
H41 BU3 LA . -12.44 -14.91 -21.88
H42 BU3 LA . -13.33 -15.02 -20.41
H43 BU3 LA . -14.16 -15.00 -21.92
H2 BU3 LA . -14.60 -12.85 -19.55
HO5 BU3 LA . -16.59 -13.05 -20.82
H11 BU3 LA . -14.16 -10.63 -20.26
H12 BU3 LA . -15.85 -10.90 -20.51
H13 BU3 LA . -14.77 -10.93 -21.85
S1 BJ8 MA . 18.57 5.36 31.69
S2 BJ8 MA . 22.07 5.12 32.17
S3 BJ8 MA . 20.46 7.62 29.83
S4 BJ8 MA . 20.57 8.14 33.27
S5 BJ8 MA . 27.61 8.58 30.70
S6 BJ8 MA . 26.14 6.67 33.62
S7 BJ8 MA . 25.80 5.34 30.29
S8 BJ8 MA . 29.21 5.54 31.70
S9 BJ8 MA . 23.78 8.50 31.18
FE1 BJ8 MA . 21.85 7.42 31.68
FE2 BJ8 MA . 19.17 7.61 31.57
FE3 BJ8 MA . 20.24 5.82 33.17
FE4 BJ8 MA . 20.37 5.45 30.56
FE5 BJ8 MA . 26.92 5.04 32.24
FE6 BJ8 MA . 27.87 6.43 30.02
FE7 BJ8 MA . 28.15 7.34 32.57
FE8 BJ8 MA . 25.66 7.30 31.49
S SO4 NA . 40.55 19.78 56.64
O1 SO4 NA . 41.62 19.93 57.63
O2 SO4 NA . 40.03 21.09 56.28
O3 SO4 NA . 41.08 19.13 55.44
O4 SO4 NA . 39.48 18.97 57.22
S SO4 OA . 18.35 19.31 10.26
O1 SO4 OA . 18.13 19.45 11.70
O2 SO4 OA . 18.53 20.63 9.66
O3 SO4 OA . 19.55 18.50 10.06
O4 SO4 OA . 17.19 18.66 9.63
S SO4 PA . 29.47 38.08 47.94
O1 SO4 PA . 29.41 37.39 49.23
O2 SO4 PA . 29.96 39.44 48.15
O3 SO4 PA . 30.37 37.37 47.04
O4 SO4 PA . 28.13 38.12 47.35
S SO4 QA . 40.12 -11.43 34.44
O1 SO4 QA . 41.54 -11.36 34.09
O2 SO4 QA . 39.62 -10.07 34.66
O3 SO4 QA . 39.96 -12.21 35.67
O4 SO4 QA . 39.38 -12.06 33.36
C1 PEG RA . 26.75 2.89 11.93
O1 PEG RA . 25.65 2.99 11.02
C2 PEG RA . 26.34 2.31 13.28
O2 PEG RA . 27.22 1.26 13.71
C3 PEG RA . 28.60 1.63 13.76
C4 PEG RA . 29.48 0.40 13.58
O4 PEG RA . 29.96 -0.07 14.85
H11 PEG RA . 27.52 2.24 11.48
H12 PEG RA . 27.19 3.88 12.07
HO1 PEG RA . 25.94 3.39 10.18
H21 PEG RA . 26.33 3.11 14.03
H22 PEG RA . 25.32 1.92 13.21
H31 PEG RA . 28.82 2.35 12.97
H32 PEG RA . 28.83 2.11 14.72
H41 PEG RA . 30.32 0.63 12.93
H42 PEG RA . 28.89 -0.40 13.10
HO4 PEG RA . 29.76 0.59 15.53
O6 BU3 SA . 22.60 23.22 23.98
C3 BU3 SA . 21.66 22.45 24.74
C4 BU3 SA . 20.40 23.29 24.88
C2 BU3 SA . 22.26 22.05 26.09
O5 BU3 SA . 22.15 23.14 27.01
C1 BU3 SA . 23.72 21.64 25.91
HO6 BU3 SA . 22.15 23.64 23.24
H3 BU3 SA . 21.40 21.50 24.24
H41 BU3 SA . 20.05 23.56 23.92
H42 BU3 SA . 19.65 22.73 25.39
H43 BU3 SA . 20.62 24.16 25.44
H2 BU3 SA . 21.71 21.20 26.50
HO5 BU3 SA . 22.45 22.86 27.88
H11 BU3 SA . 24.13 21.38 26.85
H12 BU3 SA . 24.26 22.44 25.49
H13 BU3 SA . 23.77 20.81 25.26
O6 BU3 TA . 30.25 2.19 8.46
C3 BU3 TA . 30.28 3.04 7.31
C4 BU3 TA . 31.52 3.92 7.36
C2 BU3 TA . 29.01 3.88 7.25
O5 BU3 TA . 29.25 5.16 7.86
C1 BU3 TA . 27.84 3.20 7.94
HO6 BU3 TA . 31.01 1.60 8.44
H3 BU3 TA . 30.31 2.43 6.40
H41 BU3 TA . 31.60 4.48 6.47
H42 BU3 TA . 32.38 3.31 7.46
H43 BU3 TA . 31.47 4.58 8.19
H2 BU3 TA . 28.74 4.04 6.19
HO5 BU3 TA . 28.46 5.70 7.82
H11 BU3 TA . 28.12 2.90 8.92
H12 BU3 TA . 27.56 2.34 7.38
H13 BU3 TA . 27.02 3.86 7.99
O6 BU3 UA . 25.55 -5.53 52.65
C3 BU3 UA . 24.60 -6.38 53.32
C4 BU3 UA . 24.29 -5.83 54.71
C2 BU3 UA . 25.13 -7.80 53.41
O5 BU3 UA . 25.22 -8.36 52.09
C1 BU3 UA . 24.25 -8.69 54.28
HO6 BU3 UA . 25.19 -4.63 52.61
H3 BU3 UA . 23.67 -6.40 52.73
H41 BU3 UA . 23.41 -6.29 55.08
H42 BU3 UA . 24.14 -4.78 54.64
H43 BU3 UA . 25.10 -6.03 55.36
H2 BU3 UA . 26.13 -7.78 53.86
HO5 BU3 UA . 25.55 -9.27 52.14
H11 BU3 UA . 23.24 -8.61 53.96
H12 BU3 UA . 24.56 -9.69 54.20
H13 BU3 UA . 24.32 -8.37 55.29
S1 BJ8 VA . 12.04 -5.90 30.34
S2 BJ8 VA . 13.30 -8.14 27.86
S3 BJ8 VA . 12.35 -9.36 31.33
S4 BJ8 VA . 9.86 -8.58 28.93
S5 BJ8 VA . 13.53 -14.65 26.61
S6 BJ8 VA . 12.55 -11.51 24.77
S7 BJ8 VA . 15.42 -11.50 26.99
S8 BJ8 VA . 15.71 -13.51 23.94
S9 BJ8 VA . 12.00 -11.74 28.55
FE1 BJ8 VA . 11.85 -9.58 29.04
FE2 BJ8 VA . 10.79 -7.86 30.83
FE3 BJ8 VA . 11.43 -6.97 28.45
FE4 BJ8 VA . 13.36 -7.69 30.15
FE5 BJ8 VA . 14.85 -11.46 24.80
FE6 BJ8 VA . 15.60 -13.69 26.21
FE7 BJ8 VA . 13.48 -13.68 24.54
FE8 BJ8 VA . 13.28 -12.27 26.85
S SO4 WA . -14.37 -25.30 38.37
O1 SO4 WA . -14.70 -23.97 37.85
O2 SO4 WA . -13.17 -25.21 39.20
O3 SO4 WA . -14.13 -26.19 37.24
O4 SO4 WA . -15.48 -25.83 39.14
N NH4 XA . -12.06 -27.48 36.82
HN1 NH4 XA . -12.83 -26.93 36.54
HN2 NH4 XA . -11.27 -27.21 36.31
HN3 NH4 XA . -12.26 -28.43 36.65
HN4 NH4 XA . -11.90 -27.35 37.77
S SO4 YA . 14.95 -21.16 50.68
O1 SO4 YA . 14.36 -22.10 51.63
O2 SO4 YA . 15.34 -19.94 51.39
O3 SO4 YA . 16.12 -21.76 50.05
O4 SO4 YA . 13.98 -20.82 49.65
C1 PEG ZA . -4.27 -20.44 52.06
O1 PEG ZA . -5.45 -19.93 51.46
C2 PEG ZA . -3.89 -19.69 53.34
O2 PEG ZA . -3.88 -18.30 53.06
C3 PEG ZA . -4.31 -17.48 54.15
C4 PEG ZA . -5.69 -16.93 53.78
O4 PEG ZA . -6.51 -18.05 53.42
H11 PEG ZA . -4.42 -21.50 52.31
H12 PEG ZA . -3.44 -20.37 51.36
HO1 PEG ZA . -5.59 -20.34 50.60
H21 PEG ZA . -2.91 -20.00 53.69
H22 PEG ZA . -4.62 -19.91 54.13
H31 PEG ZA . -3.60 -16.66 54.31
H32 PEG ZA . -4.36 -18.06 55.07
H41 PEG ZA . -5.59 -16.24 52.93
H42 PEG ZA . -6.11 -16.38 54.61
HO4 PEG ZA . -6.20 -18.84 53.89
O6 BU3 AB . 3.38 -20.57 9.53
C3 BU3 AB . 4.78 -20.83 9.77
C4 BU3 AB . 4.97 -22.33 9.94
C2 BU3 AB . 5.26 -20.09 11.01
O5 BU3 AB . 5.57 -21.04 12.05
C1 BU3 AB . 4.23 -19.09 11.51
HO6 BU3 AB . 3.14 -20.91 8.66
H3 BU3 AB . 5.35 -20.47 8.91
H41 BU3 AB . 6.01 -22.55 9.94
H42 BU3 AB . 4.54 -22.65 10.85
H43 BU3 AB . 4.52 -22.84 9.13
H2 BU3 AB . 6.17 -19.54 10.74
HO5 BU3 AB . 5.58 -20.58 12.90
H11 BU3 AB . 4.09 -18.33 10.79
H12 BU3 AB . 4.58 -18.66 12.42
H13 BU3 AB . 3.31 -19.58 11.69
O6 BU3 BB . 5.48 -19.38 37.04
C3 BU3 BB . 5.38 -20.67 37.65
C4 BU3 BB . 4.73 -21.68 36.72
C2 BU3 BB . 4.58 -20.55 38.94
O5 BU3 BB . 4.82 -21.71 39.73
C1 BU3 BB . 3.08 -20.42 38.71
HO6 BU3 BB . 6.10 -19.42 36.30
H3 BU3 BB . 6.39 -21.03 37.87
H41 BU3 BB . 4.75 -22.64 37.15
H42 BU3 BB . 5.26 -21.70 35.80
H43 BU3 BB . 3.72 -21.40 36.52
H2 BU3 BB . 4.91 -19.63 39.44
HO5 BU3 BB . 4.62 -21.52 40.66
H11 BU3 BB . 2.87 -19.58 38.09
H12 BU3 BB . 2.71 -21.29 38.23
H13 BU3 BB . 2.58 -20.30 39.63
C TAM CB . -5.59 -22.70 2.34
C1 TAM CB . -5.69 -21.48 3.25
C2 TAM CB . -4.12 -23.03 2.11
C3 TAM CB . -6.35 -23.90 2.93
C4 TAM CB . -5.96 -20.21 2.44
C5 TAM CB . -3.88 -24.32 1.32
C6 TAM CB . -6.33 -23.96 4.45
N TAM CB . -6.21 -22.33 1.04
O4 TAM CB . -4.99 -20.08 1.39
O5 TAM CB . -3.51 -25.37 2.24
O6 TAM CB . -6.64 -25.29 4.89
H11 TAM CB . -6.49 -21.62 3.97
H12 TAM CB . -4.75 -21.36 3.81
H21 TAM CB . -3.63 -23.12 3.08
H22 TAM CB . -3.66 -22.20 1.57
H31 TAM CB . -7.38 -23.86 2.58
H32 TAM CB . -5.91 -24.82 2.53
H41 TAM CB . -6.96 -20.26 2.01
H42 TAM CB . -5.91 -19.34 3.09
H51 TAM CB . -4.78 -24.61 0.78
H52 TAM CB . -3.08 -24.17 0.59
H61 TAM CB . -5.35 -23.67 4.81
H62 TAM CB . -7.06 -23.25 4.85
HN1 TAM CB . -6.87 -23.05 0.73
HN2 TAM CB . -5.47 -22.20 0.33
HO4 TAM CB . -4.71 -19.16 1.32
HO5 TAM CB . -3.63 -26.23 1.80
HO6 TAM CB . -7.04 -25.25 5.76
FE1 SF4 DB . 3.93 6.12 37.66
FE2 SF4 DB . 2.17 8.00 36.82
FE3 SF4 DB . 1.30 5.53 37.57
FE4 SF4 DB . 2.65 5.87 35.25
S1 SF4 DB . 0.60 6.73 35.78
S2 SF4 DB . 3.01 4.24 36.77
S3 SF4 DB . 4.16 7.46 35.85
S4 SF4 DB . 2.26 7.08 38.90
MG MG EB . 0.51 14.41 57.37
PG ANP FB . 0.21 14.60 54.10
O1G ANP FB . 0.80 15.91 53.68
O2G ANP FB . 0.86 14.06 55.42
O3G ANP FB . 0.47 13.51 52.98
PB ANP FB . -2.21 15.03 55.68
O1B ANP FB . -1.27 15.12 56.83
O2B ANP FB . -3.08 16.30 55.56
N3B ANP FB . -1.46 14.76 54.20
PA ANP FB . -3.84 13.23 57.11
O1A ANP FB . -4.64 14.30 57.71
O2A ANP FB . -2.81 12.55 58.02
O3A ANP FB . -3.12 13.76 55.79
O5' ANP FB . -4.79 12.10 56.56
C5' ANP FB . -5.90 12.35 55.71
C4' ANP FB . -6.33 11.03 55.14
O4' ANP FB . -7.17 10.37 56.11
C3' ANP FB . -7.21 11.09 53.89
O3' ANP FB . -6.42 11.17 52.69
C2' ANP FB . -8.01 9.78 53.96
O2' ANP FB . -7.45 8.72 53.19
C1' ANP FB . -7.93 9.38 55.44
N9 ANP FB . -9.22 9.24 56.12
C8 ANP FB . -9.57 8.24 57.00
N7 ANP FB . -10.81 8.35 57.44
C5 ANP FB . -11.30 9.48 56.82
C6 ANP FB . -12.54 10.14 56.87
N6 ANP FB . -13.57 9.71 57.62
N1 ANP FB . -12.70 11.25 56.12
C2 ANP FB . -11.68 11.67 55.37
N3 ANP FB . -10.45 11.15 55.24
C4 ANP FB . -10.33 10.05 55.98
HNB1 ANP FB . -1.79 13.97 53.92
H5'1 ANP FB . -6.62 12.74 56.22
H5'2 ANP FB . -5.64 12.95 54.99
H4' ANP FB . -5.56 10.46 54.95
H3' ANP FB . -7.78 11.85 53.96
H2' ANP FB . -8.92 9.99 53.72
HO2' ANP FB . -7.97 8.51 52.52
H1' ANP FB . -7.45 8.54 55.48
H8 ANP FB . -8.98 7.54 57.25
HN61 ANP FB . -13.65 10.02 58.49
HN62 ANP FB . -14.17 9.13 57.26
H2 ANP FB . -11.85 12.48 54.84
S SO4 GB . -4.08 1.65 46.07
O1 SO4 GB . -3.05 1.71 47.11
O2 SO4 GB . -5.34 2.11 46.65
O3 SO4 GB . -4.22 0.26 45.61
O4 SO4 GB . -3.71 2.50 44.95
O6 BU3 HB . 2.84 2.14 50.60
C3 BU3 HB . 2.93 2.99 49.45
C4 BU3 HB . 3.76 4.22 49.80
C2 BU3 HB . 1.54 3.40 48.98
O5 BU3 HB . 1.34 4.79 49.21
C1 BU3 HB . 0.46 2.60 49.71
HO6 BU3 HB . 3.73 1.85 50.85
H3 BU3 HB . 3.41 2.44 48.63
H41 BU3 HB . 3.88 4.82 48.93
H42 BU3 HB . 4.71 3.91 50.17
H43 BU3 HB . 3.26 4.78 50.55
H2 BU3 HB . 1.47 3.19 47.90
HO5 BU3 HB . 0.41 5.01 49.10
H11 BU3 HB . 0.59 1.58 49.50
H12 BU3 HB . -0.49 2.91 49.35
H13 BU3 HB . 0.54 2.78 50.74
S SO4 IB . -14.80 7.16 1.05
O1 SO4 IB . -15.21 6.84 2.41
O2 SO4 IB . -14.41 8.57 0.98
O3 SO4 IB . -13.65 6.33 0.71
O4 SO4 IB . -15.89 6.91 0.12
MG MG JB . -17.04 8.81 26.50
PG ANP KB . -15.03 7.94 28.95
O1G ANP KB . -15.32 8.18 27.49
O2G ANP KB . -15.43 6.51 29.43
O3G ANP KB . -13.48 8.18 29.19
PB ANP KB . -17.22 9.78 29.63
O1B ANP KB . -18.18 9.54 30.76
O2B ANP KB . -17.78 9.40 28.24
N3B ANP KB . -15.77 9.04 29.99
PA ANP KB . -17.61 12.54 29.08
O1A ANP KB . -19.00 12.54 29.60
O2A ANP KB . -17.47 12.57 27.55
O3A ANP KB . -16.79 11.30 29.66
O5' ANP KB . -16.83 13.79 29.62
C5' ANP KB . -16.68 14.00 31.02
C4' ANP KB . -15.66 15.07 31.27
O4' ANP KB . -16.24 16.36 30.95
C3' ANP KB . -15.22 15.21 32.71
O3' ANP KB . -14.15 14.34 33.07
C2' ANP KB . -14.80 16.68 32.81
O2' ANP KB . -13.39 16.85 32.68
C1' ANP KB . -15.45 17.34 31.58
N9 ANP KB . -16.28 18.50 31.90
C8 ANP KB . -16.30 19.70 31.23
N7 ANP KB . -17.11 20.59 31.74
C5 ANP KB . -17.65 19.94 32.85
C6 ANP KB . -18.58 20.35 33.83
N6 ANP KB . -19.16 21.54 33.85
N1 ANP KB . -18.90 19.46 34.80
C2 ANP KB . -18.32 18.26 34.78
N3 ANP KB . -17.43 17.75 33.91
C4 ANP KB . -17.13 18.66 32.96
HNB1 ANP KB . -15.18 9.72 30.05
H5'1 ANP KB . -17.53 14.27 31.40
H5'2 ANP KB . -16.38 13.18 31.45
H4' ANP KB . -14.88 14.96 30.69
H3' ANP KB . -16.00 15.03 33.25
H2' ANP KB . -15.18 17.04 33.62
HO2' ANP KB . -13.03 17.06 33.46
H1' ANP KB . -14.75 17.60 30.97
H8 ANP KB . -15.77 19.87 30.45
HN61 ANP KB . -18.96 22.17 33.18
HN62 ANP KB . -19.76 21.76 34.50
H2 ANP KB . -18.59 17.65 35.50
S SO4 LB . -1.80 17.28 3.93
O1 SO4 LB . -2.88 17.77 4.80
O2 SO4 LB . -0.51 17.62 4.51
O3 SO4 LB . -1.92 15.83 3.81
O4 SO4 LB . -1.90 17.91 2.61
O6 BU3 MB . -0.74 16.00 33.58
C3 BU3 MB . -1.44 17.02 32.87
C4 BU3 MB . -1.32 18.34 33.59
C2 BU3 MB . -2.89 16.56 32.70
O5 BU3 MB . -3.23 16.75 31.32
C1 BU3 MB . -3.87 17.29 33.59
HO6 BU3 MB . 0.21 16.14 33.52
H3 BU3 MB . -1.01 17.17 31.87
H41 BU3 MB . -1.85 19.09 33.06
H42 BU3 MB . -0.30 18.61 33.67
H43 BU3 MB . -1.73 18.24 34.56
H2 BU3 MB . -2.96 15.50 33.00
HO5 BU3 MB . -4.10 16.37 31.14
H11 BU3 MB . -4.85 16.92 33.42
H12 BU3 MB . -3.61 17.13 34.61
H13 BU3 MB . -3.84 18.33 33.38
O6 BU3 NB . -3.81 10.98 26.04
C3 BU3 NB . -3.89 12.41 26.25
C4 BU3 NB . -2.78 13.11 25.49
C2 BU3 NB . -3.81 12.71 27.75
O5 BU3 NB . -4.92 12.05 28.35
C1 BU3 NB . -3.83 14.19 28.10
HO6 BU3 NB . -3.90 10.79 25.10
H3 BU3 NB . -4.85 12.77 25.86
H41 BU3 NB . -1.85 12.90 25.96
H42 BU3 NB . -2.96 14.16 25.49
H43 BU3 NB . -2.76 12.76 24.49
H2 BU3 NB . -2.84 12.33 28.12
HO5 BU3 NB . -4.69 11.77 29.25
H11 BU3 NB . -2.95 14.65 27.73
H12 BU3 NB . -3.88 14.30 29.14
H13 BU3 NB . -4.68 14.64 27.65
O6 BU3 OB . -19.23 17.07 31.24
C3 BU3 OB . -20.60 17.48 31.12
C4 BU3 OB . -20.71 19.00 31.14
C2 BU3 OB . -21.44 16.88 32.25
O5 BU3 OB . -20.65 15.96 33.01
C1 BU3 OB . -22.66 16.18 31.67
HO6 BU3 OB . -18.73 17.41 30.48
H3 BU3 OB . -20.99 17.11 30.16
H41 BU3 OB . -19.95 19.41 30.54
H42 BU3 OB . -20.59 19.35 32.14
H43 BU3 OB . -21.65 19.29 30.77
H2 BU3 OB . -21.77 17.68 32.93
HO5 BU3 OB . -21.15 15.65 33.77
H11 BU3 OB . -22.35 15.45 30.98
H12 BU3 OB . -23.27 16.89 31.18
H13 BU3 OB . -23.22 15.72 32.46
#